data_5O3U
#
_entry.id   5O3U
#
_cell.length_a   64.860
_cell.length_b   85.820
_cell.length_c   137.870
_cell.angle_alpha   87.64
_cell.angle_beta   78.32
_cell.angle_gamma   89.52
#
_symmetry.space_group_name_H-M   'P 1'
#
loop_
_entity.id
_entity.type
_entity.pdbx_description
1 polymer 'Peptide cyclase 1'
2 polymer 'Putative presegetalin F1'
3 water water
#
loop_
_entity_poly.entity_id
_entity_poly.type
_entity_poly.pdbx_seq_one_letter_code
_entity_poly.pdbx_strand_id
1 'polypeptide(L)'
;MATSGFSKPLHYPPVRRDETVVDDYFGVKVADPYRWLEDPNSEETKEFVDNQEKLANSVLEECELIDKFKQKIIDFVNFP
RCGVPFRRANKYFHFYNSGLQAQNVFQMQDDLDGKPEVLYDPNLREGGRSGLSLYSVSEDAKYFAFGIHSGLTEWVTIKI
LKTEDRSYLPDTLEWVKFSPAIWTHDNKGFFYCPYPPLKEGEDHMTRSAVNQEARYHFLGTDQSEDILLWRDLENPAHHL
KCQITDDGKYFLLYILDGCDDANKVYCLDLTKLPNGLESFRGREDSAPFMKLIDSFDASYTAIANDGSVFTFQTNKDAPR
KKLVRVDLNNPSVWTDLVPESKKDLLESAHAVNENQLILRYLSDVKHVLEIRDLESGALQHRLPIDIGSVDGITARRRDS
VVFFKFTSILTPGIVYQCDLKNDPTQLKIFRESVVPDFDRSEFEVKQVFVPSKDGTKIPIFIAARKGISLDGSHPCEMHG
YGGFGINMMPTFSASRIVFLKHLGGVFCLANIRGGGEYGEEWHKAGFRDKKQNVFDDFISAAEYLISSGYTKARRVAIEG
GANGGLLVAACINQRPDLFGCAEANCGVMDMLRFHKFTLGYLWTGDYGCSDKEEEFKWLIKYSPIHNVRRPWEQPGNEET
QYPATMILTADHDDRVVPLHSFKLLATMQHVLCTSLEDSPQKNPIIARIQRKAAHYGRATMTQIAEVADRYGFMAKALEA
PWID
;
A,B,C,D
2 'polypeptide(L)' MATSFQFDGLKPSFSASYSSKPIQTQVSNGMDNASAPV L,M,N,O
#
# COMPACT_ATOMS: atom_id res chain seq x y z
N MET A 1 4.38 -4.06 63.76
CA MET A 1 4.79 -2.65 64.05
C MET A 1 3.60 -1.70 63.89
N ALA A 2 2.91 -1.44 65.00
CA ALA A 2 1.68 -0.63 65.03
C ALA A 2 1.96 0.87 64.76
N THR A 3 1.04 1.51 64.05
CA THR A 3 1.06 2.96 63.81
C THR A 3 0.06 3.61 64.75
N SER A 4 -0.04 4.92 64.74
CA SER A 4 -1.09 5.59 65.53
C SER A 4 -2.42 5.48 64.78
N GLY A 5 -3.51 5.34 65.53
CA GLY A 5 -4.86 5.27 64.97
C GLY A 5 -5.57 6.61 64.99
N PHE A 6 -6.90 6.59 64.97
CA PHE A 6 -7.70 7.81 65.02
C PHE A 6 -7.57 8.45 66.40
N SER A 7 -7.30 9.76 66.42
CA SER A 7 -7.11 10.51 67.68
C SER A 7 -7.79 11.88 67.75
N LYS A 8 -7.95 12.55 66.60
CA LYS A 8 -8.66 13.84 66.53
C LYS A 8 -10.10 13.72 67.05
N PRO A 9 -10.54 14.67 67.91
CA PRO A 9 -11.93 14.60 68.39
C PRO A 9 -12.95 14.85 67.27
N LEU A 10 -14.04 14.08 67.29
CA LEU A 10 -15.01 14.09 66.21
C LEU A 10 -16.17 15.00 66.59
N HIS A 11 -16.61 15.79 65.63
CA HIS A 11 -17.77 16.65 65.83
C HIS A 11 -18.91 16.03 65.06
N TYR A 12 -19.66 15.17 65.72
CA TYR A 12 -20.83 14.56 65.08
C TYR A 12 -21.92 15.61 64.88
N PRO A 13 -22.49 15.67 63.67
CA PRO A 13 -23.49 16.73 63.43
C PRO A 13 -24.82 16.39 64.10
N PRO A 14 -25.62 17.41 64.45
CA PRO A 14 -26.97 17.17 64.99
C PRO A 14 -27.88 16.52 63.95
N VAL A 15 -28.63 15.50 64.38
CA VAL A 15 -29.58 14.79 63.52
C VAL A 15 -30.87 14.70 64.30
N ARG A 16 -31.94 15.32 63.79
CA ARG A 16 -33.20 15.37 64.51
C ARG A 16 -33.87 13.99 64.62
N ARG A 17 -34.44 13.72 65.79
CA ARG A 17 -35.21 12.51 66.02
C ARG A 17 -36.69 12.84 66.05
N ASP A 18 -37.45 12.16 65.20
CA ASP A 18 -38.91 12.22 65.25
C ASP A 18 -39.43 11.16 66.23
N GLU A 19 -39.67 11.59 67.46
CA GLU A 19 -40.08 10.68 68.54
C GLU A 19 -41.56 10.20 68.43
N THR A 20 -42.34 10.78 67.53
CA THR A 20 -43.74 10.38 67.35
C THR A 20 -43.95 9.16 66.44
N VAL A 21 -42.94 8.79 65.64
CA VAL A 21 -43.12 7.72 64.66
C VAL A 21 -42.90 6.37 65.37
N VAL A 22 -43.99 5.66 65.58
CA VAL A 22 -43.97 4.33 66.19
C VAL A 22 -44.93 3.45 65.41
N ASP A 23 -44.49 2.26 65.03
CA ASP A 23 -45.34 1.31 64.33
C ASP A 23 -45.54 0.08 65.20
N ASP A 24 -46.73 -0.50 65.10
CA ASP A 24 -47.04 -1.76 65.76
C ASP A 24 -46.91 -2.89 64.76
N TYR A 25 -46.03 -3.84 65.05
CA TYR A 25 -45.88 -5.03 64.24
C TYR A 25 -46.31 -6.18 65.12
N PHE A 26 -47.57 -6.59 64.99
CA PHE A 26 -48.11 -7.75 65.69
C PHE A 26 -47.89 -7.69 67.21
N GLY A 27 -48.16 -6.52 67.78
CA GLY A 27 -48.02 -6.27 69.22
C GLY A 27 -46.65 -5.76 69.66
N VAL A 28 -45.65 -5.77 68.78
CA VAL A 28 -44.33 -5.24 69.11
C VAL A 28 -44.23 -3.80 68.60
N LYS A 29 -43.94 -2.87 69.50
CA LYS A 29 -43.78 -1.46 69.15
C LYS A 29 -42.36 -1.19 68.67
N VAL A 30 -42.23 -0.59 67.49
CA VAL A 30 -40.94 -0.29 66.87
C VAL A 30 -40.90 1.20 66.54
N ALA A 31 -40.00 1.93 67.18
CA ALA A 31 -39.81 3.36 66.92
C ALA A 31 -38.99 3.51 65.66
N ASP A 32 -39.28 4.57 64.89
CA ASP A 32 -38.51 4.90 63.67
C ASP A 32 -38.20 6.41 63.65
N PRO A 33 -37.31 6.85 64.55
CA PRO A 33 -37.08 8.29 64.69
C PRO A 33 -36.44 8.99 63.50
N TYR A 34 -35.83 8.24 62.58
CA TYR A 34 -35.23 8.81 61.36
C TYR A 34 -36.04 8.48 60.10
N ARG A 35 -37.35 8.24 60.27
CA ARG A 35 -38.32 8.07 59.17
C ARG A 35 -38.20 9.16 58.09
N TRP A 36 -38.02 10.39 58.53
CA TRP A 36 -37.86 11.53 57.64
C TRP A 36 -36.70 11.43 56.63
N LEU A 37 -35.66 10.65 56.95
CA LEU A 37 -34.58 10.36 55.98
C LEU A 37 -35.03 9.58 54.75
N GLU A 38 -36.22 8.99 54.79
CA GLU A 38 -36.78 8.29 53.62
C GLU A 38 -37.19 9.21 52.47
N ASP A 39 -37.27 10.52 52.74
CA ASP A 39 -37.52 11.53 51.71
C ASP A 39 -36.19 12.15 51.26
N PRO A 40 -35.70 11.77 50.07
CA PRO A 40 -34.39 12.28 49.62
C PRO A 40 -34.42 13.75 49.15
N ASN A 41 -35.59 14.30 48.94
CA ASN A 41 -35.74 15.64 48.36
C ASN A 41 -35.91 16.75 49.38
N SER A 42 -36.09 16.42 50.66
CA SER A 42 -36.34 17.42 51.68
C SER A 42 -35.04 18.17 52.01
N GLU A 43 -35.17 19.43 52.41
CA GLU A 43 -33.99 20.21 52.83
C GLU A 43 -33.30 19.55 54.02
N GLU A 44 -34.06 18.93 54.91
CA GLU A 44 -33.48 18.28 56.06
C GLU A 44 -32.63 17.06 55.67
N THR A 45 -33.08 16.28 54.68
CA THR A 45 -32.28 15.14 54.22
C THR A 45 -31.04 15.63 53.46
N LYS A 46 -31.20 16.64 52.61
CA LYS A 46 -30.03 17.21 51.91
C LYS A 46 -29.00 17.79 52.90
N GLU A 47 -29.47 18.45 53.96
CA GLU A 47 -28.59 18.96 55.01
C GLU A 47 -27.84 17.82 55.72
N PHE A 48 -28.55 16.75 56.03
CA PHE A 48 -27.96 15.56 56.64
C PHE A 48 -26.79 15.04 55.79
N VAL A 49 -27.03 14.93 54.48
CA VAL A 49 -25.99 14.47 53.57
C VAL A 49 -24.81 15.45 53.57
N ASP A 50 -25.08 16.73 53.48
CA ASP A 50 -24.00 17.74 53.54
C ASP A 50 -23.20 17.62 54.84
N ASN A 51 -23.89 17.44 55.95
CA ASN A 51 -23.24 17.37 57.27
C ASN A 51 -22.41 16.10 57.42
N GLN A 52 -22.93 14.97 56.91
CA GLN A 52 -22.20 13.72 56.97
C GLN A 52 -20.98 13.73 56.06
N GLU A 53 -21.11 14.38 54.90
CA GLU A 53 -19.98 14.59 53.98
C GLU A 53 -18.86 15.40 54.65
N LYS A 54 -19.24 16.46 55.36
CA LYS A 54 -18.27 17.28 56.05
C LYS A 54 -17.51 16.48 57.12
N LEU A 55 -18.26 15.74 57.93
CA LEU A 55 -17.65 14.85 58.95
C LEU A 55 -16.72 13.83 58.29
N ALA A 56 -17.18 13.15 57.24
CA ALA A 56 -16.37 12.13 56.58
C ALA A 56 -15.10 12.73 56.02
N ASN A 57 -15.18 13.90 55.39
CA ASN A 57 -14.00 14.56 54.86
C ASN A 57 -12.99 14.86 55.96
N SER A 58 -13.44 15.34 57.12
CA SER A 58 -12.49 15.60 58.23
C SER A 58 -11.78 14.34 58.74
N VAL A 59 -12.49 13.22 58.77
CA VAL A 59 -11.89 11.97 59.20
C VAL A 59 -10.94 11.43 58.12
N LEU A 60 -11.36 11.44 56.86
CA LEU A 60 -10.51 10.94 55.79
C LEU A 60 -9.26 11.79 55.59
N GLU A 61 -9.32 13.08 55.94
CA GLU A 61 -8.12 13.93 55.92
C GLU A 61 -6.98 13.45 56.86
N GLU A 62 -7.33 12.73 57.93
CA GLU A 62 -6.33 12.16 58.85
C GLU A 62 -5.77 10.81 58.41
N CYS A 63 -6.38 10.21 57.36
CA CYS A 63 -5.91 8.94 56.83
C CYS A 63 -4.86 9.18 55.77
N GLU A 64 -3.62 9.26 56.23
CA GLU A 64 -2.52 9.73 55.40
C GLU A 64 -2.09 8.74 54.29
N LEU A 65 -2.53 7.49 54.33
CA LEU A 65 -2.20 6.53 53.28
C LEU A 65 -3.14 6.52 52.08
N ILE A 66 -4.22 7.33 52.11
CA ILE A 66 -5.16 7.39 50.97
C ILE A 66 -4.41 7.70 49.66
N ASP A 67 -3.56 8.72 49.64
CA ASP A 67 -2.81 9.07 48.40
C ASP A 67 -1.83 7.97 47.94
N LYS A 68 -1.21 7.27 48.89
CA LYS A 68 -0.35 6.13 48.55
C LYS A 68 -1.11 4.98 47.96
N PHE A 69 -2.23 4.62 48.59
CA PHE A 69 -3.09 3.58 48.04
C PHE A 69 -3.55 3.98 46.65
N LYS A 70 -3.98 5.23 46.50
CA LYS A 70 -4.55 5.68 45.22
C LYS A 70 -3.57 5.47 44.09
N GLN A 71 -2.33 5.94 44.27
CA GLN A 71 -1.33 5.85 43.19
C GLN A 71 -0.95 4.39 42.91
N LYS A 72 -0.85 3.57 43.95
CA LYS A 72 -0.54 2.16 43.72
C LYS A 72 -1.67 1.40 43.00
N ILE A 73 -2.93 1.72 43.30
CA ILE A 73 -4.06 1.09 42.63
C ILE A 73 -4.02 1.49 41.17
N ILE A 74 -3.81 2.77 40.92
CA ILE A 74 -3.70 3.25 39.56
C ILE A 74 -2.61 2.49 38.82
N ASP A 75 -1.44 2.35 39.43
CA ASP A 75 -0.33 1.66 38.79
C ASP A 75 -0.63 0.19 38.55
N PHE A 76 -1.22 -0.49 39.54
CA PHE A 76 -1.57 -1.90 39.36
C PHE A 76 -2.68 -2.20 38.38
N VAL A 77 -3.62 -1.28 38.16
CA VAL A 77 -4.71 -1.55 37.23
C VAL A 77 -4.39 -1.04 35.84
N ASN A 78 -3.25 -0.37 35.68
CA ASN A 78 -2.84 0.23 34.42
C ASN A 78 -2.24 -0.80 33.44
N PHE A 79 -3.12 -1.64 32.92
CA PHE A 79 -2.71 -2.69 31.99
C PHE A 79 -3.86 -2.92 31.02
N PRO A 80 -3.53 -3.23 29.76
CA PRO A 80 -4.62 -3.42 28.80
C PRO A 80 -5.44 -4.70 29.08
N ARG A 81 -6.76 -4.60 28.87
CA ARG A 81 -7.71 -5.67 29.14
C ARG A 81 -8.59 -5.88 27.93
N CYS A 82 -8.52 -7.10 27.41
CA CYS A 82 -9.30 -7.52 26.28
C CYS A 82 -10.39 -8.46 26.83
N GLY A 83 -11.66 -8.17 26.54
CA GLY A 83 -12.76 -9.02 26.94
C GLY A 83 -12.81 -10.23 26.02
N VAL A 84 -13.64 -11.19 26.39
CA VAL A 84 -13.86 -12.39 25.59
C VAL A 84 -14.49 -12.02 24.25
N PRO A 85 -13.88 -12.46 23.14
CA PRO A 85 -14.50 -12.13 21.87
C PRO A 85 -15.68 -13.02 21.53
N PHE A 86 -16.64 -12.49 20.80
CA PHE A 86 -17.71 -13.30 20.28
C PHE A 86 -17.87 -13.06 18.79
N ARG A 87 -18.42 -14.06 18.13
CA ARG A 87 -18.49 -14.07 16.69
C ARG A 87 -19.91 -13.85 16.17
N ARG A 88 -20.06 -12.97 15.18
CA ARG A 88 -21.28 -12.89 14.39
C ARG A 88 -20.89 -12.82 12.93
N ALA A 89 -21.55 -13.63 12.09
CA ALA A 89 -21.14 -13.82 10.72
C ALA A 89 -19.63 -14.14 10.69
N ASN A 90 -18.83 -13.36 9.99
CA ASN A 90 -17.35 -13.54 10.03
C ASN A 90 -16.63 -12.38 10.70
N LYS A 91 -17.28 -11.77 11.66
CA LYS A 91 -16.72 -10.66 12.44
C LYS A 91 -16.60 -11.10 13.88
N TYR A 92 -15.62 -10.53 14.58
CA TYR A 92 -15.43 -10.76 16.00
C TYR A 92 -15.60 -9.44 16.72
N PHE A 93 -16.11 -9.53 17.92
CA PHE A 93 -16.44 -8.36 18.72
C PHE A 93 -15.95 -8.56 20.14
N HIS A 94 -15.48 -7.50 20.77
CA HIS A 94 -15.06 -7.60 22.16
C HIS A 94 -14.92 -6.21 22.73
N PHE A 95 -14.90 -6.18 24.06
CA PHE A 95 -14.56 -4.96 24.80
C PHE A 95 -13.07 -4.86 25.01
N TYR A 96 -12.59 -3.62 25.08
CA TYR A 96 -11.20 -3.33 25.29
C TYR A 96 -11.05 -2.12 26.19
N ASN A 97 -10.01 -2.13 27.01
CA ASN A 97 -9.61 -0.97 27.80
C ASN A 97 -8.08 -0.93 27.76
N SER A 98 -7.51 0.21 27.36
CA SER A 98 -6.07 0.34 27.34
C SER A 98 -5.44 0.33 28.75
N GLY A 99 -6.26 0.47 29.79
CA GLY A 99 -5.84 0.30 31.19
C GLY A 99 -6.59 1.26 32.10
N LEU A 100 -6.57 2.55 31.76
CA LEU A 100 -7.20 3.55 32.60
C LEU A 100 -8.28 4.36 31.90
N GLN A 101 -8.89 3.81 30.85
CA GLN A 101 -10.06 4.44 30.25
C GLN A 101 -11.23 4.37 31.23
N ALA A 102 -12.02 5.44 31.26
CA ALA A 102 -13.18 5.51 32.17
C ALA A 102 -14.10 4.29 32.02
N GLN A 103 -14.34 3.91 30.77
CA GLN A 103 -15.16 2.76 30.46
C GLN A 103 -14.54 1.97 29.30
N ASN A 104 -14.96 0.70 29.18
CA ASN A 104 -14.48 -0.17 28.12
C ASN A 104 -15.09 0.27 26.77
N VAL A 105 -14.32 0.08 25.71
CA VAL A 105 -14.71 0.47 24.36
C VAL A 105 -15.10 -0.83 23.63
N PHE A 106 -16.17 -0.76 22.85
CA PHE A 106 -16.63 -1.93 22.09
C PHE A 106 -15.98 -1.92 20.70
N GLN A 107 -15.31 -3.01 20.34
CA GLN A 107 -14.52 -3.08 19.10
C GLN A 107 -15.01 -4.25 18.23
N MET A 108 -14.76 -4.11 16.94
CA MET A 108 -15.05 -5.12 15.95
C MET A 108 -13.79 -5.40 15.15
N GLN A 109 -13.63 -6.65 14.70
CA GLN A 109 -12.51 -7.04 13.86
C GLN A 109 -13.01 -7.98 12.78
N ASP A 110 -12.30 -7.99 11.67
CA ASP A 110 -12.52 -8.95 10.57
C ASP A 110 -11.91 -10.31 10.86
N ASP A 111 -10.87 -10.36 11.68
CA ASP A 111 -10.30 -11.63 12.17
C ASP A 111 -9.71 -11.41 13.55
N LEU A 112 -9.39 -12.48 14.26
CA LEU A 112 -8.92 -12.39 15.65
C LEU A 112 -7.62 -11.60 15.87
N ASP A 113 -6.75 -11.57 14.87
CA ASP A 113 -5.51 -10.75 14.93
C ASP A 113 -5.52 -9.57 13.95
N GLY A 114 -6.70 -9.23 13.41
CA GLY A 114 -6.85 -8.10 12.48
C GLY A 114 -6.98 -6.79 13.25
N LYS A 115 -6.94 -5.68 12.51
CA LYS A 115 -7.02 -4.34 13.11
C LYS A 115 -8.38 -4.14 13.76
N PRO A 116 -8.43 -3.81 15.07
CA PRO A 116 -9.72 -3.51 15.67
C PRO A 116 -10.26 -2.15 15.24
N GLU A 117 -11.58 -2.07 15.08
CA GLU A 117 -12.25 -0.82 14.77
C GLU A 117 -13.19 -0.51 15.94
N VAL A 118 -13.16 0.74 16.42
CA VAL A 118 -14.03 1.14 17.51
C VAL A 118 -15.46 1.29 16.99
N LEU A 119 -16.37 0.52 17.55
CA LEU A 119 -17.78 0.58 17.22
C LEU A 119 -18.48 1.56 18.11
N TYR A 120 -18.25 1.47 19.42
CA TYR A 120 -18.81 2.45 20.33
C TYR A 120 -17.85 2.76 21.48
N ASP A 121 -17.60 4.03 21.69
CA ASP A 121 -16.72 4.52 22.74
C ASP A 121 -17.52 5.33 23.78
N PRO A 122 -17.93 4.71 24.90
CA PRO A 122 -18.68 5.42 25.97
C PRO A 122 -17.94 6.57 26.63
N ASN A 123 -16.62 6.61 26.47
CA ASN A 123 -15.79 7.69 27.04
C ASN A 123 -16.06 9.03 26.42
N LEU A 124 -16.61 9.03 25.20
CA LEU A 124 -16.97 10.28 24.52
C LEU A 124 -18.26 10.90 25.04
N ARG A 125 -19.09 10.15 25.79
CA ARG A 125 -20.36 10.63 26.34
C ARG A 125 -20.24 10.90 27.84
N GLU A 126 -20.44 12.14 28.27
CA GLU A 126 -20.48 12.51 29.68
C GLU A 126 -19.26 12.02 30.49
N GLY A 127 -18.08 12.18 29.88
CA GLY A 127 -16.82 11.78 30.49
C GLY A 127 -16.71 10.30 30.84
N GLY A 128 -17.50 9.46 30.18
CA GLY A 128 -17.53 8.04 30.52
C GLY A 128 -18.13 7.75 31.88
N ARG A 129 -19.14 8.52 32.29
CA ARG A 129 -19.82 8.29 33.56
C ARG A 129 -20.40 6.88 33.63
N SER A 130 -20.94 6.41 32.51
CA SER A 130 -21.48 5.06 32.43
C SER A 130 -20.97 4.33 31.20
N GLY A 131 -20.86 3.01 31.32
CA GLY A 131 -20.41 2.13 30.25
C GLY A 131 -21.63 1.44 29.64
N LEU A 132 -21.39 0.49 28.76
CA LEU A 132 -22.44 -0.30 28.15
C LEU A 132 -22.84 -1.48 29.01
N SER A 133 -24.15 -1.64 29.20
CA SER A 133 -24.73 -2.83 29.83
C SER A 133 -25.45 -3.75 28.84
N LEU A 134 -26.10 -3.14 27.86
CA LEU A 134 -26.79 -3.88 26.78
C LEU A 134 -25.97 -3.72 25.51
N TYR A 135 -25.61 -4.82 24.90
CA TYR A 135 -24.85 -4.80 23.66
C TYR A 135 -25.27 -6.05 22.92
N SER A 136 -25.63 -5.90 21.66
CA SER A 136 -26.16 -7.02 20.90
C SER A 136 -25.92 -6.77 19.44
N VAL A 137 -25.35 -7.76 18.77
CA VAL A 137 -24.97 -7.61 17.37
C VAL A 137 -25.89 -8.55 16.60
N SER A 138 -26.43 -8.07 15.51
CA SER A 138 -27.27 -8.85 14.63
C SER A 138 -26.53 -10.05 14.01
N GLU A 139 -27.32 -11.03 13.57
CA GLU A 139 -26.75 -12.28 13.01
C GLU A 139 -25.83 -12.07 11.80
N ASP A 140 -26.20 -11.12 10.94
CA ASP A 140 -25.37 -10.77 9.79
C ASP A 140 -24.22 -9.81 10.13
N ALA A 141 -24.12 -9.40 11.39
CA ALA A 141 -23.10 -8.49 11.89
C ALA A 141 -23.20 -7.09 11.31
N LYS A 142 -24.34 -6.74 10.76
CA LYS A 142 -24.55 -5.43 10.14
C LYS A 142 -25.01 -4.36 11.15
N TYR A 143 -25.60 -4.77 12.25
CA TYR A 143 -26.22 -3.84 13.22
C TYR A 143 -25.80 -4.16 14.64
N PHE A 144 -25.65 -3.09 15.43
CA PHE A 144 -25.26 -3.19 16.81
C PHE A 144 -26.27 -2.41 17.64
N ALA A 145 -27.00 -3.10 18.50
CA ALA A 145 -27.97 -2.51 19.40
C ALA A 145 -27.36 -2.41 20.78
N PHE A 146 -27.49 -1.25 21.40
CA PHE A 146 -26.84 -1.01 22.68
C PHE A 146 -27.62 -0.03 23.52
N GLY A 147 -27.40 -0.09 24.82
CA GLY A 147 -28.16 0.65 25.80
C GLY A 147 -27.37 1.80 26.35
N ILE A 148 -27.97 2.97 26.41
CA ILE A 148 -27.36 4.16 26.98
C ILE A 148 -28.20 4.63 28.17
N HIS A 149 -27.53 5.06 29.22
CA HIS A 149 -28.22 5.74 30.33
C HIS A 149 -28.39 7.22 30.05
N SER A 150 -29.58 7.75 30.34
CA SER A 150 -29.84 9.20 30.30
C SER A 150 -30.12 9.67 31.71
N GLY A 151 -29.11 10.26 32.34
CA GLY A 151 -29.20 10.68 33.75
C GLY A 151 -28.88 9.53 34.68
N LEU A 152 -29.28 9.69 35.93
CA LEU A 152 -28.88 8.78 37.03
C LEU A 152 -29.89 7.68 37.36
N THR A 153 -30.93 7.54 36.54
CA THR A 153 -31.91 6.48 36.70
C THR A 153 -31.40 5.18 36.10
N GLU A 154 -32.06 4.09 36.43
CA GLU A 154 -31.76 2.77 35.86
C GLU A 154 -32.35 2.57 34.44
N TRP A 155 -33.08 3.57 33.91
CA TRP A 155 -33.73 3.47 32.60
C TRP A 155 -32.70 3.64 31.51
N VAL A 156 -32.82 2.79 30.51
CA VAL A 156 -31.88 2.70 29.42
C VAL A 156 -32.66 3.05 28.14
N THR A 157 -31.98 3.68 27.21
CA THR A 157 -32.48 3.90 25.86
C THR A 157 -31.68 2.98 24.92
N ILE A 158 -32.35 2.21 24.08
CA ILE A 158 -31.67 1.37 23.10
C ILE A 158 -31.51 2.19 21.80
N LYS A 159 -30.28 2.26 21.31
CA LYS A 159 -29.95 2.83 20.00
C LYS A 159 -29.35 1.71 19.15
N ILE A 160 -29.31 1.93 17.84
CA ILE A 160 -28.80 0.95 16.90
C ILE A 160 -27.85 1.64 15.93
N LEU A 161 -26.66 1.11 15.76
CA LEU A 161 -25.75 1.60 14.73
C LEU A 161 -25.47 0.57 13.65
N LYS A 162 -25.15 1.05 12.47
CA LYS A 162 -24.69 0.21 11.37
C LYS A 162 -23.21 0.00 11.55
N THR A 163 -22.76 -1.24 11.57
CA THR A 163 -21.34 -1.55 11.80
C THR A 163 -20.44 -1.14 10.63
N GLU A 164 -21.02 -1.05 9.43
CA GLU A 164 -20.25 -0.74 8.22
C GLU A 164 -19.61 0.65 8.27
N ASP A 165 -20.38 1.64 8.72
CA ASP A 165 -19.88 3.03 8.78
C ASP A 165 -20.09 3.71 10.14
N ARG A 166 -20.52 2.98 11.16
CA ARG A 166 -20.85 3.53 12.47
C ARG A 166 -21.94 4.60 12.49
N SER A 167 -22.80 4.62 11.49
CA SER A 167 -23.89 5.60 11.46
C SER A 167 -25.05 5.08 12.31
N TYR A 168 -25.70 5.98 13.03
CA TYR A 168 -26.88 5.60 13.82
C TYR A 168 -28.12 5.46 12.95
N LEU A 169 -28.91 4.44 13.25
CA LEU A 169 -30.30 4.40 12.82
C LEU A 169 -31.10 5.41 13.66
N PRO A 170 -32.22 5.93 13.10
CA PRO A 170 -33.07 6.87 13.88
C PRO A 170 -33.81 6.20 15.04
N ASP A 171 -34.01 4.88 14.95
CA ASP A 171 -34.74 4.09 15.95
C ASP A 171 -34.25 4.36 17.37
N THR A 172 -35.17 4.61 18.29
CA THR A 172 -34.83 4.82 19.70
C THR A 172 -35.85 4.08 20.54
N LEU A 173 -35.42 3.18 21.41
CA LEU A 173 -36.36 2.45 22.24
C LEU A 173 -36.18 2.83 23.70
N GLU A 174 -37.22 3.43 24.28
CA GLU A 174 -37.21 3.89 25.67
C GLU A 174 -37.88 2.87 26.59
N TRP A 175 -37.76 3.14 27.89
CA TRP A 175 -38.42 2.37 28.94
C TRP A 175 -37.93 0.93 29.04
N VAL A 176 -36.64 0.79 28.84
CA VAL A 176 -35.95 -0.46 28.98
C VAL A 176 -35.10 -0.38 30.25
N LYS A 177 -34.93 -1.49 30.95
CA LYS A 177 -33.97 -1.59 32.06
C LYS A 177 -32.93 -2.64 31.69
N PHE A 178 -33.21 -3.92 31.94
CA PHE A 178 -32.22 -4.97 31.78
C PHE A 178 -32.51 -5.88 30.61
N SER A 179 -33.40 -5.47 29.73
CA SER A 179 -33.80 -6.29 28.61
C SER A 179 -32.61 -6.56 27.68
N PRO A 180 -32.52 -7.78 27.13
CA PRO A 180 -31.65 -8.00 25.99
C PRO A 180 -32.31 -7.46 24.69
N ALA A 181 -31.58 -7.55 23.60
CA ALA A 181 -32.10 -7.27 22.26
C ALA A 181 -31.79 -8.53 21.45
N ILE A 182 -32.82 -9.32 21.21
CA ILE A 182 -32.67 -10.68 20.66
C ILE A 182 -33.07 -10.69 19.18
N TRP A 183 -32.09 -10.80 18.31
CA TRP A 183 -32.30 -10.61 16.87
C TRP A 183 -32.88 -11.85 16.21
N THR A 184 -33.79 -11.64 15.27
CA THR A 184 -34.26 -12.74 14.41
C THR A 184 -33.25 -12.95 13.30
N HIS A 185 -33.21 -14.15 12.74
CA HIS A 185 -32.18 -14.52 11.77
C HIS A 185 -32.36 -13.87 10.40
N ASP A 186 -33.50 -13.23 10.18
CA ASP A 186 -33.71 -12.42 8.97
C ASP A 186 -33.10 -11.02 9.07
N ASN A 187 -32.57 -10.65 10.25
CA ASN A 187 -31.96 -9.33 10.45
C ASN A 187 -32.94 -8.15 10.32
N LYS A 188 -34.24 -8.42 10.47
CA LYS A 188 -35.26 -7.38 10.30
C LYS A 188 -35.57 -6.63 11.58
N GLY A 189 -35.17 -7.18 12.72
CA GLY A 189 -35.45 -6.58 13.99
C GLY A 189 -35.16 -7.54 15.12
N PHE A 190 -35.62 -7.18 16.31
CA PHE A 190 -35.30 -7.91 17.51
C PHE A 190 -36.39 -7.87 18.55
N PHE A 191 -36.42 -8.92 19.37
CA PHE A 191 -37.27 -8.96 20.54
C PHE A 191 -36.59 -8.22 21.66
N TYR A 192 -37.39 -7.57 22.47
CA TYR A 192 -36.93 -6.90 23.69
C TYR A 192 -38.11 -6.80 24.66
N CYS A 193 -37.83 -6.41 25.90
CA CYS A 193 -38.79 -6.47 26.99
C CYS A 193 -38.92 -5.15 27.74
N PRO A 194 -39.63 -4.18 27.17
CA PRO A 194 -39.79 -2.87 27.79
C PRO A 194 -40.92 -2.82 28.82
N TYR A 195 -40.99 -1.70 29.51
CA TYR A 195 -42.07 -1.37 30.42
C TYR A 195 -42.95 -0.34 29.72
N PRO A 196 -44.24 -0.27 30.10
CA PRO A 196 -45.11 0.74 29.44
C PRO A 196 -44.67 2.18 29.76
N PRO A 197 -44.97 3.16 28.87
CA PRO A 197 -44.60 4.58 29.12
C PRO A 197 -45.16 5.21 30.41
N LEU A 198 -44.53 6.27 30.90
CA LEU A 198 -45.19 7.20 31.84
C LEU A 198 -45.75 8.34 31.01
N SER A 208 -42.34 3.86 38.10
CA SER A 208 -42.41 2.46 38.51
C SER A 208 -42.01 1.51 37.38
N ALA A 209 -41.67 0.27 37.76
CA ALA A 209 -41.32 -0.78 36.80
C ALA A 209 -42.22 -1.99 37.00
N VAL A 210 -43.42 -1.91 36.44
CA VAL A 210 -44.41 -2.98 36.52
C VAL A 210 -45.02 -3.22 35.13
N ASN A 211 -45.72 -4.34 34.97
CA ASN A 211 -46.38 -4.69 33.71
C ASN A 211 -45.40 -4.75 32.54
N GLN A 212 -44.24 -5.35 32.76
CA GLN A 212 -43.26 -5.59 31.69
C GLN A 212 -43.89 -6.34 30.53
N GLU A 213 -43.52 -5.96 29.32
CA GLU A 213 -44.04 -6.53 28.09
C GLU A 213 -42.93 -7.22 27.33
N ALA A 214 -43.27 -8.19 26.49
CA ALA A 214 -42.37 -8.68 25.46
C ALA A 214 -42.88 -8.09 24.13
N ARG A 215 -41.95 -7.47 23.41
CA ARG A 215 -42.23 -6.76 22.14
C ARG A 215 -41.24 -7.15 21.07
N TYR A 216 -41.62 -6.89 19.81
CA TYR A 216 -40.69 -7.05 18.70
C TYR A 216 -40.60 -5.73 17.96
N HIS A 217 -39.38 -5.27 17.75
CA HIS A 217 -39.11 -4.01 17.07
C HIS A 217 -38.57 -4.31 15.68
N PHE A 218 -39.23 -3.78 14.66
CA PHE A 218 -38.71 -3.80 13.31
C PHE A 218 -37.78 -2.63 13.09
N LEU A 219 -36.58 -2.90 12.58
CA LEU A 219 -35.64 -1.83 12.20
C LEU A 219 -36.31 -0.83 11.26
N GLY A 220 -36.02 0.45 11.47
CA GLY A 220 -36.56 1.54 10.64
C GLY A 220 -37.92 2.05 11.06
N THR A 221 -38.44 1.62 12.20
CA THR A 221 -39.78 2.04 12.65
C THR A 221 -39.66 2.69 14.02
N ASP A 222 -40.70 3.45 14.37
CA ASP A 222 -40.81 4.05 15.69
C ASP A 222 -41.22 2.96 16.68
N GLN A 223 -40.78 3.13 17.93
CA GLN A 223 -41.17 2.25 19.03
C GLN A 223 -42.68 2.03 19.14
N SER A 224 -43.48 3.07 18.89
CA SER A 224 -44.94 2.97 18.92
C SER A 224 -45.53 1.90 17.98
N GLU A 225 -44.79 1.50 16.95
CA GLU A 225 -45.20 0.43 16.02
C GLU A 225 -44.75 -0.98 16.42
N ASP A 226 -44.08 -1.14 17.56
CA ASP A 226 -43.58 -2.45 17.98
C ASP A 226 -44.73 -3.42 18.28
N ILE A 227 -44.51 -4.68 17.94
CA ILE A 227 -45.53 -5.72 18.03
C ILE A 227 -45.56 -6.22 19.46
N LEU A 228 -46.74 -6.36 20.04
CA LEU A 228 -46.89 -6.88 21.40
C LEU A 228 -46.96 -8.39 21.32
N LEU A 229 -46.11 -9.08 22.08
CA LEU A 229 -46.14 -10.55 22.16
C LEU A 229 -46.70 -11.07 23.46
N TRP A 230 -46.40 -10.39 24.57
CA TRP A 230 -46.84 -10.86 25.87
C TRP A 230 -46.94 -9.68 26.82
N ARG A 231 -48.03 -9.67 27.58
CA ARG A 231 -48.09 -8.97 28.85
C ARG A 231 -49.09 -9.67 29.75
N ASP A 232 -49.02 -9.38 31.04
CA ASP A 232 -49.93 -9.95 32.02
C ASP A 232 -50.30 -8.86 33.05
N LEU A 233 -51.42 -8.18 32.78
CA LEU A 233 -51.94 -7.14 33.67
C LEU A 233 -52.41 -7.72 35.02
N GLU A 234 -52.81 -8.98 35.05
CA GLU A 234 -53.20 -9.66 36.30
C GLU A 234 -52.03 -10.01 37.25
N ASN A 235 -50.79 -9.96 36.76
CA ASN A 235 -49.59 -10.20 37.57
C ASN A 235 -48.53 -9.14 37.25
N PRO A 236 -48.76 -7.90 37.70
CA PRO A 236 -47.89 -6.78 37.32
C PRO A 236 -46.40 -6.93 37.69
N ALA A 237 -46.09 -7.70 38.73
CA ALA A 237 -44.71 -7.84 39.21
C ALA A 237 -43.90 -8.97 38.54
N HIS A 238 -44.54 -9.81 37.72
CA HIS A 238 -43.80 -10.81 36.97
C HIS A 238 -42.89 -10.13 35.96
N HIS A 239 -41.64 -10.57 35.92
CA HIS A 239 -40.67 -9.98 34.99
C HIS A 239 -40.17 -11.03 33.99
N LEU A 240 -39.52 -10.57 32.95
CA LEU A 240 -39.33 -11.35 31.72
C LEU A 240 -37.87 -11.44 31.35
N LYS A 241 -37.49 -12.57 30.77
CA LYS A 241 -36.24 -12.73 30.03
C LYS A 241 -36.62 -13.45 28.75
N CYS A 242 -35.77 -13.33 27.73
CA CYS A 242 -36.08 -14.03 26.50
C CYS A 242 -34.85 -14.45 25.73
N GLN A 243 -35.07 -15.27 24.70
CA GLN A 243 -34.02 -15.97 24.04
C GLN A 243 -34.59 -16.44 22.72
N ILE A 244 -33.75 -16.55 21.72
CA ILE A 244 -34.10 -17.20 20.47
C ILE A 244 -33.16 -18.40 20.32
N THR A 245 -33.68 -19.50 19.81
CA THR A 245 -32.87 -20.68 19.59
C THR A 245 -31.82 -20.44 18.50
N ASP A 246 -30.75 -21.21 18.54
CA ASP A 246 -29.61 -21.02 17.61
C ASP A 246 -30.04 -21.22 16.14
N ASP A 247 -31.02 -22.08 15.89
CA ASP A 247 -31.56 -22.29 14.53
C ASP A 247 -32.50 -21.16 14.06
N GLY A 248 -32.80 -20.21 14.94
CA GLY A 248 -33.71 -19.12 14.63
C GLY A 248 -35.21 -19.43 14.65
N LYS A 249 -35.58 -20.66 14.99
CA LYS A 249 -36.95 -21.13 14.82
C LYS A 249 -37.92 -20.82 15.99
N TYR A 250 -37.42 -20.76 17.23
CA TYR A 250 -38.27 -20.54 18.38
C TYR A 250 -37.86 -19.33 19.19
N PHE A 251 -38.84 -18.54 19.57
CA PHE A 251 -38.66 -17.47 20.56
C PHE A 251 -39.10 -18.04 21.90
N LEU A 252 -38.22 -17.95 22.90
CA LEU A 252 -38.51 -18.43 24.25
C LEU A 252 -38.66 -17.25 25.17
N LEU A 253 -39.75 -17.25 25.91
CA LEU A 253 -40.03 -16.23 26.91
C LEU A 253 -39.97 -16.93 28.26
N TYR A 254 -39.14 -16.41 29.13
CA TYR A 254 -39.05 -16.86 30.52
C TYR A 254 -39.74 -15.86 31.41
N ILE A 255 -40.63 -16.33 32.27
CA ILE A 255 -41.35 -15.47 33.21
C ILE A 255 -40.87 -15.80 34.61
N LEU A 256 -40.50 -14.76 35.35
CA LEU A 256 -39.93 -14.90 36.70
C LEU A 256 -40.78 -14.11 37.69
N ASP A 257 -40.78 -14.57 38.92
CA ASP A 257 -41.47 -13.88 40.00
C ASP A 257 -40.43 -13.64 41.09
N GLY A 258 -40.14 -12.38 41.39
CA GLY A 258 -39.21 -12.07 42.47
C GLY A 258 -37.76 -12.42 42.10
N CYS A 259 -37.01 -12.81 43.12
CA CYS A 259 -35.58 -13.13 43.02
CA CYS A 259 -35.58 -13.13 42.99
C CYS A 259 -35.27 -14.62 42.95
N ASP A 260 -36.28 -15.48 43.17
CA ASP A 260 -36.09 -16.93 43.23
C ASP A 260 -35.59 -17.48 41.89
N ASP A 261 -34.76 -18.54 41.96
CA ASP A 261 -34.25 -19.20 40.75
C ASP A 261 -35.34 -20.19 40.34
N ALA A 262 -36.36 -19.64 39.67
CA ALA A 262 -37.52 -20.39 39.16
C ALA A 262 -38.20 -19.57 38.08
N ASN A 263 -38.63 -20.25 37.02
CA ASN A 263 -39.23 -19.54 35.90
C ASN A 263 -40.16 -20.42 35.09
N LYS A 264 -41.08 -19.76 34.41
CA LYS A 264 -41.92 -20.39 33.41
C LYS A 264 -41.14 -20.42 32.12
N VAL A 265 -41.58 -21.25 31.17
CA VAL A 265 -40.96 -21.33 29.85
C VAL A 265 -42.09 -21.34 28.83
N TYR A 266 -42.18 -20.31 28.00
CA TYR A 266 -43.16 -20.22 26.92
C TYR A 266 -42.38 -20.24 25.61
N CYS A 267 -42.86 -21.01 24.64
CA CYS A 267 -42.18 -21.24 23.39
CA CYS A 267 -42.17 -21.25 23.38
C CYS A 267 -43.06 -20.84 22.21
N LEU A 268 -42.56 -19.97 21.34
CA LEU A 268 -43.29 -19.51 20.18
C LEU A 268 -42.58 -19.96 18.90
N ASP A 269 -43.26 -20.75 18.10
CA ASP A 269 -42.69 -21.25 16.84
C ASP A 269 -42.78 -20.17 15.75
N LEU A 270 -41.65 -19.59 15.42
CA LEU A 270 -41.60 -18.48 14.47
C LEU A 270 -41.80 -18.94 13.03
N THR A 271 -41.56 -20.21 12.73
CA THR A 271 -41.73 -20.76 11.36
C THR A 271 -43.18 -21.03 10.98
N LYS A 272 -44.07 -21.16 11.97
CA LYS A 272 -45.48 -21.42 11.69
C LYS A 272 -46.31 -20.15 11.45
N LEU A 273 -45.71 -18.97 11.64
CA LEU A 273 -46.44 -17.72 11.48
C LEU A 273 -46.64 -17.42 9.99
N PRO A 274 -47.91 -17.25 9.53
CA PRO A 274 -48.23 -16.97 8.10
C PRO A 274 -47.43 -15.83 7.45
N ASN A 275 -47.31 -14.69 8.13
CA ASN A 275 -46.59 -13.52 7.62
C ASN A 275 -45.56 -13.02 8.66
N GLY A 276 -44.77 -13.95 9.21
CA GLY A 276 -43.79 -13.63 10.23
C GLY A 276 -44.41 -12.96 11.46
N LEU A 277 -43.63 -12.11 12.12
CA LEU A 277 -44.10 -11.41 13.31
C LEU A 277 -45.16 -10.36 13.01
N GLU A 278 -45.21 -9.87 11.76
CA GLU A 278 -46.29 -9.00 11.28
C GLU A 278 -47.69 -9.66 11.48
N SER A 279 -47.77 -11.00 11.52
CA SER A 279 -49.01 -11.72 11.85
C SER A 279 -49.74 -11.27 13.12
N PHE A 280 -49.04 -10.65 14.09
CA PHE A 280 -49.68 -10.13 15.31
C PHE A 280 -49.98 -8.62 15.32
N ARG A 281 -49.78 -7.95 14.18
CA ARG A 281 -50.18 -6.55 14.00
C ARG A 281 -51.63 -6.25 14.51
N SER A 286 -51.92 -11.30 23.89
CA SER A 286 -50.73 -12.14 23.85
C SER A 286 -50.76 -13.15 22.69
N ALA A 287 -49.59 -13.42 22.13
CA ALA A 287 -49.40 -14.38 21.01
C ALA A 287 -49.59 -15.83 21.50
N PRO A 288 -49.80 -16.79 20.57
CA PRO A 288 -50.11 -18.19 20.96
C PRO A 288 -48.86 -18.99 21.36
N PHE A 289 -48.39 -18.76 22.57
CA PHE A 289 -47.25 -19.50 23.10
C PHE A 289 -47.63 -20.93 23.45
N MET A 290 -46.69 -21.85 23.24
CA MET A 290 -46.74 -23.17 23.81
C MET A 290 -46.21 -23.03 25.24
N LYS A 291 -47.09 -23.22 26.21
CA LYS A 291 -46.70 -23.02 27.60
C LYS A 291 -46.09 -24.28 28.19
N LEU A 292 -44.83 -24.52 27.88
CA LEU A 292 -44.13 -25.75 28.28
C LEU A 292 -44.07 -25.90 29.81
N ILE A 293 -43.65 -24.84 30.49
CA ILE A 293 -43.64 -24.79 31.96
C ILE A 293 -44.46 -23.58 32.34
N ASP A 294 -45.55 -23.80 33.06
CA ASP A 294 -46.47 -22.73 33.43
C ASP A 294 -46.64 -22.57 34.95
N SER A 295 -45.60 -22.92 35.72
CA SER A 295 -45.55 -22.68 37.16
C SER A 295 -44.17 -22.12 37.54
N PHE A 296 -44.03 -21.71 38.80
CA PHE A 296 -42.76 -21.25 39.34
C PHE A 296 -42.06 -22.30 40.23
N ASP A 297 -42.16 -23.57 39.88
CA ASP A 297 -41.60 -24.65 40.71
C ASP A 297 -40.08 -24.81 40.57
N ALA A 298 -39.50 -24.42 39.43
CA ALA A 298 -38.11 -24.73 39.16
C ALA A 298 -37.53 -23.79 38.11
N SER A 299 -36.21 -23.77 38.03
CA SER A 299 -35.49 -23.01 37.01
C SER A 299 -35.34 -23.87 35.77
N TYR A 300 -35.37 -23.20 34.61
CA TYR A 300 -35.20 -23.85 33.31
C TYR A 300 -34.51 -22.86 32.40
N THR A 301 -33.42 -23.28 31.78
CA THR A 301 -32.73 -22.48 30.78
C THR A 301 -32.51 -23.40 29.57
N ALA A 302 -33.01 -23.00 28.42
CA ALA A 302 -32.81 -23.78 27.18
C ALA A 302 -31.35 -23.72 26.76
N ILE A 303 -30.78 -24.88 26.51
CA ILE A 303 -29.38 -25.00 26.07
C ILE A 303 -29.29 -25.28 24.57
N ALA A 304 -30.15 -26.16 24.07
CA ALA A 304 -30.12 -26.53 22.67
C ALA A 304 -31.46 -27.08 22.24
N ASN A 305 -31.69 -27.11 20.95
CA ASN A 305 -32.78 -27.90 20.41
C ASN A 305 -32.41 -28.48 19.05
N ASP A 306 -33.04 -29.61 18.73
CA ASP A 306 -33.00 -30.23 17.42
C ASP A 306 -34.47 -30.33 17.05
N GLY A 307 -34.93 -29.44 16.16
CA GLY A 307 -36.38 -29.30 15.88
C GLY A 307 -37.13 -29.04 17.19
N SER A 308 -38.16 -29.86 17.46
CA SER A 308 -38.98 -29.70 18.68
C SER A 308 -38.39 -30.35 19.94
N VAL A 309 -37.20 -30.98 19.84
CA VAL A 309 -36.57 -31.67 20.97
C VAL A 309 -35.58 -30.73 21.66
N PHE A 310 -35.93 -30.31 22.87
CA PHE A 310 -35.17 -29.31 23.60
C PHE A 310 -34.34 -29.93 24.70
N THR A 311 -33.18 -29.33 24.94
CA THR A 311 -32.33 -29.67 26.07
C THR A 311 -32.33 -28.48 27.02
N PHE A 312 -32.66 -28.72 28.28
CA PHE A 312 -32.72 -27.67 29.32
C PHE A 312 -31.78 -27.98 30.48
N GLN A 313 -31.20 -26.93 31.02
CA GLN A 313 -30.65 -26.95 32.36
C GLN A 313 -31.81 -26.69 33.31
N THR A 314 -31.85 -27.40 34.43
CA THR A 314 -32.91 -27.22 35.40
C THR A 314 -32.47 -27.58 36.80
N ASN A 315 -33.12 -26.98 37.80
CA ASN A 315 -33.01 -27.45 39.19
C ASN A 315 -34.20 -28.27 39.65
N LYS A 316 -35.09 -28.68 38.73
CA LYS A 316 -36.24 -29.49 39.09
C LYS A 316 -35.80 -30.82 39.68
N ASP A 317 -36.16 -31.07 40.94
CA ASP A 317 -35.69 -32.24 41.71
C ASP A 317 -34.17 -32.41 41.68
N ALA A 318 -33.44 -31.30 41.66
CA ALA A 318 -32.02 -31.33 41.41
C ALA A 318 -31.40 -30.06 41.95
N PRO A 319 -31.21 -29.99 43.27
CA PRO A 319 -30.64 -28.77 43.85
C PRO A 319 -29.25 -28.36 43.32
N ARG A 320 -28.48 -29.32 42.83
CA ARG A 320 -27.19 -29.05 42.17
C ARG A 320 -27.29 -28.94 40.64
N LYS A 321 -28.52 -28.97 40.13
CA LYS A 321 -28.86 -28.83 38.71
C LYS A 321 -28.47 -30.02 37.86
N LYS A 322 -29.09 -30.08 36.70
CA LYS A 322 -28.89 -31.18 35.75
C LYS A 322 -29.34 -30.73 34.37
N LEU A 323 -29.07 -31.58 33.36
CA LEU A 323 -29.58 -31.35 32.01
C LEU A 323 -30.63 -32.39 31.70
N VAL A 324 -31.74 -31.91 31.13
CA VAL A 324 -32.87 -32.76 30.78
C VAL A 324 -33.30 -32.48 29.35
N ARG A 325 -34.07 -33.40 28.79
CA ARG A 325 -34.53 -33.31 27.43
C ARG A 325 -36.02 -33.58 27.37
N VAL A 326 -36.69 -32.84 26.49
CA VAL A 326 -38.14 -32.93 26.31
C VAL A 326 -38.47 -32.57 24.88
N ASP A 327 -39.47 -33.26 24.33
CA ASP A 327 -40.02 -32.94 23.03
C ASP A 327 -41.24 -32.07 23.24
N LEU A 328 -41.27 -30.88 22.64
CA LEU A 328 -42.47 -30.02 22.72
C LEU A 328 -43.77 -30.69 22.23
N ASN A 329 -43.65 -31.64 21.32
CA ASN A 329 -44.78 -32.44 20.86
C ASN A 329 -45.26 -33.49 21.89
N ASN A 330 -44.45 -33.79 22.92
CA ASN A 330 -44.83 -34.73 23.99
C ASN A 330 -44.34 -34.15 25.34
N PRO A 331 -44.92 -33.02 25.74
CA PRO A 331 -44.28 -32.18 26.77
C PRO A 331 -44.41 -32.68 28.21
N SER A 332 -45.13 -33.78 28.45
CA SER A 332 -45.19 -34.36 29.80
C SER A 332 -43.99 -35.26 30.11
N VAL A 333 -43.22 -35.65 29.09
CA VAL A 333 -42.15 -36.63 29.25
C VAL A 333 -40.79 -35.96 29.18
N TRP A 334 -40.16 -35.83 30.34
CA TRP A 334 -38.83 -35.23 30.50
C TRP A 334 -37.86 -36.37 30.84
N THR A 335 -36.69 -36.38 30.22
CA THR A 335 -35.68 -37.41 30.45
C THR A 335 -34.35 -36.76 30.79
N ASP A 336 -33.68 -37.25 31.85
CA ASP A 336 -32.33 -36.80 32.20
C ASP A 336 -31.36 -37.09 31.05
N LEU A 337 -30.58 -36.08 30.68
CA LEU A 337 -29.50 -36.21 29.71
C LEU A 337 -28.17 -36.29 30.45
N VAL A 338 -27.95 -35.34 31.37
CA VAL A 338 -26.79 -35.36 32.26
C VAL A 338 -27.36 -35.31 33.68
N PRO A 339 -27.27 -36.43 34.42
CA PRO A 339 -27.90 -36.47 35.75
C PRO A 339 -27.27 -35.47 36.72
N GLU A 340 -28.02 -35.13 37.75
CA GLU A 340 -27.51 -34.28 38.80
C GLU A 340 -26.29 -34.96 39.44
N SER A 341 -25.22 -34.21 39.64
CA SER A 341 -24.07 -34.74 40.39
C SER A 341 -24.46 -34.83 41.85
N LYS A 342 -23.93 -35.82 42.55
CA LYS A 342 -24.18 -35.93 43.98
C LYS A 342 -23.43 -34.87 44.80
N LYS A 343 -22.37 -34.27 44.25
CA LYS A 343 -21.61 -33.26 44.98
C LYS A 343 -21.45 -31.89 44.32
N ASP A 344 -21.36 -31.83 42.99
CA ASP A 344 -20.99 -30.59 42.28
C ASP A 344 -22.16 -29.87 41.61
N LEU A 345 -22.14 -28.54 41.72
CA LEU A 345 -23.13 -27.70 41.09
C LEU A 345 -22.86 -27.61 39.60
N LEU A 346 -23.87 -27.84 38.78
CA LEU A 346 -23.81 -27.54 37.34
C LEU A 346 -24.22 -26.10 37.19
N GLU A 347 -23.22 -25.25 37.02
CA GLU A 347 -23.48 -23.83 37.00
C GLU A 347 -24.04 -23.36 35.67
N SER A 348 -23.45 -23.81 34.58
CA SER A 348 -23.95 -23.43 33.25
C SER A 348 -23.57 -24.47 32.20
N ALA A 349 -24.26 -24.44 31.07
CA ALA A 349 -24.03 -25.37 29.98
C ALA A 349 -24.19 -24.64 28.68
N HIS A 350 -23.39 -25.01 27.68
CA HIS A 350 -23.34 -24.30 26.40
C HIS A 350 -23.16 -25.31 25.28
N ALA A 351 -24.03 -25.27 24.28
CA ALA A 351 -23.89 -26.14 23.12
C ALA A 351 -22.90 -25.50 22.18
N VAL A 352 -21.96 -26.28 21.68
CA VAL A 352 -20.82 -25.80 20.88
C VAL A 352 -20.41 -26.86 19.86
N ASN A 353 -19.73 -26.39 18.82
CA ASN A 353 -19.17 -27.24 17.78
C ASN A 353 -20.23 -28.23 17.23
N GLU A 354 -21.44 -27.72 17.03
CA GLU A 354 -22.57 -28.44 16.46
C GLU A 354 -23.17 -29.57 17.33
N ASN A 355 -22.34 -30.43 17.88
CA ASN A 355 -22.81 -31.65 18.55
C ASN A 355 -22.20 -31.87 19.92
N GLN A 356 -21.66 -30.82 20.53
CA GLN A 356 -21.07 -30.95 21.85
C GLN A 356 -21.65 -29.98 22.85
N LEU A 357 -21.34 -30.23 24.12
CA LEU A 357 -21.71 -29.39 25.24
C LEU A 357 -20.46 -29.08 26.05
N ILE A 358 -20.32 -27.82 26.47
CA ILE A 358 -19.37 -27.47 27.50
C ILE A 358 -20.15 -27.19 28.79
N LEU A 359 -19.85 -27.91 29.83
CA LEU A 359 -20.49 -27.79 31.14
C LEU A 359 -19.50 -27.15 32.11
N ARG A 360 -19.95 -26.14 32.83
CA ARG A 360 -19.14 -25.50 33.84
C ARG A 360 -19.69 -25.94 35.17
N TYR A 361 -18.94 -26.77 35.86
CA TYR A 361 -19.28 -27.24 37.19
C TYR A 361 -18.53 -26.40 38.23
N LEU A 362 -19.09 -26.29 39.43
CA LEU A 362 -18.44 -25.69 40.57
C LEU A 362 -18.28 -26.81 41.59
N SER A 363 -17.03 -27.18 41.85
CA SER A 363 -16.67 -28.29 42.71
C SER A 363 -15.84 -27.76 43.86
N ASP A 364 -16.44 -27.70 45.05
CA ASP A 364 -15.80 -27.03 46.23
C ASP A 364 -15.25 -25.65 45.85
N VAL A 365 -16.12 -24.87 45.20
CA VAL A 365 -15.87 -23.48 44.82
C VAL A 365 -14.66 -23.34 43.88
N LYS A 366 -14.42 -24.37 43.06
CA LYS A 366 -13.46 -24.29 42.00
C LYS A 366 -14.14 -24.80 40.72
N HIS A 367 -13.87 -24.14 39.61
CA HIS A 367 -14.50 -24.52 38.36
C HIS A 367 -13.87 -25.79 37.75
N VAL A 368 -14.72 -26.58 37.11
CA VAL A 368 -14.31 -27.72 36.32
C VAL A 368 -15.11 -27.63 35.01
N LEU A 369 -14.42 -27.65 33.88
CA LEU A 369 -15.11 -27.69 32.59
C LEU A 369 -15.15 -29.11 32.05
N GLU A 370 -16.31 -29.52 31.60
CA GLU A 370 -16.50 -30.84 30.98
C GLU A 370 -16.97 -30.64 29.57
N ILE A 371 -16.41 -31.39 28.63
CA ILE A 371 -16.91 -31.44 27.27
C ILE A 371 -17.66 -32.75 27.15
N ARG A 372 -18.90 -32.66 26.71
CA ARG A 372 -19.77 -33.81 26.52
C ARG A 372 -20.39 -33.86 25.15
N ASP A 373 -20.82 -35.05 24.75
CA ASP A 373 -21.60 -35.23 23.52
C ASP A 373 -23.02 -34.71 23.77
N LEU A 374 -23.52 -33.87 22.88
CA LEU A 374 -24.86 -33.31 23.03
C LEU A 374 -25.99 -34.35 22.96
N GLU A 375 -25.91 -35.27 22.01
CA GLU A 375 -26.97 -36.26 21.82
C GLU A 375 -27.06 -37.25 23.00
N SER A 376 -25.93 -37.81 23.40
CA SER A 376 -25.92 -38.87 24.42
C SER A 376 -25.65 -38.35 25.83
N GLY A 377 -25.09 -37.15 25.95
CA GLY A 377 -24.62 -36.65 27.24
C GLY A 377 -23.30 -37.25 27.74
N ALA A 378 -22.62 -38.08 26.95
CA ALA A 378 -21.42 -38.80 27.40
C ALA A 378 -20.23 -37.87 27.61
N LEU A 379 -19.48 -38.10 28.69
CA LEU A 379 -18.27 -37.33 28.98
C LEU A 379 -17.17 -37.62 27.97
N GLN A 380 -16.58 -36.58 27.40
CA GLN A 380 -15.45 -36.72 26.46
C GLN A 380 -14.13 -36.24 27.10
N HIS A 381 -14.16 -35.08 27.77
CA HIS A 381 -12.96 -34.51 28.42
C HIS A 381 -13.35 -33.74 29.65
N ARG A 382 -12.44 -33.69 30.63
CA ARG A 382 -12.63 -33.00 31.88
C ARG A 382 -11.42 -32.10 32.10
N LEU A 383 -11.64 -30.79 32.31
CA LEU A 383 -10.58 -29.79 32.49
C LEU A 383 -10.75 -29.09 33.84
N PRO A 384 -10.03 -29.55 34.89
CA PRO A 384 -10.09 -28.84 36.17
C PRO A 384 -9.38 -27.49 36.06
N ILE A 385 -9.94 -26.47 36.70
CA ILE A 385 -9.43 -25.10 36.63
C ILE A 385 -8.82 -24.76 37.99
N ASP A 386 -7.72 -24.00 37.97
CA ASP A 386 -7.08 -23.53 39.21
C ASP A 386 -8.02 -22.63 40.00
N ILE A 387 -7.66 -22.39 41.27
CA ILE A 387 -8.41 -21.42 42.10
C ILE A 387 -8.56 -20.09 41.33
N GLY A 388 -9.78 -19.60 41.28
CA GLY A 388 -10.15 -18.45 40.47
C GLY A 388 -11.52 -18.71 39.89
N SER A 389 -11.79 -18.07 38.77
CA SER A 389 -13.07 -18.16 38.14
C SER A 389 -12.95 -18.19 36.63
N VAL A 390 -13.66 -19.14 36.01
CA VAL A 390 -13.96 -19.14 34.59
C VAL A 390 -15.31 -18.52 34.34
N ASP A 391 -15.39 -17.57 33.42
CA ASP A 391 -16.68 -17.04 33.02
C ASP A 391 -16.68 -16.52 31.57
N GLY A 392 -17.84 -16.03 31.15
CA GLY A 392 -18.00 -15.40 29.85
C GLY A 392 -17.89 -16.35 28.69
N ILE A 393 -18.31 -17.59 28.86
CA ILE A 393 -18.39 -18.51 27.71
C ILE A 393 -19.56 -18.05 26.83
N THR A 394 -19.26 -17.45 25.69
CA THR A 394 -20.30 -16.93 24.81
C THR A 394 -20.51 -17.67 23.47
N ALA A 395 -19.74 -18.74 23.23
CA ALA A 395 -19.75 -19.44 21.97
C ALA A 395 -21.12 -20.03 21.70
N ARG A 396 -21.53 -20.05 20.45
CA ARG A 396 -22.83 -20.57 20.06
C ARG A 396 -22.66 -21.92 19.39
N ARG A 397 -23.78 -22.60 19.18
CA ARG A 397 -23.74 -23.97 18.71
C ARG A 397 -22.97 -24.14 17.43
N ARG A 398 -23.08 -23.18 16.52
CA ARG A 398 -22.34 -23.24 15.26
C ARG A 398 -20.82 -22.99 15.38
N ASP A 399 -20.36 -22.42 16.49
CA ASP A 399 -18.92 -22.08 16.65
C ASP A 399 -18.11 -23.33 17.07
N SER A 400 -16.96 -23.51 16.43
CA SER A 400 -16.02 -24.61 16.78
C SER A 400 -14.94 -24.22 17.80
N VAL A 401 -14.76 -22.91 18.01
CA VAL A 401 -13.76 -22.37 18.94
C VAL A 401 -14.50 -21.69 20.08
N VAL A 402 -14.21 -22.09 21.31
CA VAL A 402 -14.83 -21.53 22.50
C VAL A 402 -13.80 -20.65 23.20
N PHE A 403 -14.22 -19.46 23.59
CA PHE A 403 -13.36 -18.54 24.34
C PHE A 403 -13.98 -18.35 25.71
N PHE A 404 -13.12 -18.14 26.69
CA PHE A 404 -13.61 -17.77 28.01
C PHE A 404 -12.53 -17.04 28.77
N LYS A 405 -12.94 -16.44 29.87
CA LYS A 405 -12.05 -15.64 30.68
C LYS A 405 -11.77 -16.31 32.00
N PHE A 406 -10.50 -16.30 32.40
CA PHE A 406 -10.07 -16.81 33.70
C PHE A 406 -9.48 -15.65 34.47
N THR A 407 -9.88 -15.50 35.71
CA THR A 407 -9.31 -14.49 36.63
CA THR A 407 -9.30 -14.50 36.62
C THR A 407 -9.12 -15.15 37.98
N SER A 408 -8.20 -14.61 38.76
CA SER A 408 -7.99 -15.09 40.12
C SER A 408 -7.42 -13.97 40.93
N ILE A 409 -7.31 -14.19 42.23
CA ILE A 409 -6.72 -13.19 43.12
C ILE A 409 -5.35 -12.75 42.63
N LEU A 410 -4.53 -13.69 42.16
CA LEU A 410 -3.19 -13.38 41.66
C LEU A 410 -3.02 -13.38 40.13
N THR A 411 -4.12 -13.51 39.39
CA THR A 411 -4.10 -13.59 37.93
C THR A 411 -5.08 -12.57 37.36
N PRO A 412 -4.55 -11.47 36.76
CA PRO A 412 -5.46 -10.42 36.35
C PRO A 412 -6.48 -10.78 35.28
N GLY A 413 -6.14 -11.68 34.37
CA GLY A 413 -7.09 -11.99 33.31
C GLY A 413 -6.44 -12.69 32.16
N ILE A 414 -6.91 -13.90 31.87
CA ILE A 414 -6.49 -14.65 30.69
C ILE A 414 -7.73 -14.94 29.88
N VAL A 415 -7.68 -14.65 28.58
CA VAL A 415 -8.70 -15.17 27.68
C VAL A 415 -8.11 -16.43 27.09
N TYR A 416 -8.74 -17.55 27.40
CA TYR A 416 -8.39 -18.83 26.83
C TYR A 416 -9.23 -19.14 25.62
N GLN A 417 -8.65 -19.96 24.77
CA GLN A 417 -9.27 -20.45 23.54
C GLN A 417 -9.22 -21.97 23.64
N CYS A 418 -10.32 -22.62 23.33
CA CYS A 418 -10.33 -24.08 23.18
C CYS A 418 -10.94 -24.43 21.83
N ASP A 419 -10.10 -24.96 20.94
CA ASP A 419 -10.52 -25.29 19.57
C ASP A 419 -11.02 -26.73 19.63
N LEU A 420 -12.34 -26.90 19.64
CA LEU A 420 -12.92 -28.24 19.84
C LEU A 420 -12.72 -29.16 18.65
N LYS A 421 -12.59 -28.61 17.45
CA LYS A 421 -12.36 -29.43 16.26
C LYS A 421 -10.95 -30.01 16.28
N ASN A 422 -9.97 -29.12 16.42
CA ASN A 422 -8.57 -29.47 16.12
C ASN A 422 -7.75 -29.83 17.35
N ASP A 423 -8.06 -29.28 18.52
CA ASP A 423 -7.24 -29.51 19.70
C ASP A 423 -8.06 -29.40 21.01
N PRO A 424 -9.03 -30.32 21.19
CA PRO A 424 -10.01 -30.16 22.25
C PRO A 424 -9.52 -30.27 23.66
N THR A 425 -8.36 -30.86 23.95
CA THR A 425 -7.86 -30.97 25.36
C THR A 425 -6.99 -29.79 25.83
N GLN A 426 -6.64 -28.92 24.89
CA GLN A 426 -5.72 -27.83 25.14
C GLN A 426 -6.48 -26.55 25.33
N LEU A 427 -6.21 -25.89 26.44
CA LEU A 427 -6.54 -24.48 26.60
C LEU A 427 -5.33 -23.68 26.12
N LYS A 428 -5.51 -22.91 25.06
CA LYS A 428 -4.48 -22.06 24.50
C LYS A 428 -4.70 -20.63 25.01
N ILE A 429 -3.63 -19.92 25.36
CA ILE A 429 -3.74 -18.54 25.80
C ILE A 429 -3.98 -17.67 24.57
N PHE A 430 -5.09 -16.95 24.55
CA PHE A 430 -5.40 -16.03 23.46
C PHE A 430 -4.96 -14.61 23.84
N ARG A 431 -5.34 -14.15 25.04
CA ARG A 431 -4.83 -12.87 25.58
C ARG A 431 -4.48 -13.09 27.02
N GLU A 432 -3.45 -12.41 27.48
CA GLU A 432 -3.04 -12.50 28.86
C GLU A 432 -2.71 -11.10 29.40
N SER A 433 -3.45 -10.66 30.40
CA SER A 433 -3.15 -9.41 31.10
C SER A 433 -1.99 -9.62 32.05
N VAL A 434 -1.20 -8.57 32.28
CA VAL A 434 -0.06 -8.62 33.19
C VAL A 434 -0.11 -7.40 34.14
N VAL A 435 -0.05 -7.61 35.45
CA VAL A 435 0.02 -6.50 36.42
C VAL A 435 1.44 -5.95 36.38
N PRO A 436 1.62 -4.62 36.11
CA PRO A 436 2.98 -4.07 36.08
C PRO A 436 3.60 -4.10 37.47
N ASP A 437 4.88 -4.46 37.57
CA ASP A 437 5.65 -4.38 38.81
C ASP A 437 5.07 -5.23 39.94
N PHE A 438 4.58 -6.41 39.58
CA PHE A 438 4.02 -7.32 40.55
C PHE A 438 4.52 -8.71 40.25
N ASP A 439 5.15 -9.30 41.26
CA ASP A 439 5.70 -10.64 41.20
C ASP A 439 4.73 -11.56 41.94
N ARG A 440 3.87 -12.21 41.17
CA ARG A 440 2.88 -13.20 41.61
C ARG A 440 3.46 -14.28 42.52
N SER A 441 4.68 -14.71 42.22
CA SER A 441 5.32 -15.82 42.95
C SER A 441 5.68 -15.52 44.41
N GLU A 442 5.62 -14.26 44.83
CA GLU A 442 5.78 -13.88 46.24
C GLU A 442 4.54 -14.13 47.10
N PHE A 443 3.40 -14.43 46.48
CA PHE A 443 2.13 -14.58 47.19
C PHE A 443 1.51 -15.92 46.89
N GLU A 444 0.58 -16.31 47.73
CA GLU A 444 -0.14 -17.57 47.52
C GLU A 444 -1.58 -17.48 47.98
N VAL A 445 -2.42 -18.33 47.39
CA VAL A 445 -3.82 -18.41 47.74
C VAL A 445 -4.09 -19.87 48.08
N LYS A 446 -4.74 -20.09 49.20
CA LYS A 446 -5.15 -21.46 49.55
C LYS A 446 -6.61 -21.49 49.92
N GLN A 447 -7.19 -22.68 49.84
CA GLN A 447 -8.53 -22.88 50.31
C GLN A 447 -8.47 -23.71 51.58
N VAL A 448 -9.20 -23.28 52.60
CA VAL A 448 -9.37 -24.09 53.82
C VAL A 448 -10.85 -24.19 54.17
N PHE A 449 -11.19 -25.15 54.99
CA PHE A 449 -12.56 -25.39 55.39
C PHE A 449 -12.60 -25.22 56.88
N VAL A 450 -13.53 -24.41 57.37
CA VAL A 450 -13.63 -24.07 58.78
C VAL A 450 -15.01 -24.41 59.29
N PRO A 451 -15.14 -24.74 60.60
CA PRO A 451 -16.45 -25.06 61.12
C PRO A 451 -17.27 -23.81 61.46
N SER A 452 -18.56 -23.82 61.09
CA SER A 452 -19.47 -22.83 61.63
C SER A 452 -19.98 -23.25 63.01
N LYS A 453 -20.81 -22.42 63.62
CA LYS A 453 -21.37 -22.74 64.96
C LYS A 453 -22.10 -24.08 64.98
N ASP A 454 -22.87 -24.38 63.94
CA ASP A 454 -23.59 -25.65 63.85
C ASP A 454 -22.76 -26.83 63.24
N GLY A 455 -21.46 -26.64 63.08
CA GLY A 455 -20.57 -27.67 62.56
C GLY A 455 -20.31 -27.60 61.07
N THR A 456 -21.16 -26.89 60.30
CA THR A 456 -21.11 -26.92 58.85
C THR A 456 -19.75 -26.41 58.36
N LYS A 457 -19.27 -27.08 57.31
CA LYS A 457 -17.98 -26.76 56.71
C LYS A 457 -18.20 -25.51 55.90
N ILE A 458 -17.40 -24.45 56.16
CA ILE A 458 -17.45 -23.21 55.39
C ILE A 458 -16.13 -23.09 54.65
N PRO A 459 -16.16 -23.10 53.29
CA PRO A 459 -14.92 -22.86 52.54
C PRO A 459 -14.51 -21.41 52.60
N ILE A 460 -13.23 -21.16 52.79
CA ILE A 460 -12.68 -19.83 52.68
C ILE A 460 -11.42 -19.86 51.83
N PHE A 461 -11.16 -18.77 51.13
CA PHE A 461 -9.91 -18.59 50.42
C PHE A 461 -9.11 -17.61 51.23
N ILE A 462 -7.81 -17.91 51.42
CA ILE A 462 -6.89 -17.05 52.14
C ILE A 462 -5.72 -16.72 51.22
N ALA A 463 -5.51 -15.43 50.98
CA ALA A 463 -4.40 -14.93 50.19
C ALA A 463 -3.46 -14.14 51.07
N ALA A 464 -2.17 -14.39 50.93
CA ALA A 464 -1.13 -13.70 51.67
C ALA A 464 0.23 -13.89 51.03
N ARG A 465 1.19 -13.07 51.44
CA ARG A 465 2.60 -13.30 51.15
C ARG A 465 3.00 -14.68 51.60
N LYS A 466 3.76 -15.39 50.77
CA LYS A 466 4.37 -16.68 51.13
C LYS A 466 5.29 -16.53 52.35
N GLY A 467 5.26 -17.55 53.21
CA GLY A 467 6.18 -17.67 54.33
C GLY A 467 5.94 -16.73 55.51
N ILE A 468 4.75 -16.12 55.60
CA ILE A 468 4.47 -15.26 56.77
C ILE A 468 4.35 -16.07 58.04
N SER A 469 4.70 -15.42 59.15
CA SER A 469 4.58 -16.04 60.45
C SER A 469 3.16 -15.91 60.92
N LEU A 470 2.58 -17.01 61.39
CA LEU A 470 1.24 -17.00 61.93
C LEU A 470 1.29 -16.64 63.42
N ASP A 471 1.65 -15.38 63.67
CA ASP A 471 1.86 -14.83 65.02
C ASP A 471 0.76 -13.83 65.42
N GLY A 472 -0.33 -13.76 64.64
CA GLY A 472 -1.44 -12.89 64.92
C GLY A 472 -1.23 -11.41 64.57
N SER A 473 -0.13 -11.08 63.89
CA SER A 473 0.28 -9.65 63.72
C SER A 473 -0.25 -8.97 62.46
N HIS A 474 -0.89 -9.71 61.56
CA HIS A 474 -1.18 -9.17 60.23
C HIS A 474 -2.57 -8.56 60.15
N PRO A 475 -2.69 -7.40 59.48
CA PRO A 475 -4.05 -6.92 59.20
C PRO A 475 -4.74 -7.87 58.23
N CYS A 476 -6.03 -8.02 58.41
CA CYS A 476 -6.81 -8.99 57.66
C CYS A 476 -8.08 -8.33 57.15
N GLU A 477 -8.40 -8.53 55.87
CA GLU A 477 -9.64 -8.07 55.28
C GLU A 477 -10.40 -9.30 54.85
N MET A 478 -11.64 -9.41 55.33
CA MET A 478 -12.54 -10.49 54.95
CA MET A 478 -12.53 -10.50 54.96
C MET A 478 -13.74 -9.96 54.20
N HIS A 479 -14.08 -10.63 53.10
CA HIS A 479 -15.17 -10.28 52.23
C HIS A 479 -16.14 -11.45 52.15
N GLY A 480 -17.42 -11.12 52.09
CA GLY A 480 -18.47 -12.12 51.84
C GLY A 480 -19.71 -11.46 51.32
N TYR A 481 -20.69 -12.30 50.97
CA TYR A 481 -21.98 -11.83 50.47
C TYR A 481 -23.08 -12.59 51.22
N GLY A 482 -23.25 -13.87 50.89
CA GLY A 482 -24.16 -14.75 51.62
C GLY A 482 -25.64 -14.51 51.32
N GLY A 483 -26.06 -14.77 50.11
CA GLY A 483 -27.48 -14.67 49.75
C GLY A 483 -27.76 -14.87 48.28
N PHE A 484 -29.04 -15.10 47.97
CA PHE A 484 -29.58 -15.02 46.62
C PHE A 484 -28.99 -16.03 45.65
N GLY A 485 -28.41 -17.10 46.20
CA GLY A 485 -27.75 -18.11 45.41
C GLY A 485 -26.55 -17.61 44.63
N ILE A 486 -25.95 -16.50 45.05
CA ILE A 486 -24.81 -15.93 44.36
C ILE A 486 -23.55 -16.68 44.80
N ASN A 487 -22.73 -17.05 43.82
CA ASN A 487 -21.46 -17.74 44.06
C ASN A 487 -20.33 -16.75 44.11
N MET A 488 -19.62 -16.70 45.24
CA MET A 488 -18.53 -15.74 45.44
C MET A 488 -17.21 -16.40 45.02
N MET A 489 -16.65 -15.93 43.92
CA MET A 489 -15.43 -16.51 43.36
C MET A 489 -14.22 -15.60 43.65
N PRO A 490 -13.03 -16.19 43.81
CA PRO A 490 -11.82 -15.42 44.10
C PRO A 490 -11.25 -14.82 42.82
N THR A 491 -11.80 -13.67 42.41
CA THR A 491 -11.42 -13.00 41.17
C THR A 491 -10.36 -11.92 41.43
N PHE A 492 -9.86 -11.31 40.36
CA PHE A 492 -8.80 -10.34 40.48
C PHE A 492 -9.31 -8.97 40.93
N SER A 493 -8.58 -8.36 41.88
CA SER A 493 -8.74 -6.97 42.29
C SER A 493 -7.36 -6.32 42.47
N ALA A 494 -7.13 -5.20 41.81
CA ALA A 494 -5.85 -4.51 41.92
C ALA A 494 -5.63 -3.96 43.34
N SER A 495 -6.69 -3.42 43.94
CA SER A 495 -6.60 -2.87 45.28
C SER A 495 -6.27 -3.93 46.30
N ARG A 496 -6.77 -5.14 46.09
CA ARG A 496 -6.43 -6.22 46.99
C ARG A 496 -4.92 -6.55 46.96
N ILE A 497 -4.29 -6.47 45.79
CA ILE A 497 -2.86 -6.69 45.67
C ILE A 497 -2.09 -5.60 46.42
N VAL A 498 -2.59 -4.37 46.39
CA VAL A 498 -1.95 -3.27 47.16
C VAL A 498 -1.98 -3.62 48.65
N PHE A 499 -3.14 -4.07 49.11
CA PHE A 499 -3.32 -4.47 50.51
C PHE A 499 -2.34 -5.58 50.91
N LEU A 500 -2.24 -6.63 50.11
CA LEU A 500 -1.32 -7.73 50.35
C LEU A 500 0.14 -7.28 50.36
N LYS A 501 0.52 -6.49 49.38
CA LYS A 501 1.91 -6.16 49.17
C LYS A 501 2.38 -4.98 50.03
N HIS A 502 1.60 -3.91 50.07
CA HIS A 502 2.03 -2.67 50.71
C HIS A 502 1.47 -2.44 52.10
N LEU A 503 0.53 -3.26 52.49
CA LEU A 503 0.03 -3.25 53.86
C LEU A 503 0.32 -4.58 54.59
N GLY A 504 1.01 -5.50 53.93
CA GLY A 504 1.30 -6.81 54.54
C GLY A 504 0.04 -7.55 54.95
N GLY A 505 -1.03 -7.36 54.18
CA GLY A 505 -2.34 -7.87 54.52
C GLY A 505 -2.54 -9.33 54.23
N VAL A 506 -3.52 -9.90 54.92
CA VAL A 506 -4.09 -11.20 54.61
C VAL A 506 -5.52 -10.97 54.11
N PHE A 507 -5.88 -11.53 52.97
CA PHE A 507 -7.21 -11.37 52.44
C PHE A 507 -7.95 -12.68 52.50
N CYS A 508 -9.19 -12.63 52.97
CA CYS A 508 -10.05 -13.81 53.11
C CYS A 508 -11.36 -13.59 52.37
N LEU A 509 -11.72 -14.54 51.49
CA LEU A 509 -13.03 -14.57 50.88
C LEU A 509 -13.76 -15.77 51.47
N ALA A 510 -14.88 -15.52 52.13
CA ALA A 510 -15.62 -16.59 52.82
C ALA A 510 -16.86 -16.99 52.01
N ASN A 511 -16.98 -18.27 51.68
CA ASN A 511 -18.12 -18.80 50.96
C ASN A 511 -19.21 -19.29 51.90
N ILE A 512 -19.89 -18.34 52.48
CA ILE A 512 -20.90 -18.60 53.48
C ILE A 512 -22.21 -19.06 52.86
N ARG A 513 -23.05 -19.64 53.70
CA ARG A 513 -24.39 -20.09 53.26
C ARG A 513 -25.24 -18.90 52.78
N GLY A 514 -26.32 -19.21 52.08
CA GLY A 514 -27.10 -18.22 51.36
C GLY A 514 -26.64 -18.05 49.91
N GLY A 515 -25.35 -18.30 49.64
CA GLY A 515 -24.86 -18.35 48.28
C GLY A 515 -25.32 -19.61 47.59
N GLY A 516 -24.84 -19.80 46.37
CA GLY A 516 -25.25 -20.98 45.61
C GLY A 516 -24.18 -22.05 45.46
N GLU A 517 -23.09 -21.94 46.22
CA GLU A 517 -21.86 -22.68 45.91
C GLU A 517 -22.05 -24.19 45.99
N TYR A 518 -22.89 -24.64 46.91
CA TYR A 518 -23.22 -26.07 47.00
C TYR A 518 -24.67 -26.33 46.63
N GLY A 519 -25.21 -25.49 45.75
CA GLY A 519 -26.55 -25.69 45.22
C GLY A 519 -27.63 -25.09 46.11
N GLU A 520 -28.85 -25.42 45.75
CA GLU A 520 -30.04 -24.82 46.36
C GLU A 520 -30.14 -25.12 47.87
N GLU A 521 -29.64 -26.24 48.34
CA GLU A 521 -29.66 -26.53 49.79
C GLU A 521 -28.76 -25.55 50.57
N TRP A 522 -27.65 -25.12 49.96
CA TRP A 522 -26.73 -24.15 50.54
C TRP A 522 -27.40 -22.77 50.63
N HIS A 523 -28.08 -22.41 49.54
CA HIS A 523 -28.85 -21.18 49.47
C HIS A 523 -29.92 -21.16 50.55
N LYS A 524 -30.72 -22.23 50.63
CA LYS A 524 -31.84 -22.27 51.58
C LYS A 524 -31.40 -22.36 53.04
N ALA A 525 -30.21 -22.87 53.28
CA ALA A 525 -29.66 -22.91 54.64
C ALA A 525 -29.18 -21.54 55.11
N GLY A 526 -29.27 -20.53 54.24
CA GLY A 526 -28.93 -19.17 54.61
C GLY A 526 -29.92 -18.13 54.11
N PHE A 527 -31.20 -18.47 54.09
CA PHE A 527 -32.24 -17.49 53.74
C PHE A 527 -33.44 -17.62 54.66
N ARG A 528 -34.32 -16.61 54.62
CA ARG A 528 -35.59 -16.61 55.34
C ARG A 528 -35.37 -16.84 56.86
N ASP A 529 -35.97 -17.88 57.45
CA ASP A 529 -35.72 -18.23 58.86
C ASP A 529 -34.26 -18.54 59.22
N LYS A 530 -33.44 -18.93 58.24
CA LYS A 530 -32.06 -19.33 58.46
C LYS A 530 -31.05 -18.26 58.04
N LYS A 531 -31.50 -17.03 57.82
CA LYS A 531 -30.59 -15.96 57.47
C LYS A 531 -29.48 -15.78 58.54
N GLN A 532 -29.81 -16.00 59.80
CA GLN A 532 -28.81 -15.88 60.87
C GLN A 532 -27.60 -16.81 60.64
N ASN A 533 -27.79 -17.95 59.97
CA ASN A 533 -26.67 -18.84 59.64
C ASN A 533 -25.58 -18.17 58.86
N VAL A 534 -25.95 -17.23 58.01
CA VAL A 534 -25.03 -16.50 57.17
C VAL A 534 -24.08 -15.70 58.05
N PHE A 535 -24.65 -15.00 59.02
CA PHE A 535 -23.85 -14.17 59.91
C PHE A 535 -22.97 -15.05 60.81
N ASP A 536 -23.51 -16.15 61.32
CA ASP A 536 -22.72 -17.10 62.09
C ASP A 536 -21.54 -17.68 61.29
N ASP A 537 -21.78 -17.98 60.00
CA ASP A 537 -20.73 -18.51 59.14
C ASP A 537 -19.61 -17.50 59.00
N PHE A 538 -19.97 -16.25 58.77
CA PHE A 538 -18.97 -15.18 58.59
C PHE A 538 -18.17 -14.93 59.86
N ILE A 539 -18.87 -14.85 60.99
CA ILE A 539 -18.24 -14.75 62.29
C ILE A 539 -17.27 -15.91 62.53
N SER A 540 -17.69 -17.13 62.20
CA SER A 540 -16.85 -18.32 62.39
C SER A 540 -15.56 -18.28 61.57
N ALA A 541 -15.62 -17.68 60.38
CA ALA A 541 -14.46 -17.53 59.54
C ALA A 541 -13.48 -16.53 60.19
N ALA A 542 -13.98 -15.42 60.73
CA ALA A 542 -13.12 -14.49 61.44
C ALA A 542 -12.47 -15.18 62.65
N GLU A 543 -13.25 -15.95 63.41
CA GLU A 543 -12.71 -16.67 64.55
C GLU A 543 -11.58 -17.63 64.15
N TYR A 544 -11.73 -18.31 63.01
CA TYR A 544 -10.70 -19.17 62.49
C TYR A 544 -9.40 -18.40 62.16
N LEU A 545 -9.54 -17.27 61.49
CA LEU A 545 -8.38 -16.47 61.10
C LEU A 545 -7.61 -15.99 62.34
N ILE A 546 -8.34 -15.70 63.43
CA ILE A 546 -7.72 -15.36 64.70
C ILE A 546 -7.08 -16.59 65.38
N SER A 547 -7.82 -17.69 65.51
CA SER A 547 -7.29 -18.84 66.21
C SER A 547 -6.04 -19.44 65.51
N SER A 548 -6.00 -19.35 64.19
CA SER A 548 -4.92 -19.93 63.42
C SER A 548 -3.71 -19.01 63.31
N GLY A 549 -3.82 -17.77 63.78
CA GLY A 549 -2.68 -16.89 63.91
C GLY A 549 -2.41 -15.98 62.74
N TYR A 550 -3.33 -15.86 61.78
CA TYR A 550 -3.17 -14.87 60.73
C TYR A 550 -3.28 -13.46 61.31
N THR A 551 -4.17 -13.29 62.26
CA THR A 551 -4.56 -11.96 62.68
C THR A 551 -5.06 -12.02 64.12
N LYS A 552 -5.54 -10.89 64.60
CA LYS A 552 -6.16 -10.79 65.93
C LYS A 552 -7.41 -9.92 65.81
N ALA A 553 -8.28 -10.05 66.80
CA ALA A 553 -9.50 -9.27 66.84
C ALA A 553 -9.00 -7.83 66.89
N ARG A 554 -9.65 -6.93 66.17
CA ARG A 554 -9.18 -5.52 66.14
C ARG A 554 -8.18 -5.28 65.01
N ARG A 555 -7.54 -6.32 64.46
CA ARG A 555 -6.82 -6.19 63.20
C ARG A 555 -7.60 -6.81 62.01
N VAL A 556 -8.87 -7.15 62.22
CA VAL A 556 -9.75 -7.70 61.18
C VAL A 556 -10.71 -6.64 60.65
N ALA A 557 -10.70 -6.47 59.34
CA ALA A 557 -11.61 -5.59 58.64
C ALA A 557 -12.59 -6.45 57.87
N ILE A 558 -13.84 -6.06 57.87
CA ILE A 558 -14.85 -6.75 57.07
C ILE A 558 -15.50 -5.80 56.07
N GLU A 559 -15.79 -6.31 54.87
CA GLU A 559 -16.33 -5.49 53.80
C GLU A 559 -17.32 -6.29 52.99
N GLY A 560 -18.38 -5.61 52.56
CA GLY A 560 -19.42 -6.24 51.75
C GLY A 560 -20.33 -5.19 51.15
N GLY A 561 -21.03 -5.55 50.08
CA GLY A 561 -21.96 -4.65 49.42
C GLY A 561 -23.37 -5.18 49.24
N ALA A 562 -24.36 -4.30 49.45
CA ALA A 562 -25.79 -4.59 49.27
C ALA A 562 -26.28 -5.65 50.26
N ASN A 563 -26.64 -6.86 49.82
CA ASN A 563 -26.82 -7.95 50.79
C ASN A 563 -25.54 -8.20 51.62
N GLY A 564 -24.37 -7.96 51.03
CA GLY A 564 -23.12 -8.04 51.78
C GLY A 564 -22.90 -6.89 52.78
N GLY A 565 -23.53 -5.75 52.53
CA GLY A 565 -23.55 -4.63 53.47
C GLY A 565 -24.41 -4.94 54.69
N LEU A 566 -25.54 -5.61 54.45
CA LEU A 566 -26.33 -6.18 55.54
C LEU A 566 -25.50 -7.16 56.40
N LEU A 567 -24.75 -8.02 55.72
CA LEU A 567 -23.84 -8.97 56.39
C LEU A 567 -22.87 -8.24 57.33
N VAL A 568 -22.22 -7.20 56.81
CA VAL A 568 -21.30 -6.43 57.64
C VAL A 568 -22.00 -5.79 58.85
N ALA A 569 -23.12 -5.11 58.61
CA ALA A 569 -23.86 -4.41 59.69
C ALA A 569 -24.40 -5.36 60.75
N ALA A 570 -24.90 -6.52 60.34
CA ALA A 570 -25.39 -7.51 61.32
C ALA A 570 -24.25 -8.09 62.12
N CYS A 571 -23.12 -8.40 61.48
CA CYS A 571 -21.95 -8.94 62.20
C CYS A 571 -21.35 -7.96 63.21
N ILE A 572 -21.25 -6.69 62.86
CA ILE A 572 -20.71 -5.72 63.83
C ILE A 572 -21.69 -5.44 64.96
N ASN A 573 -23.01 -5.54 64.71
CA ASN A 573 -23.99 -5.47 65.80
C ASN A 573 -23.85 -6.62 66.75
N GLN A 574 -23.63 -7.80 66.19
CA GLN A 574 -23.62 -9.02 67.01
C GLN A 574 -22.26 -9.27 67.69
N ARG A 575 -21.15 -8.95 67.01
CA ARG A 575 -19.81 -9.23 67.53
C ARG A 575 -18.86 -8.05 67.28
N PRO A 576 -19.18 -6.87 67.86
CA PRO A 576 -18.31 -5.71 67.62
C PRO A 576 -16.85 -5.93 68.10
N ASP A 577 -16.67 -6.77 69.12
CA ASP A 577 -15.36 -7.13 69.67
C ASP A 577 -14.40 -7.82 68.66
N LEU A 578 -14.93 -8.47 67.63
CA LEU A 578 -14.13 -9.23 66.70
C LEU A 578 -13.44 -8.38 65.62
N PHE A 579 -13.87 -7.14 65.45
CA PHE A 579 -13.53 -6.38 64.24
C PHE A 579 -12.88 -5.08 64.58
N GLY A 580 -11.92 -4.68 63.74
CA GLY A 580 -11.28 -3.39 63.86
C GLY A 580 -11.80 -2.36 62.86
N CYS A 581 -12.38 -2.83 61.77
CA CYS A 581 -12.88 -1.93 60.74
C CYS A 581 -14.03 -2.62 60.01
N ALA A 582 -15.05 -1.85 59.65
CA ALA A 582 -16.22 -2.35 58.96
C ALA A 582 -16.59 -1.39 57.84
N GLU A 583 -16.72 -1.93 56.63
CA GLU A 583 -17.07 -1.11 55.46
C GLU A 583 -18.25 -1.74 54.74
N ALA A 584 -19.39 -1.06 54.78
CA ALA A 584 -20.65 -1.58 54.25
C ALA A 584 -21.01 -0.69 53.09
N ASN A 585 -21.01 -1.26 51.89
CA ASN A 585 -21.35 -0.55 50.70
C ASN A 585 -22.84 -0.80 50.35
N CYS A 586 -23.61 0.28 50.18
CA CYS A 586 -25.03 0.25 49.83
CA CYS A 586 -25.03 0.24 49.82
C CYS A 586 -25.81 -0.90 50.47
N GLY A 587 -25.69 -1.01 51.79
CA GLY A 587 -26.32 -2.12 52.49
C GLY A 587 -27.82 -2.02 52.64
N VAL A 588 -28.46 -3.18 52.79
CA VAL A 588 -29.89 -3.26 53.13
C VAL A 588 -29.96 -3.27 54.66
N MET A 589 -30.27 -2.13 55.26
CA MET A 589 -30.13 -1.94 56.70
C MET A 589 -31.44 -1.90 57.49
N ASP A 590 -32.53 -1.46 56.85
CA ASP A 590 -33.87 -1.52 57.45
C ASP A 590 -34.60 -2.73 56.90
N MET A 591 -34.52 -3.82 57.63
CA MET A 591 -35.16 -5.07 57.17
C MET A 591 -36.67 -5.08 57.38
N LEU A 592 -37.22 -4.12 58.12
CA LEU A 592 -38.66 -4.04 58.29
C LEU A 592 -39.34 -3.30 57.15
N ARG A 593 -38.62 -2.42 56.46
CA ARG A 593 -39.22 -1.58 55.44
C ARG A 593 -38.63 -1.70 54.05
N PHE A 594 -37.65 -2.59 53.84
CA PHE A 594 -36.93 -2.66 52.55
C PHE A 594 -37.89 -2.91 51.38
N HIS A 595 -38.94 -3.68 51.64
CA HIS A 595 -39.88 -4.09 50.60
C HIS A 595 -40.72 -2.93 50.04
N LYS A 596 -40.70 -1.77 50.72
CA LYS A 596 -41.49 -0.63 50.32
C LYS A 596 -40.80 0.29 49.30
N PHE A 597 -39.51 0.10 49.04
CA PHE A 597 -38.74 1.03 48.18
C PHE A 597 -38.22 0.36 46.91
N THR A 598 -38.40 1.08 45.80
CA THR A 598 -38.03 0.68 44.45
C THR A 598 -38.25 -0.82 44.22
N LEU A 599 -37.21 -1.60 44.00
CA LEU A 599 -37.39 -3.02 43.69
C LEU A 599 -37.15 -3.93 44.88
N GLY A 600 -37.11 -3.37 46.09
CA GLY A 600 -36.90 -4.16 47.30
C GLY A 600 -37.93 -5.26 47.50
N TYR A 601 -39.13 -5.05 46.98
CA TYR A 601 -40.20 -6.04 47.05
C TYR A 601 -39.83 -7.38 46.37
N LEU A 602 -38.87 -7.33 45.43
CA LEU A 602 -38.38 -8.57 44.78
C LEU A 602 -37.54 -9.44 45.69
N TRP A 603 -37.09 -8.94 46.83
CA TRP A 603 -36.16 -9.65 47.71
C TRP A 603 -36.85 -10.40 48.84
N THR A 604 -38.18 -10.32 48.92
CA THR A 604 -38.93 -10.94 50.02
C THR A 604 -38.84 -12.46 49.98
N GLY A 605 -38.58 -13.02 48.79
CA GLY A 605 -38.22 -14.44 48.67
C GLY A 605 -37.05 -14.91 49.55
N ASP A 606 -35.95 -14.16 49.58
CA ASP A 606 -34.80 -14.50 50.42
C ASP A 606 -34.97 -14.01 51.86
N TYR A 607 -35.55 -12.84 52.06
CA TYR A 607 -35.55 -12.22 53.38
C TYR A 607 -36.79 -12.52 54.20
N GLY A 608 -37.91 -12.77 53.53
CA GLY A 608 -39.21 -12.64 54.15
C GLY A 608 -39.66 -11.20 54.11
N CYS A 609 -40.80 -10.93 54.73
CA CYS A 609 -41.43 -9.62 54.74
C CYS A 609 -42.08 -9.34 56.09
N SER A 610 -41.90 -8.14 56.61
CA SER A 610 -42.45 -7.79 57.94
C SER A 610 -43.99 -7.71 58.03
N ASP A 611 -44.69 -7.76 56.91
CA ASP A 611 -46.16 -7.83 56.87
C ASP A 611 -46.71 -9.23 57.29
N LYS A 612 -45.84 -10.23 57.46
CA LYS A 612 -46.23 -11.53 57.98
C LYS A 612 -45.53 -11.77 59.31
N GLU A 613 -46.29 -12.18 60.33
CA GLU A 613 -45.80 -12.23 61.70
C GLU A 613 -44.59 -13.13 61.88
N GLU A 614 -44.68 -14.35 61.34
CA GLU A 614 -43.58 -15.33 61.38
CA GLU A 614 -43.58 -15.34 61.37
C GLU A 614 -42.27 -14.74 60.82
N GLU A 615 -42.41 -13.93 59.78
CA GLU A 615 -41.27 -13.40 59.07
C GLU A 615 -40.75 -12.15 59.78
N PHE A 616 -41.66 -11.32 60.28
CA PHE A 616 -41.29 -10.19 61.15
C PHE A 616 -40.38 -10.69 62.28
N LYS A 617 -40.76 -11.80 62.90
CA LYS A 617 -39.99 -12.33 64.03
C LYS A 617 -38.54 -12.71 63.68
N TRP A 618 -38.31 -13.22 62.47
CA TRP A 618 -36.93 -13.45 61.97
C TRP A 618 -36.21 -12.14 61.77
N LEU A 619 -36.90 -11.21 61.11
CA LEU A 619 -36.27 -9.97 60.64
C LEU A 619 -35.82 -9.07 61.77
N ILE A 620 -36.66 -8.93 62.78
CA ILE A 620 -36.37 -8.01 63.88
C ILE A 620 -35.09 -8.40 64.64
N LYS A 621 -34.75 -9.67 64.65
CA LYS A 621 -33.60 -10.15 65.40
C LYS A 621 -32.26 -9.73 64.80
N TYR A 622 -32.22 -9.45 63.49
CA TYR A 622 -30.99 -9.02 62.86
C TYR A 622 -31.02 -7.73 62.06
N SER A 623 -32.20 -7.15 61.84
CA SER A 623 -32.31 -5.88 61.10
C SER A 623 -31.31 -4.89 61.67
N PRO A 624 -30.35 -4.41 60.85
CA PRO A 624 -29.28 -3.59 61.41
C PRO A 624 -29.72 -2.37 62.18
N ILE A 625 -30.66 -1.57 61.66
CA ILE A 625 -31.05 -0.34 62.38
C ILE A 625 -31.83 -0.60 63.66
N HIS A 626 -32.28 -1.83 63.88
CA HIS A 626 -33.03 -2.20 65.07
C HIS A 626 -32.21 -2.99 66.09
N ASN A 627 -30.90 -3.16 65.84
CA ASN A 627 -30.04 -3.95 66.71
C ASN A 627 -28.72 -3.25 67.07
N VAL A 628 -28.69 -1.92 67.02
CA VAL A 628 -27.53 -1.17 67.43
C VAL A 628 -27.63 -1.04 68.95
N ARG A 629 -26.67 -1.60 69.65
CA ARG A 629 -26.62 -1.56 71.12
C ARG A 629 -25.20 -1.23 71.58
N ARG A 630 -25.09 -0.52 72.69
CA ARG A 630 -23.81 -0.16 73.26
C ARG A 630 -23.13 -1.40 73.83
N PRO A 631 -22.04 -1.85 73.21
CA PRO A 631 -21.44 -3.11 73.68
C PRO A 631 -20.84 -3.03 75.10
N TRP A 632 -20.31 -1.85 75.44
CA TRP A 632 -19.74 -1.62 76.76
C TRP A 632 -20.72 -1.68 77.94
N GLU A 633 -22.02 -1.66 77.67
CA GLU A 633 -23.03 -1.84 78.71
C GLU A 633 -23.33 -3.31 79.07
N GLN A 634 -22.78 -4.25 78.33
CA GLN A 634 -22.86 -5.68 78.71
C GLN A 634 -21.75 -6.07 79.70
N PRO A 635 -22.08 -6.79 80.78
CA PRO A 635 -21.03 -7.11 81.76
C PRO A 635 -19.88 -7.98 81.17
N GLY A 636 -18.66 -7.70 81.58
CA GLY A 636 -17.46 -8.30 80.99
C GLY A 636 -16.99 -7.74 79.65
N ASN A 637 -17.76 -6.83 79.05
CA ASN A 637 -17.50 -6.29 77.70
C ASN A 637 -17.24 -4.79 77.78
N GLU A 638 -16.79 -4.30 78.95
CA GLU A 638 -16.72 -2.85 79.19
C GLU A 638 -15.65 -2.15 78.34
N GLU A 639 -14.67 -2.91 77.83
CA GLU A 639 -13.61 -2.39 76.97
C GLU A 639 -13.97 -2.38 75.49
N THR A 640 -15.13 -2.92 75.13
CA THR A 640 -15.51 -3.07 73.72
C THR A 640 -16.24 -1.83 73.20
N GLN A 641 -15.94 -1.49 71.94
CA GLN A 641 -16.65 -0.48 71.20
C GLN A 641 -16.92 -1.03 69.82
N TYR A 642 -17.74 -0.32 69.03
CA TYR A 642 -17.88 -0.68 67.64
C TYR A 642 -16.56 -0.45 66.90
N PRO A 643 -16.30 -1.25 65.86
CA PRO A 643 -15.18 -0.94 64.99
C PRO A 643 -15.38 0.40 64.32
N ALA A 644 -14.29 1.02 63.86
CA ALA A 644 -14.36 2.15 62.95
C ALA A 644 -15.20 1.67 61.76
N THR A 645 -16.21 2.44 61.42
CA THR A 645 -17.24 2.03 60.45
C THR A 645 -17.34 3.10 59.37
N MET A 646 -17.30 2.65 58.12
CA MET A 646 -17.57 3.50 56.97
C MET A 646 -18.77 2.89 56.23
N ILE A 647 -19.82 3.68 56.09
CA ILE A 647 -21.01 3.28 55.35
C ILE A 647 -20.86 3.98 54.02
N LEU A 648 -20.76 3.24 52.93
CA LEU A 648 -20.61 3.84 51.61
C LEU A 648 -21.91 3.73 50.83
N THR A 649 -22.27 4.79 50.11
CA THR A 649 -23.39 4.73 49.20
C THR A 649 -23.28 5.80 48.14
N ALA A 650 -23.83 5.49 46.96
CA ALA A 650 -24.10 6.51 45.95
C ALA A 650 -25.36 7.25 46.41
N ASP A 651 -25.40 8.55 46.13
CA ASP A 651 -26.52 9.38 46.57
C ASP A 651 -27.84 9.09 45.79
N HIS A 652 -27.75 8.47 44.60
CA HIS A 652 -28.93 8.10 43.79
C HIS A 652 -28.95 6.62 43.40
N ASP A 653 -28.61 5.78 44.35
CA ASP A 653 -28.72 4.33 44.13
C ASP A 653 -30.22 3.98 44.10
N ASP A 654 -30.71 3.52 42.96
CA ASP A 654 -32.10 3.07 42.84
C ASP A 654 -32.29 1.57 43.08
N ARG A 655 -31.20 0.81 43.22
CA ARG A 655 -31.29 -0.61 43.53
C ARG A 655 -31.52 -0.76 45.04
N VAL A 656 -30.57 -0.25 45.82
CA VAL A 656 -30.68 -0.23 47.27
C VAL A 656 -30.72 1.26 47.64
N VAL A 657 -31.90 1.74 47.96
CA VAL A 657 -32.07 3.18 48.23
C VAL A 657 -31.16 3.61 49.39
N PRO A 658 -30.56 4.80 49.29
CA PRO A 658 -29.62 5.23 50.32
C PRO A 658 -30.22 5.50 51.71
N LEU A 659 -31.53 5.65 51.83
CA LEU A 659 -32.15 5.76 53.16
C LEU A 659 -31.71 4.65 54.12
N HIS A 660 -31.44 3.45 53.58
CA HIS A 660 -30.95 2.35 54.42
C HIS A 660 -29.66 2.73 55.13
N SER A 661 -28.67 3.16 54.36
CA SER A 661 -27.38 3.64 54.87
C SER A 661 -27.56 4.81 55.80
N PHE A 662 -28.40 5.78 55.39
CA PHE A 662 -28.57 7.00 56.19
C PHE A 662 -29.18 6.70 57.56
N LYS A 663 -30.21 5.86 57.59
CA LYS A 663 -30.88 5.51 58.84
C LYS A 663 -29.95 4.72 59.75
N LEU A 664 -29.14 3.81 59.18
CA LEU A 664 -28.16 3.12 60.01
C LEU A 664 -27.12 4.07 60.56
N LEU A 665 -26.62 4.97 59.73
CA LEU A 665 -25.63 5.93 60.17
C LEU A 665 -26.15 6.79 61.33
N ALA A 666 -27.36 7.32 61.17
CA ALA A 666 -28.02 8.15 62.19
C ALA A 666 -28.23 7.34 63.49
N THR A 667 -28.68 6.10 63.35
CA THR A 667 -28.90 5.24 64.51
C THR A 667 -27.60 4.93 65.26
N MET A 668 -26.53 4.60 64.54
CA MET A 668 -25.24 4.30 65.14
C MET A 668 -24.66 5.52 65.84
N GLN A 669 -24.69 6.66 65.14
CA GLN A 669 -24.18 7.90 65.73
C GLN A 669 -24.96 8.28 66.99
N HIS A 670 -26.28 8.11 66.97
CA HIS A 670 -27.12 8.35 68.16
C HIS A 670 -26.80 7.41 69.32
N VAL A 671 -26.94 6.11 69.10
CA VAL A 671 -26.83 5.12 70.19
C VAL A 671 -25.42 5.13 70.80
N LEU A 672 -24.41 5.19 69.95
CA LEU A 672 -23.02 5.05 70.35
C LEU A 672 -22.29 6.34 70.70
N CYS A 673 -22.70 7.48 70.16
CA CYS A 673 -21.92 8.73 70.29
C CYS A 673 -22.72 9.89 70.87
N THR A 674 -23.74 10.37 70.16
CA THR A 674 -24.40 11.63 70.55
C THR A 674 -25.44 11.54 71.66
N SER A 675 -25.96 10.36 71.98
CA SER A 675 -26.86 10.18 73.12
C SER A 675 -26.14 10.19 74.49
N LEU A 676 -24.81 10.24 74.50
CA LEU A 676 -24.00 10.28 75.72
C LEU A 676 -23.07 11.46 75.68
N GLU A 677 -22.75 12.00 76.85
CA GLU A 677 -21.97 13.24 76.92
C GLU A 677 -20.47 12.96 76.78
N ASP A 678 -20.06 11.75 77.14
CA ASP A 678 -18.61 11.35 77.10
C ASP A 678 -18.41 9.87 76.68
N SER A 679 -18.77 9.57 75.44
CA SER A 679 -18.95 8.18 75.05
C SER A 679 -17.62 7.43 74.98
N PRO A 680 -17.61 6.14 75.37
CA PRO A 680 -16.45 5.28 75.11
C PRO A 680 -16.19 5.01 73.63
N GLN A 681 -17.17 5.27 72.77
CA GLN A 681 -17.01 5.07 71.34
C GLN A 681 -16.07 6.13 70.76
N LYS A 682 -14.82 5.75 70.51
CA LYS A 682 -13.80 6.64 69.93
C LYS A 682 -13.59 6.35 68.44
N ASN A 683 -13.75 5.10 68.03
CA ASN A 683 -13.63 4.74 66.62
C ASN A 683 -14.69 5.51 65.82
N PRO A 684 -14.30 6.14 64.70
CA PRO A 684 -15.28 6.97 63.96
C PRO A 684 -16.33 6.15 63.23
N ILE A 685 -17.53 6.72 63.15
CA ILE A 685 -18.67 6.15 62.43
C ILE A 685 -19.10 7.20 61.39
N ILE A 686 -18.75 6.95 60.12
CA ILE A 686 -18.90 7.92 59.07
C ILE A 686 -19.53 7.30 57.83
N ALA A 687 -19.97 8.16 56.93
CA ALA A 687 -20.45 7.71 55.64
C ALA A 687 -19.66 8.39 54.54
N ARG A 688 -19.29 7.61 53.52
CA ARG A 688 -18.73 8.17 52.32
C ARG A 688 -19.82 8.17 51.27
N ILE A 689 -20.31 9.34 50.95
CA ILE A 689 -21.46 9.46 50.07
C ILE A 689 -20.96 9.96 48.73
N GLN A 690 -21.06 9.12 47.70
CA GLN A 690 -20.67 9.53 46.34
C GLN A 690 -21.79 10.38 45.73
N ARG A 691 -21.45 11.63 45.38
CA ARG A 691 -22.36 12.56 44.74
C ARG A 691 -22.53 12.24 43.27
N LYS A 692 -23.73 12.47 42.74
CA LYS A 692 -24.05 12.26 41.33
C LYS A 692 -23.65 10.88 40.83
N ALA A 693 -24.02 9.85 41.60
CA ALA A 693 -23.76 8.47 41.23
C ALA A 693 -25.00 7.60 41.37
N ALA A 694 -25.12 6.63 40.46
CA ALA A 694 -26.18 5.64 40.44
C ALA A 694 -25.62 4.35 40.97
N HIS A 695 -26.43 3.30 40.95
CA HIS A 695 -25.95 1.97 41.27
C HIS A 695 -24.92 1.43 40.28
N TYR A 696 -25.12 1.74 39.01
CA TYR A 696 -24.37 1.04 37.93
C TYR A 696 -23.02 1.65 37.69
N GLY A 697 -22.23 0.89 36.92
CA GLY A 697 -20.76 0.96 36.84
C GLY A 697 -19.98 2.26 36.69
N ARG A 698 -19.43 2.68 37.83
CA ARG A 698 -18.66 3.84 37.90
C ARG A 698 -17.39 3.81 37.02
N ALA A 699 -17.07 4.98 36.52
CA ALA A 699 -15.85 5.22 35.78
C ALA A 699 -14.62 4.81 36.61
N THR A 700 -13.61 4.32 35.93
CA THR A 700 -12.36 3.87 36.50
C THR A 700 -11.82 4.77 37.63
N MET A 701 -11.62 6.04 37.34
CA MET A 701 -11.03 6.94 38.36
C MET A 701 -11.95 7.22 39.56
N THR A 702 -13.26 7.25 39.33
CA THR A 702 -14.25 7.39 40.39
C THR A 702 -14.22 6.19 41.33
N GLN A 703 -14.19 4.99 40.74
CA GLN A 703 -14.08 3.78 41.51
C GLN A 703 -12.75 3.70 42.28
N ILE A 704 -11.64 4.07 41.64
CA ILE A 704 -10.35 4.10 42.31
C ILE A 704 -10.37 5.05 43.50
N ALA A 705 -10.94 6.24 43.32
CA ALA A 705 -11.05 7.20 44.44
C ALA A 705 -11.81 6.60 45.67
N GLU A 706 -12.93 5.92 45.40
CA GLU A 706 -13.70 5.25 46.46
C GLU A 706 -12.89 4.19 47.18
N VAL A 707 -12.22 3.34 46.41
CA VAL A 707 -11.46 2.23 46.97
C VAL A 707 -10.21 2.72 47.72
N ALA A 708 -9.54 3.76 47.22
CA ALA A 708 -8.44 4.36 47.95
C ALA A 708 -8.88 4.93 49.31
N ASP A 709 -10.04 5.59 49.35
CA ASP A 709 -10.60 6.14 50.59
C ASP A 709 -10.89 5.00 51.57
N ARG A 710 -11.53 3.95 51.06
CA ARG A 710 -11.86 2.76 51.82
C ARG A 710 -10.62 2.09 52.48
N TYR A 711 -9.55 1.89 51.70
CA TYR A 711 -8.31 1.28 52.20
C TYR A 711 -7.50 2.19 53.11
N GLY A 712 -7.47 3.49 52.83
CA GLY A 712 -6.83 4.45 53.74
C GLY A 712 -7.50 4.49 55.12
N PHE A 713 -8.83 4.46 55.12
CA PHE A 713 -9.60 4.42 56.36
C PHE A 713 -9.31 3.11 57.10
N MET A 714 -9.33 2.00 56.37
CA MET A 714 -9.01 0.71 56.97
C MET A 714 -7.60 0.68 57.55
N ALA A 715 -6.61 1.19 56.83
CA ALA A 715 -5.23 1.18 57.33
C ALA A 715 -5.12 1.95 58.66
N LYS A 716 -5.75 3.11 58.71
CA LYS A 716 -5.80 3.93 59.92
C LYS A 716 -6.57 3.21 61.06
N ALA A 717 -7.71 2.60 60.74
CA ALA A 717 -8.53 1.85 61.74
C ALA A 717 -7.80 0.64 62.32
N LEU A 718 -7.07 -0.08 61.46
CA LEU A 718 -6.30 -1.24 61.89
C LEU A 718 -4.87 -0.90 62.40
N GLU A 719 -4.48 0.38 62.33
CA GLU A 719 -3.15 0.84 62.73
C GLU A 719 -2.05 0.06 61.99
N ALA A 720 -2.22 -0.08 60.69
CA ALA A 720 -1.36 -0.88 59.85
C ALA A 720 -0.46 0.05 59.05
N PRO A 721 0.86 -0.07 59.19
CA PRO A 721 1.76 0.79 58.44
C PRO A 721 1.93 0.38 56.98
N TRP A 722 2.27 1.37 56.16
CA TRP A 722 2.65 1.14 54.79
C TRP A 722 4.02 0.49 54.72
N ILE A 723 4.17 -0.41 53.76
CA ILE A 723 5.42 -1.11 53.47
C ILE A 723 5.78 -0.78 52.03
N ASP A 724 6.97 -0.20 51.84
CA ASP A 724 7.44 0.41 50.58
C ASP A 724 7.81 1.90 50.86
N GLY B 5 -1.99 30.14 52.91
CA GLY B 5 -0.54 30.43 53.05
C GLY B 5 0.14 29.52 54.06
N PHE B 6 1.47 29.44 53.97
CA PHE B 6 2.25 28.63 54.92
C PHE B 6 2.23 29.26 56.29
N SER B 7 1.93 28.47 57.31
CA SER B 7 1.84 28.95 58.70
C SER B 7 2.50 28.06 59.77
N LYS B 8 2.54 26.74 59.55
CA LYS B 8 3.21 25.82 60.48
C LYS B 8 4.70 26.16 60.64
N PRO B 9 5.21 26.20 61.90
CA PRO B 9 6.65 26.50 62.07
C PRO B 9 7.53 25.37 61.53
N LEU B 10 8.63 25.72 60.87
CA LEU B 10 9.46 24.78 60.15
C LEU B 10 10.65 24.40 61.02
N HIS B 11 10.96 23.12 61.06
CA HIS B 11 12.10 22.62 61.79
C HIS B 11 13.18 22.28 60.81
N TYR B 12 14.03 23.27 60.53
CA TYR B 12 15.10 23.07 59.58
C TYR B 12 16.15 22.15 60.19
N PRO B 13 16.59 21.13 59.45
CA PRO B 13 17.53 20.18 60.04
C PRO B 13 18.93 20.79 60.17
N PRO B 14 19.73 20.31 61.15
CA PRO B 14 21.13 20.71 61.25
C PRO B 14 21.95 20.28 60.04
N VAL B 15 22.78 21.21 59.53
CA VAL B 15 23.64 20.93 58.40
C VAL B 15 25.01 21.47 58.80
N ARG B 16 26.00 20.58 58.90
CA ARG B 16 27.32 20.98 59.35
C ARG B 16 28.03 21.92 58.37
N ARG B 17 28.71 22.92 58.92
CA ARG B 17 29.51 23.85 58.12
C ARG B 17 30.98 23.52 58.33
N ASP B 18 31.69 23.28 57.23
CA ASP B 18 33.14 23.16 57.26
C ASP B 18 33.77 24.55 57.10
N GLU B 19 34.08 25.17 58.23
CA GLU B 19 34.62 26.54 58.25
C GLU B 19 36.10 26.64 57.77
N THR B 20 36.78 25.52 57.58
CA THR B 20 38.17 25.54 57.09
C THR B 20 38.30 25.68 55.56
N VAL B 21 37.25 25.41 54.80
CA VAL B 21 37.38 25.38 53.33
C VAL B 21 37.25 26.80 52.79
N VAL B 22 38.36 27.37 52.37
CA VAL B 22 38.42 28.71 51.81
C VAL B 22 39.36 28.67 50.61
N ASP B 23 38.93 29.21 49.48
CA ASP B 23 39.76 29.25 48.27
C ASP B 23 40.02 30.70 47.91
N ASP B 24 41.21 30.95 47.38
CA ASP B 24 41.58 32.25 46.86
C ASP B 24 41.40 32.25 45.34
N TYR B 25 40.55 33.12 44.85
CA TYR B 25 40.37 33.32 43.43
C TYR B 25 40.86 34.72 43.12
N PHE B 26 42.10 34.82 42.69
CA PHE B 26 42.70 36.09 42.24
C PHE B 26 42.60 37.20 43.30
N GLY B 27 42.87 36.85 44.55
CA GLY B 27 42.83 37.77 45.69
C GLY B 27 41.48 37.85 46.41
N VAL B 28 40.44 37.25 45.85
CA VAL B 28 39.13 37.23 46.51
C VAL B 28 38.99 35.88 47.27
N LYS B 29 38.75 35.97 48.57
CA LYS B 29 38.54 34.78 49.40
C LYS B 29 37.09 34.33 49.33
N VAL B 30 36.88 33.06 48.99
CA VAL B 30 35.54 32.49 48.85
C VAL B 30 35.46 31.27 49.75
N ALA B 31 34.59 31.32 50.76
CA ALA B 31 34.37 30.20 51.67
C ALA B 31 33.46 29.21 50.97
N ASP B 32 33.65 27.91 51.25
CA ASP B 32 32.77 26.85 50.71
C ASP B 32 32.44 25.86 51.84
N PRO B 33 31.62 26.30 52.83
CA PRO B 33 31.39 25.49 54.00
C PRO B 33 30.62 24.18 53.76
N TYR B 34 29.95 24.04 52.62
CA TYR B 34 29.24 22.80 52.28
C TYR B 34 29.94 22.01 51.16
N ARG B 35 31.26 22.19 51.05
CA ARG B 35 32.13 21.42 50.14
C ARG B 35 31.91 19.89 50.26
N TRP B 36 31.74 19.41 51.48
CA TRP B 36 31.48 18.01 51.76
C TRP B 36 30.24 17.40 51.06
N LEU B 37 29.24 18.24 50.74
CA LEU B 37 28.09 17.81 49.94
C LEU B 37 28.44 17.37 48.51
N GLU B 38 29.64 17.70 48.02
CA GLU B 38 30.12 17.25 46.71
C GLU B 38 30.41 15.75 46.62
N ASP B 39 30.47 15.08 47.78
CA ASP B 39 30.61 13.62 47.84
C ASP B 39 29.21 13.00 48.07
N PRO B 40 28.61 12.41 47.02
CA PRO B 40 27.26 11.87 47.16
C PRO B 40 27.19 10.54 47.94
N ASN B 41 28.33 9.89 48.15
CA ASN B 41 28.37 8.57 48.77
C ASN B 41 28.59 8.57 50.28
N SER B 42 28.92 9.71 50.87
CA SER B 42 29.25 9.76 52.29
C SER B 42 27.99 9.62 53.14
N GLU B 43 28.13 9.08 54.35
CA GLU B 43 26.99 8.97 55.27
C GLU B 43 26.42 10.37 55.59
N GLU B 44 27.28 11.37 55.68
CA GLU B 44 26.83 12.71 55.99
C GLU B 44 25.96 13.30 54.84
N THR B 45 26.33 13.05 53.58
CA THR B 45 25.52 13.51 52.48
C THR B 45 24.21 12.74 52.40
N LYS B 46 24.25 11.43 52.59
CA LYS B 46 23.01 10.63 52.61
C LYS B 46 22.07 11.07 53.75
N GLU B 47 22.62 11.39 54.92
CA GLU B 47 21.83 11.94 56.02
C GLU B 47 21.19 13.29 55.68
N PHE B 48 21.95 14.16 55.01
CA PHE B 48 21.45 15.45 54.53
C PHE B 48 20.21 15.24 53.65
N VAL B 49 20.32 14.32 52.70
CA VAL B 49 19.22 14.02 51.80
C VAL B 49 18.02 13.49 52.59
N ASP B 50 18.25 12.56 53.51
CA ASP B 50 17.15 12.04 54.35
C ASP B 50 16.48 13.18 55.14
N ASN B 51 17.30 14.07 55.70
CA ASN B 51 16.76 15.17 56.52
C ASN B 51 15.98 16.18 55.69
N GLN B 52 16.47 16.48 54.48
CA GLN B 52 15.78 17.42 53.61
C GLN B 52 14.49 16.81 53.06
N GLU B 53 14.49 15.50 52.79
CA GLU B 53 13.28 14.77 52.41
C GLU B 53 12.20 14.84 53.51
N LYS B 54 12.62 14.65 54.75
CA LYS B 54 11.70 14.73 55.88
C LYS B 54 11.07 16.13 55.99
N LEU B 55 11.90 17.17 55.90
CA LEU B 55 11.41 18.55 55.91
C LEU B 55 10.45 18.80 54.74
N ALA B 56 10.83 18.41 53.54
CA ALA B 56 9.99 18.61 52.35
C ALA B 56 8.65 17.91 52.51
N ASN B 57 8.65 16.67 53.00
CA ASN B 57 7.40 15.95 53.22
C ASN B 57 6.50 16.69 54.20
N SER B 58 7.04 17.23 55.31
CA SER B 58 6.22 18.00 56.25
C SER B 58 5.58 19.26 55.63
N VAL B 59 6.31 19.93 54.76
CA VAL B 59 5.79 21.13 54.10
C VAL B 59 4.76 20.75 53.04
N LEU B 60 5.06 19.74 52.24
CA LEU B 60 4.12 19.31 51.19
C LEU B 60 2.83 18.74 51.78
N GLU B 61 2.89 18.16 52.97
CA GLU B 61 1.67 17.70 53.67
C GLU B 61 0.66 18.82 53.97
N GLU B 62 1.12 20.07 54.08
CA GLU B 62 0.24 21.24 54.29
C GLU B 62 -0.33 21.81 52.99
N CYS B 63 0.18 21.35 51.85
CA CYS B 63 -0.27 21.83 50.54
C CYS B 63 -1.43 20.96 50.07
N GLU B 64 -2.63 21.34 50.48
CA GLU B 64 -3.79 20.49 50.35
C GLU B 64 -4.31 20.30 48.90
N LEU B 65 -3.86 21.12 47.95
CA LEU B 65 -4.25 20.94 46.57
C LEU B 65 -3.41 19.96 45.74
N ILE B 66 -2.35 19.39 46.33
CA ILE B 66 -1.49 18.43 45.59
C ILE B 66 -2.35 17.29 45.02
N ASP B 67 -3.22 16.67 45.85
CA ASP B 67 -4.07 15.57 45.34
C ASP B 67 -5.06 15.98 44.23
N LYS B 68 -5.60 17.19 44.33
CA LYS B 68 -6.48 17.73 43.28
C LYS B 68 -5.74 17.97 41.97
N PHE B 69 -4.56 18.60 42.06
CA PHE B 69 -3.74 18.79 40.89
C PHE B 69 -3.38 17.44 40.26
N LYS B 70 -2.99 16.50 41.11
CA LYS B 70 -2.53 15.21 40.63
C LYS B 70 -3.60 14.52 39.80
N GLN B 71 -4.81 14.46 40.33
CA GLN B 71 -5.89 13.76 39.62
C GLN B 71 -6.30 14.49 38.35
N LYS B 72 -6.32 15.82 38.39
CA LYS B 72 -6.58 16.57 37.15
C LYS B 72 -5.53 16.41 36.06
N ILE B 73 -4.26 16.35 36.43
CA ILE B 73 -3.20 16.14 35.47
C ILE B 73 -3.36 14.78 34.85
N ILE B 74 -3.60 13.78 35.69
CA ILE B 74 -3.83 12.43 35.21
C ILE B 74 -4.97 12.42 34.21
N ASP B 75 -6.08 13.06 34.55
CA ASP B 75 -7.25 13.08 33.66
C ASP B 75 -6.94 13.83 32.37
N PHE B 76 -6.27 14.97 32.45
CA PHE B 76 -5.91 15.72 31.23
C PHE B 76 -4.86 15.08 30.33
N VAL B 77 -3.97 14.23 30.85
CA VAL B 77 -2.96 13.63 30.01
C VAL B 77 -3.43 12.27 29.48
N ASN B 78 -4.58 11.80 29.94
CA ASN B 78 -5.10 10.49 29.61
C ASN B 78 -5.78 10.48 28.21
N PHE B 79 -4.94 10.58 27.19
CA PHE B 79 -5.41 10.58 25.82
C PHE B 79 -4.34 9.94 24.96
N PRO B 80 -4.76 9.21 23.91
CA PRO B 80 -3.74 8.56 23.10
C PRO B 80 -2.91 9.53 22.26
N ARG B 81 -1.62 9.24 22.13
CA ARG B 81 -0.65 10.08 21.42
C ARG B 81 0.13 9.23 20.44
N CYS B 82 0.05 9.62 19.18
CA CYS B 82 0.76 9.00 18.09
C CYS B 82 1.90 9.94 17.68
N GLY B 83 3.14 9.46 17.70
CA GLY B 83 4.27 10.26 17.24
C GLY B 83 4.30 10.32 15.73
N VAL B 84 5.16 11.16 15.19
CA VAL B 84 5.32 11.30 13.75
C VAL B 84 5.83 10.01 13.14
N PRO B 85 5.15 9.48 12.12
CA PRO B 85 5.65 8.27 11.52
C PRO B 85 6.81 8.48 10.55
N PHE B 86 7.66 7.50 10.42
CA PHE B 86 8.67 7.51 9.38
C PHE B 86 8.64 6.22 8.62
N ARG B 87 9.12 6.29 7.39
CA ARG B 87 9.08 5.18 6.48
C ARG B 87 10.45 4.55 6.26
N ARG B 88 10.51 3.22 6.28
CA ARG B 88 11.65 2.48 5.75
C ARG B 88 11.13 1.37 4.87
N ALA B 89 11.71 1.24 3.68
CA ALA B 89 11.21 0.30 2.67
C ALA B 89 9.69 0.50 2.53
N ASN B 90 8.86 -0.51 2.75
CA ASN B 90 7.40 -0.33 2.70
C ASN B 90 6.72 -0.43 4.06
N LYS B 91 7.44 -0.08 5.12
CA LYS B 91 6.95 -0.15 6.49
C LYS B 91 6.97 1.24 7.07
N TYR B 92 6.07 1.50 8.01
CA TYR B 92 6.00 2.76 8.74
C TYR B 92 6.21 2.48 10.20
N PHE B 93 6.83 3.42 10.89
CA PHE B 93 7.22 3.25 12.26
C PHE B 93 6.88 4.50 13.05
N HIS B 94 6.46 4.35 14.29
CA HIS B 94 6.18 5.50 15.13
C HIS B 94 6.06 5.06 16.56
N PHE B 95 6.17 6.05 17.44
CA PHE B 95 5.87 5.84 18.86
C PHE B 95 4.39 6.04 19.14
N TYR B 96 3.90 5.31 20.14
CA TYR B 96 2.53 5.41 20.55
C TYR B 96 2.47 5.32 22.08
N ASN B 97 1.50 6.04 22.67
CA ASN B 97 1.14 5.92 24.08
C ASN B 97 -0.38 5.93 24.14
N SER B 98 -0.98 4.93 24.79
CA SER B 98 -2.42 4.90 24.93
C SER B 98 -2.94 6.02 25.87
N GLY B 99 -2.04 6.67 26.61
CA GLY B 99 -2.35 7.85 27.42
C GLY B 99 -1.53 7.89 28.69
N LEU B 100 -1.56 6.81 29.44
CA LEU B 100 -0.85 6.79 30.74
C LEU B 100 0.16 5.66 30.87
N GLN B 101 0.68 5.19 29.75
CA GLN B 101 1.81 4.25 29.77
C GLN B 101 3.05 4.95 30.29
N ALA B 102 3.84 4.25 31.08
CA ALA B 102 5.07 4.85 31.67
C ALA B 102 5.96 5.45 30.60
N GLN B 103 6.10 4.72 29.50
CA GLN B 103 6.90 5.16 28.35
C GLN B 103 6.20 4.83 27.04
N ASN B 104 6.59 5.53 25.98
CA ASN B 104 6.04 5.29 24.65
C ASN B 104 6.53 3.96 24.10
N VAL B 105 5.67 3.32 23.32
CA VAL B 105 5.94 2.01 22.73
C VAL B 105 6.27 2.26 21.26
N PHE B 106 7.27 1.55 20.74
CA PHE B 106 7.66 1.70 19.34
C PHE B 106 6.91 0.67 18.49
N GLN B 107 6.22 1.13 17.46
CA GLN B 107 5.33 0.31 16.65
C GLN B 107 5.70 0.36 15.19
N MET B 108 5.34 -0.70 14.47
CA MET B 108 5.54 -0.83 13.05
C MET B 108 4.20 -1.16 12.39
N GLN B 109 4.02 -0.69 11.16
CA GLN B 109 2.83 -0.98 10.37
C GLN B 109 3.22 -1.24 8.94
N ASP B 110 2.41 -2.00 8.23
CA ASP B 110 2.52 -2.17 6.78
C ASP B 110 1.99 -1.00 5.98
N ASP B 111 1.03 -0.29 6.52
CA ASP B 111 0.54 0.96 5.93
C ASP B 111 0.04 1.88 7.05
N LEU B 112 -0.17 3.15 6.71
CA LEU B 112 -0.49 4.18 7.70
C LEU B 112 -1.77 3.96 8.51
N ASP B 113 -2.76 3.26 7.95
CA ASP B 113 -3.98 2.92 8.72
C ASP B 113 -4.10 1.43 9.04
N GLY B 114 -3.01 0.68 8.87
CA GLY B 114 -3.00 -0.77 9.14
C GLY B 114 -2.79 -1.06 10.61
N LYS B 115 -2.94 -2.33 10.97
CA LYS B 115 -2.77 -2.78 12.36
C LYS B 115 -1.34 -2.55 12.82
N PRO B 116 -1.13 -1.78 13.93
CA PRO B 116 0.22 -1.65 14.42
C PRO B 116 0.70 -2.92 15.14
N GLU B 117 1.99 -3.20 15.01
CA GLU B 117 2.64 -4.28 15.73
C GLU B 117 3.67 -3.68 16.66
N VAL B 118 3.72 -4.15 17.91
CA VAL B 118 4.67 -3.61 18.88
C VAL B 118 6.06 -4.20 18.56
N LEU B 119 7.00 -3.32 18.28
CA LEU B 119 8.39 -3.70 18.05
C LEU B 119 9.17 -3.70 19.34
N TYR B 120 9.04 -2.64 20.14
CA TYR B 120 9.67 -2.65 21.43
C TYR B 120 8.82 -1.90 22.45
N ASP B 121 8.58 -2.55 23.59
CA ASP B 121 7.80 -1.99 24.68
C ASP B 121 8.70 -1.77 25.93
N PRO B 122 9.22 -0.56 26.14
CA PRO B 122 10.05 -0.24 27.32
C PRO B 122 9.37 -0.41 28.66
N ASN B 123 8.04 -0.44 28.66
CA ASN B 123 7.26 -0.64 29.90
C ASN B 123 7.46 -1.98 30.53
N LEU B 124 7.90 -2.96 29.74
CA LEU B 124 8.19 -4.30 30.24
C LEU B 124 9.50 -4.40 31.01
N ARG B 125 10.40 -3.41 30.86
CA ARG B 125 11.71 -3.40 31.51
C ARG B 125 11.73 -2.40 32.67
N GLU B 126 11.98 -2.89 33.89
CA GLU B 126 12.15 -2.03 35.08
C GLU B 126 11.00 -1.03 35.28
N GLY B 127 9.77 -1.51 35.08
CA GLY B 127 8.56 -0.73 35.21
C GLY B 127 8.48 0.50 34.34
N GLY B 128 9.21 0.50 33.22
CA GLY B 128 9.26 1.66 32.35
C GLY B 128 9.96 2.85 32.97
N ARG B 129 10.99 2.60 33.77
CA ARG B 129 11.80 3.68 34.37
C ARG B 129 12.38 4.59 33.29
N SER B 130 12.83 3.98 32.18
CA SER B 130 13.36 4.74 31.06
C SER B 130 12.74 4.29 29.73
N GLY B 131 12.66 5.23 28.80
CA GLY B 131 12.12 5.02 27.47
C GLY B 131 13.26 4.84 26.49
N LEU B 132 12.94 4.79 25.20
CA LEU B 132 13.95 4.75 24.15
C LEU B 132 14.43 6.13 23.78
N SER B 133 15.75 6.30 23.75
CA SER B 133 16.40 7.49 23.22
C SER B 133 17.09 7.24 21.86
N LEU B 134 17.65 6.04 21.69
CA LEU B 134 18.21 5.62 20.41
C LEU B 134 17.27 4.62 19.78
N TYR B 135 16.87 4.89 18.54
CA TYR B 135 16.00 3.98 17.81
C TYR B 135 16.37 4.24 16.36
N SER B 136 16.59 3.15 15.64
CA SER B 136 17.06 3.27 14.27
C SER B 136 16.69 2.03 13.52
N VAL B 137 16.05 2.21 12.38
CA VAL B 137 15.57 1.09 11.57
C VAL B 137 16.43 1.07 10.32
N SER B 138 16.87 -0.11 9.94
CA SER B 138 17.64 -0.33 8.72
C SER B 138 16.85 0.05 7.45
N GLU B 139 17.57 0.32 6.38
CA GLU B 139 16.98 0.75 5.10
C GLU B 139 15.97 -0.25 4.51
N ASP B 140 16.26 -1.54 4.66
CA ASP B 140 15.32 -2.59 4.21
C ASP B 140 14.21 -2.88 5.23
N ALA B 141 14.22 -2.19 6.35
CA ALA B 141 13.23 -2.36 7.42
C ALA B 141 13.29 -3.69 8.11
N LYS B 142 14.37 -4.42 7.95
CA LYS B 142 14.52 -5.75 8.55
C LYS B 142 15.06 -5.71 9.98
N TYR B 143 15.76 -4.65 10.36
CA TYR B 143 16.44 -4.57 11.66
C TYR B 143 16.16 -3.28 12.38
N PHE B 144 16.06 -3.38 13.70
CA PHE B 144 15.78 -2.24 14.56
C PHE B 144 16.86 -2.21 15.63
N ALA B 145 17.67 -1.15 15.63
CA ALA B 145 18.70 -0.95 16.60
C ALA B 145 18.21 0.08 17.62
N PHE B 146 18.40 -0.21 18.89
CA PHE B 146 17.87 0.66 19.94
C PHE B 146 18.73 0.60 21.19
N GLY B 147 18.61 1.64 22.00
CA GLY B 147 19.49 1.84 23.14
C GLY B 147 18.73 1.57 24.42
N ILE B 148 19.33 0.80 25.32
CA ILE B 148 18.77 0.50 26.63
C ILE B 148 19.71 1.05 27.71
N HIS B 149 19.11 1.62 28.75
CA HIS B 149 19.87 1.98 29.95
C HIS B 149 19.97 0.80 30.89
N SER B 150 21.16 0.57 31.45
CA SER B 150 21.35 -0.39 32.54
C SER B 150 21.73 0.38 33.80
N GLY B 151 20.75 0.58 34.68
CA GLY B 151 20.95 1.36 35.89
C GLY B 151 20.74 2.84 35.62
N LEU B 152 21.24 3.66 36.55
CA LEU B 152 20.98 5.10 36.56
C LEU B 152 22.06 5.97 35.88
N THR B 153 23.02 5.34 35.22
CA THR B 153 24.05 6.07 34.48
C THR B 153 23.51 6.45 33.11
N GLU B 154 24.22 7.35 32.44
CA GLU B 154 23.88 7.79 31.10
C GLU B 154 24.38 6.80 30.01
N TRP B 155 25.05 5.71 30.40
CA TRP B 155 25.56 4.72 29.45
C TRP B 155 24.44 3.86 28.91
N VAL B 156 24.51 3.64 27.61
CA VAL B 156 23.49 2.94 26.87
C VAL B 156 24.16 1.70 26.26
N THR B 157 23.39 0.63 26.16
CA THR B 157 23.76 -0.55 25.40
C THR B 157 22.88 -0.60 24.15
N ILE B 158 23.47 -0.77 22.98
CA ILE B 158 22.70 -0.93 21.73
C ILE B 158 22.42 -2.42 21.52
N LYS B 159 21.15 -2.76 21.34
CA LYS B 159 20.70 -4.09 20.93
C LYS B 159 20.02 -3.97 19.56
N ILE B 160 19.88 -5.10 18.89
CA ILE B 160 19.32 -5.14 17.54
C ILE B 160 18.29 -6.29 17.50
N LEU B 161 17.08 -5.97 17.04
CA LEU B 161 16.09 -7.01 16.80
C LEU B 161 15.73 -7.11 15.33
N LYS B 162 15.28 -8.28 14.93
CA LYS B 162 14.71 -8.49 13.60
C LYS B 162 13.26 -8.09 13.66
N THR B 163 12.83 -7.22 12.76
CA THR B 163 11.46 -6.72 12.78
C THR B 163 10.40 -7.78 12.42
N GLU B 164 10.80 -8.78 11.67
CA GLU B 164 9.86 -9.80 11.18
C GLU B 164 9.25 -10.63 12.31
N ASP B 165 10.08 -11.02 13.28
CA ASP B 165 9.61 -11.83 14.41
C ASP B 165 9.99 -11.31 15.80
N ARG B 166 10.55 -10.10 15.87
CA ARG B 166 11.00 -9.52 17.13
C ARG B 166 12.11 -10.30 17.85
N SER B 167 12.84 -11.16 17.13
CA SER B 167 13.91 -11.94 17.76
C SER B 167 15.17 -11.09 17.82
N TYR B 168 15.90 -11.22 18.92
CA TYR B 168 17.15 -10.46 19.09
C TYR B 168 18.29 -11.08 18.31
N LEU B 169 19.10 -10.23 17.70
CA LEU B 169 20.44 -10.61 17.28
C LEU B 169 21.33 -10.70 18.54
N PRO B 170 22.41 -11.50 18.49
CA PRO B 170 23.35 -11.56 19.64
C PRO B 170 24.16 -10.26 19.83
N ASP B 171 24.31 -9.48 18.77
CA ASP B 171 25.12 -8.26 18.76
C ASP B 171 24.76 -7.32 19.94
N THR B 172 25.75 -6.84 20.66
CA THR B 172 25.53 -5.95 21.79
C THR B 172 26.63 -4.90 21.76
N LEU B 173 26.28 -3.61 21.72
CA LEU B 173 27.30 -2.58 21.68
C LEU B 173 27.24 -1.74 22.95
N GLU B 174 28.32 -1.78 23.73
CA GLU B 174 28.45 -1.04 24.97
C GLU B 174 29.20 0.29 24.77
N TRP B 175 29.20 1.09 25.83
CA TRP B 175 29.95 2.35 25.91
C TRP B 175 29.47 3.40 24.95
N VAL B 176 28.16 3.44 24.78
CA VAL B 176 27.48 4.43 23.97
C VAL B 176 26.75 5.38 24.93
N LYS B 177 26.66 6.65 24.56
CA LYS B 177 25.80 7.60 25.27
C LYS B 177 24.70 8.09 24.32
N PHE B 178 24.99 9.10 23.51
CA PHE B 178 23.97 9.74 22.68
C PHE B 178 24.12 9.44 21.20
N SER B 179 24.94 8.45 20.88
CA SER B 179 25.25 8.15 19.49
C SER B 179 23.99 7.70 18.73
N PRO B 180 23.87 8.12 17.47
CA PRO B 180 22.93 7.46 16.58
C PRO B 180 23.48 6.11 16.08
N ALA B 181 22.66 5.40 15.31
CA ALA B 181 23.05 4.17 14.64
C ALA B 181 22.67 4.40 13.19
N ILE B 182 23.67 4.67 12.37
CA ILE B 182 23.47 5.16 11.01
C ILE B 182 23.75 4.04 10.00
N TRP B 183 22.71 3.53 9.39
CA TRP B 183 22.80 2.31 8.59
C TRP B 183 23.30 2.60 7.18
N THR B 184 24.13 1.70 6.67
CA THR B 184 24.51 1.74 5.26
C THR B 184 23.42 1.10 4.43
N HIS B 185 23.31 1.49 3.17
CA HIS B 185 22.25 1.05 2.29
C HIS B 185 22.31 -0.40 1.87
N ASP B 186 23.44 -1.06 2.13
CA ASP B 186 23.55 -2.50 1.92
C ASP B 186 22.96 -3.33 3.08
N ASN B 187 22.52 -2.68 4.16
CA ASN B 187 21.95 -3.38 5.31
C ASN B 187 22.94 -4.27 6.07
N LYS B 188 24.23 -4.03 5.90
CA LYS B 188 25.26 -4.88 6.51
C LYS B 188 25.66 -4.43 7.91
N GLY B 189 25.35 -3.20 8.25
CA GLY B 189 25.73 -2.65 9.52
C GLY B 189 25.52 -1.15 9.58
N PHE B 190 26.07 -0.55 10.60
CA PHE B 190 25.85 0.86 10.88
C PHE B 190 27.03 1.53 11.54
N PHE B 191 27.12 2.83 11.30
CA PHE B 191 28.05 3.69 11.99
C PHE B 191 27.46 4.08 13.32
N TYR B 192 28.33 4.21 14.30
CA TYR B 192 27.97 4.70 15.63
C TYR B 192 29.24 5.30 16.28
N CYS B 193 29.05 5.99 17.40
CA CYS B 193 30.10 6.80 18.02
C CYS B 193 30.29 6.48 19.50
N PRO B 194 30.95 5.37 19.82
CA PRO B 194 31.16 4.97 21.20
C PRO B 194 32.36 5.62 21.86
N TYR B 195 32.50 5.38 23.16
CA TYR B 195 33.65 5.80 23.92
C TYR B 195 34.50 4.55 24.19
N PRO B 196 35.81 4.70 24.43
CA PRO B 196 36.63 3.52 24.73
C PRO B 196 36.22 2.85 26.06
N PRO B 197 36.44 1.52 26.20
CA PRO B 197 36.04 0.75 27.41
C PRO B 197 36.59 1.27 28.75
N ALA B 209 33.89 10.28 29.98
CA ALA B 209 33.46 10.25 28.57
C ALA B 209 34.36 11.16 27.73
N VAL B 210 35.50 10.61 27.36
CA VAL B 210 36.50 11.33 26.55
C VAL B 210 36.99 10.39 25.44
N ASN B 211 37.70 10.96 24.45
CA ASN B 211 38.25 10.20 23.34
C ASN B 211 37.17 9.41 22.57
N GLN B 212 36.03 10.05 22.33
CA GLN B 212 34.97 9.46 21.51
C GLN B 212 35.50 9.03 20.16
N GLU B 213 35.00 7.90 19.68
CA GLU B 213 35.44 7.31 18.42
C GLU B 213 34.26 7.26 17.46
N ALA B 214 34.56 7.26 16.17
CA ALA B 214 33.57 6.88 15.16
C ALA B 214 33.94 5.46 14.71
N ARG B 215 32.95 4.56 14.74
CA ARG B 215 33.12 3.15 14.44
C ARG B 215 32.05 2.66 13.49
N TYR B 216 32.32 1.53 12.84
CA TYR B 216 31.31 0.86 12.03
C TYR B 216 31.17 -0.56 12.55
N HIS B 217 29.93 -0.96 12.79
CA HIS B 217 29.60 -2.29 13.29
C HIS B 217 28.97 -3.09 12.17
N PHE B 218 29.56 -4.23 11.84
CA PHE B 218 28.92 -5.18 10.94
C PHE B 218 27.98 -6.09 11.72
N LEU B 219 26.74 -6.23 11.25
CA LEU B 219 25.80 -7.19 11.83
C LEU B 219 26.40 -8.58 11.89
N GLY B 220 26.14 -9.28 13.00
CA GLY B 220 26.63 -10.63 13.23
C GLY B 220 28.05 -10.74 13.75
N THR B 221 28.63 -9.62 14.20
CA THR B 221 30.00 -9.63 14.74
C THR B 221 29.96 -9.06 16.14
N ASP B 222 31.01 -9.35 16.90
CA ASP B 222 31.21 -8.81 18.23
C ASP B 222 31.67 -7.37 18.08
N GLN B 223 31.35 -6.54 19.07
CA GLN B 223 31.84 -5.16 19.13
C GLN B 223 33.35 -5.01 18.96
N SER B 224 34.12 -5.96 19.50
CA SER B 224 35.59 -5.95 19.36
C SER B 224 36.10 -5.94 17.91
N GLU B 225 35.27 -6.40 16.97
CA GLU B 225 35.57 -6.36 15.53
C GLU B 225 35.18 -5.10 14.78
N ASP B 226 34.60 -4.12 15.48
CA ASP B 226 34.13 -2.89 14.84
C ASP B 226 35.29 -2.08 14.29
N ILE B 227 35.06 -1.46 13.14
CA ILE B 227 36.09 -0.81 12.36
C ILE B 227 36.25 0.59 12.93
N LEU B 228 37.49 1.01 13.16
CA LEU B 228 37.73 2.36 13.67
C LEU B 228 37.83 3.28 12.47
N LEU B 229 37.05 4.37 12.49
CA LEU B 229 37.08 5.37 11.42
C LEU B 229 37.76 6.66 11.87
N TRP B 230 37.52 7.07 13.11
CA TRP B 230 38.09 8.30 13.60
C TRP B 230 38.27 8.24 15.11
N ARG B 231 39.42 8.71 15.56
CA ARG B 231 39.59 9.21 16.91
C ARG B 231 40.67 10.25 16.92
N ASP B 232 40.73 11.05 17.97
CA ASP B 232 41.74 12.08 18.13
C ASP B 232 42.18 12.11 19.62
N LEU B 233 43.24 11.38 19.91
CA LEU B 233 43.83 11.34 21.25
C LEU B 233 44.43 12.68 21.69
N GLU B 234 44.86 13.51 20.72
CA GLU B 234 45.37 14.85 21.01
C GLU B 234 44.30 15.89 21.42
N ASN B 235 43.02 15.58 21.19
CA ASN B 235 41.90 16.45 21.60
C ASN B 235 40.80 15.60 22.23
N PRO B 236 41.05 15.11 23.46
CA PRO B 236 40.11 14.16 24.08
C PRO B 236 38.66 14.65 24.26
N ALA B 237 38.46 15.97 24.39
CA ALA B 237 37.13 16.53 24.63
C ALA B 237 36.30 16.84 23.37
N HIS B 238 36.89 16.70 22.18
CA HIS B 238 36.11 16.84 20.94
C HIS B 238 35.09 15.73 20.86
N HIS B 239 33.84 16.07 20.56
CA HIS B 239 32.78 15.07 20.46
C HIS B 239 32.22 15.03 19.02
N LEU B 240 31.46 13.98 18.75
CA LEU B 240 31.16 13.61 17.37
C LEU B 240 29.68 13.49 17.11
N LYS B 241 29.28 13.84 15.89
CA LYS B 241 27.97 13.50 15.36
C LYS B 241 28.22 12.94 13.97
N CYS B 242 27.28 12.19 13.43
CA CYS B 242 27.50 11.66 12.11
C CYS B 242 26.20 11.42 11.36
N GLN B 243 26.36 11.15 10.07
CA GLN B 243 25.26 11.14 9.16
C GLN B 243 25.72 10.40 7.93
N ILE B 244 24.80 9.75 7.24
CA ILE B 244 25.06 9.20 5.92
C ILE B 244 24.12 9.93 4.96
N THR B 245 24.62 10.24 3.78
CA THR B 245 23.81 10.92 2.79
C THR B 245 22.67 10.02 2.30
N ASP B 246 21.61 10.63 1.77
CA ASP B 246 20.42 9.87 1.40
C ASP B 246 20.70 8.83 0.30
N ASP B 247 21.65 9.13 -0.59
CA ASP B 247 22.06 8.19 -1.66
C ASP B 247 22.95 7.03 -1.14
N GLY B 248 23.34 7.07 0.14
CA GLY B 248 24.19 6.06 0.71
C GLY B 248 25.68 6.16 0.41
N LYS B 249 26.10 7.19 -0.31
CA LYS B 249 27.46 7.26 -0.84
C LYS B 249 28.52 7.87 0.09
N TYR B 250 28.13 8.80 0.96
CA TYR B 250 29.08 9.48 1.84
C TYR B 250 28.72 9.32 3.29
N PHE B 251 29.72 9.04 4.10
CA PHE B 251 29.61 9.13 5.55
C PHE B 251 30.17 10.49 5.95
N LEU B 252 29.38 11.26 6.70
CA LEU B 252 29.78 12.58 7.18
C LEU B 252 30.01 12.51 8.66
N LEU B 253 31.17 13.00 9.09
CA LEU B 253 31.52 13.07 10.48
C LEU B 253 31.62 14.55 10.84
N TYR B 254 30.85 14.93 11.84
CA TYR B 254 30.89 16.28 12.38
C TYR B 254 31.64 16.26 13.71
N ILE B 255 32.61 17.14 13.86
CA ILE B 255 33.39 17.22 15.09
C ILE B 255 33.07 18.54 15.77
N LEU B 256 32.75 18.46 17.06
CA LEU B 256 32.34 19.62 17.85
C LEU B 256 33.25 19.79 19.04
N ASP B 257 33.39 21.01 19.50
CA ASP B 257 34.17 21.33 20.68
C ASP B 257 33.23 22.05 21.64
N GLY B 258 32.97 21.48 22.80
CA GLY B 258 32.15 22.15 23.82
C GLY B 258 30.69 22.24 23.40
N CYS B 259 30.04 23.32 23.80
CA CYS B 259 28.61 23.56 23.57
CA CYS B 259 28.61 23.54 23.55
C CYS B 259 28.30 24.50 22.38
N ASP B 260 29.32 25.13 21.83
CA ASP B 260 29.18 26.12 20.74
C ASP B 260 28.55 25.50 19.47
N ASP B 261 27.74 26.27 18.75
CA ASP B 261 27.12 25.82 17.49
C ASP B 261 28.17 26.09 16.40
N ALA B 262 29.14 25.16 16.34
CA ALA B 262 30.23 25.19 15.35
C ALA B 262 30.81 23.80 15.23
N ASN B 263 31.14 23.40 14.01
CA ASN B 263 31.63 22.06 13.80
C ASN B 263 32.50 21.94 12.55
N LYS B 264 33.33 20.92 12.58
CA LYS B 264 34.09 20.51 11.41
C LYS B 264 33.18 19.60 10.60
N VAL B 265 33.54 19.41 9.33
CA VAL B 265 32.82 18.52 8.45
C VAL B 265 33.84 17.67 7.71
N TYR B 266 33.82 16.36 7.97
CA TYR B 266 34.68 15.40 7.29
C TYR B 266 33.78 14.48 6.47
N CYS B 267 34.20 14.22 5.24
CA CYS B 267 33.38 13.47 4.27
CA CYS B 267 33.38 13.47 4.27
C CYS B 267 34.16 12.25 3.79
N LEU B 268 33.57 11.06 3.92
CA LEU B 268 34.21 9.83 3.51
C LEU B 268 33.38 9.22 2.38
N ASP B 269 33.99 9.07 1.21
CA ASP B 269 33.32 8.50 0.05
C ASP B 269 33.34 6.97 0.16
N LEU B 270 32.18 6.40 0.46
CA LEU B 270 32.07 4.96 0.71
C LEU B 270 32.18 4.15 -0.59
N THR B 271 31.90 4.76 -1.74
CA THR B 271 31.98 4.06 -3.04
C THR B 271 33.41 3.89 -3.56
N LYS B 272 34.36 4.70 -3.09
CA LYS B 272 35.75 4.62 -3.54
C LYS B 272 36.60 3.64 -2.75
N LEU B 273 36.03 3.02 -1.70
CA LEU B 273 36.75 2.04 -0.90
C LEU B 273 36.81 0.72 -1.69
N PRO B 274 38.05 0.18 -1.93
CA PRO B 274 38.23 -1.07 -2.69
C PRO B 274 37.38 -2.27 -2.25
N ASN B 275 37.32 -2.52 -0.94
CA ASN B 275 36.49 -3.61 -0.40
C ASN B 275 35.58 -3.12 0.74
N GLY B 276 34.85 -2.04 0.45
CA GLY B 276 33.95 -1.42 1.41
C GLY B 276 34.65 -1.00 2.69
N LEU B 277 33.91 -1.03 3.80
CA LEU B 277 34.47 -0.62 5.10
C LEU B 277 35.50 -1.60 5.64
N GLU B 278 35.43 -2.86 5.18
CA GLU B 278 36.47 -3.86 5.45
C GLU B 278 37.87 -3.40 5.04
N SER B 279 37.98 -2.49 4.07
CA SER B 279 39.25 -1.84 3.69
C SER B 279 40.08 -1.26 4.85
N PHE B 280 39.45 -0.91 5.97
CA PHE B 280 40.19 -0.39 7.15
C PHE B 280 40.45 -1.41 8.27
N SER B 286 43.00 6.65 11.76
CA SER B 286 41.83 7.29 11.14
C SER B 286 41.78 7.08 9.62
N ALA B 287 40.57 6.95 9.10
CA ALA B 287 40.30 6.72 7.67
C ALA B 287 40.56 8.01 6.85
N PRO B 288 40.74 7.89 5.50
CA PRO B 288 41.06 9.05 4.67
C PRO B 288 39.85 9.94 4.37
N PHE B 289 39.49 10.77 5.33
CA PHE B 289 38.41 11.73 5.16
C PHE B 289 38.83 12.88 4.25
N MET B 290 37.89 13.38 3.47
CA MET B 290 38.00 14.68 2.84
C MET B 290 37.61 15.70 3.91
N LYS B 291 38.58 16.48 4.36
CA LYS B 291 38.34 17.42 5.44
C LYS B 291 37.83 18.73 4.89
N LEU B 292 36.55 18.79 4.54
CA LEU B 292 35.94 19.97 3.92
C LEU B 292 36.02 21.21 4.80
N ILE B 293 35.63 21.04 6.06
CA ILE B 293 35.76 22.13 7.07
C ILE B 293 36.58 21.56 8.20
N ASP B 294 37.75 22.16 8.43
CA ASP B 294 38.68 21.66 9.44
C ASP B 294 38.99 22.70 10.53
N SER B 295 38.04 23.58 10.81
CA SER B 295 38.12 24.51 11.97
C SER B 295 36.76 24.56 12.67
N PHE B 296 36.69 25.25 13.80
CA PHE B 296 35.46 25.46 14.53
C PHE B 296 34.85 26.87 14.33
N ASP B 297 34.94 27.40 13.11
CA ASP B 297 34.48 28.76 12.86
C ASP B 297 32.96 28.92 12.74
N ALA B 298 32.27 27.86 12.33
CA ALA B 298 30.87 27.95 11.98
C ALA B 298 30.19 26.59 12.04
N SER B 299 28.86 26.62 12.09
CA SER B 299 28.05 25.41 12.05
C SER B 299 27.80 25.03 10.60
N TYR B 300 27.70 23.72 10.36
CA TYR B 300 27.43 23.17 9.05
C TYR B 300 26.65 21.87 9.24
N THR B 301 25.52 21.75 8.57
CA THR B 301 24.76 20.53 8.56
C THR B 301 24.42 20.23 7.11
N ALA B 302 24.79 19.05 6.64
CA ALA B 302 24.48 18.64 5.27
C ALA B 302 22.99 18.41 5.11
N ILE B 303 22.40 19.03 4.09
CA ILE B 303 20.98 18.88 3.80
C ILE B 303 20.76 17.92 2.63
N ALA B 304 21.57 18.05 1.59
CA ALA B 304 21.42 17.24 0.41
C ALA B 304 22.70 17.19 -0.37
N ASN B 305 22.82 16.20 -1.25
CA ASN B 305 23.86 16.20 -2.22
C ASN B 305 23.38 15.54 -3.51
N ASP B 306 23.98 15.99 -4.60
CA ASP B 306 23.83 15.38 -5.93
C ASP B 306 25.27 15.04 -6.31
N GLY B 307 25.64 13.76 -6.20
CA GLY B 307 27.05 13.35 -6.33
C GLY B 307 27.92 14.14 -5.35
N SER B 308 28.96 14.80 -5.87
CA SER B 308 29.87 15.59 -5.05
C SER B 308 29.42 16.99 -4.70
N VAL B 309 28.23 17.41 -5.18
CA VAL B 309 27.71 18.76 -4.96
C VAL B 309 26.79 18.74 -3.74
N PHE B 310 27.25 19.38 -2.65
CA PHE B 310 26.56 19.36 -1.38
C PHE B 310 25.83 20.65 -1.12
N THR B 311 24.70 20.53 -0.43
CA THR B 311 23.96 21.66 0.09
C THR B 311 24.07 21.61 1.61
N PHE B 312 24.54 22.71 2.21
CA PHE B 312 24.68 22.81 3.65
C PHE B 312 23.83 23.96 4.22
N GLN B 313 23.30 23.73 5.40
CA GLN B 313 22.85 24.79 6.27
C GLN B 313 24.08 25.24 7.05
N THR B 314 24.23 26.55 7.22
CA THR B 314 25.36 27.09 7.94
C THR B 314 25.06 28.41 8.60
N ASN B 315 25.80 28.72 9.67
CA ASN B 315 25.80 30.09 10.22
C ASN B 315 27.04 30.90 9.82
N LYS B 316 27.84 30.39 8.86
CA LYS B 316 29.03 31.11 8.39
C LYS B 316 28.65 32.45 7.78
N ASP B 317 29.13 33.55 8.39
CA ASP B 317 28.73 34.93 8.02
C ASP B 317 27.22 35.13 7.97
N ALA B 318 26.49 34.43 8.83
CA ALA B 318 25.05 34.37 8.74
C ALA B 318 24.48 34.00 10.11
N PRO B 319 24.42 34.97 11.03
CA PRO B 319 23.90 34.65 12.37
C PRO B 319 22.46 34.09 12.43
N ARG B 320 21.66 34.39 11.41
CA ARG B 320 20.32 33.82 11.25
C ARG B 320 20.28 32.59 10.33
N LYS B 321 21.45 32.13 9.90
CA LYS B 321 21.65 30.95 9.05
C LYS B 321 21.19 31.09 7.63
N LYS B 322 21.72 30.23 6.79
CA LYS B 322 21.46 30.22 5.36
C LYS B 322 21.77 28.85 4.77
N LEU B 323 21.43 28.65 3.49
CA LEU B 323 21.81 27.44 2.77
C LEU B 323 22.84 27.82 1.72
N VAL B 324 23.89 27.00 1.64
CA VAL B 324 25.00 27.20 0.71
C VAL B 324 25.28 25.90 -0.03
N ARG B 325 25.99 26.02 -1.13
CA ARG B 325 26.30 24.89 -1.98
C ARG B 325 27.77 24.90 -2.33
N VAL B 326 28.35 23.70 -2.34
CA VAL B 326 29.78 23.52 -2.63
C VAL B 326 29.97 22.16 -3.28
N ASP B 327 30.90 22.11 -4.21
CA ASP B 327 31.31 20.85 -4.86
C ASP B 327 32.56 20.37 -4.15
N LEU B 328 32.54 19.16 -3.61
CA LEU B 328 33.72 18.58 -2.95
C LEU B 328 34.96 18.49 -3.88
N ASN B 329 34.74 18.36 -5.17
CA ASN B 329 35.81 18.41 -6.15
C ASN B 329 36.38 19.83 -6.40
N ASN B 330 35.68 20.88 -5.96
CA ASN B 330 36.13 22.27 -6.09
C ASN B 330 35.81 23.02 -4.79
N PRO B 331 36.43 22.58 -3.68
CA PRO B 331 35.93 22.97 -2.34
C PRO B 331 36.21 24.39 -1.88
N SER B 332 36.93 25.18 -2.67
CA SER B 332 37.13 26.61 -2.34
C SER B 332 35.95 27.49 -2.73
N VAL B 333 35.06 26.98 -3.58
CA VAL B 333 33.97 27.78 -4.14
C VAL B 333 32.64 27.42 -3.48
N TRP B 334 32.17 28.30 -2.60
CA TRP B 334 30.91 28.16 -1.90
C TRP B 334 29.95 29.22 -2.45
N THR B 335 28.71 28.83 -2.70
CA THR B 335 27.71 29.72 -3.29
C THR B 335 26.44 29.69 -2.45
N ASP B 336 25.87 30.85 -2.11
CA ASP B 336 24.56 30.91 -1.45
C ASP B 336 23.48 30.27 -2.35
N LEU B 337 22.69 29.37 -1.78
CA LEU B 337 21.53 28.79 -2.44
C LEU B 337 20.26 29.50 -1.94
N VAL B 338 20.13 29.63 -0.61
CA VAL B 338 19.08 30.41 0.01
C VAL B 338 19.78 31.43 0.92
N PRO B 339 19.77 32.71 0.56
CA PRO B 339 20.49 33.70 1.38
C PRO B 339 19.95 33.84 2.80
N GLU B 340 20.78 34.33 3.69
CA GLU B 340 20.36 34.63 5.04
C GLU B 340 19.21 35.63 5.00
N SER B 341 18.14 35.38 5.75
CA SER B 341 17.08 36.38 5.90
C SER B 341 17.62 37.51 6.77
N LYS B 342 17.18 38.72 6.51
CA LYS B 342 17.56 39.86 7.33
C LYS B 342 16.86 39.86 8.69
N LYS B 343 15.74 39.14 8.84
CA LYS B 343 15.03 39.11 10.13
C LYS B 343 14.80 37.73 10.76
N ASP B 344 14.59 36.68 9.94
CA ASP B 344 14.16 35.37 10.44
C ASP B 344 15.26 34.32 10.49
N LEU B 345 15.24 33.53 11.56
CA LEU B 345 16.16 32.45 11.76
C LEU B 345 15.74 31.27 10.87
N LEU B 346 16.69 30.73 10.11
CA LEU B 346 16.50 29.46 9.39
C LEU B 346 16.88 28.38 10.38
N GLU B 347 15.88 27.76 10.99
CA GLU B 347 16.12 26.83 12.05
C GLU B 347 16.55 25.47 11.51
N SER B 348 15.87 24.98 10.48
CA SER B 348 16.25 23.70 9.89
C SER B 348 15.79 23.60 8.44
N ALA B 349 16.36 22.66 7.71
CA ALA B 349 16.03 22.44 6.31
C ALA B 349 16.06 20.97 6.03
N HIS B 350 15.15 20.50 5.16
CA HIS B 350 14.97 19.09 4.89
C HIS B 350 14.70 18.89 3.42
N ALA B 351 15.47 18.03 2.78
CA ALA B 351 15.22 17.69 1.38
C ALA B 351 14.13 16.63 1.37
N VAL B 352 13.15 16.81 0.48
CA VAL B 352 11.96 15.96 0.40
C VAL B 352 11.46 15.89 -1.03
N ASN B 353 10.70 14.83 -1.30
CA ASN B 353 10.08 14.64 -2.62
C ASN B 353 11.08 14.76 -3.76
N GLU B 354 12.28 14.23 -3.55
CA GLU B 354 13.38 14.19 -4.52
C GLU B 354 14.04 15.51 -4.87
N ASN B 355 13.23 16.54 -5.12
CA ASN B 355 13.71 17.80 -5.71
C ASN B 355 13.25 19.01 -4.94
N GLN B 356 12.79 18.85 -3.71
CA GLN B 356 12.32 20.00 -2.94
C GLN B 356 12.99 20.10 -1.59
N LEU B 357 12.83 21.28 -0.98
CA LEU B 357 13.30 21.57 0.35
C LEU B 357 12.13 22.11 1.17
N ILE B 358 12.03 21.66 2.41
CA ILE B 358 11.16 22.29 3.38
C ILE B 358 12.07 23.02 4.36
N LEU B 359 11.88 24.33 4.47
CA LEU B 359 12.65 25.18 5.38
C LEU B 359 11.77 25.60 6.54
N ARG B 360 12.28 25.45 7.75
CA ARG B 360 11.53 25.82 8.93
C ARG B 360 12.21 27.07 9.44
N TYR B 361 11.52 28.19 9.29
CA TYR B 361 11.98 29.48 9.77
C TYR B 361 11.31 29.78 11.11
N LEU B 362 12.00 30.53 11.96
CA LEU B 362 11.44 31.04 13.19
C LEU B 362 11.38 32.56 13.01
N SER B 363 10.16 33.08 12.96
CA SER B 363 9.88 34.47 12.69
C SER B 363 9.14 35.04 13.89
N ASP B 364 9.82 35.87 14.68
CA ASP B 364 9.32 36.32 15.97
C ASP B 364 8.74 35.19 16.82
N VAL B 365 9.55 34.14 16.94
CA VAL B 365 9.24 32.96 17.76
C VAL B 365 7.94 32.25 17.32
N LYS B 366 7.66 32.32 16.03
CA LYS B 366 6.58 31.54 15.43
C LYS B 366 7.16 30.87 14.19
N HIS B 367 6.77 29.64 13.95
CA HIS B 367 7.30 28.91 12.81
C HIS B 367 6.64 29.33 11.50
N VAL B 368 7.43 29.33 10.43
CA VAL B 368 6.96 29.50 9.07
C VAL B 368 7.64 28.39 8.27
N LEU B 369 6.86 27.61 7.53
CA LEU B 369 7.42 26.61 6.63
C LEU B 369 7.44 27.13 5.21
N GLU B 370 8.58 26.98 4.55
CA GLU B 370 8.70 27.34 3.13
C GLU B 370 9.04 26.09 2.35
N ILE B 371 8.39 25.91 1.21
CA ILE B 371 8.74 24.84 0.29
C ILE B 371 9.49 25.50 -0.84
N ARG B 372 10.68 25.00 -1.12
CA ARG B 372 11.53 25.51 -2.18
C ARG B 372 12.01 24.42 -3.12
N ASP B 373 12.41 24.85 -4.31
CA ASP B 373 13.05 23.96 -5.27
C ASP B 373 14.49 23.71 -4.80
N LEU B 374 14.89 22.45 -4.72
CA LEU B 374 16.24 22.12 -4.25
C LEU B 374 17.36 22.62 -5.17
N GLU B 375 17.19 22.44 -6.48
CA GLU B 375 18.24 22.83 -7.44
C GLU B 375 18.45 24.35 -7.49
N SER B 376 17.36 25.11 -7.61
CA SER B 376 17.45 26.57 -7.78
C SER B 376 17.35 27.36 -6.49
N GLY B 377 16.80 26.75 -5.44
CA GLY B 377 16.47 27.48 -4.21
C GLY B 377 15.22 28.35 -4.29
N ALA B 378 14.46 28.32 -5.39
CA ALA B 378 13.33 29.23 -5.59
C ALA B 378 12.17 28.90 -4.65
N LEU B 379 11.54 29.93 -4.09
CA LEU B 379 10.36 29.77 -3.24
C LEU B 379 9.17 29.28 -4.06
N GLN B 380 8.50 28.24 -3.59
CA GLN B 380 7.29 27.71 -4.22
C GLN B 380 6.05 28.01 -3.38
N HIS B 381 6.10 27.77 -2.07
CA HIS B 381 4.98 27.99 -1.16
C HIS B 381 5.47 28.40 0.21
N ARG B 382 4.64 29.18 0.91
CA ARG B 382 4.95 29.68 2.24
C ARG B 382 3.75 29.36 3.14
N LEU B 383 3.99 28.65 4.25
CA LEU B 383 2.93 28.23 5.19
C LEU B 383 3.23 28.80 6.59
N PRO B 384 2.62 29.95 6.95
CA PRO B 384 2.81 30.45 8.34
C PRO B 384 2.05 29.56 9.32
N ILE B 385 2.65 29.32 10.47
CA ILE B 385 2.11 28.41 11.48
C ILE B 385 1.62 29.26 12.67
N ASP B 386 0.51 28.83 13.27
CA ASP B 386 -0.01 29.50 14.48
C ASP B 386 0.99 29.43 15.63
N ILE B 387 0.75 30.24 16.65
CA ILE B 387 1.56 30.19 17.87
C ILE B 387 1.62 28.73 18.37
N GLY B 388 2.83 28.27 18.65
CA GLY B 388 3.10 26.89 18.97
C GLY B 388 4.40 26.51 18.32
N SER B 389 4.55 25.22 18.03
CA SER B 389 5.77 24.70 17.52
C SER B 389 5.52 23.59 16.51
N VAL B 390 6.17 23.69 15.37
CA VAL B 390 6.33 22.59 14.41
C VAL B 390 7.65 21.89 14.67
N ASP B 391 7.64 20.58 14.78
CA ASP B 391 8.89 19.83 14.85
C ASP B 391 8.75 18.40 14.32
N GLY B 392 9.85 17.66 14.37
CA GLY B 392 9.84 16.24 14.02
C GLY B 392 9.64 16.00 12.54
N ILE B 393 10.12 16.88 11.68
CA ILE B 393 10.13 16.56 10.25
C ILE B 393 11.21 15.50 10.02
N THR B 394 10.81 14.26 9.79
CA THR B 394 11.77 13.17 9.61
C THR B 394 11.83 12.57 8.20
N ALA B 395 11.04 13.10 7.25
CA ALA B 395 10.99 12.60 5.90
C ALA B 395 12.37 12.66 5.26
N ARG B 396 12.69 11.68 4.44
CA ARG B 396 13.93 11.68 3.72
C ARG B 396 13.70 12.16 2.29
N ARG B 397 14.80 12.44 1.60
CA ARG B 397 14.74 12.98 0.27
C ARG B 397 13.87 12.16 -0.68
N ARG B 398 13.93 10.84 -0.56
CA ARG B 398 13.12 9.97 -1.39
C ARG B 398 11.59 9.96 -1.08
N ASP B 399 11.19 10.43 0.09
CA ASP B 399 9.76 10.40 0.51
C ASP B 399 8.98 11.57 -0.12
N SER B 400 7.80 11.26 -0.63
CA SER B 400 6.91 12.30 -1.22
C SER B 400 5.89 12.93 -0.25
N VAL B 401 5.70 12.25 0.88
CA VAL B 401 4.76 12.70 1.93
C VAL B 401 5.59 13.08 3.15
N VAL B 402 5.41 14.31 3.63
CA VAL B 402 6.15 14.79 4.77
C VAL B 402 5.15 14.88 5.95
N PHE B 403 5.59 14.41 7.11
CA PHE B 403 4.80 14.47 8.31
C PHE B 403 5.53 15.35 9.29
N PHE B 404 4.77 16.04 10.12
CA PHE B 404 5.35 16.76 11.24
C PHE B 404 4.35 16.93 12.34
N LYS B 405 4.86 17.34 13.49
CA LYS B 405 4.04 17.46 14.68
C LYS B 405 3.89 18.94 15.03
N PHE B 406 2.67 19.34 15.34
CA PHE B 406 2.37 20.69 15.82
C PHE B 406 1.83 20.55 17.22
N THR B 407 2.34 21.38 18.12
CA THR B 407 1.84 21.46 19.50
CA THR B 407 1.83 21.46 19.50
C THR B 407 1.80 22.94 19.90
N SER B 408 0.95 23.24 20.86
CA SER B 408 0.89 24.59 21.39
C SER B 408 0.38 24.52 22.81
N ILE B 409 0.39 25.66 23.48
CA ILE B 409 -0.13 25.73 24.85
C ILE B 409 -1.56 25.18 24.93
N LEU B 410 -2.39 25.48 23.95
CA LEU B 410 -3.77 25.02 23.93
C LEU B 410 -4.08 23.87 22.94
N THR B 411 -3.06 23.31 22.31
CA THR B 411 -3.21 22.24 21.30
C THR B 411 -2.31 21.08 21.66
N PRO B 412 -2.90 19.95 22.13
CA PRO B 412 -2.06 18.89 22.61
C PRO B 412 -1.13 18.25 21.61
N GLY B 413 -1.53 18.16 20.35
CA GLY B 413 -0.66 17.49 19.40
C GLY B 413 -1.40 17.08 18.14
N ILE B 414 -0.97 17.63 17.02
CA ILE B 414 -1.50 17.25 15.72
C ILE B 414 -0.34 16.75 14.88
N VAL B 415 -0.49 15.58 14.27
CA VAL B 415 0.44 15.17 13.25
C VAL B 415 -0.21 15.57 11.92
N TYR B 416 0.46 16.50 11.24
CA TYR B 416 0.06 16.94 9.91
C TYR B 416 0.81 16.14 8.86
N GLN B 417 0.16 16.07 7.71
CA GLN B 417 0.66 15.39 6.54
C GLN B 417 0.62 16.43 5.43
N CYS B 418 1.72 16.53 4.68
CA CYS B 418 1.70 17.30 3.43
C CYS B 418 2.20 16.40 2.31
N ASP B 419 1.29 16.09 1.39
CA ASP B 419 1.62 15.30 0.21
C ASP B 419 2.14 16.30 -0.85
N LEU B 420 3.46 16.33 -1.02
CA LEU B 420 4.08 17.35 -1.84
C LEU B 420 3.77 17.28 -3.35
N ASN B 422 0.94 15.63 -4.74
CA ASN B 422 -0.46 15.74 -5.15
C ASN B 422 -1.19 16.96 -4.59
N ASP B 423 -0.81 17.44 -3.41
CA ASP B 423 -1.46 18.62 -2.83
C ASP B 423 -0.50 19.44 -1.94
N PRO B 424 0.54 20.02 -2.56
CA PRO B 424 1.45 20.88 -1.79
C PRO B 424 0.77 22.22 -1.37
N THR B 425 0.98 22.63 -0.13
CA THR B 425 0.30 23.82 0.47
C THR B 425 -0.95 23.50 1.24
N GLN B 426 -1.47 22.27 1.12
CA GLN B 426 -2.50 21.79 2.06
C GLN B 426 -1.87 20.93 3.15
N LEU B 427 -2.05 21.35 4.40
CA LEU B 427 -1.72 20.52 5.54
C LEU B 427 -2.98 19.75 5.90
N LYS B 428 -2.92 18.43 5.78
CA LYS B 428 -4.03 17.54 6.14
C LYS B 428 -3.75 16.99 7.55
N ILE B 429 -4.79 16.88 8.37
CA ILE B 429 -4.64 16.29 9.70
C ILE B 429 -4.53 14.78 9.54
N PHE B 430 -3.43 14.21 10.04
CA PHE B 430 -3.23 12.77 10.00
C PHE B 430 -3.64 12.16 11.36
N ARG B 431 -3.17 12.75 12.46
CA ARG B 431 -3.63 12.37 13.81
C ARG B 431 -3.84 13.63 14.58
N GLU B 432 -4.84 13.61 15.44
CA GLU B 432 -5.11 14.75 16.32
C GLU B 432 -5.39 14.25 17.72
N SER B 433 -4.58 14.66 18.68
CA SER B 433 -4.82 14.39 20.09
C SER B 433 -5.92 15.28 20.63
N VAL B 434 -6.70 14.77 21.59
CA VAL B 434 -7.77 15.55 22.22
C VAL B 434 -7.66 15.46 23.76
N VAL B 435 -7.54 16.59 24.45
CA VAL B 435 -7.56 16.60 25.92
C VAL B 435 -9.00 16.37 26.38
N PRO B 436 -9.26 15.35 27.21
CA PRO B 436 -10.64 15.13 27.69
C PRO B 436 -11.12 16.26 28.56
N ASP B 437 -12.36 16.72 28.36
CA ASP B 437 -13.00 17.74 29.19
C ASP B 437 -12.23 19.06 29.24
N PHE B 438 -11.73 19.47 28.08
CA PHE B 438 -11.05 20.75 27.97
C PHE B 438 -11.53 21.48 26.74
N ASP B 439 -12.07 22.68 26.96
CA ASP B 439 -12.58 23.54 25.94
C ASP B 439 -11.54 24.63 25.70
N ARG B 440 -10.74 24.42 24.67
CA ARG B 440 -9.71 25.32 24.14
C ARG B 440 -10.20 26.75 23.94
N SER B 441 -11.44 26.88 23.47
CA SER B 441 -11.99 28.18 23.08
C SER B 441 -12.23 29.15 24.25
N GLU B 442 -12.16 28.66 25.50
CA GLU B 442 -12.24 29.51 26.68
C GLU B 442 -10.94 30.28 26.99
N PHE B 443 -9.84 29.91 26.33
CA PHE B 443 -8.51 30.45 26.64
C PHE B 443 -7.89 31.04 25.40
N GLU B 444 -6.88 31.87 25.60
CA GLU B 444 -6.14 32.45 24.48
C GLU B 444 -4.67 32.66 24.81
N VAL B 445 -3.85 32.71 23.77
CA VAL B 445 -2.42 32.95 23.91
C VAL B 445 -2.07 34.13 23.04
N LYS B 446 -1.36 35.09 23.60
CA LYS B 446 -0.93 36.27 22.85
C LYS B 446 0.54 36.49 23.02
N GLN B 447 1.13 37.19 22.08
CA GLN B 447 2.53 37.53 22.14
C GLN B 447 2.62 39.03 22.35
N VAL B 448 3.44 39.44 23.30
CA VAL B 448 3.72 40.87 23.51
C VAL B 448 5.23 41.07 23.57
N PHE B 449 5.67 42.29 23.32
CA PHE B 449 7.05 42.65 23.41
C PHE B 449 7.20 43.65 24.54
N VAL B 450 8.12 43.36 25.45
CA VAL B 450 8.28 44.13 26.67
C VAL B 450 9.71 44.66 26.74
N PRO B 451 9.88 45.83 27.38
CA PRO B 451 11.21 46.44 27.42
C PRO B 451 12.11 45.87 28.52
N SER B 452 13.36 45.57 28.20
CA SER B 452 14.32 45.15 29.20
C SER B 452 15.03 46.39 29.76
N LYS B 453 15.84 46.15 30.79
CA LYS B 453 16.51 47.24 31.50
C LYS B 453 17.39 48.09 30.57
N ASP B 454 18.13 47.44 29.68
CA ASP B 454 19.01 48.15 28.73
C ASP B 454 18.31 48.73 27.48
N GLY B 455 16.96 48.72 27.45
CA GLY B 455 16.19 49.24 26.32
C GLY B 455 15.86 48.27 25.18
N THR B 456 16.40 47.07 25.25
CA THR B 456 16.05 45.99 24.32
C THR B 456 14.62 45.53 24.48
N LYS B 457 14.02 45.05 23.42
CA LYS B 457 12.67 44.48 23.34
C LYS B 457 12.72 42.96 23.53
N ILE B 458 11.91 42.36 24.40
CA ILE B 458 11.88 40.93 24.68
C ILE B 458 10.49 40.36 24.35
N PRO B 459 10.39 39.31 23.50
CA PRO B 459 9.05 38.73 23.26
C PRO B 459 8.66 37.80 24.43
N ILE B 460 7.41 37.86 24.81
CA ILE B 460 6.84 36.88 25.74
C ILE B 460 5.50 36.39 25.24
N PHE B 461 5.14 35.17 25.58
CA PHE B 461 3.81 34.65 25.33
C PHE B 461 3.06 34.68 26.66
N ILE B 462 1.80 35.09 26.61
CA ILE B 462 0.91 35.13 27.75
C ILE B 462 -0.34 34.31 27.43
N ALA B 463 -0.60 33.29 28.24
CA ALA B 463 -1.77 32.44 28.11
C ALA B 463 -2.66 32.63 29.31
N ALA B 464 -3.95 32.82 29.04
CA ALA B 464 -4.94 33.07 30.08
C ALA B 464 -6.34 32.81 29.56
N ARG B 465 -7.29 32.70 30.50
CA ARG B 465 -8.71 32.71 30.16
C ARG B 465 -9.04 33.98 29.39
N LYS B 466 -9.86 33.84 28.34
CA LYS B 466 -10.39 35.00 27.61
C LYS B 466 -11.17 35.95 28.51
N GLY B 467 -11.03 37.25 28.26
CA GLY B 467 -11.82 38.28 28.92
C GLY B 467 -11.50 38.58 30.37
N ILE B 468 -10.33 38.15 30.87
CA ILE B 468 -9.98 38.43 32.26
C ILE B 468 -9.74 39.91 32.51
N SER B 469 -10.03 40.33 33.74
CA SER B 469 -9.80 41.71 34.15
C SER B 469 -8.34 41.85 34.53
N LEU B 470 -7.70 42.89 34.01
CA LEU B 470 -6.33 43.18 34.37
C LEU B 470 -6.29 44.02 35.64
N ASP B 471 -6.69 43.39 36.75
CA ASP B 471 -6.82 44.03 38.06
C ASP B 471 -5.76 43.58 39.07
N GLY B 472 -4.74 42.86 38.59
CA GLY B 472 -3.64 42.39 39.41
C GLY B 472 -3.94 41.17 40.25
N SER B 473 -5.09 40.53 40.06
CA SER B 473 -5.60 39.49 40.99
C SER B 473 -5.17 38.06 40.68
N HIS B 474 -4.56 37.82 39.53
CA HIS B 474 -4.37 36.45 39.05
C HIS B 474 -3.00 35.89 39.44
N PRO B 475 -2.94 34.64 39.88
CA PRO B 475 -1.62 34.03 40.05
C PRO B 475 -0.98 33.82 38.70
N CYS B 476 0.33 33.95 38.66
CA CYS B 476 1.07 33.96 37.43
C CYS B 476 2.28 33.03 37.54
N GLU B 477 2.48 32.17 36.56
CA GLU B 477 3.66 31.33 36.47
C GLU B 477 4.42 31.76 35.22
N MET B 478 5.70 32.09 35.41
CA MET B 478 6.59 32.43 34.31
CA MET B 478 6.59 32.44 34.32
C MET B 478 7.72 31.40 34.18
N HIS B 479 7.98 31.01 32.93
CA HIS B 479 8.98 30.02 32.60
C HIS B 479 9.96 30.66 31.62
N GLY B 480 11.23 30.29 31.78
CA GLY B 480 12.27 30.69 30.83
C GLY B 480 13.46 29.77 30.93
N TYR B 481 14.41 29.98 30.01
CA TYR B 481 15.65 29.21 29.99
C TYR B 481 16.82 30.18 29.85
N GLY B 482 16.98 30.77 28.68
CA GLY B 482 17.96 31.81 28.43
C GLY B 482 19.39 31.34 28.36
N GLY B 483 19.73 30.57 27.35
CA GLY B 483 21.12 30.15 27.15
C GLY B 483 21.29 29.14 26.04
N PHE B 484 22.54 28.98 25.61
CA PHE B 484 22.97 27.86 24.75
C PHE B 484 22.31 27.83 23.40
N GLY B 485 21.80 28.99 22.97
CA GLY B 485 21.09 29.09 21.69
C GLY B 485 19.82 28.27 21.62
N ILE B 486 19.25 27.90 22.77
CA ILE B 486 18.03 27.10 22.79
C ILE B 486 16.82 28.01 22.56
N ASN B 487 15.94 27.58 21.68
CA ASN B 487 14.70 28.29 21.37
C ASN B 487 13.56 27.76 22.22
N MET B 488 12.96 28.63 23.02
CA MET B 488 11.84 28.25 23.90
C MET B 488 10.52 28.43 23.16
N MET B 489 9.87 27.32 22.82
CA MET B 489 8.61 27.38 22.10
C MET B 489 7.41 27.12 23.01
N PRO B 490 6.26 27.71 22.72
CA PRO B 490 5.06 27.50 23.54
C PRO B 490 4.38 26.19 23.18
N THR B 491 4.87 25.10 23.76
CA THR B 491 4.36 23.76 23.52
C THR B 491 3.32 23.34 24.54
N PHE B 492 2.71 22.17 24.32
CA PHE B 492 1.64 21.71 25.20
C PHE B 492 2.16 21.12 26.51
N SER B 493 1.52 21.50 27.62
CA SER B 493 1.68 20.89 28.93
C SER B 493 0.30 20.71 29.59
N ALA B 494 -0.02 19.49 30.02
CA ALA B 494 -1.30 19.25 30.66
C ALA B 494 -1.41 19.96 32.00
N SER B 495 -0.32 19.98 32.76
CA SER B 495 -0.33 20.62 34.07
C SER B 495 -0.54 22.11 33.93
N ARG B 496 -0.03 22.70 32.87
CA ARG B 496 -0.27 24.12 32.64
C ARG B 496 -1.76 24.42 32.44
N ILE B 497 -2.48 23.54 31.76
CA ILE B 497 -3.92 23.68 31.57
C ILE B 497 -4.64 23.59 32.90
N VAL B 498 -4.18 22.74 33.80
CA VAL B 498 -4.80 22.66 35.14
C VAL B 498 -4.63 24.01 35.85
N PHE B 499 -3.43 24.57 35.76
CA PHE B 499 -3.13 25.88 36.35
C PHE B 499 -4.05 26.99 35.81
N LEU B 500 -4.17 27.06 34.48
CA LEU B 500 -5.05 28.04 33.83
C LEU B 500 -6.51 27.87 34.22
N LYS B 501 -6.99 26.64 34.20
CA LYS B 501 -8.39 26.36 34.37
C LYS B 501 -8.83 26.27 35.83
N HIS B 502 -8.08 25.55 36.65
CA HIS B 502 -8.48 25.28 38.04
C HIS B 502 -7.82 26.15 39.09
N LEU B 503 -6.83 26.91 38.68
CA LEU B 503 -6.24 27.92 39.56
C LEU B 503 -6.44 29.33 39.03
N GLY B 504 -7.16 29.50 37.92
CA GLY B 504 -7.36 30.83 37.33
C GLY B 504 -6.03 31.52 37.01
N GLY B 505 -5.03 30.72 36.62
CA GLY B 505 -3.69 31.20 36.41
C GLY B 505 -3.47 31.90 35.08
N VAL B 506 -2.44 32.72 35.05
CA VAL B 506 -1.87 33.30 33.84
C VAL B 506 -0.48 32.68 33.65
N PHE B 507 -0.20 32.18 32.46
CA PHE B 507 1.09 31.56 32.20
C PHE B 507 1.87 32.42 31.23
N CYS B 508 3.14 32.62 31.53
CA CYS B 508 4.03 33.42 30.69
C CYS B 508 5.28 32.62 30.32
N LEU B 509 5.56 32.57 29.01
CA LEU B 509 6.82 32.02 28.52
C LEU B 509 7.62 33.17 27.98
N ALA B 510 8.80 33.42 28.54
CA ALA B 510 9.60 34.58 28.16
C ALA B 510 10.77 34.16 27.28
N ASN B 511 10.88 34.77 26.09
CA ASN B 511 11.97 34.44 25.16
C ASN B 511 13.14 35.39 25.37
N ILE B 512 13.84 35.16 26.44
CA ILE B 512 14.92 36.00 26.87
C ILE B 512 16.19 35.76 26.07
N ARG B 513 17.11 36.71 26.13
CA ARG B 513 18.40 36.56 25.46
C ARG B 513 19.19 35.36 26.01
N GLY B 514 20.21 34.95 25.26
CA GLY B 514 20.91 33.70 25.52
C GLY B 514 20.34 32.53 24.72
N GLY B 515 19.04 32.58 24.41
CA GLY B 515 18.45 31.63 23.49
C GLY B 515 18.87 31.89 22.07
N GLY B 516 18.29 31.13 21.14
CA GLY B 516 18.64 31.27 19.75
C GLY B 516 17.59 31.94 18.89
N GLU B 517 16.57 32.53 19.51
CA GLU B 517 15.33 32.86 18.79
C GLU B 517 15.53 33.89 17.69
N TYR B 518 16.46 34.82 17.91
CA TYR B 518 16.82 35.78 16.87
C TYR B 518 18.24 35.56 16.36
N GLY B 519 18.69 34.31 16.38
CA GLY B 519 19.98 33.93 15.87
C GLY B 519 21.13 34.13 16.85
N GLU B 520 22.33 34.03 16.27
CA GLU B 520 23.54 34.00 17.07
C GLU B 520 23.78 35.30 17.88
N GLU B 521 23.33 36.43 17.35
CA GLU B 521 23.48 37.72 18.07
C GLU B 521 22.64 37.73 19.37
N TRP B 522 21.47 37.06 19.34
CA TRP B 522 20.59 36.94 20.49
C TRP B 522 21.23 36.05 21.57
N HIS B 523 21.82 34.96 21.12
CA HIS B 523 22.56 34.05 21.97
C HIS B 523 23.71 34.78 22.64
N LYS B 524 24.53 35.47 21.86
CA LYS B 524 25.74 36.10 22.42
C LYS B 524 25.43 37.31 23.30
N ALA B 525 24.25 37.90 23.13
CA ALA B 525 23.84 39.01 24.00
C ALA B 525 23.39 38.50 25.37
N GLY B 526 23.37 37.19 25.57
CA GLY B 526 23.06 36.60 26.84
C GLY B 526 23.98 35.47 27.27
N PHE B 527 25.26 35.59 26.96
CA PHE B 527 26.27 34.62 27.43
C PHE B 527 27.54 35.31 27.90
N ARG B 528 28.38 34.56 28.59
CA ARG B 528 29.73 35.01 29.03
C ARG B 528 29.62 36.30 29.88
N ASP B 529 30.29 37.38 29.47
CA ASP B 529 30.16 38.70 30.15
C ASP B 529 28.73 39.29 30.17
N LYS B 530 27.86 38.86 29.26
CA LYS B 530 26.50 39.37 29.15
C LYS B 530 25.43 38.43 29.71
N LYS B 531 25.84 37.43 30.47
CA LYS B 531 24.88 36.52 31.09
C LYS B 531 23.86 37.28 31.95
N GLN B 532 24.29 38.35 32.61
CA GLN B 532 23.39 39.14 33.43
C GLN B 532 22.17 39.67 32.64
N ASN B 533 22.33 39.91 31.34
CA ASN B 533 21.22 40.35 30.49
C ASN B 533 20.05 39.40 30.52
N VAL B 534 20.34 38.10 30.65
CA VAL B 534 19.33 37.07 30.68
C VAL B 534 18.44 37.27 31.91
N PHE B 535 19.07 37.49 33.05
CA PHE B 535 18.33 37.65 34.29
C PHE B 535 17.54 38.97 34.27
N ASP B 536 18.15 40.04 33.76
CA ASP B 536 17.45 41.32 33.59
C ASP B 536 16.22 41.20 32.67
N ASP B 537 16.35 40.43 31.60
CA ASP B 537 15.25 40.20 30.68
C ASP B 537 14.09 39.52 31.39
N PHE B 538 14.41 38.49 32.15
CA PHE B 538 13.38 37.73 32.89
C PHE B 538 12.70 38.57 33.97
N ILE B 539 13.49 39.32 34.73
CA ILE B 539 12.98 40.29 35.68
C ILE B 539 12.05 41.31 35.00
N SER B 540 12.46 41.83 33.84
CA SER B 540 11.67 42.79 33.08
C SER B 540 10.32 42.25 32.63
N ALA B 541 10.26 40.96 32.32
CA ALA B 541 9.03 40.31 31.96
C ALA B 541 8.08 40.23 33.18
N ALA B 542 8.62 39.88 34.35
CA ALA B 542 7.80 39.89 35.56
C ALA B 542 7.28 41.30 35.87
N GLU B 543 8.14 42.30 35.72
CA GLU B 543 7.73 43.70 35.94
C GLU B 543 6.60 44.11 35.00
N TYR B 544 6.66 43.67 33.75
CA TYR B 544 5.58 43.92 32.80
C TYR B 544 4.26 43.29 33.24
N LEU B 545 4.30 42.03 33.66
CA LEU B 545 3.09 41.32 34.07
C LEU B 545 2.43 42.02 35.25
N ILE B 546 3.25 42.56 36.15
CA ILE B 546 2.75 43.36 37.27
C ILE B 546 2.22 44.72 36.83
N SER B 547 3.00 45.47 36.06
CA SER B 547 2.58 46.81 35.67
C SER B 547 1.30 46.79 34.83
N SER B 548 1.12 45.77 34.00
CA SER B 548 -0.01 45.72 33.11
C SER B 548 -1.25 45.11 33.76
N GLY B 549 -1.13 44.60 35.00
CA GLY B 549 -2.28 44.20 35.76
C GLY B 549 -2.69 42.73 35.63
N TYR B 550 -1.87 41.89 35.06
CA TYR B 550 -2.14 40.43 35.11
C TYR B 550 -2.05 39.93 36.54
N THR B 551 -1.09 40.45 37.29
CA THR B 551 -0.72 39.87 38.53
C THR B 551 -0.12 40.92 39.45
N LYS B 552 0.35 40.50 40.60
CA LYS B 552 1.10 41.37 41.52
C LYS B 552 2.32 40.63 42.04
N ALA B 553 3.27 41.39 42.56
CA ALA B 553 4.48 40.82 43.13
C ALA B 553 3.99 39.94 44.23
N ARG B 554 4.56 38.77 44.42
CA ARG B 554 4.07 37.86 45.45
C ARG B 554 2.96 36.93 44.97
N ARG B 555 2.32 37.25 43.85
CA ARG B 555 1.48 36.27 43.14
C ARG B 555 2.16 35.73 41.87
N VAL B 556 3.46 36.02 41.70
CA VAL B 556 4.26 35.53 40.57
C VAL B 556 5.15 34.35 41.01
N ALA B 557 5.02 33.24 40.31
CA ALA B 557 5.87 32.09 40.47
C ALA B 557 6.78 32.00 39.27
N ILE B 558 8.03 31.64 39.51
CA ILE B 558 8.98 31.40 38.43
C ILE B 558 9.52 29.98 38.48
N GLU B 559 9.70 29.37 37.30
CA GLU B 559 10.14 27.99 37.20
C GLU B 559 11.09 27.84 36.03
N GLY B 560 12.08 26.99 36.21
CA GLY B 560 13.08 26.72 35.17
C GLY B 560 13.92 25.52 35.54
N GLY B 561 14.52 24.90 34.54
CA GLY B 561 15.36 23.73 34.75
C GLY B 561 16.77 23.84 34.18
N ALA B 562 17.75 23.34 34.93
CA ALA B 562 19.18 23.27 34.55
C ALA B 562 19.78 24.67 34.37
N ASN B 563 20.12 25.10 33.15
CA ASN B 563 20.41 26.54 32.95
C ASN B 563 19.22 27.43 33.36
N GLY B 564 18.00 26.92 33.21
CA GLY B 564 16.80 27.63 33.68
C GLY B 564 16.65 27.64 35.21
N GLY B 565 17.23 26.67 35.89
CA GLY B 565 17.30 26.65 37.36
C GLY B 565 18.26 27.69 37.87
N LEU B 566 19.37 27.86 37.17
CA LEU B 566 20.27 29.00 37.42
C LEU B 566 19.53 30.33 37.27
N LEU B 567 18.77 30.46 36.19
CA LEU B 567 17.92 31.64 35.95
C LEU B 567 17.02 31.96 37.14
N VAL B 568 16.32 30.96 37.63
CA VAL B 568 15.42 31.13 38.77
C VAL B 568 16.22 31.58 40.03
N ALA B 569 17.30 30.87 40.35
CA ALA B 569 18.08 31.15 41.55
C ALA B 569 18.76 32.52 41.50
N ALA B 570 19.26 32.93 40.34
CA ALA B 570 19.85 34.26 40.23
C ALA B 570 18.80 35.36 40.36
N CYS B 571 17.62 35.17 39.73
CA CYS B 571 16.55 36.15 39.83
C CYS B 571 16.01 36.34 41.24
N ILE B 572 15.85 35.24 42.00
CA ILE B 572 15.38 35.41 43.37
C ILE B 572 16.44 35.99 44.29
N ASN B 573 17.73 35.77 44.01
CA ASN B 573 18.81 36.44 44.75
C ASN B 573 18.77 37.93 44.48
N GLN B 574 18.54 38.31 43.24
CA GLN B 574 18.63 39.71 42.85
C GLN B 574 17.35 40.49 43.15
N ARG B 575 16.18 39.87 42.98
CA ARG B 575 14.90 40.56 43.16
C ARG B 575 13.90 39.68 43.92
N PRO B 576 14.24 39.31 45.17
CA PRO B 576 13.32 38.43 45.91
C PRO B 576 11.92 39.04 46.13
N ASP B 577 11.84 40.37 46.17
CA ASP B 577 10.58 41.11 46.30
C ASP B 577 9.55 40.88 45.18
N LEU B 578 10.00 40.48 43.99
CA LEU B 578 9.12 40.33 42.84
C LEU B 578 8.33 39.03 42.82
N PHE B 579 8.72 38.05 43.63
CA PHE B 579 8.27 36.67 43.42
C PHE B 579 7.63 36.13 44.67
N GLY B 580 6.59 35.33 44.46
CA GLY B 580 5.93 34.62 45.56
C GLY B 580 6.34 33.16 45.65
N CYS B 581 6.85 32.60 44.56
CA CYS B 581 7.25 31.20 44.55
C CYS B 581 8.33 31.03 43.52
N ALA B 582 9.31 30.17 43.83
CA ALA B 582 10.44 29.90 42.94
C ALA B 582 10.69 28.40 42.94
N GLU B 583 10.72 27.81 41.75
CA GLU B 583 10.94 26.38 41.59
C GLU B 583 12.07 26.15 40.60
N ALA B 584 13.20 25.66 41.11
CA ALA B 584 14.41 25.49 40.31
C ALA B 584 14.67 24.02 40.21
N ASN B 585 14.58 23.50 38.99
CA ASN B 585 14.79 22.10 38.76
C ASN B 585 16.24 21.88 38.26
N CYS B 586 16.96 20.98 38.94
CA CYS B 586 18.34 20.62 38.62
C CYS B 586 19.21 21.78 38.14
N GLY B 587 19.22 22.86 38.91
CA GLY B 587 19.92 24.06 38.50
C GLY B 587 21.42 23.99 38.62
N VAL B 588 22.11 24.80 37.81
CA VAL B 588 23.54 25.00 37.93
C VAL B 588 23.74 26.16 38.92
N MET B 589 24.07 25.83 40.15
CA MET B 589 24.05 26.79 41.26
C MET B 589 25.42 27.26 41.75
N ASP B 590 26.44 26.42 41.62
CA ASP B 590 27.82 26.80 41.91
C ASP B 590 28.53 27.12 40.61
N MET B 591 28.54 28.40 40.28
CA MET B 591 29.16 28.83 39.02
C MET B 591 30.70 28.86 39.09
N LEU B 592 31.28 28.75 40.28
CA LEU B 592 32.73 28.71 40.39
C LEU B 592 33.29 27.32 40.19
N ARG B 593 32.50 26.28 40.41
CA ARG B 593 33.01 24.91 40.35
C ARG B 593 32.29 24.00 39.36
N PHE B 594 31.33 24.53 38.58
CA PHE B 594 30.50 23.65 37.71
C PHE B 594 31.37 22.87 36.72
N HIS B 595 32.45 23.49 36.27
CA HIS B 595 33.32 22.90 35.25
C HIS B 595 34.08 21.66 35.72
N LYS B 596 34.09 21.40 37.03
CA LYS B 596 34.83 20.29 37.61
C LYS B 596 34.03 18.99 37.68
N PHE B 597 32.73 19.01 37.40
CA PHE B 597 31.89 17.82 37.56
C PHE B 597 31.26 17.35 36.26
N THR B 598 31.33 16.03 36.06
CA THR B 598 30.86 15.30 34.89
C THR B 598 31.09 16.10 33.61
N LEU B 599 30.04 16.53 32.92
CA LEU B 599 30.21 17.21 31.64
C LEU B 599 30.11 18.72 31.72
N GLY B 600 30.15 19.26 32.94
CA GLY B 600 30.10 20.72 33.14
C GLY B 600 31.15 21.49 32.39
N TYR B 601 32.30 20.87 32.16
CA TYR B 601 33.40 21.50 31.42
C TYR B 601 32.99 21.88 29.98
N LEU B 602 31.96 21.22 29.43
CA LEU B 602 31.44 21.58 28.11
C LEU B 602 30.69 22.92 28.07
N TRP B 603 30.34 23.48 29.22
CA TRP B 603 29.52 24.68 29.29
C TRP B 603 30.32 25.96 29.44
N THR B 604 31.64 25.86 29.51
CA THR B 604 32.51 27.05 29.74
C THR B 604 32.44 28.00 28.57
N GLY B 605 32.10 27.51 27.38
CA GLY B 605 31.75 28.36 26.24
C GLY B 605 30.68 29.43 26.50
N ASP B 606 29.56 29.04 27.13
CA ASP B 606 28.47 29.98 27.45
C ASP B 606 28.75 30.74 28.77
N TYR B 607 29.32 30.07 29.76
CA TYR B 607 29.43 30.67 31.08
C TYR B 607 30.73 31.38 31.35
N GLY B 608 31.79 30.96 30.69
CA GLY B 608 33.15 31.24 31.15
C GLY B 608 33.55 30.24 32.21
N CYS B 609 34.73 30.46 32.79
CA CYS B 609 35.34 29.55 33.77
C CYS B 609 36.08 30.35 34.84
N SER B 610 35.92 29.95 36.09
CA SER B 610 36.52 30.67 37.21
C SER B 610 38.06 30.59 37.29
N ASP B 611 38.72 29.74 36.50
CA ASP B 611 40.18 29.71 36.45
C ASP B 611 40.79 30.87 35.62
N LYS B 612 39.96 31.69 34.99
CA LYS B 612 40.41 32.94 34.34
C LYS B 612 39.81 34.13 35.07
N GLU B 613 40.66 35.09 35.42
CA GLU B 613 40.26 36.18 36.31
C GLU B 613 39.07 37.01 35.78
N GLU B 614 39.15 37.40 34.51
CA GLU B 614 38.08 38.16 33.84
C GLU B 614 36.71 37.44 33.94
N GLU B 615 36.77 36.13 33.85
CA GLU B 615 35.57 35.31 33.80
C GLU B 615 35.09 35.04 35.22
N PHE B 616 36.01 34.79 36.15
CA PHE B 616 35.67 34.73 37.58
C PHE B 616 34.86 35.96 37.98
N LYS B 617 35.30 37.13 37.55
CA LYS B 617 34.63 38.38 37.92
C LYS B 617 33.18 38.47 37.44
N TRP B 618 32.86 37.92 36.25
N TRP B 618 32.87 37.91 36.25
CA TRP B 618 31.47 37.79 35.78
CA TRP B 618 31.47 37.88 35.82
C TRP B 618 30.70 36.82 36.64
C TRP B 618 30.69 36.81 36.61
N LEU B 619 31.31 35.68 36.90
CA LEU B 619 30.62 34.56 37.53
C LEU B 619 30.25 34.84 38.97
N ILE B 620 31.15 35.44 39.72
CA ILE B 620 30.94 35.69 41.13
C ILE B 620 29.75 36.60 41.39
N LYS B 621 29.43 37.48 40.44
CA LYS B 621 28.34 38.43 40.61
C LYS B 621 26.97 37.83 40.59
N TYR B 622 26.81 36.67 39.95
CA TYR B 622 25.53 35.99 39.91
C TYR B 622 25.47 34.55 40.35
N SER B 623 26.62 33.91 40.61
CA SER B 623 26.65 32.53 41.07
C SER B 623 25.69 32.36 42.23
N PRO B 624 24.65 31.51 42.08
CA PRO B 624 23.62 31.47 43.10
C PRO B 624 24.07 31.21 44.52
N ILE B 625 24.95 30.22 44.75
CA ILE B 625 25.37 29.92 46.14
C ILE B 625 26.26 30.99 46.75
N HIS B 626 26.76 31.91 45.93
CA HIS B 626 27.62 32.99 46.40
C HIS B 626 26.90 34.34 46.52
N ASN B 627 25.60 34.37 46.26
CA ASN B 627 24.82 35.62 46.31
C ASN B 627 23.52 35.53 47.11
N VAL B 628 23.47 34.61 48.07
CA VAL B 628 22.34 34.51 48.95
C VAL B 628 22.61 35.56 50.05
N ARG B 629 21.72 36.55 50.14
CA ARG B 629 21.80 37.61 51.15
C ARG B 629 20.42 37.86 51.74
N ARG B 630 20.39 38.25 53.01
CA ARG B 630 19.14 38.56 53.69
C ARG B 630 18.57 39.86 53.16
N PRO B 631 17.44 39.79 52.43
CA PRO B 631 16.94 41.02 51.79
C PRO B 631 16.49 42.08 52.78
N TRP B 632 15.94 41.65 53.91
CA TRP B 632 15.47 42.56 54.95
C TRP B 632 16.57 43.38 55.64
N GLU B 633 17.84 43.03 55.47
CA GLU B 633 18.95 43.83 55.99
C GLU B 633 19.38 45.00 55.10
N GLN B 634 18.83 45.10 53.89
CA GLN B 634 19.08 46.25 53.02
C GLN B 634 18.09 47.39 53.34
N PRO B 635 18.57 48.64 53.44
CA PRO B 635 17.66 49.72 53.87
C PRO B 635 16.49 49.95 52.90
N GLY B 636 15.30 50.21 53.44
CA GLY B 636 14.08 50.32 52.62
C GLY B 636 13.44 49.00 52.16
N ASN B 637 14.09 47.87 52.47
CA ASN B 637 13.67 46.54 51.98
C ASN B 637 13.31 45.66 53.18
N GLU B 638 12.97 46.26 54.32
CA GLU B 638 12.78 45.53 55.57
C GLU B 638 11.58 44.58 55.55
N GLU B 639 10.65 44.80 54.63
CA GLU B 639 9.45 43.97 54.48
C GLU B 639 9.67 42.75 53.57
N THR B 640 10.85 42.66 52.93
CA THR B 640 11.10 41.62 51.93
C THR B 640 11.67 40.34 52.54
N GLN B 641 11.24 39.21 52.03
CA GLN B 641 11.86 37.92 52.32
C GLN B 641 12.01 37.19 50.99
N TYR B 642 12.73 36.07 51.00
CA TYR B 642 12.78 35.24 49.82
C TYR B 642 11.40 34.63 49.56
N PRO B 643 11.07 34.37 48.28
CA PRO B 643 9.87 33.61 48.00
C PRO B 643 9.98 32.20 48.59
N ALA B 644 8.84 31.57 48.77
CA ALA B 644 8.81 30.12 49.03
C ALA B 644 9.55 29.47 47.86
N THR B 645 10.52 28.63 48.18
CA THR B 645 11.47 28.09 47.22
C THR B 645 11.44 26.57 47.32
N MET B 646 11.31 25.93 46.17
CA MET B 646 11.46 24.48 46.06
C MET B 646 12.60 24.21 45.06
N ILE B 647 13.63 23.51 45.53
CA ILE B 647 14.75 23.14 44.69
C ILE B 647 14.48 21.67 44.38
N LEU B 648 14.31 21.35 43.10
CA LEU B 648 14.04 19.97 42.69
C LEU B 648 15.28 19.38 42.06
N THR B 649 15.57 18.10 42.36
CA THR B 649 16.62 17.38 41.65
C THR B 649 16.40 15.87 41.77
N ALA B 650 16.83 15.15 40.75
CA ALA B 650 17.01 13.71 40.85
C ALA B 650 18.27 13.46 41.64
N ASP B 651 18.27 12.40 42.44
CA ASP B 651 19.41 12.08 43.31
C ASP B 651 20.65 11.60 42.52
N HIS B 652 20.47 11.11 41.29
CA HIS B 652 21.59 10.63 40.45
C HIS B 652 21.61 11.31 39.07
N ASP B 653 21.36 12.60 39.05
CA ASP B 653 21.49 13.37 37.83
C ASP B 653 23.00 13.48 37.49
N ASP B 654 23.40 12.89 36.38
CA ASP B 654 24.78 12.97 35.90
C ASP B 654 25.01 14.12 34.92
N ARG B 655 23.96 14.82 34.49
CA ARG B 655 24.09 15.97 33.61
C ARG B 655 24.46 17.19 34.48
N VAL B 656 23.56 17.52 35.41
CA VAL B 656 23.78 18.59 36.38
C VAL B 656 23.83 17.88 37.73
N VAL B 657 25.02 17.70 38.25
CA VAL B 657 25.20 16.95 39.49
C VAL B 657 24.39 17.61 40.63
N PRO B 658 23.76 16.79 41.49
CA PRO B 658 22.88 17.36 42.51
C PRO B 658 23.55 18.18 43.60
N LEU B 659 24.87 18.09 43.76
CA LEU B 659 25.60 18.97 44.70
C LEU B 659 25.25 20.43 44.49
N HIS B 660 24.98 20.84 43.25
CA HIS B 660 24.58 22.22 42.97
C HIS B 660 23.33 22.61 43.79
N SER B 661 22.28 21.82 43.63
CA SER B 661 21.04 21.99 44.39
C SER B 661 21.26 21.90 45.90
N PHE B 662 22.03 20.90 46.31
CA PHE B 662 22.24 20.67 47.75
C PHE B 662 22.97 21.84 48.41
N LYS B 663 24.02 22.35 47.74
CA LYS B 663 24.79 23.46 48.27
C LYS B 663 23.97 24.74 48.31
N LEU B 664 23.13 24.97 47.28
CA LEU B 664 22.24 26.13 47.33
C LEU B 664 21.24 26.01 48.48
N LEU B 665 20.65 24.82 48.62
CA LEU B 665 19.69 24.61 49.67
C LEU B 665 20.28 24.88 51.07
N ALA B 666 21.47 24.31 51.32
CA ALA B 666 22.16 24.48 52.58
C ALA B 666 22.51 25.95 52.81
N THR B 667 22.99 26.64 51.77
CA THR B 667 23.33 28.05 51.88
C THR B 667 22.11 28.92 52.19
N MET B 668 20.99 28.68 51.49
CA MET B 668 19.77 29.44 51.73
C MET B 668 19.21 29.21 53.13
N GLN B 669 19.14 27.95 53.53
CA GLN B 669 18.65 27.63 54.86
C GLN B 669 19.52 28.26 55.96
N HIS B 670 20.84 28.25 55.77
CA HIS B 670 21.76 28.90 56.72
C HIS B 670 21.58 30.41 56.76
N VAL B 671 21.72 31.08 55.63
CA VAL B 671 21.75 32.55 55.61
C VAL B 671 20.39 33.14 56.07
N LEU B 672 19.30 32.55 55.59
CA LEU B 672 17.97 33.09 55.78
C LEU B 672 17.24 32.57 57.03
N CYS B 673 17.56 31.37 57.52
CA CYS B 673 16.76 30.73 58.56
C CYS B 673 17.57 30.33 59.79
N THR B 674 18.50 29.39 59.67
CA THR B 674 19.15 28.80 60.85
C THR B 674 20.28 29.62 61.49
N SER B 675 20.87 30.56 60.77
CA SER B 675 21.88 31.46 61.37
C SER B 675 21.29 32.54 62.28
N LEU B 676 19.96 32.63 62.37
CA LEU B 676 19.25 33.61 63.21
C LEU B 676 18.30 32.90 64.13
N GLU B 677 18.08 33.46 65.31
CA GLU B 677 16.88 33.12 66.11
C GLU B 677 15.72 33.98 65.57
N ASP B 678 14.52 33.41 65.51
CA ASP B 678 13.33 34.07 64.99
C ASP B 678 13.57 34.91 63.72
N SER B 679 13.97 34.24 62.64
CA SER B 679 14.18 34.91 61.37
C SER B 679 12.88 35.48 60.80
N PRO B 680 12.95 36.62 60.10
CA PRO B 680 11.81 37.09 59.30
C PRO B 680 11.44 36.19 58.12
N GLN B 681 12.34 35.30 57.72
CA GLN B 681 12.06 34.37 56.63
C GLN B 681 11.04 33.31 57.09
N LYS B 682 9.79 33.47 56.67
CA LYS B 682 8.72 32.51 56.97
C LYS B 682 8.38 31.61 55.82
N ASN B 683 8.56 32.10 54.60
CA ASN B 683 8.32 31.28 53.41
C ASN B 683 9.29 30.09 53.44
N PRO B 684 8.81 28.86 53.20
CA PRO B 684 9.70 27.69 53.32
C PRO B 684 10.71 27.60 52.18
N ILE B 685 11.87 27.04 52.52
CA ILE B 685 12.95 26.76 51.60
C ILE B 685 13.27 25.28 51.68
N ILE B 686 12.83 24.52 50.67
CA ILE B 686 12.85 23.06 50.72
C ILE B 686 13.37 22.49 49.41
N ALA B 687 13.71 21.21 49.46
CA ALA B 687 14.08 20.49 48.26
C ALA B 687 13.20 19.29 48.09
N ARG B 688 12.77 19.06 46.85
CA ARG B 688 12.12 17.81 46.50
C ARG B 688 13.14 16.97 45.77
N ILE B 689 13.60 15.91 46.43
CA ILE B 689 14.67 15.10 45.90
C ILE B 689 14.07 13.79 45.41
N GLN B 690 14.10 13.57 44.10
CA GLN B 690 13.58 12.30 43.53
C GLN B 690 14.61 11.19 43.73
N ARG B 691 14.21 10.15 44.46
CA ARG B 691 15.05 8.98 44.73
C ARG B 691 15.09 8.06 43.50
N LYS B 692 16.22 7.42 43.28
CA LYS B 692 16.42 6.45 42.19
C LYS B 692 16.01 7.03 40.84
N ALA B 693 16.48 8.23 40.53
CA ALA B 693 16.23 8.86 39.25
C ALA B 693 17.50 9.45 38.65
N ALA B 694 17.55 9.39 37.32
CA ALA B 694 18.63 9.93 36.51
C ALA B 694 18.14 11.23 35.90
N HIS B 695 18.97 11.83 35.07
CA HIS B 695 18.55 12.99 34.30
C HIS B 695 17.47 12.66 33.27
N TYR B 696 17.57 11.49 32.66
CA TYR B 696 16.78 11.19 31.46
C TYR B 696 15.40 10.69 31.80
N GLY B 697 14.56 10.69 30.75
CA GLY B 697 13.10 10.71 30.82
C GLY B 697 12.26 9.82 31.74
N ARG B 698 11.81 10.46 32.80
CA ARG B 698 11.02 9.86 33.80
C ARG B 698 9.67 9.32 33.27
N ALA B 699 9.30 8.22 33.85
CA ALA B 699 8.02 7.58 33.62
C ALA B 699 6.87 8.57 33.89
N THR B 700 5.80 8.45 33.11
CA THR B 700 4.62 9.28 33.20
C THR B 700 4.16 9.58 34.63
N MET B 701 3.92 8.55 35.43
CA MET B 701 3.43 8.75 36.80
C MET B 701 4.43 9.41 37.75
N THR B 702 5.70 9.13 37.55
CA THR B 702 6.79 9.79 38.31
C THR B 702 6.84 11.28 38.02
N GLN B 703 6.78 11.61 36.73
CA GLN B 703 6.73 12.99 36.33
C GLN B 703 5.46 13.71 36.82
N ILE B 704 4.31 13.06 36.72
CA ILE B 704 3.06 13.64 37.23
C ILE B 704 3.17 13.91 38.72
N ALA B 705 3.73 12.97 39.49
CA ALA B 705 3.88 13.18 40.94
C ALA B 705 4.73 14.43 41.26
N GLU B 706 5.84 14.59 40.53
CA GLU B 706 6.72 15.77 40.69
C GLU B 706 5.98 17.07 40.39
N VAL B 707 5.27 17.08 39.26
CA VAL B 707 4.56 18.28 38.82
C VAL B 707 3.37 18.61 39.73
N ALA B 708 2.65 17.62 40.21
CA ALA B 708 1.59 17.85 41.19
C ALA B 708 2.14 18.48 42.48
N ASP B 709 3.28 17.99 42.96
CA ASP B 709 3.92 18.53 44.18
C ASP B 709 4.30 19.98 43.94
N ARG B 710 4.93 20.23 42.80
CA ARG B 710 5.35 21.56 42.38
C ARG B 710 4.16 22.58 42.33
N TYR B 711 3.05 22.21 41.70
CA TYR B 711 1.87 23.08 41.62
C TYR B 711 1.11 23.23 42.93
N GLY B 712 1.03 22.18 43.74
CA GLY B 712 0.45 22.30 45.08
C GLY B 712 1.21 23.26 45.99
N PHE B 713 2.54 23.17 45.92
CA PHE B 713 3.42 24.09 46.65
C PHE B 713 3.22 25.51 46.15
N MET B 714 3.21 25.67 44.83
CA MET B 714 2.98 26.99 44.25
C MET B 714 1.61 27.57 44.65
N ALA B 715 0.56 26.76 44.62
CA ALA B 715 -0.77 27.25 44.98
C ALA B 715 -0.79 27.77 46.42
N LYS B 716 -0.20 26.99 47.33
CA LYS B 716 -0.06 27.38 48.73
C LYS B 716 0.80 28.66 48.87
N ALA B 717 1.94 28.73 48.17
CA ALA B 717 2.84 29.91 48.23
C ALA B 717 2.20 31.17 47.70
N LEU B 718 1.43 31.05 46.62
CA LEU B 718 0.72 32.20 46.04
C LEU B 718 -0.66 32.48 46.67
N GLU B 719 -1.10 31.63 47.60
CA GLU B 719 -2.42 31.75 48.25
C GLU B 719 -3.54 31.78 47.20
N ALA B 720 -3.46 30.84 46.26
CA ALA B 720 -4.39 30.77 45.15
C ALA B 720 -5.36 29.63 45.41
N PRO B 721 -6.67 29.92 45.48
CA PRO B 721 -7.62 28.84 45.72
C PRO B 721 -7.92 28.02 44.45
N TRP B 722 -8.36 26.80 44.68
CA TRP B 722 -8.83 25.93 43.61
C TRP B 722 -10.19 26.41 43.11
N ILE B 723 -10.40 26.29 41.81
CA ILE B 723 -11.65 26.63 41.16
C ILE B 723 -12.14 25.35 40.49
N ASP B 724 -13.36 24.92 40.84
CA ASP B 724 -13.89 23.61 40.43
C ASP B 724 -14.25 23.56 38.95
N GLY C 5 -36.24 -18.84 -56.77
CA GLY C 5 -34.97 -19.32 -56.19
C GLY C 5 -33.76 -18.96 -57.04
N PHE C 6 -32.65 -19.63 -56.75
CA PHE C 6 -31.40 -19.40 -57.53
C PHE C 6 -31.57 -19.98 -58.92
N SER C 7 -31.23 -19.18 -59.94
CA SER C 7 -31.39 -19.59 -61.36
C SER C 7 -30.19 -19.23 -62.28
N LYS C 8 -29.46 -18.17 -61.98
CA LYS C 8 -28.25 -17.80 -62.72
C LYS C 8 -27.21 -18.93 -62.68
N PRO C 9 -26.60 -19.28 -63.85
CA PRO C 9 -25.55 -20.30 -63.83
C PRO C 9 -24.30 -19.80 -63.07
N LEU C 10 -23.70 -20.69 -62.29
CA LEU C 10 -22.61 -20.33 -61.39
C LEU C 10 -21.29 -20.68 -62.06
N HIS C 11 -20.32 -19.77 -61.98
CA HIS C 11 -19.01 -20.00 -62.53
C HIS C 11 -18.07 -20.27 -61.40
N TYR C 12 -17.93 -21.55 -61.07
CA TYR C 12 -17.08 -21.92 -59.96
C TYR C 12 -15.62 -21.74 -60.38
N PRO C 13 -14.81 -21.08 -59.53
CA PRO C 13 -13.43 -20.84 -59.94
C PRO C 13 -12.59 -22.12 -59.88
N PRO C 14 -11.54 -22.20 -60.71
CA PRO C 14 -10.59 -23.32 -60.62
C PRO C 14 -9.83 -23.35 -59.29
N VAL C 15 -9.72 -24.54 -58.71
CA VAL C 15 -9.02 -24.75 -57.47
C VAL C 15 -8.12 -25.95 -57.67
N ARG C 16 -6.81 -25.76 -57.57
CA ARG C 16 -5.86 -26.83 -57.86
C ARG C 16 -5.92 -27.97 -56.83
N ARG C 17 -5.82 -29.20 -57.33
CA ARG C 17 -5.76 -30.38 -56.50
C ARG C 17 -4.35 -30.92 -56.46
N ASP C 18 -3.79 -31.07 -55.27
CA ASP C 18 -2.51 -31.74 -55.07
C ASP C 18 -2.77 -33.24 -54.89
N GLU C 19 -2.64 -33.98 -55.99
CA GLU C 19 -2.95 -35.42 -55.99
C GLU C 19 -1.87 -36.29 -55.29
N THR C 20 -0.72 -35.70 -54.95
CA THR C 20 0.34 -36.45 -54.27
C THR C 20 0.17 -36.58 -52.75
N VAL C 21 -0.68 -35.76 -52.13
CA VAL C 21 -0.78 -35.75 -50.66
C VAL C 21 -1.73 -36.85 -50.21
N VAL C 22 -1.14 -37.91 -49.65
CA VAL C 22 -1.90 -39.05 -49.14
C VAL C 22 -1.29 -39.44 -47.80
N ASP C 23 -2.12 -39.64 -46.78
CA ASP C 23 -1.66 -40.07 -45.47
C ASP C 23 -2.24 -41.41 -45.14
N ASP C 24 -1.47 -42.24 -44.45
CA ASP C 24 -1.94 -43.52 -43.97
C ASP C 24 -2.32 -43.39 -42.50
N TYR C 25 -3.58 -43.67 -42.20
CA TYR C 25 -4.05 -43.71 -40.82
C TYR C 25 -4.44 -45.15 -40.53
N PHE C 26 -3.50 -45.88 -39.93
CA PHE C 26 -3.76 -47.26 -39.48
C PHE C 26 -4.26 -48.17 -40.61
N GLY C 27 -3.64 -48.04 -41.77
CA GLY C 27 -3.99 -48.83 -42.97
C GLY C 27 -5.03 -48.21 -43.88
N VAL C 28 -5.68 -47.13 -43.45
CA VAL C 28 -6.65 -46.42 -44.28
C VAL C 28 -5.96 -45.25 -44.97
N LYS C 29 -6.00 -45.21 -46.31
CA LYS C 29 -5.40 -44.14 -47.08
C LYS C 29 -6.39 -42.98 -47.20
N VAL C 30 -5.94 -41.78 -46.85
CA VAL C 30 -6.77 -40.58 -46.87
C VAL C 30 -6.05 -39.52 -47.71
N ALA C 31 -6.67 -39.14 -48.84
CA ALA C 31 -6.13 -38.11 -49.71
C ALA C 31 -6.45 -36.75 -49.10
N ASP C 32 -5.55 -35.79 -49.29
CA ASP C 32 -5.79 -34.40 -48.85
C ASP C 32 -5.36 -33.44 -49.97
N PRO C 33 -6.14 -33.40 -51.07
CA PRO C 33 -5.73 -32.63 -52.24
C PRO C 33 -5.69 -31.11 -52.04
N TYR C 34 -6.33 -30.58 -51.00
CA TYR C 34 -6.32 -29.16 -50.70
C TYR C 34 -5.48 -28.83 -49.46
N ARG C 35 -4.48 -29.69 -49.17
CA ARG C 35 -3.49 -29.48 -48.10
C ARG C 35 -2.85 -28.08 -48.15
N TRP C 36 -2.54 -27.63 -49.34
CA TRP C 36 -1.97 -26.30 -49.58
C TRP C 36 -2.79 -25.11 -49.04
N LEU C 37 -4.11 -25.28 -48.91
CA LEU C 37 -4.96 -24.27 -48.26
C LEU C 37 -4.65 -24.05 -46.76
N GLU C 38 -3.90 -24.96 -46.13
CA GLU C 38 -3.44 -24.78 -44.74
C GLU C 38 -2.41 -23.67 -44.54
N ASP C 39 -1.84 -23.18 -45.63
CA ASP C 39 -0.92 -22.03 -45.60
C ASP C 39 -1.70 -20.77 -45.99
N PRO C 40 -2.03 -19.90 -45.01
CA PRO C 40 -2.84 -18.71 -45.32
C PRO C 40 -2.06 -17.60 -46.05
N ASN C 41 -0.73 -17.69 -46.05
CA ASN C 41 0.12 -16.63 -46.58
C ASN C 41 0.53 -16.79 -48.04
N SER C 42 0.27 -17.95 -48.63
CA SER C 42 0.71 -18.23 -49.99
C SER C 42 -0.14 -17.45 -51.01
N GLU C 43 0.45 -17.11 -52.14
CA GLU C 43 -0.32 -16.42 -53.19
C GLU C 43 -1.50 -17.29 -53.68
N GLU C 44 -1.30 -18.60 -53.71
CA GLU C 44 -2.37 -19.49 -54.14
C GLU C 44 -3.56 -19.49 -53.16
N THR C 45 -3.31 -19.44 -51.85
CA THR C 45 -4.39 -19.36 -50.89
C THR C 45 -5.08 -17.99 -50.95
N LYS C 46 -4.30 -16.92 -51.07
CA LYS C 46 -4.90 -15.58 -51.22
C LYS C 46 -5.73 -15.46 -52.50
N GLU C 47 -5.28 -16.07 -53.59
CA GLU C 47 -6.05 -16.12 -54.83
C GLU C 47 -7.37 -16.90 -54.66
N PHE C 48 -7.31 -18.02 -53.95
CA PHE C 48 -8.50 -18.82 -53.64
C PHE C 48 -9.53 -17.95 -52.91
N VAL C 49 -9.09 -17.20 -51.91
CA VAL C 49 -9.97 -16.32 -51.17
C VAL C 49 -10.56 -15.25 -52.09
N ASP C 50 -9.73 -14.62 -52.90
CA ASP C 50 -10.24 -13.61 -53.86
C ASP C 50 -11.28 -14.23 -54.80
N ASN C 51 -11.00 -15.43 -55.29
CA ASN C 51 -11.91 -16.09 -56.25
C ASN C 51 -13.23 -16.49 -55.60
N GLN C 52 -13.17 -16.97 -54.36
CA GLN C 52 -14.38 -17.36 -53.66
C GLN C 52 -15.21 -16.14 -53.27
N GLU C 53 -14.54 -15.04 -52.91
CA GLU C 53 -15.21 -13.75 -52.67
C GLU C 53 -15.96 -13.26 -53.92
N LYS C 54 -15.33 -13.37 -55.08
CA LYS C 54 -15.94 -12.95 -56.33
C LYS C 54 -17.21 -13.79 -56.62
N LEU C 55 -17.09 -15.11 -56.48
CA LEU C 55 -18.25 -15.99 -56.64
C LEU C 55 -19.37 -15.63 -55.66
N ALA C 56 -19.02 -15.49 -54.37
CA ALA C 56 -20.01 -15.15 -53.35
C ALA C 56 -20.71 -13.85 -53.65
N ASN C 57 -19.96 -12.83 -54.05
CA ASN C 57 -20.57 -11.55 -54.41
C ASN C 57 -21.57 -11.70 -55.55
N SER C 58 -21.24 -12.47 -56.58
CA SER C 58 -22.20 -12.69 -57.70
C SER C 58 -23.50 -13.40 -57.25
N VAL C 59 -23.39 -14.33 -56.33
CA VAL C 59 -24.56 -15.02 -55.80
C VAL C 59 -25.37 -14.10 -54.88
N LEU C 60 -24.70 -13.40 -53.99
CA LEU C 60 -25.40 -12.49 -53.06
C LEU C 60 -26.06 -11.33 -53.79
N GLU C 61 -25.53 -10.92 -54.95
CA GLU C 61 -26.18 -9.90 -55.78
C GLU C 61 -27.59 -10.30 -56.26
N GLU C 62 -27.87 -11.59 -56.37
CA GLU C 62 -29.20 -12.09 -56.76
C GLU C 62 -30.17 -12.22 -55.58
N CYS C 63 -29.66 -12.08 -54.35
CA CYS C 63 -30.48 -12.19 -53.15
C CYS C 63 -31.03 -10.82 -52.79
N GLU C 64 -32.17 -10.51 -53.39
CA GLU C 64 -32.70 -9.16 -53.39
C GLU C 64 -33.25 -8.68 -52.04
N LEU C 65 -33.45 -9.58 -51.07
CA LEU C 65 -33.90 -9.18 -49.74
C LEU C 65 -32.80 -8.78 -48.77
N ILE C 66 -31.53 -8.91 -49.16
CA ILE C 66 -30.41 -8.53 -48.26
C ILE C 66 -30.59 -7.08 -47.75
N ASP C 67 -30.84 -6.13 -48.65
CA ASP C 67 -31.03 -4.72 -48.23
C ASP C 67 -32.25 -4.50 -47.29
N LYS C 68 -33.34 -5.23 -47.54
CA LYS C 68 -34.52 -5.17 -46.67
C LYS C 68 -34.23 -5.73 -45.28
N PHE C 69 -33.59 -6.89 -45.23
CA PHE C 69 -33.19 -7.47 -43.96
C PHE C 69 -32.27 -6.49 -43.21
N LYS C 70 -31.30 -5.94 -43.94
CA LYS C 70 -30.30 -5.08 -43.33
C LYS C 70 -30.95 -3.90 -42.63
N GLN C 71 -31.85 -3.21 -43.33
CA GLN C 71 -32.47 -2.00 -42.76
C GLN C 71 -33.40 -2.36 -41.59
N LYS C 72 -34.12 -3.48 -41.70
CA LYS C 72 -34.94 -3.92 -40.56
C LYS C 72 -34.15 -4.33 -39.33
N ILE C 73 -33.01 -4.97 -39.51
CA ILE C 73 -32.15 -5.35 -38.38
C ILE C 73 -31.65 -4.08 -37.72
N ILE C 74 -31.18 -3.14 -38.53
CA ILE C 74 -30.72 -1.87 -38.02
C ILE C 74 -31.82 -1.21 -37.20
N ASP C 75 -33.03 -1.14 -37.74
CA ASP C 75 -34.13 -0.50 -37.04
C ASP C 75 -34.50 -1.24 -35.75
N PHE C 76 -34.55 -2.56 -35.79
CA PHE C 76 -34.83 -3.35 -34.57
C PHE C 76 -33.76 -3.32 -33.49
N VAL C 77 -32.50 -3.11 -33.82
CA VAL C 77 -31.45 -3.12 -32.81
C VAL C 77 -31.19 -1.71 -32.31
N ASN C 78 -31.83 -0.70 -32.91
CA ASN C 78 -31.62 0.70 -32.59
C ASN C 78 -32.39 1.13 -31.32
N PHE C 79 -31.91 0.63 -30.19
CA PHE C 79 -32.52 0.93 -28.91
C PHE C 79 -31.44 0.93 -27.85
N PRO C 80 -31.57 1.81 -26.84
CA PRO C 80 -30.53 1.84 -25.83
C PRO C 80 -30.51 0.59 -24.93
N ARG C 81 -29.31 0.18 -24.55
CA ARG C 81 -29.07 -1.03 -23.76
C ARG C 81 -28.17 -0.73 -22.57
N CYS C 82 -28.67 -1.02 -21.39
CA CYS C 82 -27.95 -0.77 -20.15
C CYS C 82 -27.60 -2.15 -19.58
N GLY C 83 -26.31 -2.40 -19.33
CA GLY C 83 -25.89 -3.65 -18.71
C GLY C 83 -26.21 -3.69 -17.23
N VAL C 84 -26.03 -4.85 -16.63
CA VAL C 84 -26.21 -5.03 -15.19
C VAL C 84 -25.20 -4.21 -14.43
N PRO C 85 -25.64 -3.37 -13.49
CA PRO C 85 -24.65 -2.56 -12.78
C PRO C 85 -23.96 -3.36 -11.68
N PHE C 86 -22.72 -2.99 -11.39
CA PHE C 86 -22.06 -3.53 -10.22
C PHE C 86 -21.48 -2.41 -9.40
N ARG C 87 -21.31 -2.69 -8.12
CA ARG C 87 -20.89 -1.69 -7.17
C ARG C 87 -19.47 -1.95 -6.70
N ARG C 88 -18.66 -0.89 -6.65
CA ARG C 88 -17.41 -0.91 -5.91
C ARG C 88 -17.34 0.35 -5.06
N ALA C 89 -17.01 0.17 -3.78
CA ALA C 89 -17.04 1.27 -2.82
C ALA C 89 -18.39 2.01 -2.95
N ASN C 90 -18.43 3.30 -3.25
CA ASN C 90 -19.71 4.00 -3.44
C ASN C 90 -19.97 4.41 -4.89
N LYS C 91 -19.42 3.65 -5.83
CA LYS C 91 -19.60 3.90 -7.25
C LYS C 91 -20.30 2.72 -7.86
N TYR C 92 -21.04 2.96 -8.94
CA TYR C 92 -21.70 1.93 -9.71
C TYR C 92 -21.16 1.99 -11.11
N PHE C 93 -21.08 0.84 -11.75
CA PHE C 93 -20.47 0.71 -13.06
C PHE C 93 -21.34 -0.15 -13.94
N HIS C 94 -21.40 0.18 -15.22
CA HIS C 94 -22.09 -0.70 -16.16
C HIS C 94 -21.69 -0.32 -17.56
N PHE C 95 -21.99 -1.23 -18.48
CA PHE C 95 -21.88 -0.97 -19.91
C PHE C 95 -23.16 -0.33 -20.45
N TYR C 96 -23.00 0.49 -21.49
CA TYR C 96 -24.09 1.17 -22.12
C TYR C 96 -23.86 1.21 -23.62
N ASN C 97 -24.94 1.12 -24.39
CA ASN C 97 -24.93 1.38 -25.82
C ASN C 97 -26.17 2.19 -26.14
N SER C 98 -26.00 3.33 -26.82
CA SER C 98 -27.15 4.14 -27.20
C SER C 98 -28.04 3.45 -28.27
N GLY C 99 -27.52 2.38 -28.89
CA GLY C 99 -28.27 1.53 -29.81
C GLY C 99 -27.41 1.00 -30.94
N LEU C 100 -26.72 1.89 -31.63
CA LEU C 100 -25.93 1.48 -32.80
C LEU C 100 -24.46 1.88 -32.70
N GLN C 101 -23.95 2.04 -31.46
CA GLN C 101 -22.52 2.21 -31.27
C GLN C 101 -21.82 0.90 -31.62
N ALA C 102 -20.64 1.01 -32.24
CA ALA C 102 -19.87 -0.19 -32.65
C ALA C 102 -19.64 -1.14 -31.49
N GLN C 103 -19.31 -0.56 -30.33
CA GLN C 103 -19.08 -1.32 -29.11
C GLN C 103 -19.69 -0.60 -27.90
N ASN C 104 -19.91 -1.34 -26.82
CA ASN C 104 -20.47 -0.80 -25.59
C ASN C 104 -19.43 0.07 -24.89
N VAL C 105 -19.92 1.11 -24.21
CA VAL C 105 -19.08 2.06 -23.49
C VAL C 105 -19.20 1.73 -22.01
N PHE C 106 -18.08 1.79 -21.31
CA PHE C 106 -18.07 1.50 -19.86
C PHE C 106 -18.26 2.80 -19.08
N GLN C 107 -19.26 2.82 -18.21
CA GLN C 107 -19.66 4.04 -17.50
C GLN C 107 -19.62 3.86 -16.00
N MET C 108 -19.48 4.96 -15.29
CA MET C 108 -19.42 5.00 -13.83
C MET C 108 -20.42 6.05 -13.37
N GLN C 109 -21.04 5.81 -12.22
CA GLN C 109 -21.98 6.74 -11.60
C GLN C 109 -21.76 6.77 -10.11
N ASP C 110 -22.14 7.88 -9.50
CA ASP C 110 -22.17 8.00 -8.03
C ASP C 110 -23.39 7.32 -7.41
N ASP C 111 -24.48 7.27 -8.14
CA ASP C 111 -25.69 6.55 -7.73
C ASP C 111 -26.42 6.04 -8.97
N LEU C 112 -27.36 5.11 -8.76
CA LEU C 112 -28.01 4.40 -9.87
C LEU C 112 -28.79 5.28 -10.86
N ASP C 113 -29.32 6.42 -10.41
CA ASP C 113 -29.99 7.36 -11.34
C ASP C 113 -29.20 8.66 -11.57
N GLY C 114 -27.92 8.68 -11.19
CA GLY C 114 -27.07 9.86 -11.36
C GLY C 114 -26.51 9.94 -12.77
N LYS C 115 -25.89 11.08 -13.07
CA LYS C 115 -25.25 11.31 -14.36
C LYS C 115 -24.12 10.30 -14.60
N PRO C 116 -24.20 9.52 -15.70
CA PRO C 116 -23.07 8.64 -15.98
C PRO C 116 -21.86 9.39 -16.52
N GLU C 117 -20.68 8.90 -16.16
CA GLU C 117 -19.43 9.40 -16.72
C GLU C 117 -18.80 8.28 -17.52
N VAL C 118 -18.31 8.59 -18.73
CA VAL C 118 -17.65 7.60 -19.56
C VAL C 118 -16.26 7.33 -19.00
N LEU C 119 -16.01 6.09 -18.63
CA LEU C 119 -14.70 5.65 -18.14
C LEU C 119 -13.85 5.17 -19.29
N TYR C 120 -14.42 4.32 -20.16
CA TYR C 120 -13.71 3.94 -21.37
C TYR C 120 -14.65 3.75 -22.55
N ASP C 121 -14.30 4.36 -23.67
CA ASP C 121 -15.05 4.29 -24.91
C ASP C 121 -14.23 3.57 -26.01
N PRO C 122 -14.45 2.26 -26.21
CA PRO C 122 -13.72 1.48 -27.26
C PRO C 122 -13.96 1.96 -28.68
N ASN C 123 -15.02 2.73 -28.90
CA ASN C 123 -15.34 3.29 -30.22
C ASN C 123 -14.32 4.28 -30.71
N LEU C 124 -13.57 4.87 -29.80
CA LEU C 124 -12.52 5.81 -30.16
C LEU C 124 -11.24 5.13 -30.69
N ARG C 125 -11.09 3.81 -30.46
CA ARG C 125 -9.93 3.06 -30.92
C ARG C 125 -10.27 2.18 -32.13
N GLU C 126 -9.61 2.42 -33.26
CA GLU C 126 -9.74 1.57 -34.45
C GLU C 126 -11.20 1.36 -34.91
N GLY C 127 -11.96 2.45 -34.86
CA GLY C 127 -13.37 2.45 -35.24
C GLY C 127 -14.25 1.51 -34.46
N GLY C 128 -13.84 1.14 -33.24
CA GLY C 128 -14.58 0.18 -32.45
C GLY C 128 -14.58 -1.22 -33.04
N ARG C 129 -13.45 -1.63 -33.65
CA ARG C 129 -13.33 -2.98 -34.20
C ARG C 129 -13.51 -4.03 -33.11
N SER C 130 -12.98 -3.75 -31.94
CA SER C 130 -13.13 -4.63 -30.78
C SER C 130 -13.59 -3.88 -29.54
N GLY C 131 -14.33 -4.58 -28.69
CA GLY C 131 -14.86 -4.05 -27.45
C GLY C 131 -14.00 -4.47 -26.27
N LEU C 132 -14.45 -4.19 -25.07
CA LEU C 132 -13.80 -4.69 -23.86
C LEU C 132 -14.25 -6.08 -23.51
N SER C 133 -13.29 -6.95 -23.28
CA SER C 133 -13.50 -8.30 -22.77
C SER C 133 -12.96 -8.45 -21.34
N LEU C 134 -11.86 -7.77 -21.02
CA LEU C 134 -11.35 -7.69 -19.66
C LEU C 134 -11.65 -6.31 -19.11
N TYR C 135 -12.29 -6.28 -17.96
CA TYR C 135 -12.63 -5.03 -17.30
C TYR C 135 -12.69 -5.42 -15.83
N SER C 136 -12.07 -4.61 -14.99
CA SER C 136 -11.99 -4.93 -13.59
C SER C 136 -11.75 -3.66 -12.80
N VAL C 137 -12.56 -3.42 -11.79
CA VAL C 137 -12.47 -2.21 -11.00
C VAL C 137 -11.97 -2.63 -9.62
N SER C 138 -11.03 -1.88 -9.10
CA SER C 138 -10.47 -2.11 -7.77
C SER C 138 -11.54 -1.93 -6.66
N GLU C 139 -11.29 -2.55 -5.52
CA GLU C 139 -12.22 -2.53 -4.37
C GLU C 139 -12.58 -1.12 -3.88
N ASP C 140 -11.61 -0.21 -3.90
CA ASP C 140 -11.85 1.19 -3.52
C ASP C 140 -12.42 2.04 -4.67
N ALA C 141 -12.63 1.43 -5.83
CA ALA C 141 -13.16 2.08 -7.02
C ALA C 141 -12.26 3.15 -7.59
N LYS C 142 -10.99 3.16 -7.22
CA LYS C 142 -10.05 4.17 -7.68
C LYS C 142 -9.41 3.81 -9.03
N TYR C 143 -9.36 2.53 -9.36
CA TYR C 143 -8.63 2.06 -10.55
C TYR C 143 -9.46 1.11 -11.38
N PHE C 144 -9.28 1.20 -12.69
CA PHE C 144 -9.98 0.39 -13.65
C PHE C 144 -8.95 -0.26 -14.56
N ALA C 145 -8.86 -1.58 -14.51
CA ALA C 145 -7.97 -2.35 -15.35
C ALA C 145 -8.75 -2.96 -16.49
N PHE C 146 -8.25 -2.85 -17.70
CA PHE C 146 -8.98 -3.32 -18.87
C PHE C 146 -8.03 -3.75 -19.99
N GLY C 147 -8.54 -4.58 -20.87
CA GLY C 147 -7.75 -5.27 -21.89
C GLY C 147 -8.05 -4.67 -23.25
N ILE C 148 -7.01 -4.37 -24.01
CA ILE C 148 -7.13 -3.86 -25.37
C ILE C 148 -6.47 -4.82 -26.36
N HIS C 149 -7.08 -5.04 -27.51
CA HIS C 149 -6.42 -5.76 -28.60
C HIS C 149 -5.55 -4.81 -29.44
N SER C 150 -4.36 -5.27 -29.80
CA SER C 150 -3.50 -4.59 -30.78
C SER C 150 -3.39 -5.47 -32.03
N GLY C 151 -4.16 -5.13 -33.05
CA GLY C 151 -4.19 -5.91 -34.29
C GLY C 151 -5.18 -7.05 -34.19
N LEU C 152 -5.05 -8.03 -35.09
CA LEU C 152 -6.02 -9.11 -35.24
C LEU C 152 -5.68 -10.41 -34.48
N THR C 153 -4.64 -10.37 -33.65
CA THR C 153 -4.29 -11.54 -32.83
C THR C 153 -5.16 -11.54 -31.58
N GLU C 154 -5.15 -12.66 -30.88
CA GLU C 154 -5.90 -12.80 -29.62
C GLU C 154 -5.15 -12.19 -28.40
N TRP C 155 -3.95 -11.65 -28.61
CA TRP C 155 -3.16 -11.05 -27.52
C TRP C 155 -3.73 -9.71 -27.08
N VAL C 156 -3.78 -9.53 -25.78
CA VAL C 156 -4.38 -8.39 -25.15
C VAL C 156 -3.28 -7.68 -24.35
N THR C 157 -3.38 -6.36 -24.28
CA THR C 157 -2.57 -5.54 -23.40
C THR C 157 -3.48 -5.02 -22.28
N ILE C 158 -3.07 -5.18 -21.02
CA ILE C 158 -3.82 -4.62 -19.90
C ILE C 158 -3.30 -3.21 -19.61
N LYS C 159 -4.20 -2.23 -19.57
CA LYS C 159 -3.92 -0.86 -19.13
C LYS C 159 -4.77 -0.59 -17.89
N ILE C 160 -4.37 0.46 -17.15
CA ILE C 160 -5.05 0.82 -15.92
C ILE C 160 -5.29 2.33 -15.93
N LEU C 161 -6.53 2.74 -15.69
CA LEU C 161 -6.82 4.14 -15.51
C LEU C 161 -7.29 4.47 -14.11
N LYS C 162 -7.06 5.71 -13.71
CA LYS C 162 -7.59 6.24 -12.46
C LYS C 162 -9.00 6.72 -12.74
N THR C 163 -9.96 6.27 -11.96
CA THR C 163 -11.37 6.61 -12.22
C THR C 163 -11.70 8.07 -11.91
N GLU C 164 -10.91 8.68 -11.03
CA GLU C 164 -11.13 10.05 -10.57
C GLU C 164 -11.02 11.08 -11.71
N ASP C 165 -10.03 10.92 -12.58
CA ASP C 165 -9.82 11.83 -13.70
C ASP C 165 -9.63 11.17 -15.07
N ARG C 166 -9.81 9.85 -15.15
CA ARG C 166 -9.59 9.06 -16.36
C ARG C 166 -8.14 9.11 -16.90
N SER C 167 -7.16 9.43 -16.05
CA SER C 167 -5.78 9.45 -16.49
C SER C 167 -5.22 8.02 -16.44
N TYR C 168 -4.40 7.70 -17.42
CA TYR C 168 -3.74 6.38 -17.44
C TYR C 168 -2.58 6.33 -16.47
N LEU C 169 -2.45 5.19 -15.79
CA LEU C 169 -1.19 4.80 -15.18
C LEU C 169 -0.20 4.40 -16.30
N PRO C 170 1.10 4.49 -16.05
CA PRO C 170 2.09 4.01 -17.03
C PRO C 170 2.12 2.49 -17.21
N ASP C 171 1.66 1.76 -16.20
CA ASP C 171 1.68 0.29 -16.17
C ASP C 171 1.06 -0.29 -17.43
N THR C 172 1.74 -1.25 -18.07
CA THR C 172 1.24 -1.92 -19.26
C THR C 172 1.59 -3.38 -19.13
N LEU C 173 0.59 -4.27 -19.21
CA LEU C 173 0.87 -5.70 -19.09
C LEU C 173 0.58 -6.38 -20.41
N GLU C 174 1.62 -6.97 -21.00
CA GLU C 174 1.53 -7.67 -22.27
C GLU C 174 1.41 -9.18 -22.06
N TRP C 175 1.17 -9.89 -23.17
CA TRP C 175 1.14 -11.36 -23.21
C TRP C 175 0.01 -11.96 -22.40
N VAL C 176 -1.13 -11.27 -22.45
CA VAL C 176 -2.35 -11.72 -21.82
C VAL C 176 -3.30 -12.16 -22.94
N LYS C 177 -4.12 -13.17 -22.68
CA LYS C 177 -5.23 -13.52 -23.57
C LYS C 177 -6.54 -13.35 -22.83
N PHE C 178 -6.97 -14.34 -22.07
CA PHE C 178 -8.29 -14.33 -21.44
C PHE C 178 -8.25 -14.13 -19.93
N SER C 179 -7.11 -13.72 -19.43
CA SER C 179 -6.91 -13.58 -17.99
C SER C 179 -7.86 -12.54 -17.39
N PRO C 180 -8.39 -12.80 -16.19
CA PRO C 180 -8.97 -11.73 -15.41
C PRO C 180 -7.87 -10.85 -14.75
N ALA C 181 -8.28 -9.81 -14.05
CA ALA C 181 -7.43 -8.96 -13.25
C ALA C 181 -8.10 -8.93 -11.89
N ILE C 182 -7.55 -9.68 -10.95
CA ILE C 182 -8.19 -9.97 -9.67
C ILE C 182 -7.52 -9.15 -8.57
N TRP C 183 -8.22 -8.13 -8.09
CA TRP C 183 -7.63 -7.15 -7.18
C TRP C 183 -7.59 -7.67 -5.76
N THR C 184 -6.50 -7.39 -5.06
CA THR C 184 -6.42 -7.64 -3.63
C THR C 184 -7.15 -6.47 -2.90
N HIS C 185 -7.64 -6.74 -1.70
CA HIS C 185 -8.48 -5.79 -0.99
C HIS C 185 -7.72 -4.59 -0.43
N ASP C 186 -6.39 -4.65 -0.46
CA ASP C 186 -5.56 -3.50 -0.10
C ASP C 186 -5.40 -2.49 -1.25
N ASN C 187 -5.93 -2.80 -2.44
CA ASN C 187 -5.84 -1.91 -3.61
C ASN C 187 -4.42 -1.70 -4.14
N LYS C 188 -3.50 -2.61 -3.81
CA LYS C 188 -2.09 -2.43 -4.18
C LYS C 188 -1.76 -2.99 -5.57
N GLY C 189 -2.64 -3.87 -6.05
CA GLY C 189 -2.39 -4.54 -7.30
C GLY C 189 -3.34 -5.70 -7.50
N PHE C 190 -3.03 -6.52 -8.48
CA PHE C 190 -3.93 -7.59 -8.87
C PHE C 190 -3.20 -8.80 -9.41
N PHE C 191 -3.87 -9.94 -9.25
CA PHE C 191 -3.43 -11.18 -9.85
C PHE C 191 -3.90 -11.21 -11.29
N TYR C 192 -3.11 -11.80 -12.13
CA TYR C 192 -3.45 -12.04 -13.53
C TYR C 192 -2.62 -13.23 -14.04
N CYS C 193 -2.96 -13.74 -15.20
CA CYS C 193 -2.44 -15.00 -15.70
C CYS C 193 -1.89 -14.90 -17.13
N PRO C 194 -0.69 -14.33 -17.27
CA PRO C 194 -0.09 -14.14 -18.57
C PRO C 194 0.66 -15.36 -19.09
N TYR C 195 1.12 -15.26 -20.34
CA TYR C 195 1.95 -16.25 -20.95
C TYR C 195 3.37 -15.69 -21.02
N PRO C 196 4.41 -16.55 -21.10
CA PRO C 196 5.78 -16.03 -21.20
C PRO C 196 6.01 -15.25 -22.51
N PRO C 197 6.95 -14.28 -22.51
CA PRO C 197 7.20 -13.41 -23.69
C PRO C 197 7.54 -14.11 -25.00
N ALA C 209 0.54 -20.21 -27.16
CA ALA C 209 0.00 -19.97 -25.84
C ALA C 209 0.10 -21.20 -24.94
N VAL C 210 1.29 -21.40 -24.38
CA VAL C 210 1.60 -22.50 -23.48
C VAL C 210 2.36 -21.98 -22.27
N ASN C 211 2.50 -22.80 -21.24
CA ASN C 211 3.21 -22.43 -20.00
C ASN C 211 2.63 -21.16 -19.36
N GLN C 212 1.31 -21.07 -19.31
CA GLN C 212 0.62 -19.99 -18.60
C GLN C 212 1.11 -19.89 -17.16
N GLU C 213 1.24 -18.65 -16.68
CA GLU C 213 1.72 -18.36 -15.34
C GLU C 213 0.63 -17.66 -14.56
N ALA C 214 0.67 -17.77 -13.24
CA ALA C 214 -0.08 -16.89 -12.36
C ALA C 214 0.91 -15.90 -11.78
N ARG C 215 0.60 -14.60 -11.91
CA ARG C 215 1.45 -13.50 -11.49
C ARG C 215 0.68 -12.48 -10.67
N TYR C 216 1.40 -11.65 -9.92
CA TYR C 216 0.79 -10.54 -9.22
C TYR C 216 1.52 -9.27 -9.64
N HIS C 217 0.74 -8.27 -10.03
CA HIS C 217 1.27 -7.00 -10.48
C HIS C 217 0.99 -5.95 -9.41
N PHE C 218 2.02 -5.30 -8.92
CA PHE C 218 1.86 -4.14 -8.05
C PHE C 218 1.68 -2.89 -8.91
N LEU C 219 0.66 -2.10 -8.59
CA LEU C 219 0.49 -0.80 -9.26
C LEU C 219 1.73 0.05 -9.16
N GLY C 220 2.05 0.75 -10.26
CA GLY C 220 3.22 1.64 -10.31
C GLY C 220 4.54 0.97 -10.64
N THR C 221 4.51 -0.30 -11.05
CA THR C 221 5.73 -1.04 -11.37
C THR C 221 5.63 -1.54 -12.81
N ASP C 222 6.79 -1.88 -13.36
CA ASP C 222 6.88 -2.48 -14.68
C ASP C 222 6.47 -3.95 -14.57
N GLN C 223 5.93 -4.49 -15.65
CA GLN C 223 5.59 -5.91 -15.73
C GLN C 223 6.74 -6.85 -15.35
N SER C 224 7.98 -6.48 -15.71
CA SER C 224 9.16 -7.28 -15.35
C SER C 224 9.35 -7.50 -13.84
N GLU C 225 8.75 -6.65 -13.01
CA GLU C 225 8.78 -6.80 -11.55
C GLU C 225 7.64 -7.66 -10.95
N ASP C 226 6.75 -8.18 -11.78
CA ASP C 226 5.61 -8.94 -11.29
C ASP C 226 6.04 -10.26 -10.64
N ILE C 227 5.32 -10.61 -9.58
CA ILE C 227 5.69 -11.71 -8.70
C ILE C 227 5.15 -12.98 -9.34
N LEU C 228 5.96 -14.02 -9.41
CA LEU C 228 5.53 -15.31 -9.95
C LEU C 228 4.90 -16.10 -8.81
N LEU C 229 3.68 -16.59 -9.02
CA LEU C 229 3.00 -17.45 -8.04
C LEU C 229 2.96 -18.91 -8.47
N TRP C 230 2.76 -19.15 -9.76
CA TRP C 230 2.64 -20.50 -10.25
C TRP C 230 3.03 -20.58 -11.70
N ARG C 231 3.81 -21.61 -12.01
CA ARG C 231 3.89 -22.13 -13.37
C ARG C 231 4.23 -23.61 -13.29
N ASP C 232 4.00 -24.31 -14.39
CA ASP C 232 4.34 -25.73 -14.48
C ASP C 232 4.92 -26.03 -15.86
N LEU C 233 6.25 -25.98 -15.96
CA LEU C 233 6.96 -26.30 -17.20
C LEU C 233 6.82 -27.77 -17.61
N GLU C 234 6.60 -28.66 -16.64
CA GLU C 234 6.35 -30.09 -16.93
C GLU C 234 4.96 -30.40 -17.55
N ASN C 235 4.03 -29.46 -17.48
CA ASN C 235 2.70 -29.60 -18.08
C ASN C 235 2.31 -28.32 -18.82
N PRO C 236 2.96 -28.07 -19.97
CA PRO C 236 2.79 -26.79 -20.67
C PRO C 236 1.35 -26.44 -21.10
N ALA C 237 0.48 -27.46 -21.30
CA ALA C 237 -0.89 -27.23 -21.76
C ALA C 237 -1.92 -26.97 -20.64
N HIS C 238 -1.53 -27.13 -19.38
CA HIS C 238 -2.43 -26.78 -18.28
C HIS C 238 -2.68 -25.28 -18.27
N HIS C 239 -3.94 -24.88 -18.17
CA HIS C 239 -4.30 -23.46 -18.15
C HIS C 239 -4.97 -23.09 -16.83
N LEU C 240 -5.12 -21.79 -16.59
CA LEU C 240 -5.38 -21.28 -15.26
C LEU C 240 -6.61 -20.40 -15.19
N LYS C 241 -7.31 -20.45 -14.06
CA LYS C 241 -8.30 -19.44 -13.70
C LYS C 241 -8.03 -19.09 -12.25
N CYS C 242 -8.50 -17.93 -11.80
CA CYS C 242 -8.25 -17.58 -10.43
C CYS C 242 -9.30 -16.66 -9.85
N GLN C 243 -9.25 -16.50 -8.54
CA GLN C 243 -10.34 -15.89 -7.81
C GLN C 243 -9.75 -15.48 -6.48
N ILE C 244 -10.28 -14.41 -5.91
CA ILE C 244 -10.01 -14.07 -4.52
CA ILE C 244 -10.01 -14.06 -4.52
C ILE C 244 -11.33 -14.16 -3.75
N THR C 245 -11.28 -14.67 -2.53
CA THR C 245 -12.49 -14.80 -1.74
C THR C 245 -13.04 -13.42 -1.35
N ASP C 246 -14.32 -13.36 -1.03
CA ASP C 246 -14.99 -12.11 -0.70
C ASP C 246 -14.38 -11.41 0.51
N ASP C 247 -13.84 -12.17 1.47
CA ASP C 247 -13.17 -11.57 2.65
C ASP C 247 -11.75 -11.04 2.32
N GLY C 248 -11.27 -11.28 1.11
CA GLY C 248 -9.93 -10.88 0.70
C GLY C 248 -8.77 -11.74 1.20
N LYS C 249 -9.07 -12.83 1.91
CA LYS C 249 -8.05 -13.59 2.61
C LYS C 249 -7.36 -14.68 1.81
N TYR C 250 -8.05 -15.29 0.84
CA TYR C 250 -7.49 -16.38 0.08
C TYR C 250 -7.48 -16.09 -1.40
N PHE C 251 -6.34 -16.40 -2.03
CA PHE C 251 -6.22 -16.43 -3.48
C PHE C 251 -6.42 -17.89 -3.89
N LEU C 252 -7.35 -18.14 -4.79
CA LEU C 252 -7.63 -19.48 -5.29
C LEU C 252 -7.16 -19.57 -6.71
N LEU C 253 -6.37 -20.59 -7.00
CA LEU C 253 -5.88 -20.86 -8.33
C LEU C 253 -6.52 -22.16 -8.77
N TYR C 254 -7.22 -22.11 -9.90
CA TYR C 254 -7.81 -23.29 -10.51
C TYR C 254 -6.95 -23.70 -11.71
N ILE C 255 -6.57 -24.95 -11.78
CA ILE C 255 -5.78 -25.47 -12.89
C ILE C 255 -6.64 -26.43 -13.69
N LEU C 256 -6.68 -26.22 -15.00
CA LEU C 256 -7.50 -26.99 -15.93
C LEU C 256 -6.65 -27.64 -16.97
N ASP C 257 -7.11 -28.78 -17.49
CA ASP C 257 -6.44 -29.49 -18.56
C ASP C 257 -7.43 -29.61 -19.71
N GLY C 258 -7.14 -29.02 -20.85
CA GLY C 258 -7.98 -29.17 -22.05
C GLY C 258 -9.31 -28.46 -21.89
N CYS C 259 -10.36 -29.04 -22.47
CA CYS C 259 -11.69 -28.44 -22.45
C CYS C 259 -12.67 -28.98 -21.37
N ASP C 260 -12.29 -30.09 -20.73
CA ASP C 260 -13.16 -30.80 -19.77
C ASP C 260 -13.46 -29.94 -18.53
N ASP C 261 -14.66 -30.07 -17.97
CA ASP C 261 -15.10 -29.38 -16.77
C ASP C 261 -14.55 -30.19 -15.57
N ALA C 262 -13.27 -29.95 -15.32
CA ALA C 262 -12.54 -30.54 -14.15
C ALA C 262 -11.35 -29.66 -13.84
N ASN C 263 -11.06 -29.46 -12.57
CA ASN C 263 -9.99 -28.59 -12.18
C ASN C 263 -9.41 -28.91 -10.82
N LYS C 264 -8.17 -28.50 -10.66
CA LYS C 264 -7.51 -28.53 -9.37
C LYS C 264 -7.91 -27.28 -8.63
N VAL C 265 -7.71 -27.28 -7.32
CA VAL C 265 -7.99 -26.11 -6.49
C VAL C 265 -6.79 -25.93 -5.56
N TYR C 266 -6.07 -24.84 -5.73
CA TYR C 266 -4.94 -24.47 -4.88
C TYR C 266 -5.35 -23.20 -4.15
N CYS C 267 -5.06 -23.16 -2.85
CA CYS C 267 -5.51 -22.08 -1.97
CA CYS C 267 -5.50 -22.08 -1.97
C CYS C 267 -4.30 -21.45 -1.31
N LEU C 268 -4.16 -20.13 -1.45
CA LEU C 268 -3.07 -19.40 -0.83
C LEU C 268 -3.65 -18.45 0.21
N ASP C 269 -3.27 -18.62 1.46
CA ASP C 269 -3.70 -17.72 2.54
C ASP C 269 -2.84 -16.46 2.50
N LEU C 270 -3.46 -15.35 2.06
CA LEU C 270 -2.73 -14.10 1.88
C LEU C 270 -2.37 -13.43 3.21
N THR C 271 -3.11 -13.74 4.27
CA THR C 271 -2.86 -13.14 5.60
C THR C 271 -1.68 -13.76 6.33
N LYS C 272 -1.27 -14.98 5.98
CA LYS C 272 -0.16 -15.68 6.64
C LYS C 272 1.18 -15.39 5.99
N LEU C 273 1.22 -14.60 4.91
CA LEU C 273 2.49 -14.25 4.27
C LEU C 273 3.22 -13.21 5.13
N PRO C 274 4.49 -13.50 5.54
CA PRO C 274 5.29 -12.60 6.39
C PRO C 274 5.36 -11.13 5.95
N ASN C 275 5.59 -10.89 4.65
CA ASN C 275 5.66 -9.53 4.09
C ASN C 275 4.75 -9.40 2.86
N GLY C 276 3.51 -9.87 2.97
CA GLY C 276 2.55 -9.87 1.85
C GLY C 276 3.07 -10.63 0.64
N LEU C 277 2.64 -10.22 -0.54
CA LEU C 277 3.08 -10.88 -1.78
C LEU C 277 4.55 -10.63 -2.10
N GLU C 278 5.10 -9.53 -1.58
CA GLU C 278 6.55 -9.28 -1.62
C GLU C 278 7.40 -10.44 -1.06
N SER C 279 6.84 -11.26 -0.17
CA SER C 279 7.48 -12.49 0.34
C SER C 279 8.04 -13.43 -0.74
N PHE C 280 7.48 -13.39 -1.97
CA PHE C 280 7.96 -14.25 -3.06
C PHE C 280 8.92 -13.56 -4.05
N ARG C 281 9.32 -12.32 -3.77
CA ARG C 281 10.41 -11.64 -4.47
C ARG C 281 11.65 -12.49 -4.42
N ASP C 285 10.09 -22.07 -7.04
CA ASP C 285 9.64 -20.88 -7.79
C ASP C 285 8.12 -20.66 -7.60
N SER C 286 7.31 -21.72 -7.62
CA SER C 286 5.90 -21.62 -7.24
C SER C 286 5.75 -21.40 -5.73
N ALA C 287 4.73 -20.60 -5.37
CA ALA C 287 4.43 -20.24 -3.97
C ALA C 287 3.84 -21.44 -3.19
N PRO C 288 3.86 -21.40 -1.83
CA PRO C 288 3.34 -22.50 -1.03
C PRO C 288 1.80 -22.52 -0.94
N PHE C 289 1.19 -23.04 -1.98
CA PHE C 289 -0.24 -23.26 -2.01
C PHE C 289 -0.63 -24.45 -1.11
N MET C 290 -1.80 -24.34 -0.51
CA MET C 290 -2.50 -25.49 0.06
C MET C 290 -3.20 -26.18 -1.12
N LYS C 291 -2.74 -27.37 -1.47
CA LYS C 291 -3.28 -28.08 -2.63
C LYS C 291 -4.50 -28.89 -2.24
N LEU C 292 -5.65 -28.23 -2.11
CA LEU C 292 -6.89 -28.87 -1.65
C LEU C 292 -7.34 -29.99 -2.58
N ILE C 293 -7.38 -29.69 -3.88
CA ILE C 293 -7.68 -30.70 -4.92
C ILE C 293 -6.51 -30.69 -5.87
N ASP C 294 -5.82 -31.81 -5.98
CA ASP C 294 -4.64 -31.94 -6.81
C ASP C 294 -4.77 -33.00 -7.92
N SER C 295 -5.99 -33.25 -8.38
CA SER C 295 -6.25 -34.11 -9.56
C SER C 295 -7.26 -33.42 -10.48
N PHE C 296 -7.49 -33.99 -11.66
CA PHE C 296 -8.52 -33.53 -12.58
C PHE C 296 -9.78 -34.45 -12.58
N ASP C 297 -10.18 -34.92 -11.42
CA ASP C 297 -11.33 -35.83 -11.31
C ASP C 297 -12.69 -35.11 -11.41
N ALA C 298 -12.74 -33.83 -11.04
CA ALA C 298 -14.01 -33.13 -10.91
C ALA C 298 -13.84 -31.63 -10.98
N SER C 299 -14.95 -30.95 -11.26
CA SER C 299 -15.01 -29.49 -11.23
C SER C 299 -15.25 -29.02 -9.81
N TYR C 300 -14.70 -27.84 -9.49
CA TYR C 300 -14.85 -27.20 -8.20
C TYR C 300 -14.80 -25.71 -8.40
N THR C 301 -15.80 -24.99 -7.90
CA THR C 301 -15.79 -23.54 -7.91
C THR C 301 -16.15 -23.09 -6.50
N ALA C 302 -15.31 -22.30 -5.89
CA ALA C 302 -15.58 -21.77 -4.54
C ALA C 302 -16.73 -20.77 -4.59
N ILE C 303 -17.73 -20.97 -3.72
CA ILE C 303 -18.88 -20.07 -3.63
C ILE C 303 -18.77 -19.13 -2.45
N ALA C 304 -18.33 -19.65 -1.32
CA ALA C 304 -18.27 -18.85 -0.10
C ALA C 304 -17.29 -19.50 0.84
N ASN C 305 -16.80 -18.68 1.77
CA ASN C 305 -16.08 -19.24 2.90
C ASN C 305 -16.36 -18.41 4.14
N ASP C 306 -16.28 -19.11 5.27
CA ASP C 306 -16.35 -18.50 6.61
C ASP C 306 -15.04 -18.93 7.25
N GLY C 307 -14.05 -18.03 7.30
CA GLY C 307 -12.69 -18.39 7.69
C GLY C 307 -12.18 -19.52 6.79
N SER C 308 -11.71 -20.62 7.39
CA SER C 308 -11.20 -21.76 6.66
C SER C 308 -12.26 -22.74 6.15
N VAL C 309 -13.55 -22.49 6.40
CA VAL C 309 -14.64 -23.39 6.00
C VAL C 309 -15.21 -22.92 4.65
N PHE C 310 -14.95 -23.71 3.62
CA PHE C 310 -15.31 -23.35 2.26
C PHE C 310 -16.54 -24.09 1.79
N THR C 311 -17.33 -23.39 0.96
CA THR C 311 -18.45 -24.01 0.26
C THR C 311 -18.10 -24.02 -1.21
N PHE C 312 -18.18 -25.19 -1.83
CA PHE C 312 -17.86 -25.37 -3.24
C PHE C 312 -19.05 -25.92 -4.02
N GLN C 313 -19.20 -25.45 -5.24
CA GLN C 313 -19.98 -26.14 -6.24
C GLN C 313 -19.06 -27.18 -6.86
N THR C 314 -19.59 -28.36 -7.12
CA THR C 314 -18.80 -29.44 -7.68
C THR C 314 -19.65 -30.40 -8.49
N ASN C 315 -19.02 -31.06 -9.46
CA ASN C 315 -19.65 -32.23 -10.12
C ASN C 315 -19.10 -33.58 -9.61
N LYS C 316 -18.34 -33.56 -8.51
CA LYS C 316 -17.79 -34.79 -7.94
C LYS C 316 -18.91 -35.74 -7.49
N ASP C 317 -18.98 -36.91 -8.10
CA ASP C 317 -20.09 -37.87 -7.90
C ASP C 317 -21.49 -37.24 -8.11
N ALA C 318 -21.57 -36.29 -9.03
CA ALA C 318 -22.76 -35.45 -9.13
C ALA C 318 -22.82 -34.84 -10.51
N PRO C 319 -23.24 -35.63 -11.51
CA PRO C 319 -23.29 -35.08 -12.88
C PRO C 319 -24.15 -33.83 -13.08
N ARG C 320 -25.17 -33.65 -12.22
CA ARG C 320 -26.00 -32.43 -12.24
C ARG C 320 -25.53 -31.38 -11.21
N LYS C 321 -24.38 -31.63 -10.58
CA LYS C 321 -23.73 -30.72 -9.64
C LYS C 321 -24.44 -30.60 -8.30
N LYS C 322 -23.69 -30.11 -7.33
CA LYS C 322 -24.14 -29.97 -5.96
C LYS C 322 -23.26 -28.99 -5.23
N LEU C 323 -23.65 -28.63 -4.00
CA LEU C 323 -22.81 -27.83 -3.12
C LEU C 323 -22.30 -28.69 -2.00
N VAL C 324 -21.00 -28.53 -1.70
CA VAL C 324 -20.34 -29.27 -0.64
C VAL C 324 -19.55 -28.31 0.23
N ARG C 325 -19.20 -28.76 1.41
CA ARG C 325 -18.46 -27.96 2.37
C ARG C 325 -17.27 -28.75 2.89
N VAL C 326 -16.17 -28.02 3.10
CA VAL C 326 -14.93 -28.58 3.61
C VAL C 326 -14.19 -27.51 4.40
N ASP C 327 -13.55 -27.93 5.48
CA ASP C 327 -12.69 -27.05 6.28
C ASP C 327 -11.26 -27.28 5.81
N LEU C 328 -10.57 -26.24 5.38
CA LEU C 328 -9.15 -26.38 4.97
C LEU C 328 -8.24 -26.91 6.07
N ASN C 329 -8.59 -26.68 7.33
CA ASN C 329 -7.89 -27.29 8.46
C ASN C 329 -8.16 -28.80 8.64
N ASN C 330 -9.20 -29.34 7.99
CA ASN C 330 -9.54 -30.77 8.07
C ASN C 330 -9.97 -31.24 6.67
N PRO C 331 -9.04 -31.18 5.71
CA PRO C 331 -9.43 -31.25 4.28
C PRO C 331 -9.83 -32.61 3.74
N SER C 332 -9.74 -33.67 4.56
CA SER C 332 -10.24 -35.00 4.11
C SER C 332 -11.76 -35.15 4.26
N VAL C 333 -12.40 -34.25 5.01
CA VAL C 333 -13.81 -34.39 5.34
C VAL C 333 -14.66 -33.41 4.54
N TRP C 334 -15.36 -33.93 3.53
CA TRP C 334 -16.24 -33.16 2.68
C TRP C 334 -17.68 -33.56 2.99
N THR C 335 -18.58 -32.58 3.13
CA THR C 335 -19.97 -32.83 3.48
C THR C 335 -20.89 -32.14 2.48
N ASP C 336 -21.92 -32.83 1.98
CA ASP C 336 -22.95 -32.23 1.13
C ASP C 336 -23.67 -31.13 1.92
N LEU C 337 -23.80 -29.96 1.30
CA LEU C 337 -24.61 -28.86 1.83
C LEU C 337 -25.95 -28.82 1.11
N VAL C 338 -25.90 -28.83 -0.22
CA VAL C 338 -27.09 -28.93 -1.06
C VAL C 338 -26.88 -30.15 -1.94
N PRO C 339 -27.63 -31.25 -1.70
CA PRO C 339 -27.41 -32.45 -2.49
C PRO C 339 -27.71 -32.27 -3.97
N GLU C 340 -27.13 -33.14 -4.78
CA GLU C 340 -27.42 -33.15 -6.19
C GLU C 340 -28.92 -33.41 -6.39
N SER C 341 -29.56 -32.63 -7.27
CA SER C 341 -30.94 -32.89 -7.64
C SER C 341 -30.95 -34.11 -8.53
N LYS C 342 -32.01 -34.91 -8.45
CA LYS C 342 -32.16 -36.04 -9.35
C LYS C 342 -32.51 -35.66 -10.78
N LYS C 343 -33.03 -34.46 -11.01
CA LYS C 343 -33.36 -34.02 -12.38
C LYS C 343 -32.71 -32.73 -12.89
N ASP C 344 -32.47 -31.75 -12.01
CA ASP C 344 -32.04 -30.40 -12.43
C ASP C 344 -30.57 -30.10 -12.24
N LEU C 345 -29.99 -29.43 -13.24
CA LEU C 345 -28.61 -29.02 -13.22
C LEU C 345 -28.48 -27.81 -12.30
N LEU C 346 -27.53 -27.85 -11.37
CA LEU C 346 -27.14 -26.68 -10.60
C LEU C 346 -26.10 -25.96 -11.41
N GLU C 347 -26.51 -24.91 -12.09
CA GLU C 347 -25.65 -24.25 -13.04
C GLU C 347 -24.68 -23.32 -12.35
N SER C 348 -25.15 -22.54 -11.38
CA SER C 348 -24.27 -21.65 -10.61
C SER C 348 -24.86 -21.35 -9.24
N ALA C 349 -24.04 -20.82 -8.34
CA ALA C 349 -24.44 -20.47 -7.00
C ALA C 349 -23.71 -19.20 -6.60
N HIS C 350 -24.38 -18.36 -5.80
CA HIS C 350 -23.86 -17.05 -5.45
C HIS C 350 -24.25 -16.74 -4.01
N ALA C 351 -23.27 -16.35 -3.20
CA ALA C 351 -23.55 -15.97 -1.82
C ALA C 351 -24.02 -14.53 -1.82
N VAL C 352 -25.10 -14.27 -1.09
CA VAL C 352 -25.78 -12.97 -1.08
C VAL C 352 -26.42 -12.72 0.27
N ASN C 353 -26.74 -11.47 0.55
CA ASN C 353 -27.39 -11.03 1.77
C ASN C 353 -26.73 -11.59 3.03
N GLU C 354 -25.40 -11.63 3.02
CA GLU C 354 -24.53 -12.14 4.08
C GLU C 354 -24.58 -13.66 4.31
N ASN C 355 -25.79 -14.20 4.46
CA ASN C 355 -25.99 -15.55 4.97
C ASN C 355 -26.92 -16.38 4.07
N GLN C 356 -27.06 -15.99 2.82
CA GLN C 356 -27.91 -16.71 1.89
C GLN C 356 -27.15 -17.10 0.63
N LEU C 357 -27.78 -18.00 -0.12
CA LEU C 357 -27.31 -18.44 -1.40
C LEU C 357 -28.43 -18.26 -2.42
N ILE C 358 -28.09 -17.79 -3.61
CA ILE C 358 -28.96 -17.88 -4.76
C ILE C 358 -28.39 -18.97 -5.66
N LEU C 359 -29.19 -19.99 -5.92
CA LEU C 359 -28.83 -21.10 -6.80
C LEU C 359 -29.59 -20.96 -8.09
N ARG C 360 -28.88 -21.06 -9.21
CA ARG C 360 -29.48 -20.95 -10.52
C ARG C 360 -29.48 -22.36 -11.05
N TYR C 361 -30.67 -22.96 -11.09
CA TYR C 361 -30.88 -24.28 -11.61
C TYR C 361 -31.35 -24.15 -13.05
N LEU C 362 -31.02 -25.18 -13.85
CA LEU C 362 -31.56 -25.31 -15.18
C LEU C 362 -32.44 -26.55 -15.14
N SER C 363 -33.75 -26.34 -15.29
CA SER C 363 -34.77 -27.35 -15.17
C SER C 363 -35.49 -27.46 -16.49
N ASP C 364 -35.22 -28.54 -17.23
CA ASP C 364 -35.70 -28.68 -18.62
C ASP C 364 -35.42 -27.41 -19.44
N VAL C 365 -34.18 -26.97 -19.38
CA VAL C 365 -33.65 -25.84 -20.15
C VAL C 365 -34.41 -24.53 -19.84
N LYS C 366 -34.89 -24.41 -18.61
CA LYS C 366 -35.46 -23.16 -18.12
C LYS C 366 -34.85 -22.88 -16.77
N HIS C 367 -34.56 -21.61 -16.51
CA HIS C 367 -33.93 -21.28 -15.24
C HIS C 367 -34.94 -21.27 -14.08
N VAL C 368 -34.46 -21.69 -12.92
CA VAL C 368 -35.16 -21.58 -11.66
C VAL C 368 -34.16 -21.03 -10.66
N LEU C 369 -34.53 -19.96 -9.96
CA LEU C 369 -33.70 -19.43 -8.87
C LEU C 369 -34.23 -19.96 -7.53
N GLU C 370 -33.33 -20.50 -6.71
CA GLU C 370 -33.66 -20.90 -5.36
C GLU C 370 -32.86 -20.06 -4.41
N ILE C 371 -33.51 -19.57 -3.35
CA ILE C 371 -32.82 -18.86 -2.30
C ILE C 371 -32.75 -19.83 -1.14
N ARG C 372 -31.52 -20.04 -0.65
CA ARG C 372 -31.27 -20.95 0.44
C ARG C 372 -30.45 -20.30 1.55
N ASP C 373 -30.53 -20.89 2.73
CA ASP C 373 -29.69 -20.47 3.85
C ASP C 373 -28.28 -21.00 3.61
N LEU C 374 -27.27 -20.14 3.72
CA LEU C 374 -25.89 -20.55 3.48
C LEU C 374 -25.38 -21.58 4.50
N GLU C 375 -25.65 -21.38 5.78
CA GLU C 375 -25.14 -22.27 6.82
C GLU C 375 -25.76 -23.67 6.75
N SER C 376 -27.09 -23.74 6.65
CA SER C 376 -27.80 -25.02 6.71
C SER C 376 -28.10 -25.61 5.35
N GLY C 377 -28.07 -24.80 4.30
CA GLY C 377 -28.54 -25.22 2.98
C GLY C 377 -30.06 -25.28 2.79
N ALA C 378 -30.85 -24.88 3.77
CA ALA C 378 -32.32 -25.03 3.73
C ALA C 378 -32.97 -24.12 2.67
N LEU C 379 -33.94 -24.66 1.95
CA LEU C 379 -34.70 -23.91 0.94
C LEU C 379 -35.58 -22.87 1.61
N GLN C 380 -35.51 -21.62 1.14
CA GLN C 380 -36.37 -20.55 1.63
C GLN C 380 -37.40 -20.10 0.60
N HIS C 381 -37.00 -19.96 -0.67
CA HIS C 381 -37.84 -19.47 -1.75
C HIS C 381 -37.44 -20.13 -3.05
N ARG C 382 -38.39 -20.27 -3.96
CA ARG C 382 -38.18 -20.82 -5.29
C ARG C 382 -38.84 -19.86 -6.28
N LEU C 383 -38.07 -19.37 -7.27
CA LEU C 383 -38.54 -18.41 -8.28
C LEU C 383 -38.35 -19.01 -9.68
N PRO C 384 -39.41 -19.60 -10.26
CA PRO C 384 -39.27 -20.10 -11.64
C PRO C 384 -39.22 -18.93 -12.62
N ILE C 385 -38.39 -19.05 -13.65
CA ILE C 385 -38.17 -18.01 -14.63
C ILE C 385 -38.84 -18.45 -15.94
N ASP C 386 -39.44 -17.49 -16.65
CA ASP C 386 -39.99 -17.78 -17.99
C ASP C 386 -38.93 -18.27 -18.97
N ILE C 387 -39.39 -18.85 -20.07
CA ILE C 387 -38.48 -19.26 -21.15
C ILE C 387 -37.56 -18.08 -21.52
N GLY C 388 -36.27 -18.36 -21.58
CA GLY C 388 -35.25 -17.34 -21.76
C GLY C 388 -34.06 -17.70 -20.91
N SER C 389 -33.29 -16.69 -20.53
CA SER C 389 -32.08 -16.91 -19.79
C SER C 389 -31.88 -15.82 -18.75
N VAL C 390 -31.59 -16.25 -17.52
CA VAL C 390 -31.03 -15.39 -16.48
C VAL C 390 -29.53 -15.54 -16.48
N ASP C 391 -28.82 -14.41 -16.49
CA ASP C 391 -27.38 -14.45 -16.25
C ASP C 391 -26.86 -13.14 -15.65
N GLY C 392 -25.54 -13.03 -15.47
CA GLY C 392 -24.92 -11.77 -15.02
C GLY C 392 -25.28 -11.40 -13.57
N ILE C 393 -25.44 -12.44 -12.73
CA ILE C 393 -25.82 -12.27 -11.38
C ILE C 393 -24.66 -11.59 -10.65
N THR C 394 -24.84 -10.31 -10.31
CA THR C 394 -23.80 -9.57 -9.60
C THR C 394 -24.36 -9.17 -8.21
N ALA C 395 -23.53 -9.46 -7.25
CA ALA C 395 -23.67 -8.97 -5.88
C ALA C 395 -22.39 -9.40 -5.14
N ARG C 396 -21.98 -8.59 -4.19
CA ARG C 396 -21.03 -9.11 -3.22
C ARG C 396 -21.85 -9.87 -2.19
N ARG C 397 -21.16 -10.73 -1.45
CA ARG C 397 -21.82 -11.59 -0.47
C ARG C 397 -22.60 -10.72 0.55
N ARG C 398 -22.07 -9.56 0.92
CA ARG C 398 -22.70 -8.71 1.86
C ARG C 398 -23.95 -7.96 1.32
N ASP C 399 -24.18 -7.91 -0.01
CA ASP C 399 -25.26 -7.13 -0.56
C ASP C 399 -26.63 -7.77 -0.42
N SER C 400 -27.61 -6.99 0.02
CA SER C 400 -28.99 -7.43 0.19
C SER C 400 -29.83 -7.18 -1.06
N VAL C 401 -29.37 -6.35 -2.02
CA VAL C 401 -30.04 -6.15 -3.30
C VAL C 401 -29.20 -6.76 -4.43
N VAL C 402 -29.79 -7.69 -5.18
CA VAL C 402 -29.09 -8.43 -6.22
C VAL C 402 -29.65 -7.98 -7.57
N PHE C 403 -28.80 -7.84 -8.58
CA PHE C 403 -29.22 -7.52 -9.93
C PHE C 403 -28.87 -8.67 -10.86
N PHE C 404 -29.65 -8.88 -11.90
CA PHE C 404 -29.30 -9.80 -12.97
C PHE C 404 -30.00 -9.44 -14.26
N LYS C 405 -29.60 -10.09 -15.35
CA LYS C 405 -30.17 -9.81 -16.64
C LYS C 405 -31.01 -10.98 -17.14
N PHE C 406 -32.15 -10.67 -17.71
CA PHE C 406 -33.01 -11.66 -18.34
C PHE C 406 -33.13 -11.29 -19.81
N THR C 407 -33.01 -12.28 -20.69
CA THR C 407 -33.28 -12.09 -22.12
C THR C 407 -34.05 -13.32 -22.61
N SER C 408 -34.76 -13.15 -23.71
CA SER C 408 -35.45 -14.27 -24.33
C SER C 408 -35.62 -13.97 -25.79
N ILE C 409 -36.12 -14.94 -26.54
CA ILE C 409 -36.37 -14.76 -27.96
C ILE C 409 -37.24 -13.54 -28.22
N LEU C 410 -38.25 -13.32 -27.39
CA LEU C 410 -39.17 -12.18 -27.53
C LEU C 410 -38.96 -11.03 -26.55
N THR C 411 -37.90 -11.08 -25.75
CA THR C 411 -37.62 -10.06 -24.71
C THR C 411 -36.20 -9.57 -24.87
N PRO C 412 -36.01 -8.33 -25.35
CA PRO C 412 -34.65 -7.90 -25.63
C PRO C 412 -33.71 -7.82 -24.45
N GLY C 413 -34.20 -7.50 -23.26
CA GLY C 413 -33.25 -7.40 -22.16
C GLY C 413 -33.79 -6.62 -21.00
N ILE C 414 -33.93 -7.30 -19.87
CA ILE C 414 -34.40 -6.68 -18.65
C ILE C 414 -33.31 -6.85 -17.59
N VAL C 415 -32.96 -5.77 -16.90
CA VAL C 415 -32.18 -5.89 -15.70
C VAL C 415 -33.18 -5.91 -14.54
N TYR C 416 -33.23 -7.03 -13.84
CA TYR C 416 -34.04 -7.19 -12.65
C TYR C 416 -33.25 -6.87 -11.40
N GLN C 417 -34.00 -6.46 -10.40
CA GLN C 417 -33.51 -6.15 -9.08
C GLN C 417 -34.31 -7.01 -8.11
N CYS C 418 -33.65 -7.65 -7.16
CA CYS C 418 -34.34 -8.42 -6.14
C CYS C 418 -33.81 -8.02 -4.76
N ASP C 419 -34.70 -7.48 -3.92
CA ASP C 419 -34.37 -7.14 -2.54
C ASP C 419 -34.57 -8.39 -1.67
N LEU C 420 -33.49 -9.06 -1.35
CA LEU C 420 -33.55 -10.33 -0.59
C LEU C 420 -33.99 -10.17 0.86
N LYS C 421 -33.73 -9.01 1.46
CA LYS C 421 -34.12 -8.80 2.84
C LYS C 421 -35.63 -8.60 2.93
N ASN C 422 -36.14 -7.65 2.13
CA ASN C 422 -37.49 -7.14 2.34
C ASN C 422 -38.54 -7.77 1.44
N ASP C 423 -38.16 -8.21 0.25
CA ASP C 423 -39.15 -8.74 -0.69
C ASP C 423 -38.54 -9.78 -1.64
N PRO C 424 -38.11 -10.93 -1.08
CA PRO C 424 -37.31 -11.87 -1.85
C PRO C 424 -37.99 -12.57 -2.98
N THR C 425 -39.33 -12.65 -3.07
CA THR C 425 -40.01 -13.33 -4.20
C THR C 425 -40.32 -12.41 -5.39
N GLN C 426 -40.09 -11.12 -5.23
CA GLN C 426 -40.44 -10.12 -6.23
C GLN C 426 -39.19 -9.70 -6.98
N LEU C 427 -39.22 -9.93 -8.29
CA LEU C 427 -38.20 -9.43 -9.19
C LEU C 427 -38.80 -8.15 -9.74
N LYS C 428 -38.18 -7.02 -9.44
CA LYS C 428 -38.61 -5.70 -9.87
C LYS C 428 -37.77 -5.29 -11.10
N ILE C 429 -38.40 -4.67 -12.09
CA ILE C 429 -37.70 -4.21 -13.29
C ILE C 429 -36.88 -2.98 -12.94
N PHE C 430 -35.57 -3.06 -13.16
CA PHE C 430 -34.68 -1.92 -12.95
C PHE C 430 -34.43 -1.21 -14.28
N ARG C 431 -34.10 -1.96 -15.34
CA ARG C 431 -34.01 -1.42 -16.70
C ARG C 431 -34.68 -2.38 -17.63
N GLU C 432 -35.32 -1.85 -18.64
CA GLU C 432 -36.00 -2.65 -19.63
C GLU C 432 -35.71 -2.08 -21.03
N SER C 433 -35.09 -2.89 -21.88
CA SER C 433 -34.91 -2.53 -23.28
C SER C 433 -36.21 -2.69 -24.07
N VAL C 434 -36.41 -1.85 -25.08
CA VAL C 434 -37.61 -1.91 -25.92
C VAL C 434 -37.24 -1.92 -27.41
N VAL C 435 -37.63 -2.98 -28.13
CA VAL C 435 -37.45 -3.02 -29.59
C VAL C 435 -38.46 -2.07 -30.22
N PRO C 436 -38.02 -1.08 -31.04
CA PRO C 436 -38.98 -0.19 -31.69
C PRO C 436 -39.86 -0.92 -32.68
N ASP C 437 -41.17 -0.65 -32.67
CA ASP C 437 -42.11 -1.21 -33.66
C ASP C 437 -42.17 -2.75 -33.64
N PHE C 438 -42.14 -3.32 -32.46
CA PHE C 438 -42.29 -4.77 -32.32
C PHE C 438 -43.28 -5.08 -31.22
N ASP C 439 -44.33 -5.81 -31.61
CA ASP C 439 -45.37 -6.23 -30.72
C ASP C 439 -45.14 -7.71 -30.40
N ARG C 440 -44.51 -7.93 -29.25
CA ARG C 440 -44.21 -9.24 -28.66
C ARG C 440 -45.41 -10.19 -28.61
N SER C 441 -46.59 -9.62 -28.32
CA SER C 441 -47.80 -10.41 -28.10
C SER C 441 -48.34 -11.11 -29.35
N GLU C 442 -47.83 -10.77 -30.55
CA GLU C 442 -48.18 -11.49 -31.77
C GLU C 442 -47.45 -12.85 -31.93
N PHE C 443 -46.45 -13.10 -31.10
CA PHE C 443 -45.58 -14.29 -31.24
C PHE C 443 -45.57 -15.07 -29.96
N GLU C 444 -45.14 -16.32 -30.06
CA GLU C 444 -45.01 -17.18 -28.89
C GLU C 444 -43.83 -18.13 -29.02
N VAL C 445 -43.34 -18.61 -27.88
CA VAL C 445 -42.27 -19.59 -27.83
C VAL C 445 -42.76 -20.73 -26.99
N LYS C 446 -42.62 -21.95 -27.49
CA LYS C 446 -43.04 -23.14 -26.77
C LYS C 446 -41.91 -24.14 -26.75
N GLN C 447 -41.96 -25.05 -25.78
CA GLN C 447 -40.99 -26.09 -25.68
C GLN C 447 -41.67 -27.41 -25.98
N VAL C 448 -41.06 -28.22 -26.83
CA VAL C 448 -41.56 -29.58 -27.10
C VAL C 448 -40.40 -30.57 -26.94
N PHE C 449 -40.74 -31.82 -26.71
CA PHE C 449 -39.76 -32.87 -26.59
C PHE C 449 -39.98 -33.84 -27.73
N VAL C 450 -38.93 -34.10 -28.50
CA VAL C 450 -39.03 -34.88 -29.72
C VAL C 450 -38.11 -36.09 -29.65
N PRO C 451 -38.51 -37.20 -30.32
CA PRO C 451 -37.73 -38.43 -30.17
C PRO C 451 -36.51 -38.49 -31.09
N SER C 452 -35.38 -38.90 -30.59
CA SER C 452 -34.20 -39.12 -31.42
C SER C 452 -34.19 -40.55 -31.92
N LYS C 453 -33.23 -40.83 -32.82
CA LYS C 453 -33.16 -42.16 -33.44
C LYS C 453 -33.01 -43.29 -32.42
N ASP C 454 -32.20 -43.08 -31.39
CA ASP C 454 -31.99 -44.12 -30.36
C ASP C 454 -33.08 -44.18 -29.23
N GLY C 455 -34.18 -43.43 -29.41
CA GLY C 455 -35.27 -43.41 -28.43
C GLY C 455 -35.19 -42.39 -27.32
N THR C 456 -34.10 -41.65 -27.26
CA THR C 456 -33.93 -40.51 -26.33
C THR C 456 -34.85 -39.36 -26.70
N LYS C 457 -35.31 -38.62 -25.72
CA LYS C 457 -36.15 -37.43 -25.94
C LYS C 457 -35.25 -36.16 -25.91
N ILE C 458 -35.44 -35.27 -26.86
CA ILE C 458 -34.63 -34.07 -27.08
C ILE C 458 -35.52 -32.83 -26.92
N PRO C 459 -35.18 -31.87 -26.03
CA PRO C 459 -35.96 -30.64 -25.95
C PRO C 459 -35.64 -29.69 -27.08
N ILE C 460 -36.67 -29.07 -27.65
CA ILE C 460 -36.49 -27.97 -28.59
C ILE C 460 -37.41 -26.81 -28.22
N PHE C 461 -36.98 -25.60 -28.53
CA PHE C 461 -37.84 -24.45 -28.44
C PHE C 461 -38.27 -24.10 -29.86
N ILE C 462 -39.55 -23.77 -30.03
CA ILE C 462 -40.13 -23.35 -31.29
C ILE C 462 -40.77 -21.98 -31.10
N ALA C 463 -40.32 -21.01 -31.88
CA ALA C 463 -40.84 -19.64 -31.84
C ALA C 463 -41.50 -19.36 -33.17
N ALA C 464 -42.68 -18.78 -33.10
CA ALA C 464 -43.51 -18.51 -34.29
C ALA C 464 -44.61 -17.52 -33.95
N ARG C 465 -45.19 -16.94 -35.00
CA ARG C 465 -46.44 -16.18 -34.88
C ARG C 465 -47.50 -17.05 -34.22
N LYS C 466 -48.26 -16.47 -33.30
CA LYS C 466 -49.43 -17.14 -32.71
C LYS C 466 -50.45 -17.53 -33.77
N GLY C 467 -51.09 -18.69 -33.59
CA GLY C 467 -52.19 -19.13 -34.44
C GLY C 467 -51.86 -19.58 -35.85
N ILE C 468 -50.59 -19.89 -36.12
CA ILE C 468 -50.24 -20.37 -37.47
C ILE C 468 -50.82 -21.74 -37.79
N SER C 469 -51.09 -21.97 -39.06
CA SER C 469 -51.57 -23.27 -39.53
C SER C 469 -50.39 -24.19 -39.70
N LEU C 470 -50.48 -25.40 -39.15
CA LEU C 470 -49.44 -26.40 -39.35
C LEU C 470 -49.68 -27.16 -40.65
N ASP C 471 -49.52 -26.43 -41.76
CA ASP C 471 -49.78 -26.93 -43.12
C ASP C 471 -48.49 -27.15 -43.94
N GLY C 472 -47.34 -27.10 -43.27
CA GLY C 472 -46.05 -27.33 -43.90
C GLY C 472 -45.51 -26.15 -44.70
N SER C 473 -46.15 -24.98 -44.64
CA SER C 473 -45.86 -23.86 -45.57
C SER C 473 -44.79 -22.87 -45.10
N HIS C 474 -44.34 -22.98 -43.86
CA HIS C 474 -43.52 -21.93 -43.27
C HIS C 474 -42.03 -22.20 -43.43
N PRO C 475 -41.23 -21.18 -43.80
CA PRO C 475 -39.79 -21.40 -43.74
C PRO C 475 -39.35 -21.55 -42.29
N CYS C 476 -38.34 -22.35 -42.08
CA CYS C 476 -37.92 -22.72 -40.74
C CYS C 476 -36.40 -22.61 -40.63
N GLU C 477 -35.91 -21.97 -39.57
CA GLU C 477 -34.50 -21.90 -39.26
C GLU C 477 -34.29 -22.63 -37.96
N MET C 478 -33.38 -23.61 -37.97
CA MET C 478 -33.00 -24.35 -36.78
CA MET C 478 -33.00 -24.36 -36.79
C MET C 478 -31.54 -24.10 -36.42
N HIS C 479 -31.29 -23.89 -35.14
CA HIS C 479 -29.98 -23.61 -34.60
C HIS C 479 -29.66 -24.63 -33.54
N GLY C 480 -28.39 -25.01 -33.49
CA GLY C 480 -27.88 -25.88 -32.44
C GLY C 480 -26.38 -25.75 -32.30
N TYR C 481 -25.85 -26.41 -31.27
CA TYR C 481 -24.42 -26.44 -31.02
C TYR C 481 -24.00 -27.89 -30.77
N GLY C 482 -24.36 -28.44 -29.63
CA GLY C 482 -24.14 -29.84 -29.31
C GLY C 482 -22.69 -30.20 -29.01
N GLY C 483 -22.17 -29.70 -27.90
CA GLY C 483 -20.82 -30.10 -27.49
C GLY C 483 -20.30 -29.32 -26.29
N PHE C 484 -19.25 -29.84 -25.69
CA PHE C 484 -18.42 -29.11 -24.71
C PHE C 484 -19.16 -28.70 -23.47
N GLY C 485 -20.28 -29.38 -23.19
CA GLY C 485 -21.13 -29.07 -22.05
C GLY C 485 -21.75 -27.69 -22.09
N ILE C 486 -21.85 -27.09 -23.29
CA ILE C 486 -22.43 -25.75 -23.43
C ILE C 486 -23.94 -25.85 -23.41
N ASN C 487 -24.58 -24.99 -22.65
CA ASN C 487 -26.03 -24.90 -22.55
C ASN C 487 -26.56 -23.85 -23.51
N MET C 488 -27.41 -24.27 -24.45
CA MET C 488 -27.96 -23.35 -25.44
C MET C 488 -29.28 -22.78 -24.94
N MET C 489 -29.28 -21.49 -24.64
CA MET C 489 -30.47 -20.82 -24.10
C MET C 489 -31.16 -19.98 -25.16
N PRO C 490 -32.50 -19.85 -25.09
CA PRO C 490 -33.25 -19.05 -26.05
C PRO C 490 -33.15 -17.56 -25.71
N THR C 491 -32.07 -16.91 -26.15
CA THR C 491 -31.81 -15.50 -25.90
C THR C 491 -32.29 -14.60 -27.03
N PHE C 492 -32.20 -13.29 -26.82
CA PHE C 492 -32.71 -12.35 -27.82
C PHE C 492 -31.77 -12.16 -29.01
N SER C 493 -32.34 -12.17 -30.21
CA SER C 493 -31.70 -11.79 -31.46
C SER C 493 -32.65 -10.92 -32.30
N ALA C 494 -32.19 -9.74 -32.70
CA ALA C 494 -33.03 -8.86 -33.51
C ALA C 494 -33.29 -9.43 -34.89
N SER C 495 -32.29 -10.05 -35.48
CA SER C 495 -32.41 -10.62 -36.82
C SER C 495 -33.41 -11.77 -36.80
N ARG C 496 -33.47 -12.52 -35.71
CA ARG C 496 -34.46 -13.56 -35.61
C ARG C 496 -35.89 -13.02 -35.64
N ILE C 497 -36.12 -11.88 -35.02
CA ILE C 497 -37.43 -11.23 -35.05
C ILE C 497 -37.78 -10.78 -36.46
N VAL C 498 -36.80 -10.32 -37.24
CA VAL C 498 -37.07 -9.97 -38.63
C VAL C 498 -37.52 -11.22 -39.40
N PHE C 499 -36.84 -12.33 -39.17
CA PHE C 499 -37.20 -13.61 -39.79
C PHE C 499 -38.63 -14.03 -39.46
N LEU C 500 -38.99 -14.00 -38.17
CA LEU C 500 -40.34 -14.34 -37.71
C LEU C 500 -41.40 -13.41 -38.31
N LYS C 501 -41.13 -12.11 -38.28
CA LYS C 501 -42.14 -11.13 -38.64
C LYS C 501 -42.22 -10.86 -40.14
N HIS C 502 -41.07 -10.68 -40.79
CA HIS C 502 -41.06 -10.26 -42.21
C HIS C 502 -40.80 -11.39 -43.20
N LEU C 503 -40.46 -12.55 -42.69
CA LEU C 503 -40.38 -13.73 -43.54
C LEU C 503 -41.38 -14.81 -43.13
N GLY C 504 -42.23 -14.54 -42.15
CA GLY C 504 -43.21 -15.54 -41.68
C GLY C 504 -42.53 -16.82 -41.20
N GLY C 505 -41.34 -16.67 -40.62
CA GLY C 505 -40.52 -17.80 -40.24
C GLY C 505 -40.93 -18.48 -38.95
N VAL C 506 -40.51 -19.73 -38.82
CA VAL C 506 -40.52 -20.48 -37.59
C VAL C 506 -39.07 -20.69 -37.15
N PHE C 507 -38.75 -20.40 -35.90
CA PHE C 507 -37.38 -20.57 -35.42
C PHE C 507 -37.35 -21.69 -34.41
N CYS C 508 -36.37 -22.55 -34.53
CA CYS C 508 -36.18 -23.69 -33.64
C CYS C 508 -34.77 -23.68 -33.04
N LEU C 509 -34.69 -23.76 -31.71
CA LEU C 509 -33.43 -23.98 -31.02
C LEU C 509 -33.49 -25.37 -30.44
N ALA C 510 -32.56 -26.23 -30.83
CA ALA C 510 -32.58 -27.63 -30.42
C ALA C 510 -31.50 -27.88 -29.37
N ASN C 511 -31.92 -28.40 -28.20
CA ASN C 511 -30.98 -28.69 -27.11
C ASN C 511 -30.51 -30.13 -27.20
N ILE C 512 -29.65 -30.37 -28.16
CA ILE C 512 -29.14 -31.68 -28.47
C ILE C 512 -28.08 -32.12 -27.49
N ARG C 513 -27.81 -33.42 -27.48
CA ARG C 513 -26.76 -33.99 -26.62
C ARG C 513 -25.38 -33.42 -26.98
N GLY C 514 -24.43 -33.61 -26.08
CA GLY C 514 -23.14 -32.95 -26.14
C GLY C 514 -23.12 -31.63 -25.36
N GLY C 515 -24.27 -30.96 -25.23
CA GLY C 515 -24.39 -29.80 -24.39
C GLY C 515 -24.42 -30.22 -22.94
N GLY C 516 -24.63 -29.26 -22.04
CA GLY C 516 -24.63 -29.55 -20.62
C GLY C 516 -26.00 -29.51 -19.97
N GLU C 517 -27.06 -29.46 -20.76
CA GLU C 517 -28.38 -29.04 -20.26
C GLU C 517 -28.94 -30.00 -19.21
N TYR C 518 -28.64 -31.28 -19.36
CA TYR C 518 -29.02 -32.27 -18.35
C TYR C 518 -27.81 -32.84 -17.62
N GLY C 519 -26.77 -32.03 -17.49
CA GLY C 519 -25.57 -32.41 -16.79
C GLY C 519 -24.59 -33.21 -17.60
N GLU C 520 -23.60 -33.73 -16.88
CA GLU C 520 -22.46 -34.39 -17.47
C GLU C 520 -22.84 -35.65 -18.29
N GLU C 521 -23.91 -36.36 -17.91
CA GLU C 521 -24.35 -37.51 -18.69
C GLU C 521 -24.86 -37.11 -20.09
N TRP C 522 -25.47 -35.92 -20.18
CA TRP C 522 -25.94 -35.35 -21.44
C TRP C 522 -24.77 -34.98 -22.35
N HIS C 523 -23.76 -34.37 -21.74
CA HIS C 523 -22.53 -34.03 -22.43
C HIS C 523 -21.85 -35.28 -22.97
N LYS C 524 -21.67 -36.29 -22.11
CA LYS C 524 -20.94 -37.50 -22.51
C LYS C 524 -21.70 -38.36 -23.51
N ALA C 525 -23.03 -38.22 -23.56
CA ALA C 525 -23.82 -38.94 -24.55
C ALA C 525 -23.71 -38.32 -25.93
N GLY C 526 -22.98 -37.21 -26.05
CA GLY C 526 -22.71 -36.58 -27.32
C GLY C 526 -21.27 -36.15 -27.54
N PHE C 527 -20.33 -36.93 -27.03
CA PHE C 527 -18.91 -36.67 -27.29
C PHE C 527 -18.15 -37.96 -27.59
N ARG C 528 -16.94 -37.80 -28.11
CA ARG C 528 -16.01 -38.92 -28.38
C ARG C 528 -16.65 -39.97 -29.30
N ASP C 529 -16.74 -41.23 -28.86
CA ASP C 529 -17.46 -42.28 -29.61
C ASP C 529 -18.95 -42.01 -29.90
N LYS C 530 -19.59 -41.14 -29.11
CA LYS C 530 -21.00 -40.84 -29.23
C LYS C 530 -21.28 -39.48 -29.89
N LYS C 531 -20.28 -38.88 -30.53
CA LYS C 531 -20.51 -37.62 -31.23
C LYS C 531 -21.62 -37.74 -32.28
N GLN C 532 -21.75 -38.88 -32.91
CA GLN C 532 -22.80 -39.09 -33.91
C GLN C 532 -24.22 -38.84 -33.33
N ASN C 533 -24.42 -39.09 -32.03
CA ASN C 533 -25.70 -38.82 -31.39
C ASN C 533 -26.16 -37.38 -31.54
N VAL C 534 -25.20 -36.47 -31.56
CA VAL C 534 -25.46 -35.05 -31.68
C VAL C 534 -26.11 -34.77 -33.02
N PHE C 535 -25.55 -35.35 -34.07
CA PHE C 535 -26.06 -35.14 -35.42
C PHE C 535 -27.43 -35.81 -35.58
N ASP C 536 -27.57 -37.01 -35.04
CA ASP C 536 -28.87 -37.70 -35.05
C ASP C 536 -29.96 -36.91 -34.33
N ASP C 537 -29.61 -36.28 -33.20
CA ASP C 537 -30.55 -35.48 -32.44
C ASP C 537 -31.02 -34.30 -33.27
N PHE C 538 -30.10 -33.63 -33.93
CA PHE C 538 -30.43 -32.47 -34.75
C PHE C 538 -31.28 -32.83 -35.95
N ILE C 539 -30.91 -33.91 -36.64
CA ILE C 539 -31.71 -34.47 -37.71
C ILE C 539 -33.13 -34.81 -37.23
N SER C 540 -33.26 -35.42 -36.05
CA SER C 540 -34.55 -35.79 -35.48
C SER C 540 -35.45 -34.59 -35.20
N ALA C 541 -34.83 -33.46 -34.83
CA ALA C 541 -35.58 -32.24 -34.63
C ALA C 541 -36.12 -31.71 -35.95
N ALA C 542 -35.32 -31.73 -37.00
CA ALA C 542 -35.80 -31.32 -38.33
C ALA C 542 -36.94 -32.25 -38.78
N GLU C 543 -36.79 -33.55 -38.58
CA GLU C 543 -37.85 -34.51 -38.95
C GLU C 543 -39.15 -34.23 -38.21
N TYR C 544 -39.07 -33.85 -36.93
CA TYR C 544 -40.25 -33.46 -36.17
C TYR C 544 -40.93 -32.24 -36.77
N LEU C 545 -40.15 -31.20 -37.09
CA LEU C 545 -40.71 -29.96 -37.63
C LEU C 545 -41.45 -30.23 -38.93
N ILE C 546 -40.92 -31.15 -39.73
CA ILE C 546 -41.59 -31.58 -40.96
C ILE C 546 -42.82 -32.43 -40.69
N SER C 547 -42.69 -33.47 -39.87
CA SER C 547 -43.83 -34.36 -39.63
C SER C 547 -45.02 -33.64 -38.98
N SER C 548 -44.74 -32.66 -38.15
CA SER C 548 -45.81 -32.00 -37.42
C SER C 548 -46.40 -30.83 -38.20
N GLY C 549 -45.83 -30.49 -39.35
CA GLY C 549 -46.45 -29.53 -40.24
C GLY C 549 -46.02 -28.08 -40.07
N TYR C 550 -44.97 -27.80 -39.31
CA TYR C 550 -44.42 -26.43 -39.31
C TYR C 550 -43.84 -26.06 -40.68
N THR C 551 -43.22 -27.04 -41.32
CA THR C 551 -42.42 -26.79 -42.46
C THR C 551 -42.35 -28.01 -43.35
N LYS C 552 -41.55 -27.94 -44.41
CA LYS C 552 -41.26 -29.10 -45.26
C LYS C 552 -39.77 -29.15 -45.55
N ALA C 553 -39.31 -30.32 -45.97
CA ALA C 553 -37.90 -30.51 -46.32
C ALA C 553 -37.67 -29.53 -47.42
N ARG C 554 -36.55 -28.85 -47.44
CA ARG C 554 -36.31 -27.85 -48.51
C ARG C 554 -36.81 -26.46 -48.12
N ARG C 555 -37.70 -26.34 -47.14
CA ARG C 555 -37.95 -25.04 -46.48
C ARG C 555 -37.29 -24.94 -45.09
N VAL C 556 -36.40 -25.87 -44.76
CA VAL C 556 -35.64 -25.86 -43.51
C VAL C 556 -34.21 -25.37 -43.72
N ALA C 557 -33.82 -24.34 -42.96
CA ALA C 557 -32.48 -23.85 -42.95
C ALA C 557 -31.84 -24.23 -41.62
N ILE C 558 -30.60 -24.62 -41.67
CA ILE C 558 -29.84 -24.92 -40.44
C ILE C 558 -28.61 -24.03 -40.33
N GLU C 559 -28.30 -23.59 -39.10
CA GLU C 559 -27.23 -22.67 -38.86
C GLU C 559 -26.54 -23.01 -37.55
N GLY C 560 -25.22 -22.83 -37.55
CA GLY C 560 -24.41 -23.12 -36.36
C GLY C 560 -23.02 -22.57 -36.54
N GLY C 561 -22.34 -22.34 -35.42
CA GLY C 561 -20.96 -21.83 -35.45
C GLY C 561 -19.95 -22.66 -34.69
N ALA C 562 -18.76 -22.80 -35.27
CA ALA C 562 -17.59 -23.52 -34.67
C ALA C 562 -17.88 -25.01 -34.49
N ASN C 563 -18.03 -25.51 -33.28
CA ASN C 563 -18.58 -26.87 -33.10
C ASN C 563 -20.00 -26.98 -33.72
N GLY C 564 -20.76 -25.88 -33.72
CA GLY C 564 -22.04 -25.86 -34.42
C GLY C 564 -21.94 -25.82 -35.94
N GLY C 565 -20.84 -25.34 -36.47
CA GLY C 565 -20.56 -25.41 -37.91
C GLY C 565 -20.22 -26.83 -38.34
N LEU C 566 -19.50 -27.55 -37.50
CA LEU C 566 -19.33 -29.00 -37.67
C LEU C 566 -20.68 -29.72 -37.70
N LEU C 567 -21.57 -29.36 -36.78
CA LEU C 567 -22.92 -29.89 -36.72
C LEU C 567 -23.65 -29.72 -38.06
N VAL C 568 -23.63 -28.50 -38.57
CA VAL C 568 -24.27 -28.19 -39.87
C VAL C 568 -23.66 -29.04 -41.00
N ALA C 569 -22.34 -29.04 -41.11
CA ALA C 569 -21.65 -29.76 -42.20
C ALA C 569 -21.86 -31.25 -42.15
N ALA C 570 -21.83 -31.84 -40.95
CA ALA C 570 -22.09 -33.28 -40.83
C ALA C 570 -23.52 -33.62 -41.17
N CYS C 571 -24.48 -32.81 -40.72
CA CYS C 571 -25.90 -33.06 -41.04
C CYS C 571 -26.23 -32.95 -42.51
N ILE C 572 -25.66 -31.97 -43.20
CA ILE C 572 -25.92 -31.88 -44.64
C ILE C 572 -25.23 -32.98 -45.43
N ASN C 573 -24.08 -33.48 -44.96
CA ASN C 573 -23.45 -34.66 -45.57
C ASN C 573 -24.31 -35.88 -45.41
N GLN C 574 -24.89 -36.03 -44.23
CA GLN C 574 -25.64 -37.26 -43.92
C GLN C 574 -27.07 -37.23 -44.44
N ARG C 575 -27.73 -36.06 -44.40
CA ARG C 575 -29.14 -35.96 -44.81
C ARG C 575 -29.37 -34.70 -45.64
N PRO C 576 -28.72 -34.60 -46.81
CA PRO C 576 -28.90 -33.40 -47.64
C PRO C 576 -30.34 -33.14 -48.07
N ASP C 577 -31.12 -34.22 -48.20
CA ASP C 577 -32.56 -34.17 -48.55
C ASP C 577 -33.44 -33.39 -47.57
N LEU C 578 -33.02 -33.26 -46.30
CA LEU C 578 -33.85 -32.62 -45.29
C LEU C 578 -33.82 -31.10 -45.31
N PHE C 579 -32.83 -30.51 -46.00
CA PHE C 579 -32.51 -29.09 -45.77
C PHE C 579 -32.57 -28.32 -47.06
N GLY C 580 -33.03 -27.08 -46.97
CA GLY C 580 -33.01 -26.16 -48.10
C GLY C 580 -31.87 -25.15 -48.05
N CYS C 581 -31.31 -24.93 -46.87
CA CYS C 581 -30.23 -23.97 -46.71
C CYS C 581 -29.40 -24.37 -45.52
N ALA C 582 -28.09 -24.19 -45.63
CA ALA C 582 -27.13 -24.55 -44.60
C ALA C 582 -26.11 -23.44 -44.47
N GLU C 583 -25.95 -22.93 -43.25
CA GLU C 583 -25.01 -21.84 -42.99
C GLU C 583 -24.11 -22.25 -41.83
N ALA C 584 -22.83 -22.46 -42.13
CA ALA C 584 -21.85 -22.96 -41.17
C ALA C 584 -20.87 -21.86 -40.95
N ASN C 585 -20.84 -21.35 -39.72
CA ASN C 585 -19.96 -20.27 -39.39
C ASN C 585 -18.71 -20.86 -38.68
N CYS C 586 -17.52 -20.52 -39.20
CA CYS C 586 -16.22 -20.95 -38.65
C CYS C 586 -16.21 -22.37 -38.13
N GLY C 587 -16.67 -23.30 -38.95
CA GLY C 587 -16.80 -24.68 -38.50
C GLY C 587 -15.50 -25.45 -38.40
N VAL C 588 -15.49 -26.48 -37.56
CA VAL C 588 -14.38 -27.44 -37.47
C VAL C 588 -14.70 -28.54 -38.49
N MET C 589 -14.06 -28.48 -39.64
CA MET C 589 -14.43 -29.33 -40.79
C MET C 589 -13.47 -30.47 -41.10
N ASP C 590 -12.20 -30.33 -40.77
CA ASP C 590 -11.20 -31.39 -40.90
C ASP C 590 -10.98 -32.01 -39.53
N MET C 591 -11.71 -33.09 -39.26
CA MET C 591 -11.61 -33.73 -37.95
C MET C 591 -10.36 -34.59 -37.80
N LEU C 592 -9.63 -34.85 -38.88
CA LEU C 592 -8.39 -35.60 -38.79
C LEU C 592 -7.21 -34.74 -38.42
N ARG C 593 -7.28 -33.44 -38.70
CA ARG C 593 -6.13 -32.56 -38.49
C ARG C 593 -6.38 -31.37 -37.56
N PHE C 594 -7.58 -31.27 -36.98
CA PHE C 594 -7.93 -30.06 -36.19
C PHE C 594 -6.94 -29.83 -35.03
N HIS C 595 -6.45 -30.92 -34.46
CA HIS C 595 -5.58 -30.85 -33.27
C HIS C 595 -4.21 -30.23 -33.56
N LYS C 596 -3.85 -30.06 -34.83
CA LYS C 596 -2.56 -29.53 -35.22
C LYS C 596 -2.52 -28.01 -35.31
N PHE C 597 -3.66 -27.31 -35.24
CA PHE C 597 -3.69 -25.85 -35.47
C PHE C 597 -4.17 -25.08 -34.25
N THR C 598 -3.44 -24.01 -33.95
CA THR C 598 -3.63 -23.11 -32.82
C THR C 598 -4.07 -23.87 -31.57
N LEU C 599 -5.28 -23.65 -31.08
CA LEU C 599 -5.71 -24.28 -29.82
C LEU C 599 -6.58 -25.52 -30.03
N GLY C 600 -6.62 -26.04 -31.25
CA GLY C 600 -7.41 -27.22 -31.55
C GLY C 600 -7.07 -28.44 -30.69
N TYR C 601 -5.82 -28.52 -30.24
CA TYR C 601 -5.37 -29.62 -29.39
C TYR C 601 -6.14 -29.67 -28.05
N LEU C 602 -6.73 -28.55 -27.63
CA LEU C 602 -7.56 -28.52 -26.42
C LEU C 602 -8.90 -29.25 -26.56
N TRP C 603 -9.30 -29.55 -27.79
CA TRP C 603 -10.62 -30.12 -28.06
C TRP C 603 -10.60 -31.64 -28.18
N THR C 604 -9.43 -32.26 -28.03
CA THR C 604 -9.32 -33.73 -28.21
C THR C 604 -10.07 -34.47 -27.12
N GLY C 605 -10.26 -33.84 -25.96
CA GLY C 605 -11.19 -34.32 -24.92
C GLY C 605 -12.61 -34.65 -25.40
N ASP C 606 -13.23 -33.73 -26.16
CA ASP C 606 -14.58 -33.95 -26.69
C ASP C 606 -14.56 -34.78 -27.99
N TYR C 607 -13.57 -34.56 -28.85
CA TYR C 607 -13.61 -35.16 -30.18
C TYR C 607 -12.86 -36.47 -30.30
N GLY C 608 -11.87 -36.68 -29.46
CA GLY C 608 -10.83 -37.66 -29.73
C GLY C 608 -9.79 -37.07 -30.66
N CYS C 609 -8.84 -37.91 -31.07
CA CYS C 609 -7.70 -37.50 -31.90
C CYS C 609 -7.34 -38.61 -32.89
N SER C 610 -7.07 -38.23 -34.13
CA SER C 610 -6.78 -39.21 -35.19
C SER C 610 -5.45 -39.97 -35.03
N ASP C 611 -4.57 -39.57 -34.09
CA ASP C 611 -3.35 -40.36 -33.83
C ASP C 611 -3.60 -41.61 -32.98
N LYS C 612 -4.83 -41.84 -32.52
CA LYS C 612 -5.21 -43.10 -31.88
C LYS C 612 -6.24 -43.82 -32.75
N GLU C 613 -6.02 -45.11 -33.01
CA GLU C 613 -6.80 -45.85 -34.02
C GLU C 613 -8.29 -45.87 -33.73
N GLU C 614 -8.66 -46.21 -32.50
CA GLU C 614 -10.05 -46.25 -32.04
C GLU C 614 -10.77 -44.91 -32.30
N GLU C 615 -10.03 -43.82 -32.12
CA GLU C 615 -10.59 -42.49 -32.22
C GLU C 615 -10.63 -42.05 -33.67
N PHE C 616 -9.58 -42.37 -34.44
CA PHE C 616 -9.61 -42.18 -35.89
C PHE C 616 -10.87 -42.79 -36.49
N LYS C 617 -11.20 -44.01 -36.06
CA LYS C 617 -12.38 -44.71 -36.60
C LYS C 617 -13.70 -43.98 -36.35
N TRP C 618 -13.85 -43.31 -35.20
N TRP C 618 -13.85 -43.31 -35.20
N TRP C 618 -13.85 -43.31 -35.21
CA TRP C 618 -15.02 -42.44 -34.95
CA TRP C 618 -15.02 -42.44 -34.94
CA TRP C 618 -15.06 -42.53 -35.01
C TRP C 618 -15.00 -41.23 -35.85
C TRP C 618 -14.99 -41.23 -35.85
C TRP C 618 -15.00 -41.22 -35.82
N LEU C 619 -13.83 -40.61 -35.94
CA LEU C 619 -13.70 -39.31 -36.60
C LEU C 619 -13.94 -39.37 -38.09
N ILE C 620 -13.39 -40.40 -38.73
CA ILE C 620 -13.48 -40.53 -40.18
C ILE C 620 -14.94 -40.66 -40.67
N LYS C 621 -15.80 -41.21 -39.82
CA LYS C 621 -17.20 -41.43 -40.21
C LYS C 621 -18.02 -40.17 -40.34
N TYR C 622 -17.63 -39.10 -39.66
CA TYR C 622 -18.34 -37.84 -39.77
C TYR C 622 -17.55 -36.61 -40.15
N SER C 623 -16.21 -36.69 -40.19
CA SER C 623 -15.38 -35.56 -40.56
C SER C 623 -15.92 -34.93 -41.85
N PRO C 624 -16.34 -33.65 -41.79
CA PRO C 624 -17.03 -33.09 -42.95
C PRO C 624 -16.28 -33.16 -44.27
N ILE C 625 -14.99 -32.80 -44.32
CA ILE C 625 -14.26 -32.81 -45.60
C ILE C 625 -14.01 -34.23 -46.14
N HIS C 626 -14.21 -35.26 -45.31
CA HIS C 626 -14.01 -36.63 -45.72
C HIS C 626 -15.31 -37.39 -46.02
N ASN C 627 -16.46 -36.70 -45.97
CA ASN C 627 -17.76 -37.32 -46.18
C ASN C 627 -18.68 -36.56 -47.15
N VAL C 628 -18.09 -35.80 -48.05
CA VAL C 628 -18.85 -35.13 -49.09
C VAL C 628 -19.05 -36.18 -50.19
N ARG C 629 -20.30 -36.52 -50.46
CA ARG C 629 -20.67 -37.50 -51.50
C ARG C 629 -21.84 -36.96 -52.31
N ARG C 630 -21.89 -37.33 -53.58
CA ARG C 630 -22.98 -36.92 -54.47
C ARG C 630 -24.25 -37.66 -54.08
N PRO C 631 -25.25 -36.96 -53.53
CA PRO C 631 -26.42 -37.70 -53.03
C PRO C 631 -27.23 -38.39 -54.12
N TRP C 632 -27.30 -37.76 -55.28
CA TRP C 632 -28.04 -38.30 -56.43
C TRP C 632 -27.46 -39.61 -57.00
N GLU C 633 -26.24 -39.99 -56.65
CA GLU C 633 -25.68 -41.28 -57.05
C GLU C 633 -26.07 -42.46 -56.16
N GLN C 634 -26.74 -42.21 -55.05
CA GLN C 634 -27.28 -43.30 -54.20
C GLN C 634 -28.67 -43.75 -54.71
N PRO C 635 -28.91 -45.07 -54.82
CA PRO C 635 -30.19 -45.50 -55.40
C PRO C 635 -31.42 -45.04 -54.57
N GLY C 636 -32.50 -44.64 -55.25
CA GLY C 636 -33.66 -44.05 -54.60
C GLY C 636 -33.55 -42.58 -54.18
N ASN C 637 -32.36 -41.97 -54.35
CA ASN C 637 -32.07 -40.61 -53.88
C ASN C 637 -31.73 -39.72 -55.10
N GLU C 638 -32.22 -40.10 -56.28
CA GLU C 638 -31.81 -39.43 -57.53
C GLU C 638 -32.30 -37.99 -57.64
N GLU C 639 -33.32 -37.63 -56.85
CA GLU C 639 -33.88 -36.28 -56.82
C GLU C 639 -33.14 -35.33 -55.87
N THR C 640 -32.20 -35.85 -55.08
CA THR C 640 -31.56 -35.07 -54.02
C THR C 640 -30.33 -34.31 -54.50
N GLN C 641 -30.15 -33.10 -53.99
CA GLN C 641 -28.88 -32.37 -54.12
C GLN C 641 -28.56 -31.80 -52.75
N TYR C 642 -27.36 -31.25 -52.59
CA TYR C 642 -27.05 -30.52 -51.36
C TYR C 642 -27.89 -29.26 -51.27
N PRO C 643 -28.24 -28.83 -50.04
CA PRO C 643 -28.85 -27.53 -49.89
C PRO C 643 -27.90 -26.44 -50.37
N ALA C 644 -28.46 -25.28 -50.68
CA ALA C 644 -27.68 -24.07 -50.85
C ALA C 644 -26.90 -23.88 -49.55
N THR C 645 -25.59 -23.71 -49.68
CA THR C 645 -24.67 -23.73 -48.56
C THR C 645 -23.84 -22.45 -48.58
N MET C 646 -23.78 -21.79 -47.42
CA MET C 646 -22.87 -20.67 -47.21
C MET C 646 -21.94 -21.04 -46.06
N ILE C 647 -20.66 -21.02 -46.34
CA ILE C 647 -19.64 -21.29 -45.33
C ILE C 647 -19.13 -19.90 -44.97
N LEU C 648 -19.28 -19.50 -43.70
CA LEU C 648 -18.83 -18.19 -43.27
C LEU C 648 -17.56 -18.34 -42.42
N THR C 649 -16.61 -17.43 -42.62
CA THR C 649 -15.46 -17.36 -41.71
C THR C 649 -14.81 -15.99 -41.78
N ALA C 650 -14.22 -15.58 -40.66
CA ALA C 650 -13.27 -14.47 -40.66
C ALA C 650 -11.96 -14.98 -41.23
N ASP C 651 -11.27 -14.10 -41.96
CA ASP C 651 -10.02 -14.49 -42.63
C ASP C 651 -8.84 -14.72 -41.64
N HIS C 652 -8.93 -14.18 -40.42
CA HIS C 652 -7.87 -14.34 -39.40
C HIS C 652 -8.43 -14.88 -38.08
N ASP C 653 -9.33 -15.84 -38.18
CA ASP C 653 -9.84 -16.52 -36.99
C ASP C 653 -8.71 -17.40 -36.44
N ASP C 654 -8.24 -17.08 -35.23
CA ASP C 654 -7.24 -17.88 -34.54
C ASP C 654 -7.82 -18.96 -33.62
N ARG C 655 -9.14 -18.97 -33.41
CA ARG C 655 -9.78 -19.98 -32.61
C ARG C 655 -10.00 -21.22 -33.46
N VAL C 656 -10.75 -21.05 -34.55
CA VAL C 656 -10.99 -22.10 -35.54
C VAL C 656 -10.35 -21.58 -36.82
N VAL C 657 -9.19 -22.10 -37.15
CA VAL C 657 -8.44 -21.60 -38.31
C VAL C 657 -9.30 -21.76 -39.58
N PRO C 658 -9.26 -20.76 -40.48
CA PRO C 658 -10.13 -20.79 -41.65
C PRO C 658 -9.85 -21.88 -42.68
N LEU C 659 -8.67 -22.51 -42.64
CA LEU C 659 -8.41 -23.67 -43.49
C LEU C 659 -9.52 -24.72 -43.45
N HIS C 660 -10.16 -24.88 -42.29
CA HIS C 660 -11.28 -25.82 -42.15
C HIS C 660 -12.39 -25.50 -43.16
N SER C 661 -12.86 -24.27 -43.12
CA SER C 661 -13.87 -23.77 -44.05
C SER C 661 -13.40 -23.85 -45.50
N PHE C 662 -12.16 -23.44 -45.73
CA PHE C 662 -11.65 -23.41 -47.11
C PHE C 662 -11.58 -24.81 -47.73
N LYS C 663 -11.08 -25.78 -46.95
CA LYS C 663 -10.97 -27.15 -47.42
C LYS C 663 -12.34 -27.77 -47.64
N LEU C 664 -13.30 -27.48 -46.78
CA LEU C 664 -14.67 -27.97 -47.01
C LEU C 664 -15.25 -27.37 -48.28
N LEU C 665 -15.09 -26.06 -48.44
CA LEU C 665 -15.61 -25.38 -49.61
C LEU C 665 -15.05 -25.98 -50.92
N ALA C 666 -13.73 -26.16 -50.95
CA ALA C 666 -13.04 -26.74 -52.10
C ALA C 666 -13.52 -28.17 -52.37
N THR C 667 -13.65 -28.96 -51.31
CA THR C 667 -14.11 -30.33 -51.43
C THR C 667 -15.55 -30.41 -51.98
N MET C 668 -16.44 -29.58 -51.44
CA MET C 668 -17.84 -29.55 -51.91
C MET C 668 -17.95 -29.10 -53.35
N GLN C 669 -17.27 -28.02 -53.68
CA GLN C 669 -17.30 -27.52 -55.05
C GLN C 669 -16.76 -28.56 -56.05
N HIS C 670 -15.69 -29.26 -55.66
CA HIS C 670 -15.14 -30.34 -56.50
C HIS C 670 -16.10 -31.51 -56.66
N VAL C 671 -16.52 -32.12 -55.56
CA VAL C 671 -17.32 -33.36 -55.62
C VAL C 671 -18.67 -33.13 -56.32
N LEU C 672 -19.33 -32.02 -55.95
CA LEU C 672 -20.69 -31.75 -56.37
C LEU C 672 -20.83 -30.96 -57.67
N CYS C 673 -19.84 -30.13 -58.03
CA CYS C 673 -19.99 -29.21 -59.15
C CYS C 673 -18.92 -29.34 -60.23
N THR C 674 -17.66 -29.05 -59.91
CA THR C 674 -16.63 -28.95 -60.96
C THR C 674 -16.04 -30.27 -61.47
N SER C 675 -16.18 -31.38 -60.73
CA SER C 675 -15.73 -32.69 -61.22
C SER C 675 -16.67 -33.31 -62.27
N LEU C 676 -17.80 -32.66 -62.55
CA LEU C 676 -18.78 -33.13 -63.53
C LEU C 676 -19.05 -32.05 -64.54
N GLU C 677 -19.37 -32.46 -65.77
CA GLU C 677 -20.08 -31.58 -66.71
C GLU C 677 -21.57 -31.66 -66.38
N ASP C 678 -22.28 -30.55 -66.50
CA ASP C 678 -23.72 -30.45 -66.20
C ASP C 678 -24.14 -31.23 -64.93
N SER C 679 -23.61 -30.80 -63.79
CA SER C 679 -23.98 -31.42 -62.53
C SER C 679 -25.44 -31.16 -62.18
N PRO C 680 -26.11 -32.13 -61.54
CA PRO C 680 -27.44 -31.87 -60.94
C PRO C 680 -27.42 -30.87 -59.80
N GLN C 681 -26.26 -30.59 -59.23
CA GLN C 681 -26.15 -29.62 -58.14
C GLN C 681 -26.35 -28.20 -58.68
N LYS C 682 -27.54 -27.64 -58.45
CA LYS C 682 -27.86 -26.26 -58.88
C LYS C 682 -27.81 -25.29 -57.70
N ASN C 683 -28.13 -25.76 -56.50
CA ASN C 683 -28.07 -24.90 -55.32
C ASN C 683 -26.61 -24.44 -55.13
N PRO C 684 -26.39 -23.13 -54.89
CA PRO C 684 -25.00 -22.64 -54.81
C PRO C 684 -24.27 -23.06 -53.54
N ILE C 685 -22.97 -23.25 -53.67
CA ILE C 685 -22.07 -23.59 -52.59
C ILE C 685 -20.98 -22.51 -52.56
N ILE C 686 -21.08 -21.59 -51.58
CA ILE C 686 -20.27 -20.40 -51.55
C ILE C 686 -19.72 -20.15 -50.15
N ALA C 687 -18.74 -19.26 -50.08
CA ALA C 687 -18.23 -18.81 -48.80
C ALA C 687 -18.36 -17.32 -48.67
N ARG C 688 -18.76 -16.86 -47.50
CA ARG C 688 -18.68 -15.44 -47.17
C ARG C 688 -17.49 -15.26 -46.27
N ILE C 689 -16.44 -14.63 -46.81
CA ILE C 689 -15.19 -14.50 -46.07
C ILE C 689 -15.08 -13.07 -45.59
N GLN C 690 -15.13 -12.87 -44.28
CA GLN C 690 -14.95 -11.50 -43.71
C GLN C 690 -13.46 -11.14 -43.71
N ARG C 691 -13.12 -10.08 -44.41
CA ARG C 691 -11.75 -9.56 -44.49
C ARG C 691 -11.41 -8.78 -43.22
N LYS C 692 -10.15 -8.85 -42.81
CA LYS C 692 -9.62 -8.11 -41.65
C LYS C 692 -10.47 -8.31 -40.40
N ALA C 693 -10.78 -9.57 -40.11
CA ALA C 693 -11.54 -9.91 -38.91
C ALA C 693 -10.89 -11.07 -38.15
N ALA C 694 -11.02 -11.00 -36.83
CA ALA C 694 -10.54 -12.00 -35.90
C ALA C 694 -11.75 -12.82 -35.47
N HIS C 695 -11.51 -13.77 -34.57
CA HIS C 695 -12.63 -14.50 -33.96
C HIS C 695 -13.50 -13.61 -33.08
N TYR C 696 -12.86 -12.67 -32.36
CA TYR C 696 -13.57 -11.88 -31.37
C TYR C 696 -14.19 -10.62 -32.07
N GLY C 697 -14.69 -9.68 -31.33
CA GLY C 697 -14.61 -8.35 -31.89
C GLY C 697 -15.98 -7.92 -32.28
N ARG C 698 -16.71 -8.51 -33.21
CA ARG C 698 -17.35 -7.71 -34.22
C ARG C 698 -18.28 -6.53 -33.80
N ALA C 699 -17.90 -5.41 -34.38
CA ALA C 699 -18.63 -4.18 -34.29
C ALA C 699 -20.06 -4.39 -34.81
N THR C 700 -21.00 -3.66 -34.20
CA THR C 700 -22.41 -3.70 -34.53
C THR C 700 -22.69 -3.77 -36.05
N MET C 701 -22.18 -2.81 -36.79
CA MET C 701 -22.47 -2.76 -38.25
C MET C 701 -21.87 -3.91 -39.06
N THR C 702 -20.70 -4.38 -38.65
CA THR C 702 -20.05 -5.52 -39.26
C THR C 702 -20.87 -6.79 -39.05
N GLN C 703 -21.32 -6.99 -37.81
CA GLN C 703 -22.18 -8.11 -37.50
C GLN C 703 -23.53 -8.03 -38.24
N ILE C 704 -24.13 -6.85 -38.30
CA ILE C 704 -25.38 -6.67 -39.03
C ILE C 704 -25.20 -7.02 -40.51
N ALA C 705 -24.10 -6.55 -41.12
CA ALA C 705 -23.85 -6.87 -42.53
C ALA C 705 -23.77 -8.40 -42.80
N GLU C 706 -23.07 -9.12 -41.92
CA GLU C 706 -22.96 -10.58 -42.02
C GLU C 706 -24.32 -11.26 -41.90
N VAL C 707 -25.08 -10.85 -40.90
CA VAL C 707 -26.39 -11.46 -40.65
C VAL C 707 -27.41 -11.13 -41.75
N ALA C 708 -27.38 -9.89 -42.27
CA ALA C 708 -28.23 -9.56 -43.41
C ALA C 708 -27.92 -10.43 -44.65
N ASP C 709 -26.64 -10.65 -44.93
CA ASP C 709 -26.19 -11.50 -46.06
C ASP C 709 -26.70 -12.92 -45.85
N ARG C 710 -26.50 -13.43 -44.64
CA ARG C 710 -26.93 -14.76 -44.23
C ARG C 710 -28.47 -14.98 -44.43
N TYR C 711 -29.29 -14.05 -43.96
CA TYR C 711 -30.74 -14.14 -44.11
C TYR C 711 -31.24 -13.89 -45.54
N GLY C 712 -30.61 -12.99 -46.27
CA GLY C 712 -30.95 -12.81 -47.70
C GLY C 712 -30.69 -14.07 -48.54
N PHE C 713 -29.54 -14.71 -48.26
CA PHE C 713 -29.20 -15.97 -48.90
C PHE C 713 -30.23 -17.04 -48.54
N MET C 714 -30.53 -17.14 -47.24
CA MET C 714 -31.53 -18.10 -46.76
C MET C 714 -32.91 -17.86 -47.40
N ALA C 715 -33.34 -16.61 -47.48
CA ALA C 715 -34.66 -16.31 -48.05
C ALA C 715 -34.74 -16.78 -49.52
N LYS C 716 -33.67 -16.49 -50.27
CA LYS C 716 -33.58 -16.92 -51.66
C LYS C 716 -33.53 -18.46 -51.75
N ALA C 717 -32.72 -19.12 -50.90
CA ALA C 717 -32.61 -20.60 -50.91
C ALA C 717 -33.90 -21.29 -50.54
N LEU C 718 -34.63 -20.74 -49.59
CA LEU C 718 -35.93 -21.31 -49.18
C LEU C 718 -37.12 -20.83 -50.02
N GLU C 719 -36.90 -19.90 -50.95
CA GLU C 719 -37.95 -19.31 -51.78
C GLU C 719 -39.06 -18.70 -50.90
N ALA C 720 -38.64 -17.92 -49.90
CA ALA C 720 -39.52 -17.31 -48.94
C ALA C 720 -39.66 -15.84 -49.28
N PRO C 721 -40.90 -15.39 -49.54
CA PRO C 721 -41.07 -13.96 -49.87
C PRO C 721 -41.08 -13.07 -48.62
N TRP C 722 -40.74 -11.81 -48.84
CA TRP C 722 -40.83 -10.80 -47.80
C TRP C 722 -42.29 -10.44 -47.54
N ILE C 723 -42.61 -10.19 -46.28
CA ILE C 723 -43.93 -9.78 -45.83
C ILE C 723 -43.76 -8.42 -45.17
N ASP C 724 -44.48 -7.42 -45.67
CA ASP C 724 -44.27 -6.02 -45.26
C ASP C 724 -44.79 -5.75 -43.86
N ALA D 2 48.72 -13.66 -60.61
CA ALA D 2 47.25 -13.72 -60.89
C ALA D 2 46.68 -15.13 -60.65
N THR D 3 45.46 -15.19 -60.10
CA THR D 3 44.70 -16.43 -59.94
C THR D 3 43.65 -16.48 -61.04
N SER D 4 42.86 -17.54 -61.07
CA SER D 4 41.73 -17.59 -62.01
C SER D 4 40.58 -16.78 -61.44
N GLY D 5 39.83 -16.15 -62.34
CA GLY D 5 38.64 -15.35 -61.98
C GLY D 5 37.34 -16.13 -62.12
N PHE D 6 36.23 -15.41 -62.32
CA PHE D 6 34.92 -16.02 -62.52
C PHE D 6 34.89 -16.75 -63.85
N SER D 7 34.42 -17.99 -63.81
CA SER D 7 34.34 -18.86 -65.02
C SER D 7 33.03 -19.65 -65.20
N LYS D 8 32.35 -20.00 -64.11
CA LYS D 8 31.05 -20.68 -64.17
C LYS D 8 30.01 -19.85 -64.95
N PRO D 9 29.27 -20.49 -65.89
CA PRO D 9 28.25 -19.73 -66.63
C PRO D 9 27.10 -19.29 -65.72
N LEU D 10 26.62 -18.05 -65.92
CA LEU D 10 25.63 -17.44 -65.03
C LEU D 10 24.25 -17.61 -65.63
N HIS D 11 23.30 -17.99 -64.81
CA HIS D 11 21.91 -18.11 -65.23
C HIS D 11 21.17 -16.94 -64.64
N TYR D 12 21.12 -15.85 -65.40
CA TYR D 12 20.38 -14.69 -64.95
C TYR D 12 18.87 -14.98 -64.97
N PRO D 13 18.16 -14.67 -63.88
CA PRO D 13 16.74 -15.00 -63.85
C PRO D 13 15.92 -14.03 -64.71
N PRO D 14 14.78 -14.50 -65.23
CA PRO D 14 13.87 -13.59 -65.97
C PRO D 14 13.28 -12.52 -65.07
N VAL D 15 13.24 -11.29 -65.56
CA VAL D 15 12.69 -10.14 -64.82
C VAL D 15 11.78 -9.41 -65.79
N ARG D 16 10.50 -9.33 -65.49
CA ARG D 16 9.52 -8.71 -66.37
C ARG D 16 9.73 -7.20 -66.55
N ARG D 17 9.58 -6.74 -67.79
CA ARG D 17 9.63 -5.32 -68.10
C ARG D 17 8.25 -4.79 -68.38
N ASP D 18 7.85 -3.76 -67.65
CA ASP D 18 6.62 -3.03 -67.95
C ASP D 18 6.91 -1.92 -68.95
N GLU D 19 6.71 -2.21 -70.23
CA GLU D 19 7.03 -1.29 -71.32
C GLU D 19 6.06 -0.08 -71.43
N THR D 20 4.94 -0.11 -70.70
CA THR D 20 3.96 0.99 -70.75
C THR D 20 4.30 2.17 -69.83
N VAL D 21 5.19 2.00 -68.84
CA VAL D 21 5.44 3.04 -67.86
C VAL D 21 6.45 4.04 -68.44
N VAL D 22 5.95 5.21 -68.79
CA VAL D 22 6.76 6.29 -69.35
C VAL D 22 6.31 7.59 -68.68
N ASP D 23 7.27 8.37 -68.20
CA ASP D 23 6.96 9.67 -67.62
C ASP D 23 7.58 10.76 -68.45
N ASP D 24 6.87 11.89 -68.55
CA ASP D 24 7.38 13.06 -69.22
C ASP D 24 7.91 14.03 -68.16
N TYR D 25 9.21 14.34 -68.27
CA TYR D 25 9.83 15.30 -67.40
C TYR D 25 10.24 16.46 -68.31
N PHE D 26 9.39 17.47 -68.37
CA PHE D 26 9.68 18.71 -69.10
C PHE D 26 10.06 18.47 -70.57
N GLY D 27 9.29 17.59 -71.21
CA GLY D 27 9.50 17.23 -72.62
C GLY D 27 10.42 16.05 -72.86
N VAL D 28 11.12 15.57 -71.84
CA VAL D 28 12.00 14.40 -71.97
C VAL D 28 11.23 13.16 -71.49
N LYS D 29 11.09 12.18 -72.37
CA LYS D 29 10.41 10.92 -72.04
C LYS D 29 11.40 9.96 -71.37
N VAL D 30 11.03 9.44 -70.21
CA VAL D 30 11.85 8.53 -69.43
C VAL D 30 11.05 7.27 -69.13
N ALA D 31 11.50 6.13 -69.64
CA ALA D 31 10.87 4.84 -69.38
C ALA D 31 11.27 4.35 -68.01
N ASP D 32 10.35 3.65 -67.33
CA ASP D 32 10.64 3.03 -66.02
C ASP D 32 10.07 1.58 -66.00
N PRO D 33 10.71 0.68 -66.77
CA PRO D 33 10.15 -0.66 -66.93
C PRO D 33 10.13 -1.54 -65.68
N TYR D 34 10.89 -1.18 -64.65
CA TYR D 34 10.88 -1.93 -63.37
C TYR D 34 10.20 -1.15 -62.25
N ARG D 35 9.27 -0.25 -62.61
CA ARG D 35 8.39 0.46 -61.67
C ARG D 35 7.73 -0.45 -60.62
N TRP D 36 7.28 -1.62 -61.07
CA TRP D 36 6.68 -2.62 -60.20
C TRP D 36 7.53 -3.10 -59.02
N LEU D 37 8.86 -3.02 -59.15
CA LEU D 37 9.77 -3.31 -58.02
C LEU D 37 9.63 -2.34 -56.84
N GLU D 38 8.97 -1.20 -57.04
CA GLU D 38 8.71 -0.26 -55.95
C GLU D 38 7.68 -0.74 -54.92
N ASP D 39 6.96 -1.81 -55.24
CA ASP D 39 6.05 -2.47 -54.31
C ASP D 39 6.76 -3.70 -53.68
N PRO D 40 7.20 -3.57 -52.41
CA PRO D 40 7.95 -4.68 -51.79
C PRO D 40 7.09 -5.88 -51.39
N ASN D 41 5.77 -5.71 -51.36
CA ASN D 41 4.85 -6.73 -50.86
C ASN D 41 4.26 -7.64 -51.92
N SER D 42 4.48 -7.33 -53.20
CA SER D 42 3.89 -8.12 -54.29
C SER D 42 4.63 -9.46 -54.42
N GLU D 43 3.93 -10.49 -54.88
CA GLU D 43 4.56 -11.79 -55.11
C GLU D 43 5.67 -11.66 -56.17
N GLU D 44 5.49 -10.79 -57.15
CA GLU D 44 6.49 -10.61 -58.19
C GLU D 44 7.79 -10.01 -57.61
N THR D 45 7.68 -9.05 -56.70
CA THR D 45 8.87 -8.49 -56.07
C THR D 45 9.54 -9.52 -55.15
N LYS D 46 8.75 -10.25 -54.37
CA LYS D 46 9.31 -11.31 -53.52
C LYS D 46 10.01 -12.40 -54.34
N GLU D 47 9.42 -12.77 -55.48
CA GLU D 47 10.06 -13.72 -56.41
C GLU D 47 11.38 -13.19 -56.96
N PHE D 48 11.42 -11.91 -57.32
CA PHE D 48 12.63 -11.26 -57.78
C PHE D 48 13.75 -11.40 -56.74
N VAL D 49 13.42 -11.12 -55.49
CA VAL D 49 14.39 -11.24 -54.40
C VAL D 49 14.85 -12.70 -54.27
N ASP D 50 13.93 -13.64 -54.27
CA ASP D 50 14.30 -15.06 -54.20
C ASP D 50 15.24 -15.45 -55.35
N ASN D 51 14.91 -14.99 -56.55
CA ASN D 51 15.70 -15.34 -57.74
C ASN D 51 17.10 -14.71 -57.70
N GLN D 52 17.18 -13.48 -57.24
CA GLN D 52 18.48 -12.80 -57.16
C GLN D 52 19.34 -13.40 -56.05
N GLU D 53 18.71 -13.81 -54.94
CA GLU D 53 19.40 -14.54 -53.88
C GLU D 53 20.01 -15.85 -54.38
N LYS D 54 19.24 -16.59 -55.18
CA LYS D 54 19.72 -17.84 -55.73
C LYS D 54 20.94 -17.62 -56.64
N LEU D 55 20.84 -16.66 -57.54
CA LEU D 55 21.97 -16.28 -58.39
C LEU D 55 23.20 -15.88 -57.56
N ALA D 56 23.01 -14.99 -56.58
CA ALA D 56 24.12 -14.55 -55.75
C ALA D 56 24.78 -15.70 -55.02
N ASN D 57 23.98 -16.61 -54.46
CA ASN D 57 24.54 -17.77 -53.77
C ASN D 57 25.41 -18.62 -54.70
N SER D 58 24.95 -18.84 -55.95
CA SER D 58 25.77 -19.61 -56.91
C SER D 58 27.11 -18.96 -57.24
N VAL D 59 27.13 -17.64 -57.33
CA VAL D 59 28.36 -16.90 -57.62
C VAL D 59 29.29 -16.91 -56.39
N LEU D 60 28.72 -16.63 -55.21
CA LEU D 60 29.55 -16.61 -54.00
C LEU D 60 30.11 -17.99 -53.65
N GLU D 61 29.42 -19.06 -54.06
CA GLU D 61 29.97 -20.42 -53.89
C GLU D 61 31.32 -20.66 -54.62
N GLU D 62 31.59 -19.91 -55.70
CA GLU D 62 32.87 -20.00 -56.43
C GLU D 62 33.98 -19.15 -55.81
N CYS D 63 33.63 -18.27 -54.86
CA CYS D 63 34.59 -17.41 -54.21
C CYS D 63 35.19 -18.10 -52.99
N GLU D 64 36.27 -18.83 -53.25
CA GLU D 64 36.80 -19.80 -52.29
C GLU D 64 37.53 -19.16 -51.09
N LEU D 65 37.84 -17.86 -51.15
CA LEU D 65 38.47 -17.18 -50.03
C LEU D 65 37.51 -16.62 -48.97
N ILE D 66 36.19 -16.72 -49.20
CA ILE D 66 35.20 -16.23 -48.23
C ILE D 66 35.48 -16.80 -46.81
N ASP D 67 35.63 -18.11 -46.70
CA ASP D 67 35.90 -18.74 -45.38
C ASP D 67 37.23 -18.31 -44.73
N LYS D 68 38.26 -18.10 -45.55
CA LYS D 68 39.54 -17.60 -45.05
C LYS D 68 39.44 -16.17 -44.54
N PHE D 69 38.80 -15.31 -45.32
CA PHE D 69 38.56 -13.94 -44.87
C PHE D 69 37.77 -13.95 -43.56
N LYS D 70 36.72 -14.77 -43.52
CA LYS D 70 35.82 -14.78 -42.38
C LYS D 70 36.58 -15.09 -41.10
N GLN D 71 37.39 -16.14 -41.11
CA GLN D 71 38.11 -16.56 -39.90
C GLN D 71 39.16 -15.53 -39.51
N LYS D 72 39.85 -14.95 -40.49
CA LYS D 72 40.81 -13.90 -40.15
C LYS D 72 40.18 -12.63 -39.57
N ILE D 73 39.01 -12.24 -40.06
CA ILE D 73 38.32 -11.07 -39.53
C ILE D 73 37.91 -11.38 -38.09
N ILE D 74 37.36 -12.55 -37.87
CA ILE D 74 36.99 -12.97 -36.53
C ILE D 74 38.19 -12.89 -35.60
N ASP D 75 39.34 -13.42 -36.03
CA ASP D 75 40.53 -13.41 -35.20
C ASP D 75 41.03 -11.98 -34.94
N PHE D 76 41.04 -11.14 -35.97
CA PHE D 76 41.45 -9.74 -35.79
C PHE D 76 40.51 -8.85 -34.96
N VAL D 77 39.23 -9.14 -34.91
CA VAL D 77 38.31 -8.31 -34.15
C VAL D 77 38.14 -8.84 -32.73
N ASN D 78 38.73 -10.00 -32.43
CA ASN D 78 38.57 -10.65 -31.14
C ASN D 78 39.46 -10.02 -30.04
N PHE D 79 39.10 -8.82 -29.64
CA PHE D 79 39.85 -8.09 -28.64
C PHE D 79 38.86 -7.23 -27.86
N PRO D 80 39.11 -7.05 -26.55
CA PRO D 80 38.16 -6.25 -25.79
C PRO D 80 38.21 -4.75 -26.16
N ARG D 81 37.05 -4.12 -26.17
CA ARG D 81 36.89 -2.73 -26.55
C ARG D 81 36.09 -1.99 -25.47
N CYS D 82 36.71 -0.96 -24.95
CA CYS D 82 36.10 -0.10 -23.95
C CYS D 82 35.81 1.23 -24.63
N GLY D 83 34.55 1.68 -24.57
CA GLY D 83 34.19 2.96 -25.16
C GLY D 83 34.64 4.08 -24.22
N VAL D 84 34.51 5.30 -24.70
CA VAL D 84 34.85 6.50 -23.91
C VAL D 84 33.92 6.60 -22.71
N PRO D 85 34.47 6.73 -21.50
CA PRO D 85 33.56 6.85 -20.36
C PRO D 85 33.00 8.26 -20.20
N PHE D 86 31.79 8.35 -19.69
CA PHE D 86 31.24 9.64 -19.34
C PHE D 86 30.73 9.62 -17.91
N ARG D 87 30.71 10.79 -17.32
CA ARG D 87 30.41 10.93 -15.93
C ARG D 87 29.04 11.57 -15.70
N ARG D 88 28.27 10.98 -14.78
CA ARG D 88 27.11 11.63 -14.22
C ARG D 88 27.17 11.49 -12.70
N ALA D 89 26.96 12.58 -11.99
CA ALA D 89 27.14 12.62 -10.55
C ALA D 89 28.51 11.98 -10.20
N ASN D 90 28.55 10.92 -9.38
CA ASN D 90 29.82 10.24 -9.09
C ASN D 90 29.93 8.84 -9.72
N LYS D 91 29.26 8.65 -10.85
CA LYS D 91 29.28 7.39 -11.57
C LYS D 91 29.89 7.63 -12.93
N TYR D 92 30.54 6.59 -13.47
CA TYR D 92 31.04 6.59 -14.82
C TYR D 92 30.32 5.51 -15.59
N PHE D 93 30.14 5.76 -16.86
CA PHE D 93 29.40 4.88 -17.73
C PHE D 93 30.17 4.71 -19.03
N HIS D 94 30.10 3.51 -19.61
CA HIS D 94 30.70 3.29 -20.90
C HIS D 94 30.16 2.02 -21.50
N PHE D 95 30.38 1.92 -22.80
CA PHE D 95 30.11 0.65 -23.51
C PHE D 95 31.33 -0.26 -23.45
N TYR D 96 31.09 -1.57 -23.46
CA TYR D 96 32.11 -2.56 -23.41
C TYR D 96 31.72 -3.72 -24.33
N ASN D 97 32.73 -4.32 -24.96
CA ASN D 97 32.56 -5.57 -25.72
C ASN D 97 33.79 -6.42 -25.41
N SER D 98 33.57 -7.66 -24.96
CA SER D 98 34.68 -8.54 -24.69
C SER D 98 35.45 -8.98 -25.97
N GLY D 99 34.86 -8.70 -27.14
CA GLY D 99 35.51 -8.89 -28.44
C GLY D 99 34.53 -9.35 -29.50
N LEU D 100 33.79 -10.42 -29.21
CA LEU D 100 32.87 -10.98 -30.18
C LEU D 100 31.42 -11.05 -29.71
N GLN D 101 31.04 -10.18 -28.78
CA GLN D 101 29.64 -10.04 -28.40
C GLN D 101 28.87 -9.41 -29.56
N ALA D 102 27.64 -9.87 -29.77
CA ALA D 102 26.79 -9.35 -30.87
C ALA D 102 26.66 -7.85 -30.82
N GLN D 103 26.47 -7.31 -29.62
CA GLN D 103 26.35 -5.89 -29.40
C GLN D 103 27.13 -5.48 -28.14
N ASN D 104 27.44 -4.19 -28.04
CA ASN D 104 28.14 -3.66 -26.88
C ASN D 104 27.19 -3.61 -25.68
N VAL D 105 27.76 -3.82 -24.49
CA VAL D 105 27.00 -3.85 -23.24
C VAL D 105 27.27 -2.51 -22.55
N PHE D 106 26.22 -1.94 -21.96
CA PHE D 106 26.35 -0.65 -21.26
C PHE D 106 26.65 -0.90 -19.80
N GLN D 107 27.74 -0.31 -19.30
CA GLN D 107 28.25 -0.61 -17.95
C GLN D 107 28.36 0.66 -17.13
N MET D 108 28.32 0.50 -15.83
CA MET D 108 28.42 1.59 -14.87
C MET D 108 29.46 1.22 -13.83
N GLN D 109 30.20 2.23 -13.34
CA GLN D 109 31.19 2.05 -12.31
C GLN D 109 31.11 3.19 -11.32
N ASP D 110 31.53 2.91 -10.09
CA ASP D 110 31.71 3.93 -9.06
C ASP D 110 33.00 4.73 -9.22
N ASP D 111 34.01 4.12 -9.80
CA ASP D 111 35.23 4.86 -10.21
C ASP D 111 35.84 4.20 -11.45
N LEU D 112 36.75 4.89 -12.11
CA LEU D 112 37.30 4.47 -13.40
C LEU D 112 38.02 3.11 -13.41
N ASP D 113 38.59 2.68 -12.28
CA ASP D 113 39.23 1.38 -12.18
C ASP D 113 38.43 0.40 -11.27
N GLY D 114 37.18 0.74 -10.92
CA GLY D 114 36.36 -0.10 -10.05
C GLY D 114 35.66 -1.20 -10.85
N LYS D 115 35.02 -2.12 -10.13
CA LYS D 115 34.26 -3.20 -10.74
C LYS D 115 33.11 -2.67 -11.59
N PRO D 116 33.07 -3.02 -12.89
CA PRO D 116 31.91 -2.58 -13.68
C PRO D 116 30.66 -3.40 -13.36
N GLU D 117 29.52 -2.76 -13.43
CA GLU D 117 28.23 -3.43 -13.32
C GLU D 117 27.52 -3.30 -14.67
N VAL D 118 26.92 -4.38 -15.14
CA VAL D 118 26.13 -4.33 -16.38
C VAL D 118 24.81 -3.63 -16.09
N LEU D 119 24.56 -2.52 -16.78
CA LEU D 119 23.30 -1.82 -16.69
C LEU D 119 22.32 -2.34 -17.71
N TYR D 120 22.76 -2.46 -18.96
CA TYR D 120 21.91 -3.04 -19.98
C TYR D 120 22.72 -3.88 -20.96
N ASP D 121 22.25 -5.11 -21.18
CA ASP D 121 22.89 -6.06 -22.10
C ASP D 121 21.94 -6.36 -23.28
N PRO D 122 22.13 -5.69 -24.43
CA PRO D 122 21.29 -5.94 -25.63
C PRO D 122 21.38 -7.36 -26.19
N ASN D 123 22.45 -8.08 -25.84
CA ASN D 123 22.63 -9.47 -26.29
C ASN D 123 21.59 -10.41 -25.77
N LEU D 124 20.94 -10.06 -24.66
CA LEU D 124 19.87 -10.86 -24.10
C LEU D 124 18.53 -10.75 -24.85
N ARG D 125 18.38 -9.72 -25.70
CA ARG D 125 17.15 -9.48 -26.47
C ARG D 125 17.35 -9.85 -27.94
N GLU D 126 16.58 -10.81 -28.44
CA GLU D 126 16.57 -11.17 -29.87
C GLU D 126 17.96 -11.47 -30.43
N GLY D 127 18.76 -12.19 -29.64
CA GLY D 127 20.12 -12.57 -30.00
C GLY D 127 21.07 -11.41 -30.27
N GLY D 128 20.76 -10.24 -29.73
CA GLY D 128 21.55 -9.05 -30.04
C GLY D 128 21.44 -8.60 -31.48
N ARG D 129 20.26 -8.74 -32.08
CA ARG D 129 20.01 -8.25 -33.45
C ARG D 129 20.31 -6.76 -33.56
N SER D 130 19.92 -6.00 -32.53
CA SER D 130 20.18 -4.57 -32.49
C SER D 130 20.80 -4.15 -31.16
N GLY D 131 21.61 -3.10 -31.23
CA GLY D 131 22.28 -2.55 -30.06
C GLY D 131 21.55 -1.29 -29.63
N LEU D 132 22.13 -0.54 -28.70
CA LEU D 132 21.56 0.73 -28.26
C LEU D 132 22.01 1.86 -29.14
N SER D 133 21.05 2.67 -29.59
CA SER D 133 21.32 3.92 -30.28
C SER D 133 20.97 5.15 -29.42
N LEU D 134 19.92 5.03 -28.62
CA LEU D 134 19.55 6.08 -27.66
C LEU D 134 19.91 5.56 -26.27
N TYR D 135 20.70 6.38 -25.56
CA TYR D 135 21.12 6.02 -24.22
C TYR D 135 21.34 7.38 -23.57
N SER D 136 20.80 7.53 -22.38
CA SER D 136 20.87 8.80 -21.70
C SER D 136 20.72 8.57 -20.21
N VAL D 137 21.62 9.13 -19.44
CA VAL D 137 21.65 8.92 -18.02
C VAL D 137 21.28 10.28 -17.39
N SER D 138 20.41 10.22 -16.39
CA SER D 138 19.98 11.40 -15.66
C SER D 138 21.14 12.07 -14.92
N GLU D 139 20.96 13.34 -14.61
CA GLU D 139 22.00 14.14 -13.93
C GLU D 139 22.48 13.57 -12.60
N ASP D 140 21.54 13.04 -11.82
CA ASP D 140 21.87 12.40 -10.54
C ASP D 140 22.35 10.95 -10.70
N ALA D 141 22.41 10.46 -11.94
CA ALA D 141 22.84 9.11 -12.27
C ALA D 141 21.93 8.02 -11.73
N LYS D 142 20.70 8.37 -11.39
CA LYS D 142 19.75 7.41 -10.83
C LYS D 142 18.96 6.67 -11.91
N TYR D 143 18.85 7.26 -13.10
CA TYR D 143 18.00 6.71 -14.16
C TYR D 143 18.73 6.65 -15.48
N PHE D 144 18.40 5.61 -16.27
CA PHE D 144 18.98 5.37 -17.56
C PHE D 144 17.84 5.18 -18.54
N ALA D 145 17.73 6.11 -19.49
CA ALA D 145 16.71 6.05 -20.53
C ALA D 145 17.37 5.54 -21.81
N PHE D 146 16.73 4.59 -22.47
CA PHE D 146 17.33 3.97 -23.64
C PHE D 146 16.25 3.48 -24.60
N GLY D 147 16.65 3.32 -25.85
CA GLY D 147 15.70 2.98 -26.91
C GLY D 147 15.83 1.53 -27.31
N ILE D 148 14.70 0.86 -27.46
CA ILE D 148 14.67 -0.51 -27.96
C ILE D 148 13.88 -0.55 -29.28
N HIS D 149 14.39 -1.32 -30.22
CA HIS D 149 13.63 -1.63 -31.45
C HIS D 149 12.72 -2.83 -31.21
N SER D 150 11.49 -2.74 -31.67
CA SER D 150 10.57 -3.90 -31.70
C SER D 150 10.30 -4.25 -33.17
N GLY D 151 11.00 -5.25 -33.67
CA GLY D 151 10.90 -5.64 -35.08
C GLY D 151 11.83 -4.80 -35.94
N LEU D 152 11.56 -4.78 -37.24
CA LEU D 152 12.53 -4.28 -38.24
C LEU D 152 12.29 -2.83 -38.69
N THR D 153 11.36 -2.14 -38.04
CA THR D 153 11.09 -0.74 -38.36
C THR D 153 12.09 0.13 -37.61
N GLU D 154 12.16 1.40 -38.00
CA GLU D 154 13.02 2.38 -37.34
C GLU D 154 12.38 2.95 -36.05
N TRP D 155 11.16 2.53 -35.70
CA TRP D 155 10.48 3.01 -34.50
C TRP D 155 11.09 2.39 -33.25
N VAL D 156 11.28 3.24 -32.26
CA VAL D 156 11.96 2.90 -31.05
C VAL D 156 10.95 3.12 -29.91
N THR D 157 11.06 2.28 -28.87
CA THR D 157 10.34 2.46 -27.64
C THR D 157 11.38 2.89 -26.58
N ILE D 158 11.13 3.98 -25.87
CA ILE D 158 12.02 4.42 -24.79
C ILE D 158 11.56 3.75 -23.48
N LYS D 159 12.51 3.08 -22.81
CA LYS D 159 12.32 2.51 -21.48
C LYS D 159 13.31 3.19 -20.55
N ILE D 160 13.04 3.08 -19.26
CA ILE D 160 13.85 3.71 -18.22
C ILE D 160 14.14 2.68 -17.15
N LEU D 161 15.40 2.52 -16.80
CA LEU D 161 15.81 1.69 -15.68
C LEU D 161 16.36 2.54 -14.53
N LYS D 162 16.20 2.04 -13.31
CA LYS D 162 16.85 2.62 -12.14
C LYS D 162 18.24 2.00 -12.06
N THR D 163 19.27 2.81 -11.98
CA THR D 163 20.63 2.31 -11.93
C THR D 163 20.98 1.62 -10.62
N GLU D 164 20.27 1.96 -9.56
CA GLU D 164 20.55 1.41 -8.22
C GLU D 164 20.33 -0.10 -8.14
N ASP D 165 19.25 -0.58 -8.75
CA ASP D 165 18.94 -2.03 -8.73
C ASP D 165 18.64 -2.65 -10.10
N ARG D 166 18.81 -1.89 -11.17
CA ARG D 166 18.48 -2.33 -12.54
C ARG D 166 17.00 -2.68 -12.76
N SER D 167 16.11 -2.14 -11.94
CA SER D 167 14.69 -2.39 -12.13
C SER D 167 14.15 -1.42 -13.19
N TYR D 168 13.23 -1.89 -14.02
CA TYR D 168 12.54 -1.01 -14.96
C TYR D 168 11.48 -0.15 -14.27
N LEU D 169 11.38 1.09 -14.68
CA LEU D 169 10.19 1.88 -14.48
C LEU D 169 9.08 1.38 -15.41
N PRO D 170 7.81 1.60 -15.05
CA PRO D 170 6.69 1.19 -15.96
C PRO D 170 6.60 2.07 -17.20
N ASP D 171 7.15 3.30 -17.13
CA ASP D 171 7.09 4.28 -18.23
C ASP D 171 7.53 3.68 -19.55
N THR D 172 6.75 3.90 -20.60
CA THR D 172 7.10 3.42 -21.94
C THR D 172 6.74 4.54 -22.91
N LEU D 173 7.70 4.99 -23.70
CA LEU D 173 7.40 6.04 -24.68
C LEU D 173 7.53 5.49 -26.09
N GLU D 174 6.44 5.51 -26.82
CA GLU D 174 6.38 5.03 -28.21
C GLU D 174 6.48 6.19 -29.20
N TRP D 175 6.60 5.83 -30.48
CA TRP D 175 6.62 6.77 -31.61
C TRP D 175 7.82 7.70 -31.61
N VAL D 176 8.95 7.13 -31.21
CA VAL D 176 10.21 7.79 -31.23
C VAL D 176 11.05 7.15 -32.36
N LYS D 177 11.88 7.96 -33.01
CA LYS D 177 12.89 7.44 -33.93
C LYS D 177 14.28 7.76 -33.42
N PHE D 178 14.79 8.95 -33.71
CA PHE D 178 16.16 9.32 -33.38
C PHE D 178 16.25 10.35 -32.27
N SER D 179 15.14 10.55 -31.56
CA SER D 179 15.10 11.55 -30.51
C SER D 179 16.10 11.24 -29.40
N PRO D 180 16.75 12.28 -28.85
CA PRO D 180 17.44 12.11 -27.59
C PRO D 180 16.42 12.09 -26.41
N ALA D 181 16.94 11.88 -25.22
CA ALA D 181 16.18 12.02 -23.99
C ALA D 181 17.01 12.99 -23.14
N ILE D 182 16.54 14.22 -23.05
CA ILE D 182 17.32 15.32 -22.49
C ILE D 182 16.77 15.67 -21.10
N TRP D 183 17.53 15.30 -20.07
CA TRP D 183 17.06 15.37 -18.71
C TRP D 183 17.15 16.75 -18.14
N THR D 184 16.13 17.14 -17.37
CA THR D 184 16.22 18.37 -16.58
C THR D 184 17.03 18.12 -15.33
N HIS D 185 17.64 19.16 -14.79
CA HIS D 185 18.56 18.99 -13.66
C HIS D 185 17.85 18.70 -12.34
N ASP D 186 16.53 18.82 -12.31
CA ASP D 186 15.76 18.37 -11.14
C ASP D 186 15.52 16.84 -11.14
N ASN D 187 15.91 16.14 -12.20
CA ASN D 187 15.72 14.68 -12.29
C ASN D 187 14.26 14.24 -12.34
N LYS D 188 13.36 15.15 -12.73
CA LYS D 188 11.93 14.83 -12.74
C LYS D 188 11.45 14.20 -14.05
N GLY D 189 12.24 14.35 -15.08
CA GLY D 189 11.87 13.87 -16.40
C GLY D 189 12.77 14.43 -17.46
N PHE D 190 12.35 14.27 -18.70
CA PHE D 190 13.19 14.63 -19.84
C PHE D 190 12.39 15.09 -21.03
N PHE D 191 13.05 15.92 -21.83
CA PHE D 191 12.53 16.33 -23.13
C PHE D 191 12.86 15.25 -24.11
N TYR D 192 11.95 15.05 -25.05
CA TYR D 192 12.13 14.13 -26.16
C TYR D 192 11.24 14.59 -27.31
N CYS D 193 11.45 14.01 -28.49
CA CYS D 193 10.86 14.52 -29.72
C CYS D 193 10.15 13.44 -30.52
N PRO D 194 8.94 13.06 -30.09
CA PRO D 194 8.19 12.00 -30.73
C PRO D 194 7.39 12.48 -31.94
N TYR D 195 6.84 11.49 -32.65
CA TYR D 195 5.94 11.74 -33.73
C TYR D 195 4.52 11.43 -33.25
N PRO D 196 3.48 12.06 -33.84
CA PRO D 196 2.12 11.76 -33.39
C PRO D 196 1.70 10.30 -33.66
N PRO D 197 0.78 9.73 -32.83
CA PRO D 197 0.48 8.27 -32.89
C PRO D 197 -0.03 7.74 -34.22
N ALA D 209 6.49 9.72 -40.94
CA ALA D 209 7.19 10.47 -39.90
C ALA D 209 7.21 11.96 -40.22
N VAL D 210 6.11 12.62 -39.90
CA VAL D 210 5.92 14.06 -40.13
C VAL D 210 5.30 14.67 -38.86
N ASN D 211 5.30 16.00 -38.78
CA ASN D 211 4.73 16.71 -37.62
C ASN D 211 5.38 16.28 -36.31
N GLN D 212 6.70 16.16 -36.32
CA GLN D 212 7.47 15.91 -35.10
C GLN D 212 7.17 16.96 -34.04
N GLU D 213 7.09 16.52 -32.80
CA GLU D 213 6.75 17.38 -31.66
C GLU D 213 7.92 17.40 -30.71
N ALA D 214 8.03 18.46 -29.91
CA ALA D 214 8.87 18.46 -28.73
C ALA D 214 7.94 18.31 -27.53
N ARG D 215 8.24 17.32 -26.68
CA ARG D 215 7.46 16.96 -25.50
C ARG D 215 8.33 16.85 -24.27
N TYR D 216 7.70 16.90 -23.10
CA TYR D 216 8.39 16.64 -21.85
C TYR D 216 7.65 15.52 -21.13
N HIS D 217 8.40 14.53 -20.70
CA HIS D 217 7.86 13.38 -20.00
C HIS D 217 8.27 13.46 -18.55
N PHE D 218 7.31 13.45 -17.64
CA PHE D 218 7.58 13.31 -16.21
C PHE D 218 7.71 11.84 -15.86
N LEU D 219 8.78 11.48 -15.16
CA LEU D 219 8.94 10.11 -14.64
C LEU D 219 7.74 9.68 -13.83
N GLY D 220 7.33 8.42 -14.00
CA GLY D 220 6.18 7.85 -13.28
C GLY D 220 4.82 8.11 -13.90
N THR D 221 4.77 8.65 -15.10
CA THR D 221 3.49 8.98 -15.75
C THR D 221 3.42 8.25 -17.08
N ASP D 222 2.20 8.12 -17.59
CA ASP D 222 1.94 7.54 -18.90
C ASP D 222 2.31 8.60 -19.95
N GLN D 223 2.73 8.12 -21.12
CA GLN D 223 3.05 9.00 -22.25
C GLN D 223 1.91 9.97 -22.60
N SER D 224 0.66 9.54 -22.47
CA SER D 224 -0.50 10.41 -22.72
C SER D 224 -0.54 11.70 -21.89
N GLU D 225 0.16 11.73 -20.76
CA GLU D 225 0.29 12.92 -19.92
C GLU D 225 1.46 13.87 -20.28
N ASP D 226 2.24 13.54 -21.29
CA ASP D 226 3.42 14.34 -21.64
C ASP D 226 3.05 15.74 -22.14
N ILE D 227 3.85 16.72 -21.75
CA ILE D 227 3.57 18.13 -21.98
C ILE D 227 4.02 18.48 -23.40
N LEU D 228 3.21 19.18 -24.16
CA LEU D 228 3.57 19.63 -25.50
C LEU D 228 4.33 20.95 -25.38
N LEU D 229 5.51 21.03 -25.97
CA LEU D 229 6.28 22.27 -26.03
C LEU D 229 6.30 22.92 -27.40
N TRP D 230 6.37 22.12 -28.45
CA TRP D 230 6.45 22.67 -29.80
C TRP D 230 5.87 21.68 -30.79
N ARG D 231 5.07 22.19 -31.70
CA ARG D 231 4.81 21.56 -32.98
C ARG D 231 4.51 22.62 -34.01
N ASP D 232 4.59 22.25 -35.27
CA ASP D 232 4.27 23.16 -36.37
C ASP D 232 3.53 22.38 -37.47
N LEU D 233 2.21 22.41 -37.41
CA LEU D 233 1.37 21.75 -38.43
C LEU D 233 1.50 22.41 -39.81
N GLU D 234 1.84 23.69 -39.85
CA GLU D 234 2.07 24.42 -41.12
C GLU D 234 3.39 24.04 -41.84
N ASN D 235 4.32 23.37 -41.15
CA ASN D 235 5.58 22.90 -41.74
C ASN D 235 5.85 21.46 -41.29
N PRO D 236 5.07 20.51 -41.83
CA PRO D 236 5.14 19.11 -41.35
C PRO D 236 6.52 18.43 -41.46
N ALA D 237 7.36 18.86 -42.40
CA ALA D 237 8.66 18.25 -42.66
C ALA D 237 9.82 18.78 -41.79
N HIS D 238 9.59 19.87 -41.04
CA HIS D 238 10.63 20.39 -40.16
C HIS D 238 10.87 19.38 -39.05
N HIS D 239 12.14 19.10 -38.79
CA HIS D 239 12.50 18.14 -37.75
C HIS D 239 13.31 18.82 -36.63
N LEU D 240 13.43 18.13 -35.51
CA LEU D 240 13.84 18.76 -34.27
C LEU D 240 15.04 18.10 -33.65
N LYS D 241 15.86 18.93 -33.00
CA LYS D 241 16.90 18.46 -32.07
C LYS D 241 16.79 19.34 -30.86
N CYS D 242 17.29 18.88 -29.73
CA CYS D 242 17.21 19.71 -28.53
C CYS D 242 18.31 19.46 -27.54
N GLN D 243 18.40 20.31 -26.54
CA GLN D 243 19.58 20.39 -25.70
C GLN D 243 19.16 21.19 -24.49
N ILE D 244 19.75 20.86 -23.35
CA ILE D 244 19.63 21.66 -22.15
CA ILE D 244 19.62 21.68 -22.13
C ILE D 244 21.02 22.18 -21.81
N THR D 245 21.11 23.42 -21.37
CA THR D 245 22.39 24.00 -21.04
C THR D 245 22.99 23.32 -19.79
N ASP D 246 24.30 23.41 -19.64
CA ASP D 246 25.01 22.74 -18.55
C ASP D 246 24.55 23.24 -17.17
N ASP D 247 24.14 24.49 -17.05
CA ASP D 247 23.62 25.04 -15.77
C ASP D 247 22.16 24.59 -15.49
N GLY D 248 21.53 23.91 -16.42
CA GLY D 248 20.15 23.50 -16.30
C GLY D 248 19.06 24.53 -16.52
N LYS D 249 19.44 25.75 -16.90
CA LYS D 249 18.52 26.88 -16.95
C LYS D 249 17.73 27.05 -18.26
N TYR D 250 18.29 26.64 -19.40
CA TYR D 250 17.65 26.83 -20.69
C TYR D 250 17.45 25.55 -21.44
N PHE D 251 16.26 25.40 -22.01
CA PHE D 251 15.99 24.34 -22.98
C PHE D 251 16.14 24.99 -24.36
N LEU D 252 16.97 24.39 -25.21
CA LEU D 252 17.19 24.87 -26.57
C LEU D 252 16.57 23.89 -27.53
N LEU D 253 15.76 24.42 -28.43
CA LEU D 253 15.12 23.63 -29.47
C LEU D 253 15.73 24.10 -30.78
N TYR D 254 16.29 23.16 -31.54
CA TYR D 254 16.82 23.42 -32.86
C TYR D 254 15.83 22.87 -33.88
N ILE D 255 15.47 23.69 -34.86
CA ILE D 255 14.56 23.27 -35.92
C ILE D 255 15.35 23.22 -37.21
N LEU D 256 15.23 22.10 -37.92
CA LEU D 256 15.98 21.85 -39.15
C LEU D 256 14.99 21.57 -40.28
N ASP D 257 15.42 21.91 -41.48
CA ASP D 257 14.65 21.64 -42.67
C ASP D 257 15.55 20.82 -43.58
N GLY D 258 15.17 19.57 -43.87
CA GLY D 258 15.97 18.76 -44.76
C GLY D 258 17.30 18.34 -44.14
N CYS D 259 18.29 18.20 -44.98
CA CYS D 259 19.61 17.68 -44.66
C CYS D 259 20.68 18.76 -44.54
N ASP D 260 20.35 20.02 -44.85
CA ASP D 260 21.29 21.15 -44.82
C ASP D 260 21.79 21.35 -43.39
N ASP D 261 23.03 21.82 -43.22
CA ASP D 261 23.55 22.04 -41.83
C ASP D 261 22.65 23.02 -40.90
N ALA D 262 21.82 23.87 -41.53
CA ALA D 262 21.28 25.04 -41.02
C ALA D 262 20.11 24.79 -40.07
N ASN D 263 19.96 25.65 -39.07
CA ASN D 263 18.90 25.45 -38.10
C ASN D 263 18.48 26.75 -37.41
N LYS D 264 17.26 26.71 -36.92
CA LYS D 264 16.74 27.75 -36.06
C LYS D 264 17.21 27.43 -34.65
N VAL D 265 17.15 28.43 -33.78
CA VAL D 265 17.50 28.26 -32.36
C VAL D 265 16.40 28.94 -31.55
N TYR D 266 15.65 28.15 -30.79
CA TYR D 266 14.62 28.66 -29.90
C TYR D 266 15.08 28.34 -28.47
N CYS D 267 14.95 29.32 -27.58
CA CYS D 267 15.47 29.23 -26.22
CA CYS D 267 15.46 29.24 -26.24
C CYS D 267 14.34 29.43 -25.23
N LEU D 268 14.18 28.48 -24.31
CA LEU D 268 13.16 28.56 -23.28
C LEU D 268 13.83 28.65 -21.92
N ASP D 269 13.58 29.73 -21.20
CA ASP D 269 14.15 29.92 -19.86
C ASP D 269 13.33 29.14 -18.85
N LEU D 270 13.89 28.04 -18.36
CA LEU D 270 13.17 27.15 -17.45
C LEU D 270 13.00 27.73 -16.05
N THR D 271 13.85 28.69 -15.66
CA THR D 271 13.76 29.33 -14.34
C THR D 271 12.64 30.35 -14.22
N LYS D 272 12.15 30.89 -15.34
CA LYS D 272 11.08 31.91 -15.32
C LYS D 272 9.68 31.29 -15.36
N LEU D 273 9.56 29.97 -15.46
CA LEU D 273 8.25 29.32 -15.51
C LEU D 273 7.64 29.29 -14.11
N PRO D 274 6.41 29.86 -13.94
CA PRO D 274 5.73 29.92 -12.62
C PRO D 274 5.65 28.60 -11.85
N ASN D 275 5.28 27.51 -12.52
CA ASN D 275 5.17 26.18 -11.89
C ASN D 275 5.94 25.14 -12.71
N GLY D 276 7.17 25.46 -13.08
CA GLY D 276 8.00 24.56 -13.91
C GLY D 276 7.34 24.21 -15.24
N LEU D 277 7.63 23.03 -15.75
CA LEU D 277 7.05 22.58 -17.02
C LEU D 277 5.56 22.27 -16.93
N GLU D 278 5.08 21.99 -15.72
CA GLU D 278 3.64 21.89 -15.45
C GLU D 278 2.85 23.15 -15.89
N SER D 279 3.51 24.31 -15.94
CA SER D 279 2.91 25.55 -16.48
C SER D 279 2.25 25.42 -17.86
N PHE D 280 2.67 24.46 -18.69
CA PHE D 280 2.08 24.25 -20.02
C PHE D 280 1.06 23.12 -20.11
N ARG D 281 0.69 22.53 -18.97
CA ARG D 281 -0.47 21.60 -18.87
C ARG D 281 -1.72 22.15 -19.63
N GLY D 282 -2.33 21.27 -20.44
CA GLY D 282 -3.58 21.60 -21.17
C GLY D 282 -3.37 22.24 -22.54
N ASP D 285 -0.54 26.72 -28.43
CA ASP D 285 -0.20 25.34 -28.03
C ASP D 285 1.33 25.19 -27.82
N SER D 286 2.13 25.81 -28.67
CA SER D 286 3.58 25.91 -28.43
C SER D 286 3.88 26.87 -27.26
N ALA D 287 4.92 26.53 -26.51
CA ALA D 287 5.40 27.33 -25.37
C ALA D 287 6.07 28.64 -25.83
N PRO D 288 6.23 29.64 -24.91
CA PRO D 288 6.80 30.94 -25.28
C PRO D 288 8.34 30.93 -25.42
N PHE D 289 8.79 30.44 -26.56
CA PHE D 289 10.22 30.44 -26.85
C PHE D 289 10.73 31.84 -27.19
N MET D 290 11.96 32.13 -26.79
CA MET D 290 12.72 33.25 -27.32
C MET D 290 13.32 32.78 -28.63
N LYS D 291 12.85 33.34 -29.74
CA LYS D 291 13.28 32.90 -31.06
C LYS D 291 14.56 33.60 -31.47
N LEU D 292 15.69 33.14 -30.95
CA LEU D 292 16.99 33.79 -31.20
C LEU D 292 17.36 33.79 -32.70
N ILE D 293 17.23 32.62 -33.33
CA ILE D 293 17.44 32.49 -34.78
C ILE D 293 16.18 31.87 -35.33
N ASP D 294 15.48 32.59 -36.20
CA ASP D 294 14.21 32.15 -36.75
C ASP D 294 14.23 32.03 -38.28
N SER D 295 15.39 31.72 -38.86
CA SER D 295 15.52 31.38 -40.29
C SER D 295 16.42 30.15 -40.45
N PHE D 296 16.50 29.65 -41.69
CA PHE D 296 17.42 28.56 -42.01
C PHE D 296 18.69 29.02 -42.76
N ASP D 297 19.23 30.17 -42.37
CA ASP D 297 20.41 30.73 -43.06
C ASP D 297 21.73 30.07 -42.69
N ALA D 298 21.84 29.50 -41.48
CA ALA D 298 23.12 29.03 -40.97
C ALA D 298 22.93 28.01 -39.86
N SER D 299 24.01 27.27 -39.59
CA SER D 299 24.05 26.34 -38.48
C SER D 299 24.43 27.04 -37.21
N TYR D 300 23.89 26.56 -36.09
CA TYR D 300 24.17 27.09 -34.76
C TYR D 300 24.08 25.95 -33.77
N THR D 301 25.13 25.77 -32.98
CA THR D 301 25.11 24.81 -31.89
C THR D 301 25.61 25.53 -30.66
N ALA D 302 24.81 25.52 -29.59
CA ALA D 302 25.22 26.15 -28.33
C ALA D 302 26.36 25.35 -27.68
N ILE D 303 27.42 26.03 -27.32
CA ILE D 303 28.58 25.41 -26.65
C ILE D 303 28.59 25.69 -25.16
N ALA D 304 28.28 26.92 -24.78
CA ALA D 304 28.36 27.32 -23.37
C ALA D 304 27.48 28.53 -23.14
N ASN D 305 27.09 28.72 -21.91
CA ASN D 305 26.52 30.00 -21.52
C ASN D 305 26.89 30.37 -20.10
N ASP D 306 26.93 31.68 -19.86
CA ASP D 306 27.06 32.24 -18.52
C ASP D 306 25.84 33.13 -18.38
N GLY D 307 24.83 32.65 -17.63
CA GLY D 307 23.53 33.33 -17.59
C GLY D 307 22.96 33.44 -18.99
N SER D 308 22.59 34.66 -19.40
CA SER D 308 22.01 34.89 -20.73
C SER D 308 23.05 35.07 -21.86
N VAL D 309 24.35 34.99 -21.55
CA VAL D 309 25.41 35.17 -22.54
C VAL D 309 25.85 33.81 -23.10
N PHE D 310 25.51 33.57 -24.36
CA PHE D 310 25.72 32.28 -25.00
C PHE D 310 26.91 32.31 -25.93
N THR D 311 27.59 31.16 -26.01
CA THR D 311 28.64 30.93 -26.98
C THR D 311 28.13 29.88 -27.95
N PHE D 312 28.14 30.21 -29.24
CA PHE D 312 27.68 29.28 -30.29
C PHE D 312 28.81 28.98 -31.28
N GLN D 313 28.80 27.75 -31.76
CA GLN D 313 29.48 27.39 -32.99
C GLN D 313 28.51 27.71 -34.13
N THR D 314 29.02 28.28 -35.21
CA THR D 314 28.18 28.61 -36.34
C THR D 314 28.96 28.61 -37.66
N ASN D 315 28.24 28.38 -38.76
CA ASN D 315 28.81 28.63 -40.10
C ASN D 315 28.32 29.93 -40.73
N LYS D 316 27.66 30.80 -39.95
CA LYS D 316 27.18 32.08 -40.46
C LYS D 316 28.35 32.94 -40.94
N ASP D 317 28.38 33.25 -42.25
CA ASP D 317 29.51 33.96 -42.89
C ASP D 317 30.87 33.30 -42.61
N ALA D 318 30.87 31.98 -42.49
CA ALA D 318 32.04 31.26 -42.02
C ALA D 318 31.94 29.83 -42.50
N PRO D 319 32.27 29.59 -43.78
CA PRO D 319 32.18 28.22 -44.30
C PRO D 319 33.02 27.17 -43.56
N ARG D 320 34.10 27.59 -42.92
CA ARG D 320 34.92 26.71 -42.07
C ARG D 320 34.56 26.77 -40.58
N LYS D 321 33.48 27.48 -40.27
CA LYS D 321 32.91 27.62 -38.93
C LYS D 321 33.75 28.47 -37.99
N LYS D 322 33.10 28.91 -36.92
CA LYS D 322 33.69 29.80 -35.94
C LYS D 322 32.88 29.75 -34.66
N LEU D 323 33.41 30.37 -33.60
CA LEU D 323 32.67 30.53 -32.36
C LEU D 323 32.30 32.01 -32.20
N VAL D 324 31.04 32.23 -31.82
CA VAL D 324 30.49 33.57 -31.62
C VAL D 324 29.78 33.65 -30.29
N ARG D 325 29.56 34.88 -29.83
CA ARG D 325 28.93 35.12 -28.55
C ARG D 325 27.82 36.15 -28.71
N VAL D 326 26.73 35.91 -27.99
CA VAL D 326 25.54 36.75 -28.03
C VAL D 326 24.87 36.72 -26.66
N ASP D 327 24.32 37.86 -26.27
CA ASP D 327 23.50 37.96 -25.07
C ASP D 327 22.05 37.85 -25.49
N LEU D 328 21.31 36.88 -24.94
CA LEU D 328 19.88 36.75 -25.25
C LEU D 328 19.05 38.02 -24.94
N ASN D 329 19.51 38.81 -23.96
CA ASN D 329 18.91 40.09 -23.67
C ASN D 329 19.20 41.19 -24.72
N ASN D 330 20.19 40.99 -25.60
CA ASN D 330 20.54 41.94 -26.66
C ASN D 330 20.85 41.14 -27.94
N PRO D 331 19.85 40.44 -28.48
CA PRO D 331 20.10 39.36 -29.44
C PRO D 331 20.48 39.80 -30.85
N SER D 332 20.50 41.10 -31.15
CA SER D 332 20.98 41.58 -32.46
C SER D 332 22.50 41.68 -32.53
N VAL D 333 23.18 41.64 -31.38
CA VAL D 333 24.62 41.88 -31.32
C VAL D 333 25.39 40.58 -31.10
N TRP D 334 26.02 40.10 -32.15
CA TRP D 334 26.84 38.90 -32.15
C TRP D 334 28.30 39.32 -32.30
N THR D 335 29.19 38.71 -31.52
CA THR D 335 30.61 39.03 -31.54
C THR D 335 31.42 37.75 -31.73
N ASP D 336 32.39 37.76 -32.66
CA ASP D 336 33.32 36.64 -32.81
C ASP D 336 34.12 36.41 -31.53
N LEU D 337 34.15 35.17 -31.08
CA LEU D 337 34.98 34.75 -29.96
C LEU D 337 36.24 34.06 -30.48
N VAL D 338 36.05 33.10 -31.37
CA VAL D 338 37.15 32.43 -32.06
C VAL D 338 36.86 32.62 -33.55
N PRO D 339 37.65 33.47 -34.25
CA PRO D 339 37.35 33.73 -35.65
C PRO D 339 37.48 32.49 -36.53
N GLU D 340 36.82 32.54 -37.68
CA GLU D 340 36.97 31.50 -38.65
C GLU D 340 38.43 31.37 -39.07
N SER D 341 38.95 30.14 -39.12
CA SER D 341 40.30 29.92 -39.64
C SER D 341 40.24 30.12 -41.15
N LYS D 342 41.32 30.61 -41.73
CA LYS D 342 41.39 30.77 -43.18
C LYS D 342 41.57 29.44 -43.90
N LYS D 343 42.04 28.39 -43.21
CA LYS D 343 42.23 27.08 -43.85
C LYS D 343 41.52 25.88 -43.21
N ASP D 344 41.35 25.87 -41.89
CA ASP D 344 40.88 24.66 -41.16
C ASP D 344 39.43 24.73 -40.70
N LEU D 345 38.74 23.60 -40.82
CA LEU D 345 37.37 23.46 -40.39
C LEU D 345 37.34 23.33 -38.87
N LEU D 346 36.50 24.11 -38.22
CA LEU D 346 36.18 23.94 -36.80
C LEU D 346 35.05 22.93 -36.74
N GLU D 347 35.39 21.70 -36.44
CA GLU D 347 34.41 20.63 -36.51
C GLU D 347 33.52 20.61 -35.27
N SER D 348 34.10 20.75 -34.09
CA SER D 348 33.30 20.79 -32.87
C SER D 348 34.02 21.55 -31.76
N ALA D 349 33.26 21.95 -30.74
CA ALA D 349 33.81 22.68 -29.60
C ALA D 349 33.11 22.21 -28.35
N HIS D 350 33.84 22.17 -27.23
CA HIS D 350 33.33 21.62 -25.99
C HIS D 350 33.87 22.45 -24.83
N ALA D 351 32.99 22.93 -23.97
CA ALA D 351 33.39 23.66 -22.78
C ALA D 351 33.76 22.64 -21.72
N VAL D 352 34.89 22.87 -21.05
CA VAL D 352 35.48 21.91 -20.11
C VAL D 352 36.24 22.67 -19.03
N ASN D 353 36.41 21.99 -17.90
CA ASN D 353 37.17 22.50 -16.76
C ASN D 353 36.71 23.89 -16.35
N GLU D 354 35.38 24.11 -16.38
CA GLU D 354 34.72 25.36 -16.02
C GLU D 354 34.96 26.54 -16.98
N ASN D 355 36.21 26.82 -17.32
CA ASN D 355 36.56 28.06 -18.00
C ASN D 355 37.40 27.86 -19.26
N GLN D 356 37.38 26.64 -19.81
CA GLN D 356 38.13 26.36 -21.01
C GLN D 356 37.26 25.77 -22.11
N LEU D 357 37.82 25.78 -23.31
CA LEU D 357 37.22 25.18 -24.49
C LEU D 357 38.22 24.21 -25.11
N ILE D 358 37.74 23.05 -25.54
CA ILE D 358 38.48 22.18 -26.41
C ILE D 358 37.85 22.26 -27.79
N LEU D 359 38.64 22.65 -28.77
CA LEU D 359 38.22 22.81 -30.17
C LEU D 359 38.82 21.69 -30.99
N ARG D 360 38.01 21.01 -31.78
CA ARG D 360 38.48 19.96 -32.66
C ARG D 360 38.45 20.54 -34.04
N TYR D 361 39.62 20.80 -34.59
CA TYR D 361 39.76 21.28 -35.95
C TYR D 361 40.08 20.10 -36.87
N LEU D 362 39.69 20.21 -38.13
CA LEU D 362 40.10 19.28 -39.16
C LEU D 362 40.98 20.08 -40.12
N SER D 363 42.24 19.72 -40.16
CA SER D 363 43.27 20.40 -40.93
C SER D 363 43.85 19.43 -41.94
N ASP D 364 43.51 19.63 -43.21
CA ASP D 364 43.85 18.66 -44.27
C ASP D 364 43.51 17.22 -43.86
N VAL D 365 42.28 17.07 -43.38
CA VAL D 365 41.69 15.76 -43.00
C VAL D 365 42.47 15.07 -41.87
N LYS D 366 43.09 15.87 -41.02
CA LYS D 366 43.71 15.36 -39.81
C LYS D 366 43.24 16.24 -38.66
N HIS D 367 42.96 15.62 -37.52
CA HIS D 367 42.46 16.38 -36.40
C HIS D 367 43.57 17.15 -35.68
N VAL D 368 43.20 18.31 -35.17
CA VAL D 368 44.04 19.11 -34.30
C VAL D 368 43.13 19.54 -33.14
N LEU D 369 43.56 19.29 -31.91
CA LEU D 369 42.84 19.77 -30.74
C LEU D 369 43.49 21.03 -30.21
N GLU D 370 42.68 22.04 -29.94
CA GLU D 370 43.15 23.28 -29.34
C GLU D 370 42.45 23.46 -28.01
N ILE D 371 43.20 23.87 -26.99
CA ILE D 371 42.61 24.27 -25.72
C ILE D 371 42.67 25.76 -25.70
N ARG D 372 41.52 26.38 -25.45
CA ARG D 372 41.39 27.83 -25.37
C ARG D 372 40.69 28.28 -24.09
N ASP D 373 40.90 29.54 -23.75
CA ASP D 373 40.18 30.18 -22.66
C ASP D 373 38.75 30.46 -23.11
N LEU D 374 37.76 30.07 -22.32
CA LEU D 374 36.35 30.30 -22.69
C LEU D 374 35.97 31.77 -22.78
N GLU D 375 36.39 32.56 -21.79
CA GLU D 375 35.99 33.98 -21.75
C GLU D 375 36.60 34.80 -22.90
N SER D 376 37.91 34.65 -23.12
CA SER D 376 38.62 35.48 -24.10
C SER D 376 38.77 34.81 -25.46
N GLY D 377 38.62 33.49 -25.52
CA GLY D 377 38.94 32.74 -26.72
C GLY D 377 40.42 32.52 -27.01
N ALA D 378 41.31 32.92 -26.11
CA ALA D 378 42.77 32.88 -26.37
C ALA D 378 43.30 31.45 -26.42
N LEU D 379 44.19 31.17 -27.37
CA LEU D 379 44.84 29.87 -27.50
C LEU D 379 45.78 29.60 -26.34
N GLN D 380 45.65 28.44 -25.71
CA GLN D 380 46.53 28.01 -24.62
C GLN D 380 47.47 26.87 -25.06
N HIS D 381 46.92 25.86 -25.73
CA HIS D 381 47.70 24.70 -26.20
C HIS D 381 47.13 24.17 -27.49
N ARG D 382 48.00 23.59 -28.31
CA ARG D 382 47.64 23.01 -29.59
C ARG D 382 48.21 21.59 -29.63
N LEU D 383 47.34 20.60 -29.89
CA LEU D 383 47.73 19.16 -29.93
C LEU D 383 47.41 18.59 -31.30
N PRO D 384 48.40 18.54 -32.23
CA PRO D 384 48.13 17.87 -33.52
C PRO D 384 48.01 16.37 -33.32
N ILE D 385 47.09 15.75 -34.06
CA ILE D 385 46.80 14.33 -33.92
C ILE D 385 47.32 13.64 -35.18
N ASP D 386 47.83 12.42 -35.01
CA ASP D 386 48.30 11.61 -36.15
C ASP D 386 47.15 11.28 -37.10
N ILE D 387 47.48 10.80 -38.29
CA ILE D 387 46.48 10.33 -39.24
C ILE D 387 45.54 9.34 -38.52
N GLY D 388 44.24 9.57 -38.67
CA GLY D 388 43.22 8.84 -37.95
C GLY D 388 42.14 9.82 -37.56
N SER D 389 41.42 9.50 -36.50
CA SER D 389 40.29 10.27 -36.10
C SER D 389 40.20 10.33 -34.58
N VAL D 390 40.01 11.55 -34.07
CA VAL D 390 39.57 11.80 -32.70
C VAL D 390 38.07 11.97 -32.69
N ASP D 391 37.37 11.25 -31.82
CA ASP D 391 35.95 11.50 -31.62
C ASP D 391 35.49 11.15 -30.21
N GLY D 392 34.20 11.37 -29.96
CA GLY D 392 33.58 10.98 -28.71
C GLY D 392 34.03 11.83 -27.53
N ILE D 393 34.35 13.10 -27.76
CA ILE D 393 34.62 13.98 -26.63
C ILE D 393 33.27 14.26 -25.96
N THR D 394 33.05 13.66 -24.78
CA THR D 394 31.77 13.82 -24.08
C THR D 394 31.83 14.61 -22.76
N ALA D 395 33.01 15.12 -22.38
CA ALA D 395 33.19 15.83 -21.14
C ALA D 395 32.32 17.06 -21.07
N ARG D 396 31.80 17.36 -19.88
CA ARG D 396 30.92 18.49 -19.71
C ARG D 396 31.66 19.61 -19.00
N ARG D 397 31.04 20.78 -18.96
CA ARG D 397 31.72 21.98 -18.50
C ARG D 397 32.30 21.82 -17.10
N ARG D 398 31.58 21.13 -16.23
CA ARG D 398 32.05 20.90 -14.87
C ARG D 398 33.23 19.90 -14.74
N ASP D 399 33.48 19.08 -15.76
CA ASP D 399 34.54 18.05 -15.69
C ASP D 399 35.92 18.67 -15.96
N SER D 400 36.89 18.28 -15.15
CA SER D 400 38.30 18.66 -15.35
C SER D 400 39.12 17.65 -16.18
N VAL D 401 38.58 16.45 -16.35
CA VAL D 401 39.24 15.38 -17.12
C VAL D 401 38.44 15.12 -18.39
N VAL D 402 39.07 15.23 -19.54
CA VAL D 402 38.44 15.01 -20.83
C VAL D 402 38.93 13.68 -21.39
N PHE D 403 38.00 12.87 -21.87
CA PHE D 403 38.33 11.60 -22.48
C PHE D 403 37.92 11.69 -23.94
N PHE D 404 38.66 10.99 -24.80
CA PHE D 404 38.24 10.84 -26.17
C PHE D 404 38.85 9.59 -26.78
N LYS D 405 38.34 9.23 -27.94
CA LYS D 405 38.77 8.03 -28.61
C LYS D 405 39.57 8.40 -29.85
N PHE D 406 40.68 7.71 -30.06
CA PHE D 406 41.48 7.84 -31.26
C PHE D 406 41.47 6.48 -31.95
N THR D 407 41.24 6.49 -33.24
CA THR D 407 41.30 5.28 -34.07
C THR D 407 41.99 5.67 -35.38
N SER D 408 42.59 4.67 -36.02
CA SER D 408 43.20 4.89 -37.32
C SER D 408 43.19 3.58 -38.07
N ILE D 409 43.59 3.64 -39.33
CA ILE D 409 43.70 2.42 -40.13
C ILE D 409 44.55 1.37 -39.45
N LEU D 410 45.65 1.77 -38.83
CA LEU D 410 46.52 0.80 -38.13
C LEU D 410 46.44 0.81 -36.60
N THR D 411 45.49 1.56 -36.03
CA THR D 411 45.33 1.69 -34.57
C THR D 411 43.90 1.36 -34.19
N PRO D 412 43.67 0.19 -33.55
CA PRO D 412 42.29 -0.19 -33.31
C PRO D 412 41.46 0.71 -32.41
N GLY D 413 42.09 1.37 -31.43
CA GLY D 413 41.31 2.21 -30.55
C GLY D 413 42.04 2.51 -29.27
N ILE D 414 42.28 3.79 -29.03
CA ILE D 414 42.88 4.25 -27.79
C ILE D 414 41.89 5.22 -27.17
N VAL D 415 41.59 5.05 -25.88
CA VAL D 415 40.89 6.07 -25.14
C VAL D 415 41.97 6.88 -24.42
N TYR D 416 42.10 8.13 -24.81
CA TYR D 416 43.00 9.07 -24.17
C TYR D 416 42.27 9.85 -23.10
N GLN D 417 43.08 10.32 -22.16
CA GLN D 417 42.64 11.10 -21.03
C GLN D 417 43.50 12.35 -21.06
N CYS D 418 42.90 13.51 -20.89
CA CYS D 418 43.64 14.75 -20.71
C CYS D 418 43.12 15.44 -19.46
N ASP D 419 43.98 15.52 -18.44
CA ASP D 419 43.63 16.15 -17.17
C ASP D 419 43.98 17.63 -17.31
N LEU D 420 42.97 18.47 -17.53
CA LEU D 420 43.21 19.90 -17.78
C LEU D 420 43.69 20.66 -16.55
N LYS D 421 43.32 20.21 -15.37
CA LYS D 421 43.78 20.85 -14.14
C LYS D 421 45.26 20.59 -13.91
N ASN D 422 45.65 19.33 -13.91
CA ASN D 422 46.95 18.90 -13.41
C ASN D 422 48.02 18.71 -14.48
N ASP D 423 47.64 18.35 -15.70
CA ASP D 423 48.62 18.10 -16.76
C ASP D 423 48.05 18.38 -18.16
N PRO D 424 47.71 19.66 -18.44
CA PRO D 424 47.20 20.01 -19.77
C PRO D 424 48.29 19.93 -20.87
N THR D 425 47.96 19.34 -21.99
CA THR D 425 48.93 19.11 -23.10
C THR D 425 49.58 17.73 -23.07
N GLN D 426 49.39 16.97 -21.99
CA GLN D 426 49.73 15.55 -21.99
C GLN D 426 48.48 14.71 -22.23
N LEU D 427 48.50 13.91 -23.28
CA LEU D 427 47.51 12.89 -23.49
C LEU D 427 48.02 11.62 -22.85
N LYS D 428 47.33 11.13 -21.83
CA LYS D 428 47.65 9.89 -21.16
C LYS D 428 46.75 8.77 -21.75
N ILE D 429 47.31 7.58 -21.94
CA ILE D 429 46.52 6.45 -22.41
C ILE D 429 45.69 5.92 -21.26
N PHE D 430 44.37 5.90 -21.43
CA PHE D 430 43.46 5.34 -20.44
C PHE D 430 43.13 3.89 -20.76
N ARG D 431 42.76 3.60 -22.01
CA ARG D 431 42.58 2.22 -22.49
C ARG D 431 43.19 2.15 -23.86
N GLU D 432 43.80 1.00 -24.17
CA GLU D 432 44.36 0.77 -25.49
C GLU D 432 43.94 -0.62 -25.98
N SER D 433 43.23 -0.67 -27.09
CA SER D 433 42.90 -1.94 -27.74
C SER D 433 44.11 -2.46 -28.49
N VAL D 434 44.22 -3.79 -28.60
CA VAL D 434 45.33 -4.44 -29.30
C VAL D 434 44.77 -5.51 -30.26
N VAL D 435 45.09 -5.43 -31.56
CA VAL D 435 44.70 -6.48 -32.51
C VAL D 435 45.62 -7.68 -32.27
N PRO D 436 45.06 -8.88 -32.01
CA PRO D 436 45.91 -10.07 -31.83
C PRO D 436 46.64 -10.44 -33.13
N ASP D 437 47.92 -10.77 -33.02
CA ASP D 437 48.72 -11.28 -34.16
C ASP D 437 48.80 -10.29 -35.32
N PHE D 438 48.94 -9.01 -34.99
CA PHE D 438 49.09 -7.98 -35.98
C PHE D 438 50.18 -7.03 -35.56
N ASP D 439 51.18 -6.93 -36.44
CA ASP D 439 52.34 -6.09 -36.24
C ASP D 439 52.15 -4.86 -37.13
N ARG D 440 51.67 -3.80 -36.50
CA ARG D 440 51.46 -2.46 -37.08
C ARG D 440 52.67 -1.94 -37.88
N SER D 441 53.86 -2.21 -37.37
CA SER D 441 55.10 -1.68 -37.94
C SER D 441 55.46 -2.23 -39.33
N GLU D 442 54.79 -3.29 -39.79
CA GLU D 442 54.94 -3.79 -41.17
C GLU D 442 54.17 -2.96 -42.21
N PHE D 443 53.30 -2.07 -41.79
CA PHE D 443 52.42 -1.31 -42.68
C PHE D 443 52.58 0.17 -42.45
N GLU D 444 52.13 0.95 -43.43
CA GLU D 444 52.17 2.40 -43.31
C GLU D 444 50.97 3.05 -44.00
N VAL D 445 50.65 4.25 -43.54
CA VAL D 445 49.56 5.04 -44.12
C VAL D 445 50.16 6.39 -44.46
N LYS D 446 49.92 6.86 -45.66
CA LYS D 446 50.35 8.19 -46.04
C LYS D 446 49.20 8.97 -46.65
N GLN D 447 49.33 10.29 -46.64
CA GLN D 447 48.37 11.12 -47.29
C GLN D 447 49.04 11.73 -48.52
N VAL D 448 48.36 11.70 -49.64
CA VAL D 448 48.82 12.43 -50.82
C VAL D 448 47.67 13.25 -51.40
N PHE D 449 48.02 14.21 -52.24
CA PHE D 449 47.05 15.12 -52.83
C PHE D 449 47.15 14.94 -54.31
N VAL D 450 46.02 14.68 -54.97
CA VAL D 450 45.98 14.38 -56.38
C VAL D 450 45.08 15.36 -57.08
N PRO D 451 45.34 15.65 -58.38
CA PRO D 451 44.52 16.59 -59.09
C PRO D 451 43.23 15.96 -59.62
N SER D 452 42.11 16.68 -59.46
CA SER D 452 40.90 16.29 -60.16
C SER D 452 40.91 16.86 -61.57
N LYS D 453 39.89 16.56 -62.36
CA LYS D 453 39.77 17.08 -63.74
C LYS D 453 39.89 18.60 -63.82
N ASP D 454 39.24 19.30 -62.91
CA ASP D 454 39.30 20.78 -62.88
C ASP D 454 40.51 21.36 -62.12
N GLY D 455 41.48 20.53 -61.76
CA GLY D 455 42.69 20.97 -61.05
C GLY D 455 42.63 20.84 -59.54
N THR D 456 41.44 20.70 -58.95
CA THR D 456 41.26 20.75 -57.51
C THR D 456 42.07 19.63 -56.85
N LYS D 457 42.68 19.99 -55.71
CA LYS D 457 43.47 19.08 -54.92
C LYS D 457 42.51 18.16 -54.20
N ILE D 458 42.65 16.84 -54.37
CA ILE D 458 41.83 15.84 -53.67
C ILE D 458 42.76 15.08 -52.74
N PRO D 459 42.53 15.16 -51.39
CA PRO D 459 43.32 14.34 -50.48
C PRO D 459 42.90 12.91 -50.52
N ILE D 460 43.89 12.00 -50.52
CA ILE D 460 43.63 10.60 -50.36
C ILE D 460 44.58 10.02 -49.31
N PHE D 461 44.13 9.00 -48.61
CA PHE D 461 44.97 8.23 -47.74
C PHE D 461 45.25 6.92 -48.42
N ILE D 462 46.51 6.48 -48.37
CA ILE D 462 46.92 5.21 -48.98
C ILE D 462 47.60 4.38 -47.89
N ALA D 463 47.05 3.19 -47.65
CA ALA D 463 47.60 2.24 -46.69
C ALA D 463 48.08 1.02 -47.44
N ALA D 464 49.27 0.55 -47.06
CA ALA D 464 49.88 -0.62 -47.66
C ALA D 464 51.02 -1.14 -46.79
N ARG D 465 51.46 -2.36 -47.08
CA ARG D 465 52.71 -2.89 -46.55
C ARG D 465 53.85 -1.94 -46.88
N LYS D 466 54.73 -1.69 -45.92
CA LYS D 466 55.98 -0.95 -46.15
C LYS D 466 56.84 -1.60 -47.23
N GLY D 467 57.47 -0.76 -48.04
CA GLY D 467 58.46 -1.20 -49.03
C GLY D 467 57.94 -1.91 -50.24
N ILE D 468 56.64 -1.82 -50.54
CA ILE D 468 56.12 -2.48 -51.75
C ILE D 468 56.63 -1.81 -53.02
N SER D 469 56.76 -2.60 -54.08
CA SER D 469 57.18 -2.11 -55.36
C SER D 469 55.98 -1.49 -56.07
N LEU D 470 56.16 -0.29 -56.60
CA LEU D 470 55.14 0.38 -57.35
C LEU D 470 55.21 -0.05 -58.82
N ASP D 471 54.87 -1.32 -59.04
CA ASP D 471 54.95 -1.98 -60.35
C ASP D 471 53.57 -2.27 -60.97
N GLY D 472 52.52 -1.71 -60.37
CA GLY D 472 51.17 -1.87 -60.85
C GLY D 472 50.52 -3.21 -60.51
N SER D 473 51.15 -4.04 -59.67
CA SER D 473 50.72 -5.45 -59.48
C SER D 473 49.71 -5.67 -58.34
N HIS D 474 49.43 -4.66 -57.54
CA HIS D 474 48.72 -4.88 -56.28
C HIS D 474 47.22 -4.65 -56.44
N PRO D 475 46.39 -5.55 -55.85
CA PRO D 475 44.97 -5.21 -55.81
C PRO D 475 44.74 -4.00 -54.92
N CYS D 476 43.76 -3.20 -55.30
CA CYS D 476 43.53 -1.93 -54.64
C CYS D 476 42.04 -1.78 -54.35
N GLU D 477 41.69 -1.39 -53.13
CA GLU D 477 40.33 -1.08 -52.77
C GLU D 477 40.29 0.42 -52.43
N MET D 478 39.39 1.14 -53.08
CA MET D 478 39.14 2.52 -52.83
C MET D 478 37.73 2.77 -52.29
N HIS D 479 37.66 3.59 -51.25
CA HIS D 479 36.43 3.90 -50.56
C HIS D 479 36.21 5.42 -50.60
N GLY D 480 34.96 5.81 -50.74
CA GLY D 480 34.56 7.20 -50.67
C GLY D 480 33.10 7.36 -50.36
N TYR D 481 32.69 8.62 -50.14
CA TYR D 481 31.30 8.94 -49.87
C TYR D 481 30.89 10.13 -50.76
N GLY D 482 31.39 11.31 -50.44
CA GLY D 482 31.18 12.49 -51.27
C GLY D 482 29.80 13.09 -51.21
N GLY D 483 29.41 13.62 -50.07
CA GLY D 483 28.11 14.31 -49.97
C GLY D 483 27.75 14.71 -48.55
N PHE D 484 26.77 15.61 -48.44
CA PHE D 484 26.09 15.90 -47.18
C PHE D 484 26.97 16.49 -46.09
N GLY D 485 28.10 17.05 -46.51
CA GLY D 485 29.07 17.61 -45.60
C GLY D 485 29.69 16.58 -44.66
N ILE D 486 29.65 15.30 -45.02
CA ILE D 486 30.20 14.24 -44.18
C ILE D 486 31.71 14.18 -44.40
N ASN D 487 32.44 14.10 -43.30
CA ASN D 487 33.90 14.00 -43.31
C ASN D 487 34.32 12.55 -43.20
N MET D 488 35.04 12.07 -44.20
CA MET D 488 35.47 10.67 -44.23
C MET D 488 36.85 10.51 -43.59
N MET D 489 36.89 9.89 -42.43
CA MET D 489 38.14 9.76 -41.67
C MET D 489 38.74 8.35 -41.79
N PRO D 490 40.08 8.23 -41.73
CA PRO D 490 40.72 6.91 -41.83
C PRO D 490 40.69 6.20 -40.48
N THR D 491 39.58 5.54 -40.19
CA THR D 491 39.36 4.83 -38.93
C THR D 491 39.73 3.35 -39.05
N PHE D 492 39.69 2.65 -37.93
CA PHE D 492 40.06 1.24 -37.90
C PHE D 492 38.98 0.31 -38.46
N SER D 493 39.41 -0.62 -39.31
CA SER D 493 38.61 -1.74 -39.79
C SER D 493 39.47 -3.00 -39.77
N ALA D 494 38.97 -4.06 -39.10
CA ALA D 494 39.70 -5.31 -39.06
C ALA D 494 39.79 -5.97 -40.44
N SER D 495 38.71 -5.91 -41.19
CA SER D 495 38.68 -6.53 -42.52
C SER D 495 39.66 -5.85 -43.45
N ARG D 496 39.85 -4.55 -43.30
CA ARG D 496 40.85 -3.86 -44.10
C ARG D 496 42.27 -4.38 -43.83
N ILE D 497 42.58 -4.69 -42.58
CA ILE D 497 43.87 -5.25 -42.22
C ILE D 497 44.06 -6.64 -42.87
N VAL D 498 42.99 -7.43 -42.95
CA VAL D 498 43.07 -8.72 -43.61
C VAL D 498 43.41 -8.52 -45.10
N PHE D 499 42.76 -7.55 -45.73
CA PHE D 499 43.02 -7.20 -47.13
C PHE D 499 44.49 -6.81 -47.37
N LEU D 500 45.01 -5.91 -46.51
CA LEU D 500 46.40 -5.48 -46.60
C LEU D 500 47.38 -6.63 -46.38
N LYS D 501 47.13 -7.44 -45.37
CA LYS D 501 48.09 -8.45 -44.95
C LYS D 501 47.97 -9.75 -45.76
N HIS D 502 46.76 -10.25 -45.95
CA HIS D 502 46.56 -11.57 -46.57
C HIS D 502 46.17 -11.54 -48.03
N LEU D 503 45.88 -10.36 -48.54
CA LEU D 503 45.67 -10.20 -49.96
C LEU D 503 46.70 -9.27 -50.60
N GLY D 504 47.69 -8.81 -49.83
CA GLY D 504 48.70 -7.88 -50.36
C GLY D 504 48.09 -6.63 -50.94
N GLY D 505 46.99 -6.17 -50.34
CA GLY D 505 46.21 -5.08 -50.88
C GLY D 505 46.78 -3.71 -50.57
N VAL D 506 46.36 -2.76 -51.39
CA VAL D 506 46.52 -1.33 -51.14
C VAL D 506 45.14 -0.75 -50.88
N PHE D 507 44.97 0.00 -49.78
CA PHE D 507 43.68 0.59 -49.48
C PHE D 507 43.78 2.09 -49.62
N CYS D 508 42.79 2.67 -50.27
CA CYS D 508 42.71 4.10 -50.51
C CYS D 508 41.39 4.67 -49.99
N LEU D 509 41.47 5.72 -49.15
CA LEU D 509 40.29 6.48 -48.76
C LEU D 509 40.41 7.84 -49.44
N ALA D 510 39.43 8.18 -50.26
CA ALA D 510 39.46 9.42 -51.03
C ALA D 510 38.50 10.46 -50.43
N ASN D 511 39.04 11.63 -50.09
CA ASN D 511 38.26 12.73 -49.54
C ASN D 511 37.75 13.66 -50.62
N ILE D 512 36.76 13.19 -51.32
CA ILE D 512 36.22 13.90 -52.46
C ILE D 512 35.28 15.01 -52.07
N ARG D 513 35.01 15.91 -53.01
CA ARG D 513 34.08 17.02 -52.76
C ARG D 513 32.67 16.50 -52.46
N GLY D 514 31.83 17.40 -51.93
CA GLY D 514 30.54 17.02 -51.38
C GLY D 514 30.62 16.72 -49.88
N GLY D 515 31.78 16.26 -49.39
CA GLY D 515 32.01 16.11 -47.98
C GLY D 515 32.20 17.44 -47.33
N GLY D 516 32.53 17.42 -46.06
CA GLY D 516 32.71 18.66 -45.32
C GLY D 516 34.13 19.00 -44.98
N GLU D 517 35.10 18.29 -45.57
CA GLU D 517 36.47 18.28 -45.06
C GLU D 517 37.13 19.65 -45.11
N TYR D 518 36.81 20.42 -46.13
CA TYR D 518 37.31 21.79 -46.23
C TYR D 518 36.20 22.81 -46.10
N GLY D 519 35.16 22.45 -45.33
CA GLY D 519 34.07 23.34 -45.04
C GLY D 519 32.99 23.36 -46.09
N GLU D 520 32.10 24.32 -45.93
CA GLU D 520 30.88 24.42 -46.73
C GLU D 520 31.18 24.67 -48.21
N GLU D 521 32.28 25.32 -48.56
CA GLU D 521 32.62 25.48 -49.99
C GLU D 521 32.98 24.13 -50.65
N TRP D 522 33.56 23.21 -49.89
CA TRP D 522 33.89 21.85 -50.34
C TRP D 522 32.61 21.05 -50.56
N HIS D 523 31.68 21.17 -49.60
CA HIS D 523 30.38 20.56 -49.69
C HIS D 523 29.63 21.06 -50.93
N LYS D 524 29.57 22.37 -51.10
CA LYS D 524 28.80 22.95 -52.21
C LYS D 524 29.43 22.71 -53.58
N ALA D 525 30.73 22.48 -53.61
CA ALA D 525 31.41 22.14 -54.86
C ALA D 525 31.14 20.72 -55.29
N GLY D 526 30.41 19.96 -54.49
CA GLY D 526 30.00 18.61 -54.83
C GLY D 526 28.56 18.29 -54.53
N PHE D 527 27.67 19.27 -54.69
CA PHE D 527 26.23 19.02 -54.55
C PHE D 527 25.44 19.73 -55.64
N ARG D 528 24.16 19.35 -55.76
CA ARG D 528 23.22 20.01 -56.67
C ARG D 528 23.75 20.00 -58.13
N ASP D 529 23.90 21.17 -58.76
CA ASP D 529 24.51 21.27 -60.09
C ASP D 529 25.94 20.71 -60.24
N LYS D 530 26.69 20.66 -59.12
CA LYS D 530 28.07 20.23 -59.13
C LYS D 530 28.28 18.81 -58.58
N LYS D 531 27.21 18.02 -58.48
CA LYS D 531 27.34 16.64 -58.03
C LYS D 531 28.33 15.85 -58.88
N GLN D 532 28.37 16.14 -60.19
CA GLN D 532 29.29 15.44 -61.08
C GLN D 532 30.76 15.57 -60.64
N ASN D 533 31.12 16.67 -59.97
CA ASN D 533 32.48 16.86 -59.45
C ASN D 533 32.92 15.75 -58.52
N VAL D 534 31.95 15.20 -57.76
CA VAL D 534 32.22 14.15 -56.81
C VAL D 534 32.72 12.91 -57.57
N PHE D 535 32.02 12.57 -58.64
CA PHE D 535 32.37 11.39 -59.41
C PHE D 535 33.71 11.60 -60.13
N ASP D 536 33.92 12.79 -60.70
CA ASP D 536 35.20 13.12 -61.31
C ASP D 536 36.38 13.05 -60.31
N ASP D 537 36.16 13.49 -59.08
CA ASP D 537 37.18 13.43 -58.05
C ASP D 537 37.56 12.00 -57.76
N PHE D 538 36.57 11.14 -57.62
CA PHE D 538 36.80 9.72 -57.32
C PHE D 538 37.51 9.00 -58.46
N ILE D 539 37.05 9.25 -59.68
CA ILE D 539 37.73 8.75 -60.87
C ILE D 539 39.20 9.22 -60.93
N SER D 540 39.45 10.50 -60.62
CA SER D 540 40.80 11.05 -60.64
C SER D 540 41.73 10.38 -59.62
N ALA D 541 41.18 9.97 -58.48
CA ALA D 541 41.94 9.27 -57.48
C ALA D 541 42.33 7.87 -57.99
N ALA D 542 41.39 7.16 -58.63
CA ALA D 542 41.74 5.87 -59.23
C ALA D 542 42.84 6.04 -60.29
N GLU D 543 42.72 7.08 -61.13
CA GLU D 543 43.72 7.31 -62.16
C GLU D 543 45.11 7.56 -61.57
N TYR D 544 45.16 8.27 -60.43
CA TYR D 544 46.40 8.49 -59.74
C TYR D 544 47.04 7.18 -59.24
N LEU D 545 46.22 6.33 -58.62
CA LEU D 545 46.70 5.06 -58.09
C LEU D 545 47.30 4.18 -59.20
N ILE D 546 46.69 4.25 -60.39
CA ILE D 546 47.22 3.57 -61.56
C ILE D 546 48.49 4.22 -62.09
N SER D 547 48.49 5.54 -62.31
CA SER D 547 49.65 6.18 -62.89
C SER D 547 50.90 6.09 -61.98
N SER D 548 50.70 6.08 -60.67
CA SER D 548 51.82 6.07 -59.76
C SER D 548 52.29 4.63 -59.45
N GLY D 549 51.61 3.62 -59.96
CA GLY D 549 52.12 2.26 -59.93
C GLY D 549 51.67 1.40 -58.76
N TYR D 550 50.70 1.85 -57.97
CA TYR D 550 50.16 0.98 -56.92
C TYR D 550 49.41 -0.20 -57.54
N THR D 551 48.72 0.06 -58.64
CA THR D 551 47.76 -0.87 -59.15
C THR D 551 47.58 -0.64 -60.66
N LYS D 552 46.65 -1.36 -61.24
CA LYS D 552 46.27 -1.20 -62.64
C LYS D 552 44.76 -1.27 -62.76
N ALA D 553 44.23 -0.75 -63.87
CA ALA D 553 42.81 -0.77 -64.13
C ALA D 553 42.46 -2.23 -64.14
N ARG D 554 41.33 -2.63 -63.57
CA ARG D 554 40.97 -4.05 -63.51
C ARG D 554 41.51 -4.72 -62.24
N ARG D 555 42.51 -4.15 -61.57
CA ARG D 555 42.84 -4.56 -60.21
C ARG D 555 42.36 -3.56 -59.14
N VAL D 556 41.51 -2.60 -59.53
CA VAL D 556 40.92 -1.62 -58.61
C VAL D 556 39.47 -1.99 -58.28
N ALA D 557 39.19 -2.09 -56.99
CA ALA D 557 37.85 -2.29 -56.48
C ALA D 557 37.39 -1.02 -55.83
N ILE D 558 36.13 -0.66 -56.06
CA ILE D 558 35.53 0.50 -55.40
C ILE D 558 34.34 0.09 -54.55
N GLU D 559 34.19 0.73 -53.39
CA GLU D 559 33.16 0.39 -52.43
C GLU D 559 32.62 1.65 -51.77
N GLY D 560 31.32 1.65 -51.53
CA GLY D 560 30.65 2.79 -50.88
C GLY D 560 29.24 2.42 -50.47
N GLY D 561 28.70 3.17 -49.52
CA GLY D 561 27.35 2.93 -49.03
C GLY D 561 26.42 4.14 -49.06
N ALA D 562 25.16 3.89 -49.45
CA ALA D 562 24.09 4.92 -49.49
C ALA D 562 24.39 6.01 -50.53
N ASN D 563 24.67 7.25 -50.12
CA ASN D 563 25.23 8.22 -51.06
C ASN D 563 26.57 7.70 -51.68
N GLY D 564 27.32 6.91 -50.92
CA GLY D 564 28.52 6.26 -51.45
C GLY D 564 28.25 5.12 -52.43
N GLY D 565 27.08 4.51 -52.32
CA GLY D 565 26.62 3.52 -53.29
C GLY D 565 26.24 4.19 -54.61
N LEU D 566 25.61 5.36 -54.54
CA LEU D 566 25.43 6.21 -55.72
C LEU D 566 26.77 6.55 -56.40
N LEU D 567 27.76 6.92 -55.59
CA LEU D 567 29.10 7.20 -56.07
C LEU D 567 29.67 6.02 -56.88
N VAL D 568 29.60 4.82 -56.30
CA VAL D 568 30.09 3.63 -56.98
C VAL D 568 29.33 3.39 -58.32
N ALA D 569 28.01 3.44 -58.28
CA ALA D 569 27.18 3.16 -59.47
C ALA D 569 27.40 4.20 -60.59
N ALA D 570 27.52 5.47 -60.23
CA ALA D 570 27.78 6.50 -61.24
C ALA D 570 29.17 6.35 -61.83
N CYS D 571 30.18 6.06 -61.02
CA CYS D 571 31.55 5.85 -61.52
C CYS D 571 31.68 4.66 -62.46
N ILE D 572 31.04 3.54 -62.13
CA ILE D 572 31.11 2.40 -63.04
C ILE D 572 30.32 2.61 -64.32
N ASN D 573 29.24 3.41 -64.27
CA ASN D 573 28.52 3.80 -65.50
C ASN D 573 29.40 4.65 -66.38
N GLN D 574 30.14 5.57 -65.77
CA GLN D 574 30.91 6.54 -66.52
C GLN D 574 32.28 5.99 -66.98
N ARG D 575 32.93 5.18 -66.14
CA ARG D 575 34.28 4.68 -66.46
C ARG D 575 34.41 3.20 -66.08
N PRO D 576 33.61 2.34 -66.73
CA PRO D 576 33.68 0.91 -66.37
C PRO D 576 35.07 0.28 -66.59
N ASP D 577 35.82 0.82 -67.57
CA ASP D 577 37.18 0.39 -67.89
C ASP D 577 38.20 0.53 -66.74
N LEU D 578 37.96 1.43 -65.78
CA LEU D 578 38.90 1.67 -64.71
C LEU D 578 38.87 0.65 -63.58
N PHE D 579 37.82 -0.16 -63.50
CA PHE D 579 37.52 -0.91 -62.28
C PHE D 579 37.42 -2.38 -62.56
N GLY D 580 37.89 -3.17 -61.59
CA GLY D 580 37.75 -4.62 -61.65
C GLY D 580 36.61 -5.15 -60.77
N CYS D 581 36.20 -4.37 -59.77
CA CYS D 581 35.15 -4.81 -58.86
C CYS D 581 34.46 -3.58 -58.30
N ALA D 582 33.15 -3.66 -58.12
CA ALA D 582 32.32 -2.59 -57.61
C ALA D 582 31.33 -3.15 -56.59
N GLU D 583 31.32 -2.56 -55.39
CA GLU D 583 30.43 -3.00 -54.33
C GLU D 583 29.68 -1.79 -53.79
N ALA D 584 28.36 -1.76 -54.05
CA ALA D 584 27.51 -0.63 -53.71
C ALA D 584 26.56 -1.12 -52.66
N ASN D 585 26.68 -0.55 -51.46
CA ASN D 585 25.84 -0.93 -50.35
C ASN D 585 24.69 0.09 -50.22
N CYS D 586 23.45 -0.41 -50.21
CA CYS D 586 22.23 0.40 -50.10
C CYS D 586 22.28 1.74 -50.82
N GLY D 587 22.63 1.72 -52.09
CA GLY D 587 22.80 2.96 -52.84
C GLY D 587 21.51 3.66 -53.22
N VAL D 588 21.62 4.98 -53.41
CA VAL D 588 20.52 5.78 -53.97
C VAL D 588 20.70 5.77 -55.48
N MET D 589 19.93 4.95 -56.18
CA MET D 589 20.17 4.66 -57.59
C MET D 589 19.17 5.29 -58.56
N ASP D 590 17.94 5.53 -58.13
CA ASP D 590 16.94 6.24 -58.93
C ASP D 590 16.89 7.68 -58.47
N MET D 591 17.65 8.54 -59.15
CA MET D 591 17.71 9.94 -58.75
C MET D 591 16.49 10.74 -59.18
N LEU D 592 15.64 10.19 -60.04
CA LEU D 592 14.41 10.90 -60.42
C LEU D 592 13.28 10.69 -59.43
N ARG D 593 13.31 9.60 -58.67
CA ARG D 593 12.21 9.26 -57.77
C ARG D 593 12.56 9.11 -56.31
N PHE D 594 13.81 9.36 -55.93
CA PHE D 594 14.26 9.09 -54.54
C PHE D 594 13.43 9.87 -53.52
N HIS D 595 13.00 11.08 -53.91
CA HIS D 595 12.28 11.98 -53.02
C HIS D 595 10.88 11.48 -52.64
N LYS D 596 10.39 10.46 -53.32
CA LYS D 596 9.06 9.92 -53.07
C LYS D 596 9.00 8.83 -52.01
N PHE D 597 10.14 8.33 -51.53
CA PHE D 597 10.14 7.18 -50.61
C PHE D 597 10.77 7.51 -49.26
N THR D 598 10.08 7.05 -48.21
CA THR D 598 10.44 7.26 -46.81
C THR D 598 11.03 8.64 -46.57
N LEU D 599 12.29 8.75 -46.19
CA LEU D 599 12.86 10.07 -45.85
C LEU D 599 13.69 10.66 -46.97
N GLY D 600 13.58 10.10 -48.17
CA GLY D 600 14.32 10.62 -49.32
C GLY D 600 14.09 12.08 -49.63
N TYR D 601 12.89 12.57 -49.29
CA TYR D 601 12.54 13.98 -49.51
C TYR D 601 13.46 14.93 -48.72
N LEU D 602 14.09 14.45 -47.66
CA LEU D 602 15.07 15.24 -46.90
C LEU D 602 16.37 15.49 -47.65
N TRP D 603 16.64 14.78 -48.73
CA TRP D 603 17.91 14.84 -49.45
C TRP D 603 17.89 15.79 -50.65
N THR D 604 16.75 16.42 -50.91
CA THR D 604 16.62 17.28 -52.10
C THR D 604 17.50 18.53 -51.99
N GLY D 605 17.85 18.93 -50.77
CA GLY D 605 18.88 19.93 -50.53
C GLY D 605 20.24 19.67 -51.21
N ASP D 606 20.75 18.45 -51.09
CA ASP D 606 22.02 18.06 -51.73
C ASP D 606 21.84 17.67 -53.20
N TYR D 607 20.75 16.98 -53.52
CA TYR D 607 20.63 16.39 -54.85
C TYR D 607 19.88 17.26 -55.83
N GLY D 608 18.99 18.12 -55.34
CA GLY D 608 17.93 18.69 -56.16
C GLY D 608 16.78 17.69 -56.26
N CYS D 609 15.79 18.05 -57.05
CA CYS D 609 14.55 17.28 -57.20
C CYS D 609 14.07 17.34 -58.64
N SER D 610 13.64 16.19 -59.16
CA SER D 610 13.20 16.10 -60.56
C SER D 610 11.89 16.85 -60.90
N ASP D 611 11.15 17.34 -59.89
CA ASP D 611 9.97 18.18 -60.19
C ASP D 611 10.32 19.62 -60.55
N LYS D 612 11.59 20.00 -60.53
CA LYS D 612 12.06 21.29 -61.06
C LYS D 612 12.96 21.04 -62.26
N GLU D 613 12.70 21.75 -63.36
CA GLU D 613 13.33 21.47 -64.64
C GLU D 613 14.85 21.55 -64.62
N GLU D 614 15.36 22.65 -64.05
CA GLU D 614 16.81 22.89 -63.91
C GLU D 614 17.49 21.72 -63.18
N GLU D 615 16.79 21.18 -62.20
CA GLU D 615 17.34 20.16 -61.33
C GLU D 615 17.21 18.79 -61.99
N PHE D 616 16.07 18.54 -62.64
CA PHE D 616 15.92 17.34 -63.47
C PHE D 616 17.11 17.20 -64.43
N LYS D 617 17.48 18.32 -65.07
CA LYS D 617 18.56 18.28 -66.05
C LYS D 617 19.91 17.84 -65.46
N TRP D 618 20.21 18.23 -64.22
N TRP D 618 20.24 18.21 -64.22
CA TRP D 618 21.40 17.72 -63.52
CA TRP D 618 21.47 17.69 -63.66
C TRP D 618 21.29 16.24 -63.22
C TRP D 618 21.32 16.28 -63.10
N LEU D 619 20.11 15.86 -62.71
CA LEU D 619 19.91 14.51 -62.19
C LEU D 619 19.97 13.43 -63.25
N ILE D 620 19.34 13.70 -64.38
CA ILE D 620 19.27 12.72 -65.46
C ILE D 620 20.65 12.31 -66.00
N LYS D 621 21.62 13.23 -65.91
CA LYS D 621 22.94 12.98 -66.46
C LYS D 621 23.74 11.93 -65.69
N TYR D 622 23.44 11.75 -64.39
CA TYR D 622 24.14 10.77 -63.60
C TYR D 622 23.31 9.73 -62.88
N SER D 623 21.98 9.87 -62.85
CA SER D 623 21.12 8.92 -62.16
C SER D 623 21.49 7.50 -62.60
N PRO D 624 21.92 6.64 -61.66
CA PRO D 624 22.46 5.34 -62.06
C PRO D 624 21.57 4.49 -62.93
N ILE D 625 20.28 4.34 -62.59
CA ILE D 625 19.40 3.48 -63.39
C ILE D 625 19.08 4.04 -64.77
N HIS D 626 19.38 5.31 -65.01
CA HIS D 626 19.13 5.95 -66.30
C HIS D 626 20.39 6.12 -67.15
N ASN D 627 21.53 5.60 -66.69
CA ASN D 627 22.81 5.74 -67.39
C ASN D 627 23.60 4.43 -67.54
N VAL D 628 22.90 3.30 -67.54
CA VAL D 628 23.52 2.03 -67.81
C VAL D 628 23.61 1.90 -69.32
N ARG D 629 24.82 1.81 -69.84
CA ARG D 629 25.06 1.67 -71.29
C ARG D 629 26.13 0.61 -71.54
N ARG D 630 25.99 -0.11 -72.64
CA ARG D 630 26.97 -1.14 -73.01
C ARG D 630 28.28 -0.49 -73.44
N PRO D 631 29.34 -0.62 -72.64
CA PRO D 631 30.59 0.08 -72.98
C PRO D 631 31.23 -0.40 -74.29
N TRP D 632 31.10 -1.68 -74.58
CA TRP D 632 31.66 -2.28 -75.79
C TRP D 632 31.04 -1.78 -77.11
N GLU D 633 29.89 -1.10 -77.05
CA GLU D 633 29.30 -0.49 -78.24
C GLU D 633 29.87 0.89 -78.62
N GLN D 634 30.73 1.45 -77.78
CA GLN D 634 31.46 2.68 -78.14
C GLN D 634 32.75 2.36 -78.91
N PRO D 635 33.01 3.07 -80.03
CA PRO D 635 34.21 2.72 -80.82
C PRO D 635 35.53 2.90 -80.03
N GLY D 636 36.46 1.99 -80.24
CA GLY D 636 37.71 1.92 -79.45
C GLY D 636 37.61 1.30 -78.07
N ASN D 637 36.39 0.97 -77.62
CA ASN D 637 36.13 0.48 -76.25
CA ASN D 637 36.15 0.46 -76.27
C ASN D 637 35.56 -0.95 -76.32
N GLU D 638 35.84 -1.67 -77.42
CA GLU D 638 35.20 -2.97 -77.68
C GLU D 638 35.61 -4.06 -76.69
N GLU D 639 36.75 -3.87 -76.02
CA GLU D 639 37.25 -4.82 -75.02
C GLU D 639 36.71 -4.57 -73.62
N THR D 640 35.95 -3.49 -73.41
CA THR D 640 35.50 -3.09 -72.08
C THR D 640 34.16 -3.74 -71.70
N GLN D 641 34.05 -4.13 -70.44
CA GLN D 641 32.80 -4.57 -69.85
C GLN D 641 32.66 -3.89 -68.51
N TYR D 642 31.50 -4.03 -67.88
CA TYR D 642 31.36 -3.56 -66.50
C TYR D 642 32.22 -4.42 -65.58
N PRO D 643 32.72 -3.84 -64.49
CA PRO D 643 33.35 -4.65 -63.46
C PRO D 643 32.35 -5.65 -62.88
N ALA D 644 32.87 -6.72 -62.28
CA ALA D 644 32.08 -7.57 -61.41
C ALA D 644 31.46 -6.66 -60.34
N THR D 645 30.15 -6.74 -60.18
CA THR D 645 29.38 -5.82 -59.38
C THR D 645 28.55 -6.61 -58.36
N MET D 646 28.63 -6.20 -57.10
CA MET D 646 27.77 -6.70 -56.05
C MET D 646 26.99 -5.52 -55.48
N ILE D 647 25.69 -5.61 -55.53
CA ILE D 647 24.79 -4.60 -54.98
C ILE D 647 24.33 -5.22 -53.66
N LEU D 648 24.65 -4.58 -52.55
CA LEU D 648 24.27 -5.08 -51.24
C LEU D 648 23.11 -4.26 -50.68
N THR D 649 22.15 -4.93 -50.06
CA THR D 649 21.10 -4.23 -49.33
C THR D 649 20.45 -5.14 -48.30
N ALA D 650 19.98 -4.55 -47.22
CA ALA D 650 19.05 -5.22 -46.31
C ALA D 650 17.69 -5.20 -46.98
N ASP D 651 16.92 -6.26 -46.77
CA ASP D 651 15.60 -6.39 -47.38
C ASP D 651 14.55 -5.38 -46.81
N HIS D 652 14.79 -4.86 -45.60
CA HIS D 652 13.87 -3.89 -44.96
C HIS D 652 14.61 -2.61 -44.54
N ASP D 653 15.49 -2.12 -45.39
CA ASP D 653 16.14 -0.83 -45.15
C ASP D 653 15.07 0.25 -45.37
N ASP D 654 14.73 0.98 -44.31
CA ASP D 654 13.78 2.10 -44.40
C ASP D 654 14.47 3.47 -44.61
N ARG D 655 15.81 3.51 -44.55
CA ARG D 655 16.55 4.72 -44.79
C ARG D 655 16.68 4.93 -46.30
N VAL D 656 17.30 3.96 -46.97
CA VAL D 656 17.41 3.93 -48.42
C VAL D 656 16.62 2.68 -48.83
N VAL D 657 15.41 2.90 -49.34
CA VAL D 657 14.55 1.77 -49.68
C VAL D 657 15.24 0.88 -50.71
N PRO D 658 15.10 -0.45 -50.57
CA PRO D 658 15.84 -1.36 -51.45
C PRO D 658 15.38 -1.34 -52.92
N LEU D 659 14.21 -0.79 -53.26
CA LEU D 659 13.84 -0.62 -54.67
C LEU D 659 14.94 0.04 -55.51
N HIS D 660 15.72 0.93 -54.90
CA HIS D 660 16.85 1.56 -55.59
C HIS D 660 17.84 0.52 -56.12
N SER D 661 18.32 -0.32 -55.20
CA SER D 661 19.19 -1.46 -55.55
C SER D 661 18.56 -2.39 -56.54
N PHE D 662 17.28 -2.74 -56.31
CA PHE D 662 16.61 -3.71 -57.16
C PHE D 662 16.47 -3.21 -58.59
N LYS D 663 16.06 -1.95 -58.75
CA LYS D 663 15.89 -1.36 -60.08
C LYS D 663 17.22 -1.23 -60.80
N LEU D 664 18.29 -0.86 -60.09
CA LEU D 664 19.61 -0.83 -60.72
C LEU D 664 20.04 -2.23 -61.16
N LEU D 665 19.85 -3.21 -60.28
CA LEU D 665 20.24 -4.58 -60.59
C LEU D 665 19.52 -5.09 -61.84
N ALA D 666 18.20 -4.88 -61.89
CA ALA D 666 17.38 -5.28 -63.03
C ALA D 666 17.81 -4.55 -64.30
N THR D 667 18.08 -3.27 -64.20
CA THR D 667 18.53 -2.48 -65.36
C THR D 667 19.90 -2.96 -65.89
N MET D 668 20.84 -3.20 -64.99
CA MET D 668 22.18 -3.68 -65.38
C MET D 668 22.10 -5.06 -66.01
N GLN D 669 21.37 -5.97 -65.36
CA GLN D 669 21.24 -7.32 -65.91
C GLN D 669 20.57 -7.31 -67.28
N HIS D 670 19.56 -6.46 -67.47
CA HIS D 670 18.91 -6.31 -68.79
C HIS D 670 19.85 -5.74 -69.84
N VAL D 671 20.40 -4.55 -69.61
CA VAL D 671 21.18 -3.85 -70.63
C VAL D 671 22.43 -4.63 -71.02
N LEU D 672 23.12 -5.17 -70.02
CA LEU D 672 24.42 -5.81 -70.19
C LEU D 672 24.39 -7.30 -70.46
N CYS D 673 23.36 -8.02 -70.01
CA CYS D 673 23.38 -9.50 -70.06
C CYS D 673 22.17 -10.09 -70.81
N THR D 674 20.97 -9.91 -70.28
CA THR D 674 19.80 -10.67 -70.81
C THR D 674 19.16 -10.11 -72.08
N SER D 675 19.39 -8.85 -72.43
CA SER D 675 18.89 -8.28 -73.70
C SER D 675 19.69 -8.73 -74.92
N LEU D 676 20.78 -9.49 -74.73
CA LEU D 676 21.62 -9.99 -75.81
C LEU D 676 21.77 -11.48 -75.67
N GLU D 677 21.90 -12.17 -76.81
CA GLU D 677 22.46 -13.53 -76.82
C GLU D 677 24.00 -13.37 -76.82
N ASP D 678 24.70 -14.27 -76.12
CA ASP D 678 26.16 -14.22 -75.99
C ASP D 678 26.73 -12.82 -75.76
N SER D 679 26.35 -12.20 -74.64
CA SER D 679 26.87 -10.89 -74.29
C SER D 679 28.36 -10.95 -73.99
N PRO D 680 29.13 -9.90 -74.34
CA PRO D 680 30.50 -9.76 -73.87
C PRO D 680 30.64 -9.57 -72.36
N GLN D 681 29.56 -9.23 -71.67
CA GLN D 681 29.58 -9.07 -70.22
C GLN D 681 29.71 -10.44 -69.54
N LYS D 682 30.91 -10.77 -69.08
CA LYS D 682 31.18 -12.04 -68.37
C LYS D 682 31.28 -11.82 -66.86
N ASN D 683 31.76 -10.65 -66.44
CA ASN D 683 31.87 -10.35 -65.01
C ASN D 683 30.46 -10.37 -64.40
N PRO D 684 30.27 -11.07 -63.25
CA PRO D 684 28.91 -11.20 -62.71
C PRO D 684 28.35 -9.90 -62.14
N ILE D 685 27.04 -9.73 -62.27
CA ILE D 685 26.29 -8.61 -61.72
C ILE D 685 25.20 -9.21 -60.80
N ILE D 686 25.42 -9.11 -59.49
CA ILE D 686 24.62 -9.80 -58.51
C ILE D 686 24.25 -8.89 -57.35
N ALA D 687 23.30 -9.34 -56.56
CA ALA D 687 22.94 -8.66 -55.33
C ALA D 687 23.08 -9.57 -54.15
N ARG D 688 23.66 -9.08 -53.06
CA ARG D 688 23.64 -9.80 -51.79
C ARG D 688 22.57 -9.13 -50.93
N ILE D 689 21.46 -9.86 -50.74
CA ILE D 689 20.31 -9.30 -50.07
C ILE D 689 20.27 -9.92 -48.68
N GLN D 690 20.46 -9.10 -47.65
CA GLN D 690 20.38 -9.60 -46.26
C GLN D 690 18.90 -9.71 -45.85
N ARG D 691 18.48 -10.94 -45.51
CA ARG D 691 17.11 -11.20 -45.07
C ARG D 691 16.91 -10.77 -43.63
N LYS D 692 15.71 -10.30 -43.32
CA LYS D 692 15.33 -9.90 -41.96
C LYS D 692 16.32 -8.92 -41.35
N ALA D 693 16.65 -7.88 -42.10
CA ALA D 693 17.56 -6.85 -41.63
C ALA D 693 17.02 -5.46 -41.95
N ALA D 694 17.31 -4.54 -41.04
CA ALA D 694 16.96 -3.15 -41.13
C ALA D 694 18.20 -2.39 -41.52
N HIS D 695 18.07 -1.07 -41.61
CA HIS D 695 19.25 -0.23 -41.85
C HIS D 695 20.24 -0.27 -40.65
N TYR D 696 19.72 -0.35 -39.44
CA TYR D 696 20.50 -0.10 -38.24
C TYR D 696 21.27 -1.30 -37.76
N GLY D 697 22.21 -0.99 -36.84
CA GLY D 697 23.40 -1.76 -36.51
C GLY D 697 23.45 -3.28 -36.30
N ARG D 698 23.89 -3.94 -37.34
CA ARG D 698 23.98 -5.36 -37.37
C ARG D 698 24.93 -5.94 -36.31
N ALA D 699 24.52 -7.08 -35.80
CA ALA D 699 25.30 -7.87 -34.85
C ALA D 699 26.66 -8.21 -35.46
N THR D 700 27.66 -8.29 -34.60
CA THR D 700 29.03 -8.65 -34.95
C THR D 700 29.15 -9.76 -36.02
N MET D 701 28.56 -10.91 -35.76
CA MET D 701 28.68 -12.06 -36.70
C MET D 701 27.98 -11.84 -38.04
N THR D 702 26.85 -11.13 -38.02
CA THR D 702 26.12 -10.77 -39.22
C THR D 702 26.93 -9.83 -40.10
N GLN D 703 27.52 -8.82 -39.47
CA GLN D 703 28.39 -7.90 -40.16
C GLN D 703 29.64 -8.60 -40.71
N ILE D 704 30.25 -9.47 -39.92
CA ILE D 704 31.42 -10.22 -40.37
C ILE D 704 31.07 -11.09 -41.60
N ALA D 705 29.92 -11.75 -41.57
CA ALA D 705 29.49 -12.57 -42.71
C ALA D 705 29.35 -11.72 -44.01
N GLU D 706 28.75 -10.54 -43.90
CA GLU D 706 28.60 -9.61 -45.05
C GLU D 706 29.97 -9.19 -45.60
N VAL D 707 30.86 -8.79 -44.70
CA VAL D 707 32.17 -8.31 -45.09
C VAL D 707 33.06 -9.43 -45.67
N ALA D 708 32.99 -10.63 -45.10
CA ALA D 708 33.69 -11.78 -45.67
C ALA D 708 33.21 -12.08 -47.11
N ASP D 709 31.90 -12.03 -47.33
CA ASP D 709 31.31 -12.26 -48.67
C ASP D 709 31.83 -11.20 -49.65
N ARG D 710 31.78 -9.95 -49.21
CA ARG D 710 32.24 -8.80 -49.96
C ARG D 710 33.74 -8.93 -50.41
N TYR D 711 34.62 -9.28 -49.48
CA TYR D 711 36.04 -9.46 -49.77
C TYR D 711 36.36 -10.72 -50.57
N GLY D 712 35.65 -11.81 -50.32
CA GLY D 712 35.77 -13.02 -51.17
C GLY D 712 35.41 -12.76 -52.63
N PHE D 713 34.32 -12.03 -52.83
CA PHE D 713 33.87 -11.64 -54.17
C PHE D 713 34.93 -10.73 -54.82
N MET D 714 35.39 -9.74 -54.06
CA MET D 714 36.45 -8.84 -54.55
C MET D 714 37.73 -9.60 -54.92
N ALA D 715 38.17 -10.53 -54.08
CA ALA D 715 39.39 -11.28 -54.35
C ALA D 715 39.26 -12.05 -55.68
N LYS D 716 38.12 -12.71 -55.85
CA LYS D 716 37.83 -13.44 -57.09
C LYS D 716 37.75 -12.48 -58.29
N ALA D 717 37.06 -11.34 -58.15
CA ALA D 717 36.93 -10.34 -59.25
C ALA D 717 38.26 -9.73 -59.65
N LEU D 718 39.12 -9.46 -58.68
CA LEU D 718 40.47 -8.91 -58.94
C LEU D 718 41.54 -9.97 -59.22
N GLU D 719 41.18 -11.26 -59.14
CA GLU D 719 42.10 -12.38 -59.36
C GLU D 719 43.31 -12.26 -58.43
N ALA D 720 43.05 -11.99 -57.15
CA ALA D 720 44.08 -11.74 -56.15
C ALA D 720 44.20 -12.99 -55.27
N PRO D 721 45.39 -13.59 -55.22
CA PRO D 721 45.55 -14.77 -54.38
C PRO D 721 45.71 -14.44 -52.89
N TRP D 722 45.36 -15.42 -52.07
CA TRP D 722 45.60 -15.34 -50.63
C TRP D 722 47.08 -15.52 -50.33
N ILE D 723 47.56 -14.80 -49.33
CA ILE D 723 48.94 -14.88 -48.86
C ILE D 723 48.85 -15.25 -47.38
N ASP D 724 49.49 -16.35 -47.01
CA ASP D 724 49.35 -16.94 -45.66
C ASP D 724 50.07 -16.11 -44.60
N PHE E 14 -26.18 -9.40 24.61
CA PHE E 14 -25.92 -9.70 26.06
C PHE E 14 -26.38 -8.51 26.92
N SER E 15 -27.02 -8.83 28.05
CA SER E 15 -27.58 -7.82 28.96
C SER E 15 -27.28 -8.17 30.42
N ALA E 16 -27.50 -7.19 31.30
CA ALA E 16 -27.06 -7.25 32.71
C ALA E 16 -27.65 -8.43 33.51
N SER E 17 -26.76 -9.18 34.16
CA SER E 17 -27.13 -10.33 35.02
C SER E 17 -27.44 -9.90 36.46
N TYR E 18 -28.13 -10.80 37.19
CA TYR E 18 -28.47 -10.63 38.62
C TYR E 18 -29.33 -9.40 38.92
N SER E 19 -30.07 -8.93 37.93
CA SER E 19 -30.63 -7.57 37.94
C SER E 19 -31.66 -7.30 39.02
N SER E 20 -32.37 -8.32 39.49
CA SER E 20 -33.36 -8.12 40.51
C SER E 20 -32.73 -8.06 41.92
N LYS E 21 -31.54 -8.63 42.09
CA LYS E 21 -30.97 -8.88 43.41
C LYS E 21 -30.27 -7.67 44.04
N PRO E 22 -30.20 -7.63 45.38
CA PRO E 22 -29.43 -6.56 46.04
C PRO E 22 -27.94 -6.94 45.99
N ILE E 23 -27.29 -6.54 44.91
CA ILE E 23 -25.89 -6.87 44.67
C ILE E 23 -25.24 -5.70 43.95
N GLN E 24 -23.94 -5.49 44.17
CA GLN E 24 -23.19 -4.40 43.49
C GLN E 24 -22.23 -4.99 42.44
N THR E 25 -21.09 -4.33 42.16
CA THR E 25 -19.88 -5.04 41.65
C THR E 25 -18.60 -4.28 42.04
N ASN E 33 -19.31 -5.92 32.65
CA ASN E 33 -18.55 -4.98 31.83
C ASN E 33 -17.97 -3.82 32.67
N ALA E 34 -17.45 -4.16 33.84
CA ALA E 34 -16.77 -3.20 34.69
C ALA E 34 -15.55 -2.66 33.95
N SER E 35 -15.28 -1.36 34.11
CA SER E 35 -14.20 -0.73 33.38
C SER E 35 -12.81 -1.21 33.83
N ALA E 36 -12.71 -1.63 35.09
CA ALA E 36 -11.44 -2.00 35.66
C ALA E 36 -11.66 -2.88 36.88
N PRO E 37 -10.76 -3.83 37.13
CA PRO E 37 -10.88 -4.73 38.29
C PRO E 37 -10.20 -4.01 39.47
N VAL E 38 -10.86 -2.98 39.99
CA VAL E 38 -10.25 -2.11 40.97
C VAL E 38 -10.18 -2.87 42.30
N PHE F 14 17.46 7.80 14.83
CA PHE F 14 17.35 9.11 15.56
C PHE F 14 17.88 8.95 16.99
N SER F 15 18.65 9.94 17.44
CA SER F 15 19.30 9.91 18.76
C SER F 15 19.17 11.26 19.47
N ALA F 16 19.49 11.26 20.77
CA ALA F 16 19.16 12.39 21.68
C ALA F 16 19.82 13.71 21.29
N SER F 17 19.01 14.76 21.19
CA SER F 17 19.46 16.13 20.87
C SER F 17 19.87 16.92 22.13
N TYR F 18 20.60 18.03 21.90
CA TYR F 18 21.04 18.97 22.96
C TYR F 18 21.92 18.36 24.03
N SER F 19 22.58 17.24 23.73
CA SER F 19 23.10 16.33 24.75
C SER F 19 24.22 16.90 25.62
N SER F 20 24.97 17.84 25.09
CA SER F 20 26.07 18.42 25.85
C SER F 20 25.57 19.52 26.83
N LYS F 21 24.41 20.10 26.55
CA LYS F 21 23.97 21.31 27.24
C LYS F 21 23.30 21.07 28.60
N PRO F 22 23.35 22.05 29.50
CA PRO F 22 22.62 21.92 30.76
C PRO F 22 21.15 22.23 30.53
N ILE F 23 20.40 21.20 30.17
CA ILE F 23 18.98 21.36 29.83
C ILE F 23 18.24 20.10 30.31
N GLN F 24 16.98 20.25 30.67
CA GLN F 24 16.14 19.10 31.10
C GLN F 24 15.08 18.77 30.07
N ASP F 32 14.33 14.03 24.11
CA ASP F 32 13.09 13.85 23.40
C ASP F 32 12.39 12.48 23.71
N ASN F 33 11.29 12.20 23.00
CA ASN F 33 10.47 11.00 23.23
C ASN F 33 9.93 10.94 24.67
N ALA F 34 9.48 12.09 25.15
CA ALA F 34 8.84 12.17 26.47
C ALA F 34 7.57 11.31 26.45
N SER F 35 7.31 10.59 27.54
CA SER F 35 6.16 9.72 27.62
C SER F 35 4.84 10.47 27.61
N ALA F 36 4.84 11.72 28.08
CA ALA F 36 3.61 12.46 28.27
C ALA F 36 3.93 13.93 28.38
N PRO F 37 3.05 14.80 27.87
CA PRO F 37 3.24 16.24 27.93
C PRO F 37 2.71 16.75 29.26
N VAL F 38 3.42 16.43 30.33
CA VAL F 38 2.92 16.70 31.66
C VAL F 38 3.02 18.19 31.92
N PHE G 14 -13.96 -8.97 -14.55
CA PHE G 14 -14.71 -9.94 -15.42
C PHE G 14 -13.97 -10.15 -16.75
N SER G 15 -13.89 -11.41 -17.16
CA SER G 15 -13.16 -11.79 -18.38
C SER G 15 -13.95 -12.84 -19.18
N ALA G 16 -13.53 -13.06 -20.43
CA ALA G 16 -14.24 -13.93 -21.39
C ALA G 16 -14.41 -15.39 -20.92
N SER G 17 -15.64 -15.88 -20.98
CA SER G 17 -15.97 -17.30 -20.67
C SER G 17 -15.80 -18.22 -21.90
N TYR G 18 -15.72 -19.52 -21.62
CA TYR G 18 -15.64 -20.60 -22.64
C TYR G 18 -14.42 -20.51 -23.55
N SER G 19 -13.36 -19.84 -23.09
CA SER G 19 -12.32 -19.34 -23.98
C SER G 19 -11.50 -20.39 -24.73
N SER G 20 -11.39 -21.58 -24.17
CA SER G 20 -10.63 -22.63 -24.82
C SER G 20 -11.46 -23.37 -25.90
N LYS G 21 -12.78 -23.31 -25.79
CA LYS G 21 -13.66 -24.16 -26.60
C LYS G 21 -13.93 -23.62 -28.02
N PRO G 22 -14.29 -24.53 -28.95
CA PRO G 22 -14.67 -24.07 -30.29
C PRO G 22 -16.10 -23.55 -30.28
N ILE G 23 -16.24 -22.26 -29.97
CA ILE G 23 -17.54 -21.60 -29.87
C ILE G 23 -17.35 -20.17 -30.37
N GLN G 24 -18.42 -19.57 -30.91
CA GLN G 24 -18.35 -18.17 -31.40
C GLN G 24 -19.18 -17.25 -30.52
N ASN G 33 -20.24 -9.36 -23.46
CA ASN G 33 -20.21 -7.93 -23.77
C ASN G 33 -20.41 -7.63 -25.26
N ALA G 34 -21.33 -8.37 -25.88
CA ALA G 34 -21.66 -8.15 -27.29
C ALA G 34 -22.23 -6.74 -27.46
N SER G 35 -21.85 -6.09 -28.56
CA SER G 35 -22.25 -4.69 -28.77
C SER G 35 -23.74 -4.56 -29.02
N ALA G 36 -24.35 -5.61 -29.57
CA ALA G 36 -25.73 -5.58 -29.98
C ALA G 36 -26.24 -7.01 -30.12
N PRO G 37 -27.52 -7.23 -29.81
CA PRO G 37 -28.11 -8.56 -29.90
C PRO G 37 -28.61 -8.78 -31.32
N VAL G 38 -27.66 -8.95 -32.25
CA VAL G 38 -28.00 -8.95 -33.67
C VAL G 38 -28.66 -10.29 -33.98
N PHE H 14 22.73 10.62 -25.23
CA PHE H 14 23.27 10.55 -26.62
C PHE H 14 22.28 9.80 -27.50
N SER H 15 22.08 10.31 -28.72
CA SER H 15 21.22 9.68 -29.72
C SER H 15 21.90 9.66 -31.10
N ALA H 16 21.31 8.91 -32.04
CA ALA H 16 21.91 8.64 -33.36
C ALA H 16 22.21 9.90 -34.19
N SER H 17 23.45 10.00 -34.67
CA SER H 17 23.90 11.13 -35.52
C SER H 17 23.63 10.88 -37.00
N TYR H 18 23.63 11.97 -37.78
CA TYR H 18 23.48 11.95 -39.26
C TYR H 18 22.14 11.37 -39.74
N SER H 19 21.13 11.38 -38.89
CA SER H 19 19.96 10.51 -39.05
C SER H 19 19.11 10.78 -40.28
N SER H 20 19.11 12.00 -40.78
CA SER H 20 18.30 12.30 -41.95
C SER H 20 19.01 11.89 -43.26
N LYS H 21 20.35 11.77 -43.23
CA LYS H 21 21.14 11.63 -44.45
C LYS H 21 21.22 10.18 -44.96
N PRO H 22 21.44 10.01 -46.29
CA PRO H 22 21.61 8.68 -46.83
C PRO H 22 23.05 8.20 -46.55
N ILE H 23 23.23 7.58 -45.39
CA ILE H 23 24.53 7.12 -44.96
C ILE H 23 24.38 5.82 -44.21
N GLN H 24 25.38 4.94 -44.29
CA GLN H 24 25.35 3.64 -43.57
C GLN H 24 26.36 3.62 -42.46
N ASP H 32 26.96 4.65 -35.21
CA ASP H 32 27.64 4.85 -33.91
C ASP H 32 27.24 3.78 -32.85
N ASN H 33 28.16 3.51 -31.92
CA ASN H 33 28.08 2.34 -31.04
C ASN H 33 28.00 1.02 -31.83
N ALA H 34 28.80 0.95 -32.90
CA ALA H 34 28.97 -0.28 -33.66
C ALA H 34 29.60 -1.33 -32.72
N SER H 35 29.14 -2.57 -32.87
CA SER H 35 29.58 -3.63 -31.97
C SER H 35 31.05 -3.99 -32.17
N ALA H 36 31.55 -3.77 -33.38
CA ALA H 36 32.88 -4.19 -33.76
C ALA H 36 33.34 -3.39 -34.96
N PRO H 37 34.64 -3.08 -35.04
CA PRO H 37 35.20 -2.35 -36.18
C PRO H 37 35.52 -3.35 -37.28
N VAL H 38 34.47 -3.86 -37.92
CA VAL H 38 34.64 -4.97 -38.87
C VAL H 38 35.24 -4.39 -40.14
#